data_2ML8
#
_entry.id   2ML8
#
_entity_poly.entity_id   1
_entity_poly.type   'polypeptide(L)'
_entity_poly.pdbx_seq_one_letter_code
;MGSSHHHHHHENLYFQSNAEIADEPVKASLLLHVLVAHKLKKSLDSIPMSKTIKDLVGGKSTVQNEILGDLGKEFGTTPE
KPEETPLEELAETFQDTFSGALGKQSSSLLSRLISSKMPGGFTITVARKYLQTRWGLPSGRQDGVLLVALSNEPAARLGS
EADAKAFLDSMAQKYASIVGVDL
;
_entity_poly.pdbx_strand_id   A
#
# COMPACT_ATOMS: atom_id res chain seq x y z
N MET A 1 36.55 -28.95 3.57
CA MET A 1 37.95 -29.19 3.17
C MET A 1 38.82 -29.48 4.38
N GLY A 2 39.87 -30.30 4.20
CA GLY A 2 40.75 -30.70 5.28
C GLY A 2 41.61 -29.53 5.77
N SER A 3 42.18 -29.67 6.97
CA SER A 3 43.03 -28.65 7.56
C SER A 3 44.36 -28.53 6.81
N SER A 4 45.01 -27.37 6.92
CA SER A 4 46.30 -27.06 6.31
C SER A 4 46.37 -27.40 4.82
N HIS A 5 45.23 -27.40 4.13
CA HIS A 5 45.18 -27.69 2.70
C HIS A 5 45.87 -26.58 1.90
N HIS A 6 46.35 -26.91 0.70
CA HIS A 6 47.07 -25.98 -0.15
C HIS A 6 46.16 -24.88 -0.71
N HIS A 7 44.84 -25.08 -0.62
CA HIS A 7 43.83 -24.16 -1.11
C HIS A 7 43.97 -23.87 -2.61
N HIS A 8 44.70 -24.72 -3.33
CA HIS A 8 44.97 -24.60 -4.76
C HIS A 8 45.68 -23.30 -5.13
N HIS A 9 46.04 -23.16 -6.41
CA HIS A 9 46.70 -21.97 -6.93
C HIS A 9 45.70 -20.81 -7.10
N HIS A 10 44.44 -21.02 -6.71
CA HIS A 10 43.38 -20.03 -6.85
C HIS A 10 43.63 -18.84 -5.92
N GLU A 11 43.10 -17.66 -6.29
CA GLU A 11 43.26 -16.45 -5.52
C GLU A 11 42.15 -15.46 -5.87
N ASN A 12 41.94 -14.45 -5.01
CA ASN A 12 40.94 -13.42 -5.21
C ASN A 12 41.29 -12.16 -4.42
N LEU A 13 40.72 -11.02 -4.83
CA LEU A 13 40.90 -9.76 -4.13
C LEU A 13 40.03 -9.73 -2.87
N TYR A 14 40.37 -8.83 -1.95
CA TYR A 14 39.62 -8.64 -0.71
C TYR A 14 38.25 -7.99 -0.84
N PHE A 15 37.34 -8.36 0.08
CA PHE A 15 35.99 -7.81 0.15
C PHE A 15 35.12 -7.90 -1.11
N GLN A 16 33.86 -7.46 -0.99
CA GLN A 16 32.90 -7.47 -2.09
C GLN A 16 31.90 -6.33 -1.93
N SER A 17 31.18 -6.01 -3.01
CA SER A 17 30.20 -4.94 -3.01
C SER A 17 28.97 -5.29 -2.17
N ASN A 18 28.23 -4.26 -1.74
CA ASN A 18 27.03 -4.38 -0.93
C ASN A 18 26.06 -3.25 -1.27
N ALA A 19 24.80 -3.40 -0.86
CA ALA A 19 23.77 -2.41 -1.11
C ALA A 19 22.68 -2.49 -0.06
N GLU A 20 21.86 -1.43 0.04
CA GLU A 20 20.77 -1.34 0.99
C GLU A 20 19.70 -0.40 0.43
N ILE A 21 18.46 -0.55 0.94
CA ILE A 21 17.33 0.23 0.44
C ILE A 21 17.48 1.70 0.84
N ALA A 22 17.01 2.60 -0.03
CA ALA A 22 17.08 4.03 0.22
C ALA A 22 16.05 4.45 1.26
N ASP A 23 16.35 5.51 2.01
CA ASP A 23 15.47 6.07 3.04
C ASP A 23 14.34 6.94 2.50
N GLU A 24 13.99 6.75 1.23
CA GLU A 24 12.99 7.54 0.53
C GLU A 24 11.61 7.37 1.19
N PRO A 25 10.86 8.46 1.37
CA PRO A 25 9.54 8.45 1.99
C PRO A 25 8.50 7.77 1.11
N VAL A 26 7.28 7.61 1.63
CA VAL A 26 6.18 6.97 0.93
C VAL A 26 5.69 7.87 -0.20
N LYS A 27 5.11 7.26 -1.25
CA LYS A 27 4.58 8.01 -2.36
C LYS A 27 3.05 8.01 -2.33
N ALA A 28 2.44 9.06 -2.87
CA ALA A 28 0.98 9.16 -2.90
C ALA A 28 0.38 8.08 -3.79
N SER A 29 1.20 7.46 -4.64
CA SER A 29 0.77 6.39 -5.54
C SER A 29 0.37 5.12 -4.77
N LEU A 30 0.74 5.03 -3.49
CA LEU A 30 0.36 3.90 -2.66
C LEU A 30 -0.71 4.33 -1.65
N LEU A 31 -0.59 5.55 -1.11
CA LEU A 31 -1.53 6.03 -0.11
C LEU A 31 -2.90 6.28 -0.74
N LEU A 32 -2.94 6.81 -1.96
CA LEU A 32 -4.20 7.05 -2.65
C LEU A 32 -4.87 5.73 -3.00
N HIS A 33 -4.06 4.73 -3.36
CA HIS A 33 -4.54 3.44 -3.82
C HIS A 33 -5.24 2.69 -2.71
N VAL A 34 -4.69 2.77 -1.49
CA VAL A 34 -5.22 2.04 -0.34
C VAL A 34 -6.45 2.74 0.24
N LEU A 35 -6.50 4.08 0.21
CA LEU A 35 -7.62 4.81 0.78
C LEU A 35 -8.89 4.56 -0.05
N VAL A 36 -8.75 4.33 -1.35
CA VAL A 36 -9.90 4.03 -2.21
C VAL A 36 -10.23 2.55 -2.11
N ALA A 37 -9.20 1.70 -2.16
CA ALA A 37 -9.38 0.27 -2.13
C ALA A 37 -10.15 -0.16 -0.87
N HIS A 38 -9.77 0.38 0.28
CA HIS A 38 -10.38 0.00 1.55
C HIS A 38 -11.81 0.54 1.67
N LYS A 39 -12.10 1.67 1.02
CA LYS A 39 -13.43 2.24 1.02
C LYS A 39 -14.39 1.41 0.15
N LEU A 40 -13.84 0.79 -0.90
CA LEU A 40 -14.62 -0.05 -1.81
C LEU A 40 -14.48 -1.52 -1.44
N LYS A 41 -13.82 -1.82 -0.31
CA LYS A 41 -13.59 -3.17 0.17
C LYS A 41 -12.86 -4.02 -0.87
N LYS A 42 -12.12 -3.36 -1.75
CA LYS A 42 -11.35 -4.00 -2.80
C LYS A 42 -9.87 -4.11 -2.42
N SER A 43 -9.13 -4.93 -3.15
CA SER A 43 -7.68 -5.03 -2.99
C SER A 43 -6.99 -4.18 -4.05
N LEU A 44 -5.70 -3.89 -3.84
CA LEU A 44 -4.96 -3.09 -4.81
C LEU A 44 -4.87 -3.81 -6.15
N ASP A 45 -5.05 -5.14 -6.12
CA ASP A 45 -5.10 -5.97 -7.32
C ASP A 45 -6.41 -5.86 -8.10
N SER A 46 -7.38 -5.12 -7.56
CA SER A 46 -8.69 -4.95 -8.18
C SER A 46 -9.07 -3.48 -8.33
N ILE A 47 -8.11 -2.58 -8.07
CA ILE A 47 -8.30 -1.15 -8.24
C ILE A 47 -7.38 -0.66 -9.36
N PRO A 48 -7.88 -0.53 -10.58
CA PRO A 48 -7.13 0.02 -11.68
C PRO A 48 -7.00 1.53 -11.51
N MET A 49 -5.76 2.04 -11.57
CA MET A 49 -5.49 3.46 -11.48
C MET A 49 -5.98 4.17 -12.74
N SER A 50 -6.22 3.40 -13.81
CA SER A 50 -6.64 3.95 -15.09
C SER A 50 -8.13 4.33 -15.07
N LYS A 51 -8.74 4.29 -13.89
CA LYS A 51 -10.16 4.60 -13.70
C LYS A 51 -10.30 5.75 -12.72
N THR A 52 -11.54 6.23 -12.54
CA THR A 52 -11.85 7.35 -11.67
C THR A 52 -12.74 6.97 -10.49
N ILE A 53 -12.77 7.81 -9.45
CA ILE A 53 -13.59 7.59 -8.27
C ILE A 53 -15.04 7.31 -8.64
N LYS A 54 -15.52 7.95 -9.71
CA LYS A 54 -16.90 7.79 -10.17
C LYS A 54 -17.09 6.54 -11.03
N ASP A 55 -16.01 5.96 -11.55
CA ASP A 55 -16.11 4.80 -12.44
C ASP A 55 -15.80 3.55 -11.63
N LEU A 56 -15.08 3.69 -10.51
CA LEU A 56 -14.69 2.58 -9.65
C LEU A 56 -15.89 2.03 -8.90
N VAL A 57 -16.77 2.92 -8.42
CA VAL A 57 -18.00 2.54 -7.74
C VAL A 57 -19.20 2.32 -8.66
N GLY A 58 -18.98 2.42 -9.99
CA GLY A 58 -20.05 2.19 -10.95
C GLY A 58 -21.00 3.37 -11.09
N GLY A 59 -20.60 4.56 -10.62
CA GLY A 59 -21.40 5.77 -10.73
C GLY A 59 -22.23 6.05 -9.48
N LYS A 60 -22.06 5.28 -8.41
CA LYS A 60 -22.77 5.48 -7.15
C LYS A 60 -22.45 6.87 -6.62
N SER A 61 -23.49 7.67 -6.35
CA SER A 61 -23.31 9.06 -5.96
C SER A 61 -22.79 9.21 -4.54
N THR A 62 -23.21 8.33 -3.63
CA THR A 62 -22.83 8.41 -2.22
C THR A 62 -21.34 8.21 -1.95
N VAL A 63 -20.81 7.05 -2.34
CA VAL A 63 -19.40 6.74 -2.13
C VAL A 63 -18.49 7.73 -2.84
N GLN A 64 -18.92 8.18 -4.02
CA GLN A 64 -18.19 9.17 -4.79
C GLN A 64 -18.09 10.49 -4.03
N ASN A 65 -19.10 10.79 -3.20
CA ASN A 65 -19.14 11.97 -2.37
C ASN A 65 -18.35 11.78 -1.07
N GLU A 66 -18.21 10.54 -0.59
CA GLU A 66 -17.42 10.27 0.59
C GLU A 66 -15.93 10.27 0.29
N ILE A 67 -15.53 9.71 -0.87
CA ILE A 67 -14.12 9.66 -1.25
C ILE A 67 -13.61 11.05 -1.58
N LEU A 68 -14.52 11.97 -1.95
CA LEU A 68 -14.13 13.35 -2.24
C LEU A 68 -13.60 14.06 -0.99
N GLY A 69 -13.95 13.55 0.19
CA GLY A 69 -13.49 14.14 1.44
C GLY A 69 -12.42 13.29 2.12
N ASP A 70 -12.26 12.04 1.71
CA ASP A 70 -11.28 11.14 2.30
C ASP A 70 -9.82 11.47 2.00
N LEU A 71 -9.55 12.04 0.83
CA LEU A 71 -8.19 12.42 0.48
C LEU A 71 -7.85 13.80 1.03
N GLY A 72 -8.86 14.62 1.32
CA GLY A 72 -8.63 15.95 1.86
C GLY A 72 -8.06 15.87 3.28
N LYS A 73 -8.37 14.78 4.00
CA LYS A 73 -7.85 14.54 5.33
C LYS A 73 -6.44 13.96 5.30
N GLU A 74 -6.09 13.25 4.22
CA GLU A 74 -4.83 12.52 4.12
C GLU A 74 -3.76 13.30 3.35
N PHE A 75 -4.16 14.30 2.57
CA PHE A 75 -3.24 15.10 1.78
C PHE A 75 -3.29 16.60 2.10
N GLY A 76 -4.14 16.95 3.07
CA GLY A 76 -4.38 18.33 3.48
C GLY A 76 -5.27 19.07 2.46
N THR A 77 -5.38 18.54 1.25
CA THR A 77 -6.20 19.13 0.19
C THR A 77 -6.41 18.14 -0.97
N THR A 78 -7.18 18.56 -1.97
CA THR A 78 -7.42 17.77 -3.17
C THR A 78 -7.35 18.72 -4.36
N PRO A 79 -6.95 18.22 -5.52
CA PRO A 79 -6.81 19.01 -6.73
C PRO A 79 -8.18 19.32 -7.33
N GLU A 80 -8.17 19.96 -8.51
CA GLU A 80 -9.38 20.33 -9.21
C GLU A 80 -10.03 19.10 -9.83
N LYS A 81 -11.38 19.11 -9.86
CA LYS A 81 -12.20 18.08 -10.47
C LYS A 81 -11.65 16.66 -10.24
N PRO A 82 -11.37 16.28 -8.99
CA PRO A 82 -10.71 15.02 -8.68
C PRO A 82 -11.64 13.85 -8.97
N GLU A 83 -12.96 14.05 -8.91
CA GLU A 83 -13.92 12.99 -9.22
C GLU A 83 -13.98 12.74 -10.74
N GLU A 84 -13.19 13.48 -11.52
CA GLU A 84 -13.07 13.28 -12.96
C GLU A 84 -11.62 13.03 -13.35
N THR A 85 -10.73 12.91 -12.36
CA THR A 85 -9.32 12.60 -12.57
C THR A 85 -8.97 11.20 -12.11
N PRO A 86 -8.44 10.34 -12.99
CA PRO A 86 -8.13 8.97 -12.65
C PRO A 86 -6.96 8.90 -11.70
N LEU A 87 -6.93 7.81 -10.95
CA LEU A 87 -6.02 7.60 -9.84
C LEU A 87 -4.59 7.44 -10.33
N GLU A 88 -4.42 7.10 -11.63
CA GLU A 88 -3.09 7.00 -12.22
C GLU A 88 -2.53 8.42 -12.49
N GLU A 89 -3.39 9.44 -12.46
CA GLU A 89 -2.96 10.82 -12.65
C GLU A 89 -3.16 11.64 -11.39
N LEU A 90 -4.10 11.22 -10.53
CA LEU A 90 -4.40 11.89 -9.28
C LEU A 90 -3.24 11.69 -8.29
N ALA A 91 -2.68 10.49 -8.25
CA ALA A 91 -1.56 10.19 -7.37
C ALA A 91 -0.34 11.03 -7.77
N GLU A 92 -0.18 11.26 -9.07
CA GLU A 92 0.90 12.10 -9.58
C GLU A 92 0.71 13.55 -9.14
N THR A 93 -0.53 13.92 -8.79
CA THR A 93 -0.85 15.24 -8.26
C THR A 93 -0.77 15.33 -6.73
N PHE A 94 -1.04 14.22 -6.06
CA PHE A 94 -0.96 14.15 -4.61
C PHE A 94 0.44 14.15 -4.00
N GLN A 95 1.41 13.59 -4.72
CA GLN A 95 2.79 13.53 -4.24
C GLN A 95 3.45 14.90 -4.29
N ASP A 96 2.82 15.87 -4.96
CA ASP A 96 3.33 17.22 -5.09
C ASP A 96 3.21 17.91 -3.73
N THR A 97 2.37 17.37 -2.83
CA THR A 97 2.10 17.99 -1.55
C THR A 97 2.05 17.04 -0.36
N PHE A 98 2.25 15.74 -0.59
CA PHE A 98 2.23 14.75 0.48
C PHE A 98 3.40 14.86 1.45
N SER A 99 3.16 14.63 2.74
CA SER A 99 4.16 14.82 3.79
C SER A 99 5.19 13.69 3.83
N GLY A 100 5.05 12.67 2.98
CA GLY A 100 5.97 11.55 2.94
C GLY A 100 5.69 10.55 4.06
N ALA A 101 4.67 10.82 4.87
CA ALA A 101 4.28 9.95 5.97
C ALA A 101 2.75 9.91 6.08
N LEU A 102 2.23 8.80 6.61
CA LEU A 102 0.80 8.54 6.67
C LEU A 102 -0.01 9.70 7.24
N GLY A 103 -1.23 9.85 6.72
CA GLY A 103 -2.19 10.83 7.20
C GLY A 103 -2.91 10.30 8.43
N LYS A 104 -3.88 11.06 8.95
CA LYS A 104 -4.59 10.68 10.16
C LYS A 104 -5.59 9.54 9.92
N GLN A 105 -6.06 9.35 8.68
CA GLN A 105 -6.98 8.26 8.38
C GLN A 105 -6.21 6.96 8.15
N SER A 106 -5.17 7.01 7.33
CA SER A 106 -4.36 5.85 6.98
C SER A 106 -3.47 5.38 8.15
N SER A 107 -3.57 6.04 9.30
CA SER A 107 -2.85 5.65 10.51
C SER A 107 -3.82 5.18 11.58
N SER A 108 -5.08 5.58 11.49
CA SER A 108 -6.12 5.19 12.45
C SER A 108 -6.89 3.96 11.95
N LEU A 109 -7.02 3.82 10.63
CA LEU A 109 -7.70 2.69 10.01
C LEU A 109 -6.87 1.41 10.16
N LEU A 110 -5.60 1.55 10.58
CA LEU A 110 -4.70 0.40 10.71
C LEU A 110 -5.11 -0.49 11.87
N SER A 111 -5.64 0.12 12.93
CA SER A 111 -6.03 -0.63 14.12
C SER A 111 -7.38 -1.30 13.92
N ARG A 112 -8.12 -0.93 12.86
CA ARG A 112 -9.41 -1.52 12.59
C ARG A 112 -9.24 -2.92 11.99
N LEU A 113 -8.10 -3.18 11.36
CA LEU A 113 -7.79 -4.49 10.82
C LEU A 113 -7.73 -5.50 11.97
N ILE A 114 -7.15 -5.08 13.09
CA ILE A 114 -6.93 -5.93 14.24
C ILE A 114 -8.25 -6.35 14.89
N SER A 115 -9.37 -5.72 14.51
CA SER A 115 -10.67 -6.03 15.07
C SER A 115 -11.68 -6.45 14.00
N SER A 116 -11.33 -6.29 12.72
CA SER A 116 -12.24 -6.61 11.63
C SER A 116 -12.39 -8.12 11.47
N LYS A 117 -11.28 -8.84 11.36
CA LYS A 117 -11.27 -10.29 11.16
C LYS A 117 -10.09 -10.98 11.85
N MET A 118 -9.17 -10.21 12.44
CA MET A 118 -7.98 -10.78 13.08
C MET A 118 -8.34 -11.50 14.38
N PRO A 119 -7.53 -12.50 14.76
CA PRO A 119 -7.65 -13.24 16.01
C PRO A 119 -7.23 -12.34 17.18
N GLY A 120 -7.14 -12.90 18.41
CA GLY A 120 -6.74 -12.16 19.59
C GLY A 120 -5.37 -12.58 20.12
N GLY A 121 -4.70 -11.68 20.85
CA GLY A 121 -3.40 -11.95 21.48
C GLY A 121 -2.26 -11.08 20.95
N PHE A 122 -2.57 -10.09 20.10
CA PHE A 122 -1.59 -9.22 19.46
C PHE A 122 -2.07 -7.77 19.23
N THR A 123 -1.13 -6.82 19.11
CA THR A 123 -1.48 -5.41 18.99
C THR A 123 -0.74 -4.63 17.90
N ILE A 124 -1.26 -3.44 17.58
CA ILE A 124 -0.66 -2.59 16.56
C ILE A 124 0.63 -1.95 17.06
N THR A 125 0.81 -1.84 18.38
CA THR A 125 2.03 -1.25 18.92
C THR A 125 3.19 -2.20 18.71
N VAL A 126 2.96 -3.50 18.92
CA VAL A 126 3.99 -4.50 18.69
C VAL A 126 4.21 -4.81 17.21
N ALA A 127 3.36 -4.26 16.34
CA ALA A 127 3.47 -4.42 14.91
C ALA A 127 4.44 -3.40 14.30
N ARG A 128 4.60 -2.23 14.93
CA ARG A 128 5.54 -1.21 14.48
C ARG A 128 6.73 -1.07 15.43
N LYS A 129 6.79 -1.90 16.48
CA LYS A 129 7.87 -1.86 17.46
C LYS A 129 9.23 -2.03 16.79
N TYR A 130 9.30 -2.86 15.74
CA TYR A 130 10.51 -3.09 14.99
C TYR A 130 10.36 -3.55 13.53
N LEU A 131 11.19 -2.98 12.65
CA LEU A 131 11.26 -3.34 11.23
C LEU A 131 12.66 -3.06 10.68
N GLN A 132 13.38 -2.12 11.30
CA GLN A 132 14.72 -1.74 10.87
C GLN A 132 15.77 -2.80 11.22
N THR A 133 15.34 -3.89 11.88
CA THR A 133 16.21 -5.02 12.18
C THR A 133 15.59 -6.38 11.88
N ARG A 134 14.27 -6.41 11.66
CA ARG A 134 13.55 -7.62 11.27
C ARG A 134 13.67 -7.82 9.75
N TRP A 135 13.82 -6.71 9.02
CA TRP A 135 13.98 -6.71 7.56
C TRP A 135 14.95 -5.64 7.05
N GLY A 136 15.53 -4.86 7.96
CA GLY A 136 16.50 -3.83 7.59
C GLY A 136 15.85 -2.60 6.95
N LEU A 137 14.52 -2.46 7.10
CA LEU A 137 13.79 -1.39 6.44
C LEU A 137 14.12 -0.03 7.04
N PRO A 138 14.49 0.96 6.21
CA PRO A 138 14.77 2.31 6.65
C PRO A 138 13.49 3.01 7.07
N SER A 139 13.61 4.08 7.88
CA SER A 139 12.47 4.74 8.48
C SER A 139 11.48 5.31 7.46
N GLY A 140 11.95 5.68 6.25
CA GLY A 140 11.06 6.25 5.25
C GLY A 140 10.24 5.18 4.54
N ARG A 141 10.65 3.92 4.63
CA ARG A 141 10.00 2.81 3.94
C ARG A 141 8.95 2.14 4.82
N GLN A 142 9.14 2.18 6.15
CA GLN A 142 8.25 1.50 7.08
C GLN A 142 6.83 2.06 7.01
N ASP A 143 6.68 3.30 6.56
CA ASP A 143 5.37 3.94 6.50
C ASP A 143 4.48 3.45 5.37
N GLY A 144 5.05 2.71 4.42
CA GLY A 144 4.30 2.19 3.28
C GLY A 144 3.86 0.73 3.48
N VAL A 145 4.51 0.01 4.40
CA VAL A 145 4.18 -1.40 4.62
C VAL A 145 2.84 -1.56 5.33
N LEU A 146 2.50 -0.61 6.21
CA LEU A 146 1.24 -0.68 6.94
C LEU A 146 0.07 -0.34 6.03
N LEU A 147 0.34 0.38 4.93
CA LEU A 147 -0.70 0.70 3.96
C LEU A 147 -1.09 -0.56 3.20
N VAL A 148 -0.12 -1.43 2.92
CA VAL A 148 -0.36 -2.68 2.20
C VAL A 148 -0.96 -3.72 3.15
N ALA A 149 -0.69 -3.60 4.45
CA ALA A 149 -1.26 -4.52 5.43
C ALA A 149 -2.76 -4.31 5.55
N LEU A 150 -3.20 -3.06 5.39
CA LEU A 150 -4.61 -2.71 5.50
C LEU A 150 -5.39 -3.18 4.27
N SER A 151 -4.73 -3.25 3.12
CA SER A 151 -5.39 -3.69 1.89
C SER A 151 -5.41 -5.21 1.78
N ASN A 152 -4.54 -5.92 2.52
CA ASN A 152 -4.51 -7.36 2.50
C ASN A 152 -5.70 -7.93 3.29
N GLU A 153 -5.86 -7.46 4.54
CA GLU A 153 -6.97 -7.79 5.43
C GLU A 153 -7.48 -9.22 5.25
N PRO A 154 -6.72 -10.23 5.72
CA PRO A 154 -7.11 -11.63 5.58
C PRO A 154 -8.33 -11.93 6.44
N ALA A 155 -9.29 -12.65 5.88
CA ALA A 155 -10.50 -13.04 6.61
C ALA A 155 -10.17 -14.22 7.54
N ALA A 156 -9.23 -15.07 7.12
CA ALA A 156 -8.73 -16.19 7.90
C ALA A 156 -7.43 -16.68 7.29
N ARG A 157 -6.31 -16.47 8.01
CA ARG A 157 -4.97 -16.88 7.56
C ARG A 157 -4.08 -17.24 8.74
N LEU A 158 -4.59 -17.03 9.96
CA LEU A 158 -3.86 -17.27 11.20
C LEU A 158 -4.80 -17.87 12.22
N GLY A 159 -4.34 -18.89 12.95
CA GLY A 159 -5.16 -19.53 13.97
C GLY A 159 -4.97 -18.85 15.32
N SER A 160 -4.00 -17.93 15.42
CA SER A 160 -3.74 -17.16 16.63
C SER A 160 -3.05 -15.85 16.25
N GLU A 161 -3.31 -14.78 17.00
CA GLU A 161 -2.77 -13.47 16.65
C GLU A 161 -1.30 -13.38 17.06
N ALA A 162 -0.81 -14.33 17.87
CA ALA A 162 0.61 -14.38 18.20
C ALA A 162 1.42 -14.69 16.94
N ASP A 163 0.76 -15.30 15.94
CA ASP A 163 1.37 -15.57 14.65
C ASP A 163 1.22 -14.40 13.67
N ALA A 164 0.44 -13.39 14.05
CA ALA A 164 0.22 -12.22 13.21
C ALA A 164 1.47 -11.34 13.17
N LYS A 165 2.41 -11.55 14.11
CA LYS A 165 3.69 -10.85 14.08
C LYS A 165 4.56 -11.43 12.96
N ALA A 166 4.38 -12.73 12.67
CA ALA A 166 5.08 -13.37 11.56
C ALA A 166 4.39 -13.03 10.25
N PHE A 167 3.14 -12.56 10.30
CA PHE A 167 2.45 -12.08 9.10
C PHE A 167 3.00 -10.78 8.53
N LEU A 168 3.65 -9.99 9.38
CA LEU A 168 4.29 -8.74 8.97
C LEU A 168 5.51 -9.02 8.11
N ASP A 169 6.08 -10.23 8.23
CA ASP A 169 7.20 -10.64 7.41
C ASP A 169 6.82 -10.77 5.93
N SER A 170 5.53 -10.99 5.67
CA SER A 170 5.03 -11.07 4.31
C SER A 170 4.86 -9.66 3.76
N MET A 171 4.26 -8.79 4.57
CA MET A 171 3.90 -7.44 4.15
C MET A 171 5.13 -6.63 3.71
N ALA A 172 6.30 -6.89 4.29
CA ALA A 172 7.52 -6.21 3.88
C ALA A 172 7.81 -6.51 2.41
N GLN A 173 7.47 -7.71 1.94
CA GLN A 173 7.71 -8.12 0.57
C GLN A 173 6.57 -7.69 -0.35
N LYS A 174 5.35 -7.56 0.20
CA LYS A 174 4.20 -7.12 -0.58
C LYS A 174 4.44 -5.70 -1.07
N TYR A 175 4.98 -4.86 -0.19
CA TYR A 175 5.35 -3.50 -0.54
C TYR A 175 6.55 -3.38 -1.48
N ALA A 176 7.48 -4.34 -1.40
CA ALA A 176 8.68 -4.30 -2.22
C ALA A 176 8.34 -4.55 -3.68
N SER A 177 7.26 -5.29 -3.95
CA SER A 177 6.82 -5.54 -5.32
C SER A 177 6.20 -4.28 -5.95
N ILE A 178 5.76 -3.33 -5.11
CA ILE A 178 5.11 -2.11 -5.57
C ILE A 178 6.13 -1.03 -5.94
N VAL A 179 7.26 -0.99 -5.22
CA VAL A 179 8.29 0.03 -5.44
C VAL A 179 9.54 -0.55 -6.12
N GLY A 180 9.67 -1.86 -6.19
CA GLY A 180 10.71 -2.53 -6.96
C GLY A 180 12.00 -2.79 -6.17
N VAL A 181 11.99 -2.53 -4.86
CA VAL A 181 13.15 -2.74 -4.00
C VAL A 181 13.36 -4.22 -3.71
N ASP A 182 14.47 -4.51 -3.03
CA ASP A 182 14.89 -5.85 -2.69
C ASP A 182 14.99 -6.10 -1.19
N LEU A 183 14.97 -7.36 -0.77
CA LEU A 183 15.01 -7.73 0.64
C LEU A 183 15.95 -8.93 0.83
N MET A 1 11.26 -2.70 -37.32
CA MET A 1 12.70 -2.56 -37.00
C MET A 1 13.52 -3.49 -37.90
N GLY A 2 14.84 -3.27 -37.94
CA GLY A 2 15.75 -4.10 -38.72
C GLY A 2 15.97 -5.46 -38.07
N SER A 3 16.60 -6.39 -38.80
CA SER A 3 16.83 -7.74 -38.30
C SER A 3 17.87 -7.75 -37.18
N SER A 4 18.78 -6.77 -37.16
CA SER A 4 19.83 -6.70 -36.14
C SER A 4 19.29 -6.16 -34.82
N HIS A 5 18.07 -5.63 -34.83
CA HIS A 5 17.43 -5.07 -33.64
C HIS A 5 16.77 -6.15 -32.80
N HIS A 6 16.67 -7.38 -33.33
CA HIS A 6 16.07 -8.50 -32.63
C HIS A 6 17.04 -9.09 -31.61
N HIS A 7 18.29 -8.59 -31.60
CA HIS A 7 19.32 -9.04 -30.68
C HIS A 7 18.98 -8.65 -29.24
N HIS A 8 19.39 -9.47 -28.27
CA HIS A 8 19.14 -9.21 -26.86
C HIS A 8 20.06 -8.10 -26.33
N HIS A 9 19.69 -7.52 -25.19
CA HIS A 9 20.48 -6.47 -24.56
C HIS A 9 21.79 -7.01 -23.99
N HIS A 10 22.79 -6.14 -23.86
CA HIS A 10 24.08 -6.51 -23.28
C HIS A 10 23.94 -6.61 -21.76
N GLU A 11 24.83 -7.40 -21.14
CA GLU A 11 24.82 -7.62 -19.70
C GLU A 11 26.23 -7.84 -19.16
N ASN A 12 26.36 -7.75 -17.84
CA ASN A 12 27.64 -7.90 -17.17
C ASN A 12 28.18 -9.33 -17.28
N LEU A 13 29.50 -9.44 -17.49
CA LEU A 13 30.18 -10.73 -17.58
C LEU A 13 30.79 -11.13 -16.24
N TYR A 14 30.66 -10.28 -15.23
CA TYR A 14 31.23 -10.50 -13.91
C TYR A 14 30.36 -10.08 -12.74
N PHE A 15 30.82 -10.34 -11.51
CA PHE A 15 30.12 -9.99 -10.29
C PHE A 15 30.03 -8.46 -10.26
N GLN A 16 29.15 -7.93 -9.41
CA GLN A 16 28.95 -6.49 -9.28
C GLN A 16 28.50 -6.15 -7.86
N SER A 17 28.75 -4.92 -7.42
CA SER A 17 28.38 -4.45 -6.09
C SER A 17 26.87 -4.39 -5.92
N ASN A 18 26.42 -4.45 -4.65
CA ASN A 18 25.02 -4.33 -4.29
C ASN A 18 24.88 -3.61 -2.96
N ALA A 19 23.69 -3.08 -2.69
CA ALA A 19 23.40 -2.36 -1.45
C ALA A 19 21.92 -2.45 -1.10
N GLU A 20 21.58 -2.02 0.11
CA GLU A 20 20.21 -2.00 0.60
C GLU A 20 19.36 -0.98 -0.14
N ILE A 21 18.06 -1.00 0.17
CA ILE A 21 17.07 -0.14 -0.48
C ILE A 21 17.38 1.32 -0.19
N ALA A 22 17.08 2.19 -1.16
CA ALA A 22 17.29 3.61 -1.01
C ALA A 22 16.38 4.18 0.08
N ASP A 23 16.86 5.17 0.82
CA ASP A 23 16.15 5.74 1.96
C ASP A 23 14.97 6.67 1.61
N GLU A 24 14.33 6.44 0.47
CA GLU A 24 13.23 7.28 0.01
C GLU A 24 11.99 7.11 0.89
N PRO A 25 11.20 8.18 1.05
CA PRO A 25 9.95 8.16 1.80
C PRO A 25 8.84 7.47 1.00
N VAL A 26 7.69 7.25 1.65
CA VAL A 26 6.51 6.70 0.99
C VAL A 26 5.94 7.78 0.08
N LYS A 27 5.26 7.36 -0.99
CA LYS A 27 4.70 8.27 -1.99
C LYS A 27 3.18 8.16 -2.01
N ALA A 28 2.50 9.23 -2.43
CA ALA A 28 1.05 9.22 -2.51
C ALA A 28 0.55 8.19 -3.52
N SER A 29 1.45 7.67 -4.37
CA SER A 29 1.11 6.68 -5.39
C SER A 29 0.61 5.37 -4.77
N LEU A 30 1.08 5.03 -3.57
CA LEU A 30 0.64 3.84 -2.87
C LEU A 30 -0.43 4.17 -1.84
N LEU A 31 -0.30 5.34 -1.19
CA LEU A 31 -1.22 5.75 -0.14
C LEU A 31 -2.62 6.03 -0.69
N LEU A 32 -2.71 6.68 -1.85
CA LEU A 32 -4.02 6.96 -2.44
C LEU A 32 -4.67 5.66 -2.89
N HIS A 33 -3.85 4.73 -3.38
CA HIS A 33 -4.30 3.46 -3.93
C HIS A 33 -4.97 2.60 -2.85
N VAL A 34 -4.44 2.65 -1.63
CA VAL A 34 -4.95 1.85 -0.53
C VAL A 34 -6.23 2.47 0.04
N LEU A 35 -6.33 3.80 0.08
CA LEU A 35 -7.54 4.46 0.56
C LEU A 35 -8.75 4.09 -0.30
N VAL A 36 -8.55 3.78 -1.57
CA VAL A 36 -9.65 3.39 -2.45
C VAL A 36 -9.89 1.89 -2.30
N ALA A 37 -8.82 1.10 -2.31
CA ALA A 37 -8.92 -0.35 -2.22
C ALA A 37 -9.64 -0.79 -0.95
N HIS A 38 -9.34 -0.16 0.18
CA HIS A 38 -9.93 -0.56 1.45
C HIS A 38 -11.41 -0.16 1.54
N LYS A 39 -11.80 0.94 0.90
CA LYS A 39 -13.17 1.40 0.90
C LYS A 39 -14.07 0.50 0.06
N LEU A 40 -13.48 -0.26 -0.87
CA LEU A 40 -14.21 -1.13 -1.78
C LEU A 40 -13.90 -2.60 -1.55
N LYS A 41 -13.13 -2.89 -0.50
CA LYS A 41 -12.72 -4.25 -0.14
C LYS A 41 -12.02 -4.95 -1.30
N LYS A 42 -11.30 -4.13 -2.06
CA LYS A 42 -10.52 -4.56 -3.22
C LYS A 42 -9.05 -4.68 -2.85
N SER A 43 -8.26 -5.29 -3.75
CA SER A 43 -6.82 -5.38 -3.60
C SER A 43 -6.15 -4.41 -4.57
N LEU A 44 -4.88 -4.06 -4.31
CA LEU A 44 -4.15 -3.17 -5.21
C LEU A 44 -3.94 -3.83 -6.58
N ASP A 45 -4.07 -5.15 -6.62
CA ASP A 45 -4.03 -5.92 -7.85
C ASP A 45 -5.36 -5.92 -8.62
N SER A 46 -6.39 -5.29 -8.06
CA SER A 46 -7.72 -5.24 -8.66
C SER A 46 -8.27 -3.81 -8.71
N ILE A 47 -7.47 -2.83 -8.28
CA ILE A 47 -7.82 -1.42 -8.40
C ILE A 47 -7.01 -0.80 -9.53
N PRO A 48 -7.58 -0.70 -10.73
CA PRO A 48 -6.93 -0.04 -11.85
C PRO A 48 -6.84 1.46 -11.57
N MET A 49 -5.62 2.02 -11.61
CA MET A 49 -5.43 3.44 -11.40
C MET A 49 -6.01 4.24 -12.57
N SER A 50 -6.28 3.57 -13.69
CA SER A 50 -6.80 4.22 -14.88
C SER A 50 -8.26 4.63 -14.70
N LYS A 51 -8.83 4.39 -13.51
CA LYS A 51 -10.22 4.70 -13.23
C LYS A 51 -10.36 5.85 -12.23
N THR A 52 -11.43 6.61 -12.38
CA THR A 52 -11.81 7.73 -11.52
C THR A 52 -12.57 7.29 -10.27
N ILE A 53 -12.59 8.11 -9.22
CA ILE A 53 -13.31 7.78 -7.98
C ILE A 53 -14.78 7.47 -8.27
N LYS A 54 -15.40 8.22 -9.19
CA LYS A 54 -16.80 7.97 -9.53
C LYS A 54 -16.92 6.71 -10.37
N ASP A 55 -15.83 6.34 -11.05
CA ASP A 55 -15.75 5.18 -11.90
C ASP A 55 -15.49 3.87 -11.17
N LEU A 56 -14.84 3.92 -10.00
CA LEU A 56 -14.62 2.75 -9.17
C LEU A 56 -15.95 2.22 -8.65
N VAL A 57 -16.86 3.10 -8.26
CA VAL A 57 -18.14 2.73 -7.70
C VAL A 57 -19.28 2.57 -8.73
N GLY A 58 -18.97 2.78 -10.01
CA GLY A 58 -19.95 2.59 -11.07
C GLY A 58 -20.89 3.79 -11.23
N GLY A 59 -20.57 4.93 -10.64
CA GLY A 59 -21.35 6.16 -10.79
C GLY A 59 -22.19 6.52 -9.56
N LYS A 60 -22.09 5.75 -8.47
CA LYS A 60 -22.78 6.07 -7.23
C LYS A 60 -22.28 7.43 -6.71
N SER A 61 -23.20 8.29 -6.29
CA SER A 61 -22.86 9.65 -5.89
C SER A 61 -22.43 9.74 -4.42
N THR A 62 -22.88 8.80 -3.59
CA THR A 62 -22.53 8.79 -2.17
C THR A 62 -21.09 8.39 -1.87
N VAL A 63 -20.70 7.17 -2.26
CA VAL A 63 -19.34 6.68 -2.03
C VAL A 63 -18.30 7.56 -2.70
N GLN A 64 -18.65 8.12 -3.86
CA GLN A 64 -17.83 9.08 -4.58
C GLN A 64 -17.56 10.31 -3.71
N ASN A 65 -18.46 10.62 -2.78
CA ASN A 65 -18.32 11.71 -1.83
C ASN A 65 -17.69 11.26 -0.51
N GLU A 66 -17.75 9.96 -0.20
CA GLU A 66 -17.12 9.42 1.00
C GLU A 66 -15.61 9.26 0.79
N ILE A 67 -15.19 8.92 -0.44
CA ILE A 67 -13.79 8.74 -0.76
C ILE A 67 -13.09 10.09 -0.82
N LEU A 68 -13.81 11.17 -1.20
CA LEU A 68 -13.24 12.49 -1.29
C LEU A 68 -12.80 13.00 0.07
N GLY A 69 -13.52 12.60 1.12
CA GLY A 69 -13.20 13.03 2.47
C GLY A 69 -11.99 12.29 3.01
N ASP A 70 -11.74 11.07 2.51
CA ASP A 70 -10.58 10.29 2.93
C ASP A 70 -9.26 10.90 2.50
N LEU A 71 -9.27 11.64 1.39
CA LEU A 71 -8.09 12.31 0.89
C LEU A 71 -7.86 13.60 1.67
N GLY A 72 -8.92 14.25 2.15
CA GLY A 72 -8.78 15.49 2.89
C GLY A 72 -8.21 15.25 4.28
N LYS A 73 -8.62 14.14 4.91
CA LYS A 73 -8.14 13.76 6.24
C LYS A 73 -6.77 13.11 6.19
N GLU A 74 -6.24 12.84 4.99
CA GLU A 74 -4.97 12.13 4.84
C GLU A 74 -3.91 12.98 4.15
N PHE A 75 -4.31 13.91 3.27
CA PHE A 75 -3.38 14.77 2.56
C PHE A 75 -3.42 16.22 3.02
N GLY A 76 -4.25 16.48 4.04
CA GLY A 76 -4.47 17.82 4.59
C GLY A 76 -5.39 18.65 3.68
N THR A 77 -5.51 18.28 2.41
CA THR A 77 -6.36 18.95 1.44
C THR A 77 -6.56 18.10 0.19
N THR A 78 -7.38 18.59 -0.75
CA THR A 78 -7.62 17.95 -2.02
C THR A 78 -7.56 18.94 -3.19
N PRO A 79 -7.14 18.45 -4.36
CA PRO A 79 -6.99 19.26 -5.57
C PRO A 79 -8.33 19.51 -6.24
N GLU A 80 -8.28 20.16 -7.40
CA GLU A 80 -9.45 20.48 -8.20
C GLU A 80 -9.97 19.24 -8.93
N LYS A 81 -11.29 19.23 -9.20
CA LYS A 81 -12.03 18.17 -9.90
C LYS A 81 -11.53 16.74 -9.64
N PRO A 82 -11.27 16.37 -8.37
CA PRO A 82 -10.65 15.09 -8.04
C PRO A 82 -11.58 13.93 -8.37
N GLU A 83 -12.90 14.16 -8.32
CA GLU A 83 -13.88 13.13 -8.62
C GLU A 83 -14.04 12.91 -10.12
N GLU A 84 -13.26 13.64 -10.93
CA GLU A 84 -13.25 13.49 -12.38
C GLU A 84 -11.83 13.17 -12.88
N THR A 85 -10.91 12.89 -11.95
CA THR A 85 -9.52 12.58 -12.27
C THR A 85 -9.20 11.12 -11.93
N PRO A 86 -8.55 10.39 -12.84
CA PRO A 86 -8.18 9.01 -12.61
C PRO A 86 -7.10 8.92 -11.53
N LEU A 87 -7.10 7.83 -10.75
CA LEU A 87 -6.16 7.68 -9.65
C LEU A 87 -4.71 7.65 -10.13
N GLU A 88 -4.49 7.29 -11.40
CA GLU A 88 -3.14 7.17 -11.95
C GLU A 88 -2.53 8.56 -12.15
N GLU A 89 -3.36 9.61 -12.23
CA GLU A 89 -2.91 10.99 -12.33
C GLU A 89 -3.21 11.78 -11.06
N LEU A 90 -4.20 11.34 -10.28
CA LEU A 90 -4.58 12.05 -9.07
C LEU A 90 -3.52 11.86 -7.98
N ALA A 91 -2.92 10.67 -7.93
CA ALA A 91 -1.86 10.40 -6.98
C ALA A 91 -0.63 11.26 -7.27
N GLU A 92 -0.37 11.53 -8.54
CA GLU A 92 0.72 12.40 -8.95
C GLU A 92 0.48 13.82 -8.48
N THR A 93 -0.79 14.17 -8.22
CA THR A 93 -1.16 15.47 -7.66
C THR A 93 -1.04 15.52 -6.14
N PHE A 94 -1.19 14.36 -5.47
CA PHE A 94 -1.04 14.27 -4.03
C PHE A 94 0.40 14.23 -3.51
N GLN A 95 1.31 13.61 -4.27
CA GLN A 95 2.71 13.51 -3.87
C GLN A 95 3.40 14.88 -3.94
N ASP A 96 2.74 15.86 -4.56
CA ASP A 96 3.26 17.21 -4.72
C ASP A 96 3.26 17.87 -3.34
N THR A 97 2.48 17.35 -2.39
CA THR A 97 2.33 17.94 -1.08
C THR A 97 2.32 16.95 0.08
N PHE A 98 2.29 15.65 -0.21
CA PHE A 98 2.28 14.62 0.81
C PHE A 98 3.58 14.50 1.61
N SER A 99 3.48 14.19 2.91
CA SER A 99 4.65 14.04 3.76
C SER A 99 5.33 12.70 3.48
N GLY A 100 6.55 12.50 3.99
CA GLY A 100 7.23 11.22 3.87
C GLY A 100 6.68 10.20 4.86
N ALA A 101 5.50 10.48 5.41
CA ALA A 101 4.83 9.61 6.36
C ALA A 101 3.32 9.81 6.30
N LEU A 102 2.61 8.84 6.86
CA LEU A 102 1.16 8.73 6.78
C LEU A 102 0.45 9.84 7.55
N GLY A 103 -0.77 10.16 7.12
CA GLY A 103 -1.65 11.09 7.79
C GLY A 103 -2.40 10.39 8.93
N LYS A 104 -3.32 11.12 9.57
CA LYS A 104 -4.08 10.59 10.69
C LYS A 104 -5.17 9.62 10.24
N GLN A 105 -5.54 9.62 8.97
CA GLN A 105 -6.63 8.79 8.49
C GLN A 105 -6.17 7.38 8.17
N SER A 106 -5.14 7.23 7.33
CA SER A 106 -4.71 5.90 6.91
C SER A 106 -4.10 5.12 8.07
N SER A 107 -3.46 5.82 9.02
CA SER A 107 -2.86 5.17 10.18
C SER A 107 -3.94 4.72 11.15
N SER A 108 -5.11 5.36 11.12
CA SER A 108 -6.23 5.00 11.99
C SER A 108 -7.02 3.84 11.37
N LEU A 109 -7.05 3.76 10.04
CA LEU A 109 -7.76 2.71 9.32
C LEU A 109 -7.07 1.36 9.52
N LEU A 110 -5.85 1.34 10.06
CA LEU A 110 -5.12 0.10 10.27
C LEU A 110 -5.70 -0.67 11.44
N SER A 111 -6.25 0.05 12.43
CA SER A 111 -6.85 -0.57 13.59
C SER A 111 -8.20 -1.18 13.22
N ARG A 112 -8.81 -0.73 12.11
CA ARG A 112 -10.09 -1.26 11.66
C ARG A 112 -9.90 -2.63 11.03
N LEU A 113 -8.68 -2.93 10.54
CA LEU A 113 -8.37 -4.24 10.01
C LEU A 113 -8.31 -5.26 11.15
N ILE A 114 -7.80 -4.82 12.31
CA ILE A 114 -7.74 -5.64 13.50
C ILE A 114 -9.16 -5.89 14.04
N SER A 115 -10.06 -4.94 13.84
CA SER A 115 -11.44 -5.04 14.29
C SER A 115 -12.34 -5.70 13.23
N SER A 116 -11.84 -5.85 12.00
CA SER A 116 -12.64 -6.35 10.90
C SER A 116 -12.87 -7.86 11.00
N LYS A 117 -11.79 -8.63 11.22
CA LYS A 117 -11.90 -10.09 11.26
C LYS A 117 -10.72 -10.76 12.00
N MET A 118 -9.68 -10.02 12.38
CA MET A 118 -8.52 -10.59 13.04
C MET A 118 -8.86 -11.19 14.40
N PRO A 119 -8.08 -12.17 14.86
CA PRO A 119 -8.22 -12.80 16.16
C PRO A 119 -7.85 -11.82 17.28
N GLY A 120 -7.78 -12.29 18.54
CA GLY A 120 -7.44 -11.45 19.68
C GLY A 120 -6.08 -11.80 20.27
N GLY A 121 -5.44 -10.84 20.95
CA GLY A 121 -4.16 -11.04 21.62
C GLY A 121 -3.03 -10.17 21.04
N PHE A 122 -3.33 -9.29 20.09
CA PHE A 122 -2.37 -8.43 19.41
C PHE A 122 -2.89 -7.05 19.03
N THR A 123 -2.00 -6.07 18.82
CA THR A 123 -2.40 -4.71 18.49
C THR A 123 -1.60 -4.05 17.37
N ILE A 124 -2.10 -2.94 16.83
CA ILE A 124 -1.41 -2.24 15.77
C ILE A 124 -0.28 -1.39 16.33
N THR A 125 -0.29 -1.08 17.64
CA THR A 125 0.76 -0.28 18.24
C THR A 125 2.01 -1.15 18.21
N VAL A 126 1.85 -2.45 18.48
CA VAL A 126 2.96 -3.38 18.42
C VAL A 126 3.32 -3.78 16.99
N ALA A 127 2.51 -3.37 16.01
CA ALA A 127 2.81 -3.61 14.60
C ALA A 127 3.76 -2.55 14.06
N ARG A 128 3.67 -1.32 14.58
CA ARG A 128 4.57 -0.23 14.20
C ARG A 128 5.76 -0.09 15.14
N LYS A 129 5.79 -0.85 16.25
CA LYS A 129 6.87 -0.76 17.23
C LYS A 129 8.22 -1.05 16.57
N TYR A 130 8.26 -2.03 15.66
CA TYR A 130 9.46 -2.42 14.93
C TYR A 130 9.18 -3.01 13.55
N LEU A 131 10.08 -2.77 12.58
CA LEU A 131 9.93 -3.31 11.24
C LEU A 131 11.25 -3.30 10.46
N GLN A 132 12.11 -2.30 10.68
CA GLN A 132 13.37 -2.21 9.96
C GLN A 132 14.34 -3.33 10.35
N THR A 133 14.12 -3.96 11.51
CA THR A 133 14.98 -5.03 11.99
C THR A 133 14.68 -6.40 11.40
N ARG A 134 13.54 -6.54 10.72
CA ARG A 134 13.12 -7.82 10.16
C ARG A 134 13.44 -7.93 8.67
N TRP A 135 13.62 -6.80 7.98
CA TRP A 135 13.89 -6.80 6.55
C TRP A 135 14.90 -5.75 6.09
N GLY A 136 15.46 -4.98 7.02
CA GLY A 136 16.47 -3.97 6.68
C GLY A 136 15.86 -2.73 6.02
N LEU A 137 14.53 -2.58 6.05
CA LEU A 137 13.87 -1.44 5.42
C LEU A 137 14.33 -0.13 6.06
N PRO A 138 14.64 0.89 5.26
CA PRO A 138 15.04 2.20 5.76
C PRO A 138 13.85 2.95 6.35
N SER A 139 14.13 4.02 7.09
CA SER A 139 13.11 4.76 7.84
C SER A 139 12.01 5.33 6.94
N GLY A 140 12.32 5.64 5.68
CA GLY A 140 11.33 6.21 4.76
C GLY A 140 10.39 5.15 4.19
N ARG A 141 10.70 3.87 4.41
CA ARG A 141 9.98 2.75 3.82
C ARG A 141 9.19 1.95 4.84
N GLN A 142 9.35 2.25 6.13
CA GLN A 142 8.61 1.56 7.17
C GLN A 142 7.11 1.86 7.04
N ASP A 143 6.77 3.06 6.55
CA ASP A 143 5.39 3.50 6.41
C ASP A 143 4.64 2.93 5.22
N GLY A 144 5.35 2.48 4.18
CA GLY A 144 4.72 1.96 2.98
C GLY A 144 4.20 0.54 3.16
N VAL A 145 4.76 -0.22 4.11
CA VAL A 145 4.36 -1.61 4.32
C VAL A 145 3.05 -1.72 5.07
N LEU A 146 2.77 -0.79 5.99
CA LEU A 146 1.55 -0.82 6.78
C LEU A 146 0.36 -0.48 5.91
N LEU A 147 0.58 0.20 4.79
CA LEU A 147 -0.48 0.52 3.85
C LEU A 147 -0.87 -0.73 3.06
N VAL A 148 0.10 -1.60 2.77
CA VAL A 148 -0.14 -2.83 2.03
C VAL A 148 -0.76 -3.88 2.97
N ALA A 149 -0.57 -3.74 4.28
CA ALA A 149 -1.22 -4.63 5.23
C ALA A 149 -2.72 -4.39 5.22
N LEU A 150 -3.13 -3.13 4.99
CA LEU A 150 -4.54 -2.77 5.00
C LEU A 150 -5.25 -3.22 3.73
N SER A 151 -4.51 -3.32 2.61
CA SER A 151 -5.08 -3.74 1.34
C SER A 151 -5.16 -5.25 1.22
N ASN A 152 -4.46 -5.99 2.08
CA ASN A 152 -4.51 -7.45 2.08
C ASN A 152 -5.66 -7.98 2.93
N GLU A 153 -5.86 -7.39 4.12
CA GLU A 153 -6.97 -7.68 5.01
C GLU A 153 -7.44 -9.14 4.97
N PRO A 154 -6.66 -10.07 5.54
CA PRO A 154 -6.97 -11.49 5.52
C PRO A 154 -8.22 -11.80 6.32
N ALA A 155 -9.08 -12.66 5.76
CA ALA A 155 -10.27 -13.13 6.47
C ALA A 155 -9.90 -14.26 7.42
N ALA A 156 -8.83 -14.99 7.08
CA ALA A 156 -8.31 -16.05 7.93
C ALA A 156 -6.89 -16.41 7.46
N ARG A 157 -5.89 -16.13 8.29
CA ARG A 157 -4.50 -16.46 8.01
C ARG A 157 -3.75 -16.84 9.28
N LEU A 158 -4.25 -16.41 10.44
CA LEU A 158 -3.68 -16.76 11.73
C LEU A 158 -4.72 -17.55 12.53
N GLY A 159 -4.25 -18.45 13.40
CA GLY A 159 -5.14 -19.15 14.32
C GLY A 159 -5.18 -18.45 15.67
N SER A 160 -4.27 -17.48 15.87
CA SER A 160 -4.21 -16.66 17.06
C SER A 160 -3.50 -15.35 16.71
N GLU A 161 -3.89 -14.23 17.33
CA GLU A 161 -3.38 -12.94 16.94
C GLU A 161 -1.93 -12.77 17.39
N ALA A 162 -1.44 -13.63 18.27
CA ALA A 162 -0.04 -13.60 18.68
C ALA A 162 0.86 -13.96 17.51
N ASP A 163 0.30 -14.65 16.50
CA ASP A 163 1.01 -14.98 15.28
C ASP A 163 0.86 -13.93 14.18
N ALA A 164 -0.05 -12.97 14.37
CA ALA A 164 -0.26 -11.89 13.42
C ALA A 164 0.95 -10.96 13.35
N LYS A 165 1.88 -11.07 14.31
CA LYS A 165 3.13 -10.35 14.30
C LYS A 165 4.01 -10.86 13.17
N ALA A 166 3.91 -12.16 12.87
CA ALA A 166 4.65 -12.77 11.77
C ALA A 166 3.96 -12.46 10.45
N PHE A 167 2.66 -12.15 10.47
CA PHE A 167 1.97 -11.73 9.26
C PHE A 167 2.48 -10.43 8.66
N LEU A 168 3.09 -9.58 9.49
CA LEU A 168 3.63 -8.30 9.04
C LEU A 168 4.92 -8.50 8.25
N ASP A 169 5.64 -9.61 8.50
CA ASP A 169 6.90 -9.82 7.82
C ASP A 169 6.59 -10.25 6.38
N SER A 170 5.36 -10.68 6.10
CA SER A 170 4.92 -11.02 4.75
C SER A 170 4.68 -9.75 3.97
N MET A 171 4.08 -8.76 4.61
CA MET A 171 3.69 -7.51 3.99
C MET A 171 4.90 -6.77 3.42
N ALA A 172 6.10 -7.05 3.93
CA ALA A 172 7.31 -6.42 3.40
C ALA A 172 7.57 -6.91 1.98
N GLN A 173 7.15 -8.15 1.66
CA GLN A 173 7.31 -8.72 0.33
C GLN A 173 6.12 -8.33 -0.54
N LYS A 174 4.96 -8.12 0.08
CA LYS A 174 3.78 -7.64 -0.63
C LYS A 174 4.04 -6.23 -1.17
N TYR A 175 4.75 -5.42 -0.36
CA TYR A 175 5.15 -4.08 -0.76
C TYR A 175 6.24 -4.00 -1.81
N ALA A 176 7.23 -4.88 -1.72
CA ALA A 176 8.37 -4.85 -2.63
C ALA A 176 7.96 -5.18 -4.06
N SER A 177 6.85 -5.92 -4.24
CA SER A 177 6.35 -6.26 -5.56
C SER A 177 5.67 -5.06 -6.22
N ILE A 178 5.28 -4.06 -5.43
CA ILE A 178 4.57 -2.89 -5.94
C ILE A 178 5.55 -1.82 -6.42
N VAL A 179 6.70 -1.68 -5.75
CA VAL A 179 7.69 -0.66 -6.09
C VAL A 179 8.89 -1.27 -6.83
N GLY A 180 8.99 -2.60 -6.88
CA GLY A 180 9.98 -3.30 -7.69
C GLY A 180 11.31 -3.52 -6.96
N VAL A 181 11.39 -3.16 -5.67
CA VAL A 181 12.59 -3.36 -4.88
C VAL A 181 12.77 -4.82 -4.47
N ASP A 182 13.83 -5.09 -3.72
CA ASP A 182 14.13 -6.43 -3.24
C ASP A 182 14.76 -6.30 -1.85
N LEU A 183 14.61 -7.35 -1.03
CA LEU A 183 15.00 -7.33 0.37
C LEU A 183 16.28 -8.12 0.59
N MET A 1 19.87 -30.29 -25.12
CA MET A 1 21.04 -29.38 -25.12
C MET A 1 20.90 -28.34 -24.00
N GLY A 2 22.02 -27.70 -23.64
CA GLY A 2 22.03 -26.68 -22.60
C GLY A 2 23.14 -25.65 -22.80
N SER A 3 24.02 -25.87 -23.77
CA SER A 3 25.09 -24.94 -24.09
C SER A 3 24.58 -23.76 -24.92
N SER A 4 23.31 -23.83 -25.35
CA SER A 4 22.66 -22.79 -26.13
C SER A 4 21.15 -22.92 -25.99
N HIS A 5 20.41 -21.85 -26.31
CA HIS A 5 18.96 -21.85 -26.24
C HIS A 5 18.39 -22.85 -27.24
N HIS A 6 17.24 -23.44 -26.90
CA HIS A 6 16.64 -24.47 -27.74
C HIS A 6 16.11 -23.90 -29.05
N HIS A 7 16.07 -24.74 -30.10
CA HIS A 7 15.60 -24.35 -31.41
C HIS A 7 14.08 -24.21 -31.42
N HIS A 8 13.57 -23.30 -32.25
CA HIS A 8 12.15 -23.02 -32.41
C HIS A 8 11.46 -22.66 -31.08
N HIS A 9 12.24 -22.40 -30.03
CA HIS A 9 11.72 -22.04 -28.72
C HIS A 9 11.37 -20.55 -28.70
N HIS A 10 10.59 -20.14 -27.70
CA HIS A 10 10.17 -18.74 -27.55
C HIS A 10 11.36 -17.84 -27.25
N GLU A 11 11.19 -16.54 -27.54
CA GLU A 11 12.22 -15.54 -27.29
C GLU A 11 12.36 -15.21 -25.80
N ASN A 12 13.47 -14.56 -25.45
CA ASN A 12 13.75 -14.20 -24.07
C ASN A 12 12.77 -13.14 -23.56
N LEU A 13 12.56 -13.11 -22.25
CA LEU A 13 11.67 -12.16 -21.60
C LEU A 13 12.30 -10.77 -21.56
N TYR A 14 11.48 -9.75 -21.29
CA TYR A 14 11.95 -8.37 -21.18
C TYR A 14 12.91 -8.07 -20.03
N PHE A 15 13.60 -6.93 -20.11
CA PHE A 15 14.53 -6.49 -19.09
C PHE A 15 13.94 -6.27 -17.69
N GLN A 16 14.79 -6.43 -16.67
CA GLN A 16 14.40 -6.26 -15.27
C GLN A 16 15.54 -5.62 -14.47
N SER A 17 15.22 -5.11 -13.29
CA SER A 17 16.20 -4.48 -12.41
C SER A 17 15.72 -4.49 -10.97
N ASN A 18 16.66 -4.45 -10.03
CA ASN A 18 16.37 -4.39 -8.61
C ASN A 18 17.49 -3.63 -7.90
N ALA A 19 17.23 -3.14 -6.69
CA ALA A 19 18.20 -2.38 -5.92
C ALA A 19 17.95 -2.51 -4.42
N GLU A 20 18.96 -2.14 -3.63
CA GLU A 20 18.88 -2.16 -2.17
C GLU A 20 17.96 -1.04 -1.67
N ILE A 21 17.46 -1.17 -0.45
CA ILE A 21 16.53 -0.22 0.13
C ILE A 21 17.20 1.13 0.40
N ALA A 22 16.40 2.20 0.44
CA ALA A 22 16.87 3.55 0.72
C ALA A 22 15.88 4.27 1.64
N ASP A 23 16.34 5.29 2.35
CA ASP A 23 15.55 6.05 3.32
C ASP A 23 14.51 6.99 2.72
N GLU A 24 14.12 6.75 1.47
CA GLU A 24 13.16 7.59 0.76
C GLU A 24 11.76 7.44 1.36
N PRO A 25 10.95 8.52 1.30
CA PRO A 25 9.58 8.53 1.80
C PRO A 25 8.65 7.71 0.89
N VAL A 26 7.43 7.45 1.36
CA VAL A 26 6.43 6.71 0.61
C VAL A 26 5.79 7.62 -0.44
N LYS A 27 5.37 7.06 -1.57
CA LYS A 27 4.70 7.82 -2.61
C LYS A 27 3.22 7.95 -2.29
N ALA A 28 2.60 9.05 -2.74
CA ALA A 28 1.17 9.26 -2.54
C ALA A 28 0.36 8.28 -3.39
N SER A 29 1.00 7.65 -4.38
CA SER A 29 0.31 6.72 -5.27
C SER A 29 -0.11 5.45 -4.54
N LEU A 30 0.79 4.82 -3.79
CA LEU A 30 0.46 3.61 -3.06
C LEU A 30 -0.55 3.94 -1.96
N LEU A 31 -0.45 5.13 -1.38
CA LEU A 31 -1.35 5.57 -0.33
C LEU A 31 -2.76 5.73 -0.88
N LEU A 32 -2.89 6.45 -2.00
CA LEU A 32 -4.18 6.70 -2.63
C LEU A 32 -4.81 5.40 -3.11
N HIS A 33 -4.00 4.48 -3.62
CA HIS A 33 -4.47 3.22 -4.17
C HIS A 33 -5.10 2.35 -3.09
N VAL A 34 -4.54 2.40 -1.88
CA VAL A 34 -5.05 1.61 -0.75
C VAL A 34 -6.28 2.29 -0.16
N LEU A 35 -6.34 3.62 -0.19
CA LEU A 35 -7.44 4.37 0.37
C LEU A 35 -8.75 4.05 -0.35
N VAL A 36 -8.68 3.70 -1.63
CA VAL A 36 -9.85 3.33 -2.42
C VAL A 36 -10.11 1.83 -2.26
N ALA A 37 -9.05 1.02 -2.27
CA ALA A 37 -9.16 -0.42 -2.18
C ALA A 37 -9.82 -0.84 -0.87
N HIS A 38 -9.47 -0.20 0.24
CA HIS A 38 -10.00 -0.57 1.55
C HIS A 38 -11.45 -0.12 1.71
N LYS A 39 -11.86 0.95 1.03
CA LYS A 39 -13.21 1.45 1.10
C LYS A 39 -14.18 0.55 0.32
N LEU A 40 -13.66 -0.24 -0.61
CA LEU A 40 -14.45 -1.11 -1.46
C LEU A 40 -14.13 -2.59 -1.24
N LYS A 41 -13.28 -2.88 -0.24
CA LYS A 41 -12.85 -4.24 0.09
C LYS A 41 -12.23 -4.93 -1.11
N LYS A 42 -11.56 -4.13 -1.93
CA LYS A 42 -10.84 -4.56 -3.12
C LYS A 42 -9.35 -4.72 -2.83
N SER A 43 -8.62 -5.30 -3.78
CA SER A 43 -7.16 -5.37 -3.71
C SER A 43 -6.56 -4.46 -4.77
N LEU A 44 -5.29 -4.09 -4.63
CA LEU A 44 -4.63 -3.23 -5.61
C LEU A 44 -4.52 -3.97 -6.94
N ASP A 45 -4.67 -5.29 -6.91
CA ASP A 45 -4.74 -6.11 -8.12
C ASP A 45 -6.11 -6.10 -8.81
N SER A 46 -7.09 -5.40 -8.20
CA SER A 46 -8.44 -5.29 -8.72
C SER A 46 -8.96 -3.86 -8.73
N ILE A 47 -8.10 -2.91 -8.34
CA ILE A 47 -8.40 -1.48 -8.43
C ILE A 47 -7.61 -0.90 -9.60
N PRO A 48 -8.24 -0.79 -10.78
CA PRO A 48 -7.60 -0.17 -11.93
C PRO A 48 -7.43 1.33 -11.68
N MET A 49 -6.19 1.82 -11.76
CA MET A 49 -5.91 3.23 -11.59
C MET A 49 -6.47 4.03 -12.76
N SER A 50 -6.81 3.35 -13.86
CA SER A 50 -7.32 3.99 -15.06
C SER A 50 -8.76 4.47 -14.89
N LYS A 51 -9.30 4.37 -13.67
CA LYS A 51 -10.69 4.74 -13.37
C LYS A 51 -10.73 5.89 -12.38
N THR A 52 -11.78 6.70 -12.48
CA THR A 52 -12.01 7.82 -11.58
C THR A 52 -12.91 7.43 -10.40
N ILE A 53 -12.81 8.17 -9.29
CA ILE A 53 -13.55 7.88 -8.08
C ILE A 53 -15.04 7.73 -8.33
N LYS A 54 -15.58 8.45 -9.32
CA LYS A 54 -17.00 8.37 -9.65
C LYS A 54 -17.35 7.08 -10.37
N ASP A 55 -16.35 6.32 -10.85
CA ASP A 55 -16.59 5.06 -11.53
C ASP A 55 -16.16 3.92 -10.59
N LEU A 56 -15.34 4.20 -9.58
CA LEU A 56 -14.92 3.18 -8.62
C LEU A 56 -16.11 2.74 -7.77
N VAL A 57 -17.00 3.68 -7.46
CA VAL A 57 -18.14 3.42 -6.58
C VAL A 57 -19.42 3.05 -7.31
N GLY A 58 -19.37 2.85 -8.62
CA GLY A 58 -20.53 2.47 -9.40
C GLY A 58 -21.48 3.64 -9.65
N GLY A 59 -21.04 4.87 -9.38
CA GLY A 59 -21.82 6.07 -9.63
C GLY A 59 -22.62 6.54 -8.43
N LYS A 60 -22.45 5.91 -7.25
CA LYS A 60 -23.12 6.36 -6.04
C LYS A 60 -22.67 7.77 -5.69
N SER A 61 -23.63 8.66 -5.38
CA SER A 61 -23.31 10.04 -5.04
C SER A 61 -22.75 10.14 -3.61
N THR A 62 -23.07 9.16 -2.76
CA THR A 62 -22.58 9.12 -1.39
C THR A 62 -21.16 8.63 -1.23
N VAL A 63 -20.89 7.38 -1.61
CA VAL A 63 -19.56 6.80 -1.49
C VAL A 63 -18.50 7.61 -2.23
N GLN A 64 -18.90 8.20 -3.36
CA GLN A 64 -18.02 9.10 -4.10
C GLN A 64 -17.60 10.27 -3.22
N ASN A 65 -18.54 10.80 -2.43
CA ASN A 65 -18.29 11.89 -1.51
C ASN A 65 -17.53 11.44 -0.26
N GLU A 66 -17.62 10.15 0.09
CA GLU A 66 -16.89 9.62 1.23
C GLU A 66 -15.41 9.43 0.90
N ILE A 67 -15.09 9.12 -0.37
CA ILE A 67 -13.70 8.95 -0.79
C ILE A 67 -13.04 10.30 -1.03
N LEU A 68 -13.79 11.27 -1.55
CA LEU A 68 -13.24 12.59 -1.84
C LEU A 68 -12.87 13.34 -0.57
N GLY A 69 -13.66 13.16 0.48
CA GLY A 69 -13.42 13.86 1.74
C GLY A 69 -12.23 13.28 2.49
N ASP A 70 -11.89 12.02 2.20
CA ASP A 70 -10.74 11.38 2.82
C ASP A 70 -9.38 11.88 2.34
N LEU A 71 -9.33 12.41 1.12
CA LEU A 71 -8.10 12.96 0.56
C LEU A 71 -7.79 14.32 1.19
N GLY A 72 -8.81 15.08 1.58
CA GLY A 72 -8.61 16.39 2.16
C GLY A 72 -8.05 16.28 3.57
N LYS A 73 -8.41 15.22 4.28
CA LYS A 73 -7.94 14.94 5.63
C LYS A 73 -6.59 14.22 5.60
N GLU A 74 -6.26 13.59 4.48
CA GLU A 74 -5.06 12.78 4.34
C GLU A 74 -3.91 13.54 3.68
N PHE A 75 -4.22 14.42 2.73
CA PHE A 75 -3.23 15.18 1.98
C PHE A 75 -3.20 16.66 2.34
N GLY A 76 -4.04 17.05 3.31
CA GLY A 76 -4.20 18.42 3.76
C GLY A 76 -5.05 19.23 2.77
N THR A 77 -5.25 18.72 1.55
CA THR A 77 -6.04 19.38 0.53
C THR A 77 -6.42 18.43 -0.61
N THR A 78 -7.18 18.94 -1.58
CA THR A 78 -7.58 18.18 -2.76
C THR A 78 -7.53 19.15 -3.93
N PRO A 79 -7.29 18.62 -5.14
CA PRO A 79 -7.25 19.41 -6.36
C PRO A 79 -8.67 19.87 -6.72
N GLU A 80 -8.81 20.53 -7.88
CA GLU A 80 -10.08 21.10 -8.29
C GLU A 80 -10.95 20.13 -9.10
N LYS A 81 -10.36 18.99 -9.48
CA LYS A 81 -11.00 18.02 -10.37
C LYS A 81 -10.78 16.57 -9.92
N PRO A 82 -10.76 16.27 -8.61
CA PRO A 82 -10.40 14.93 -8.13
C PRO A 82 -11.42 13.88 -8.56
N GLU A 83 -12.71 14.26 -8.62
CA GLU A 83 -13.77 13.31 -8.97
C GLU A 83 -13.91 13.15 -10.49
N GLU A 84 -13.02 13.76 -11.27
CA GLU A 84 -13.01 13.64 -12.71
C GLU A 84 -11.62 13.33 -13.25
N THR A 85 -10.70 12.93 -12.35
CA THR A 85 -9.34 12.58 -12.70
C THR A 85 -9.09 11.13 -12.28
N PRO A 86 -8.57 10.28 -13.17
CA PRO A 86 -8.34 8.88 -12.88
C PRO A 86 -7.26 8.75 -11.80
N LEU A 87 -7.33 7.69 -11.01
CA LEU A 87 -6.39 7.50 -9.90
C LEU A 87 -4.95 7.36 -10.42
N GLU A 88 -4.77 6.98 -11.68
CA GLU A 88 -3.44 6.80 -12.26
C GLU A 88 -2.78 8.16 -12.50
N GLU A 89 -3.57 9.24 -12.55
CA GLU A 89 -3.05 10.60 -12.70
C GLU A 89 -3.34 11.46 -11.48
N LEU A 90 -4.32 11.08 -10.66
CA LEU A 90 -4.68 11.84 -9.47
C LEU A 90 -3.61 11.68 -8.39
N ALA A 91 -3.03 10.48 -8.31
CA ALA A 91 -1.92 10.20 -7.41
C ALA A 91 -0.72 11.08 -7.75
N GLU A 92 -0.52 11.34 -9.05
CA GLU A 92 0.57 12.20 -9.49
C GLU A 92 0.36 13.63 -9.02
N THR A 93 -0.89 14.02 -8.78
CA THR A 93 -1.23 15.32 -8.20
C THR A 93 -1.04 15.40 -6.69
N PHE A 94 -1.21 14.28 -5.99
CA PHE A 94 -1.05 14.23 -4.54
C PHE A 94 0.39 14.16 -4.04
N GLN A 95 1.29 13.52 -4.79
CA GLN A 95 2.68 13.39 -4.39
C GLN A 95 3.41 14.73 -4.50
N ASP A 96 2.78 15.70 -5.18
CA ASP A 96 3.37 17.02 -5.39
C ASP A 96 3.34 17.78 -4.07
N THR A 97 2.51 17.33 -3.11
CA THR A 97 2.33 18.02 -1.83
C THR A 97 2.24 17.10 -0.61
N PHE A 98 2.35 15.79 -0.82
CA PHE A 98 2.27 14.82 0.26
C PHE A 98 3.40 14.89 1.28
N SER A 99 3.10 14.59 2.55
CA SER A 99 4.04 14.73 3.65
C SER A 99 5.14 13.67 3.66
N GLY A 100 5.10 12.70 2.75
CA GLY A 100 6.07 11.62 2.71
C GLY A 100 5.84 10.62 3.85
N ALA A 101 4.77 10.83 4.62
CA ALA A 101 4.36 9.95 5.70
C ALA A 101 2.85 10.03 5.87
N LEU A 102 2.27 8.98 6.45
CA LEU A 102 0.84 8.79 6.60
C LEU A 102 0.16 9.99 7.25
N GLY A 103 -1.00 10.37 6.70
CA GLY A 103 -1.85 11.38 7.30
C GLY A 103 -2.68 10.75 8.41
N LYS A 104 -3.58 11.54 9.03
CA LYS A 104 -4.37 11.03 10.14
C LYS A 104 -5.40 9.99 9.69
N GLN A 105 -5.71 9.91 8.40
CA GLN A 105 -6.69 8.94 7.91
C GLN A 105 -6.02 7.60 7.62
N SER A 106 -4.99 7.59 6.76
CA SER A 106 -4.37 6.34 6.35
C SER A 106 -3.65 5.66 7.52
N SER A 107 -3.29 6.42 8.56
CA SER A 107 -2.63 5.88 9.73
C SER A 107 -3.62 5.29 10.73
N SER A 108 -4.87 5.79 10.75
CA SER A 108 -5.88 5.30 11.66
C SER A 108 -6.69 4.16 11.06
N LEU A 109 -6.75 4.11 9.72
CA LEU A 109 -7.44 3.04 9.03
C LEU A 109 -6.67 1.72 9.11
N LEU A 110 -5.42 1.78 9.57
CA LEU A 110 -4.58 0.59 9.71
C LEU A 110 -5.10 -0.31 10.83
N SER A 111 -5.66 0.30 11.87
CA SER A 111 -6.11 -0.45 13.04
C SER A 111 -7.45 -1.15 12.76
N ARG A 112 -8.13 -0.76 11.67
CA ARG A 112 -9.43 -1.35 11.33
C ARG A 112 -9.24 -2.77 10.80
N LEU A 113 -8.02 -3.12 10.39
CA LEU A 113 -7.72 -4.47 9.94
C LEU A 113 -7.91 -5.44 11.12
N ILE A 114 -7.47 -5.03 12.30
CA ILE A 114 -7.53 -5.89 13.48
C ILE A 114 -8.99 -6.10 13.90
N SER A 115 -9.81 -5.07 13.73
CA SER A 115 -11.21 -5.11 14.12
C SER A 115 -12.10 -5.72 13.04
N SER A 116 -11.56 -5.95 11.84
CA SER A 116 -12.36 -6.46 10.73
C SER A 116 -12.62 -7.95 10.86
N LYS A 117 -11.56 -8.74 11.10
CA LYS A 117 -11.68 -10.19 11.18
C LYS A 117 -10.52 -10.87 11.94
N MET A 118 -9.46 -10.13 12.26
CA MET A 118 -8.28 -10.72 12.90
C MET A 118 -8.63 -11.34 14.26
N PRO A 119 -7.86 -12.37 14.67
CA PRO A 119 -8.02 -13.06 15.95
C PRO A 119 -7.61 -12.13 17.10
N GLY A 120 -7.54 -12.66 18.33
CA GLY A 120 -7.15 -11.89 19.51
C GLY A 120 -5.77 -12.31 20.05
N GLY A 121 -5.07 -11.39 20.72
CA GLY A 121 -3.78 -11.65 21.34
C GLY A 121 -2.65 -10.76 20.80
N PHE A 122 -2.97 -9.82 19.91
CA PHE A 122 -2.02 -8.93 19.26
C PHE A 122 -2.54 -7.53 18.96
N THR A 123 -1.66 -6.54 18.76
CA THR A 123 -2.06 -5.16 18.52
C THR A 123 -1.28 -4.44 17.44
N ILE A 124 -1.80 -3.28 17.00
CA ILE A 124 -1.13 -2.48 15.98
C ILE A 124 0.06 -1.75 16.61
N THR A 125 0.03 -1.56 17.93
CA THR A 125 1.11 -0.89 18.62
C THR A 125 2.39 -1.69 18.60
N VAL A 126 2.27 -3.01 18.81
CA VAL A 126 3.42 -3.91 18.74
C VAL A 126 3.87 -4.21 17.32
N ALA A 127 3.10 -3.71 16.34
CA ALA A 127 3.40 -3.92 14.93
C ALA A 127 4.32 -2.84 14.38
N ARG A 128 4.33 -1.65 15.00
CA ARG A 128 5.22 -0.56 14.62
C ARG A 128 6.33 -0.34 15.64
N LYS A 129 6.26 -1.00 16.80
CA LYS A 129 7.28 -0.89 17.83
C LYS A 129 8.62 -1.51 17.42
N TYR A 130 8.61 -2.41 16.44
CA TYR A 130 9.82 -3.06 15.96
C TYR A 130 9.51 -3.45 14.52
N LEU A 131 10.42 -3.10 13.59
CA LEU A 131 10.30 -3.48 12.19
C LEU A 131 11.62 -3.27 11.45
N GLN A 132 12.38 -2.23 11.82
CA GLN A 132 13.65 -1.94 11.16
C GLN A 132 14.72 -2.99 11.47
N THR A 133 14.59 -3.67 12.61
CA THR A 133 15.52 -4.72 13.00
C THR A 133 15.16 -6.10 12.45
N ARG A 134 13.94 -6.25 11.94
CA ARG A 134 13.44 -7.53 11.46
C ARG A 134 13.71 -7.70 9.97
N TRP A 135 13.88 -6.60 9.22
CA TRP A 135 14.11 -6.64 7.78
C TRP A 135 15.08 -5.58 7.25
N GLY A 136 15.70 -4.80 8.15
CA GLY A 136 16.66 -3.77 7.75
C GLY A 136 15.99 -2.53 7.16
N LEU A 137 14.67 -2.40 7.29
CA LEU A 137 13.92 -1.32 6.66
C LEU A 137 14.24 0.03 7.30
N PRO A 138 14.51 1.06 6.49
CA PRO A 138 14.74 2.41 6.95
C PRO A 138 13.40 3.04 7.34
N SER A 139 13.43 4.09 8.17
CA SER A 139 12.23 4.70 8.72
C SER A 139 11.35 5.36 7.66
N GLY A 140 11.87 5.62 6.46
CA GLY A 140 11.10 6.26 5.41
C GLY A 140 10.22 5.27 4.63
N ARG A 141 10.56 3.98 4.67
CA ARG A 141 9.87 2.98 3.88
C ARG A 141 8.76 2.29 4.69
N GLN A 142 8.79 2.40 6.01
CA GLN A 142 7.85 1.69 6.87
C GLN A 142 6.41 2.12 6.60
N ASP A 143 6.21 3.35 6.10
CA ASP A 143 4.86 3.84 5.82
C ASP A 143 4.20 3.18 4.62
N GLY A 144 4.99 2.55 3.74
CA GLY A 144 4.47 1.86 2.58
C GLY A 144 4.08 0.42 2.89
N VAL A 145 4.72 -0.18 3.90
CA VAL A 145 4.44 -1.58 4.24
C VAL A 145 3.13 -1.73 5.00
N LEU A 146 2.78 -0.74 5.84
CA LEU A 146 1.54 -0.80 6.59
C LEU A 146 0.34 -0.54 5.69
N LEU A 147 0.54 0.18 4.58
CA LEU A 147 -0.52 0.43 3.62
C LEU A 147 -0.85 -0.86 2.87
N VAL A 148 0.16 -1.70 2.63
CA VAL A 148 -0.03 -2.98 1.95
C VAL A 148 -0.60 -4.01 2.91
N ALA A 149 -0.38 -3.82 4.23
CA ALA A 149 -0.93 -4.74 5.21
C ALA A 149 -2.44 -4.56 5.32
N LEU A 150 -2.92 -3.32 5.11
CA LEU A 150 -4.33 -3.01 5.23
C LEU A 150 -5.10 -3.52 4.02
N SER A 151 -4.45 -3.60 2.85
CA SER A 151 -5.11 -4.04 1.63
C SER A 151 -5.10 -5.57 1.52
N ASN A 152 -4.22 -6.25 2.23
CA ASN A 152 -4.16 -7.70 2.21
C ASN A 152 -5.38 -8.28 2.93
N GLU A 153 -5.65 -7.78 4.14
CA GLU A 153 -6.82 -8.07 4.95
C GLU A 153 -7.31 -9.52 4.76
N PRO A 154 -6.57 -10.51 5.26
CA PRO A 154 -6.91 -11.92 5.11
C PRO A 154 -8.18 -12.24 5.90
N ALA A 155 -9.08 -13.02 5.28
CA ALA A 155 -10.31 -13.44 5.94
C ALA A 155 -10.03 -14.59 6.90
N ALA A 156 -9.02 -15.41 6.59
CA ALA A 156 -8.56 -16.49 7.44
C ALA A 156 -7.20 -16.96 6.96
N ARG A 157 -6.16 -16.68 7.74
CA ARG A 157 -4.77 -17.06 7.42
C ARG A 157 -3.97 -17.34 8.69
N LEU A 158 -4.58 -17.11 9.85
CA LEU A 158 -3.96 -17.27 11.15
C LEU A 158 -4.97 -17.85 12.11
N GLY A 159 -4.55 -18.81 12.95
CA GLY A 159 -5.44 -19.40 13.93
C GLY A 159 -5.34 -18.67 15.28
N SER A 160 -4.37 -17.77 15.40
CA SER A 160 -4.16 -16.96 16.60
C SER A 160 -3.45 -15.66 16.21
N GLU A 161 -3.71 -14.59 16.95
CA GLU A 161 -3.16 -13.28 16.62
C GLU A 161 -1.71 -13.20 17.08
N ALA A 162 -1.26 -14.14 17.93
CA ALA A 162 0.14 -14.20 18.33
C ALA A 162 1.01 -14.52 17.10
N ASP A 163 0.41 -15.14 16.08
CA ASP A 163 1.06 -15.42 14.82
C ASP A 163 0.94 -14.29 13.82
N ALA A 164 0.12 -13.28 14.12
CA ALA A 164 -0.09 -12.15 13.23
C ALA A 164 1.15 -11.24 13.23
N LYS A 165 2.04 -11.40 14.21
CA LYS A 165 3.30 -10.69 14.23
C LYS A 165 4.24 -11.28 13.19
N ALA A 166 4.11 -12.59 12.92
CA ALA A 166 4.87 -13.24 11.87
C ALA A 166 4.26 -12.93 10.50
N PHE A 167 3.01 -12.47 10.48
CA PHE A 167 2.38 -12.04 9.23
C PHE A 167 2.94 -10.75 8.65
N LEU A 168 3.57 -9.94 9.50
CA LEU A 168 4.19 -8.69 9.08
C LEU A 168 5.46 -8.97 8.28
N ASP A 169 6.05 -10.16 8.48
CA ASP A 169 7.23 -10.58 7.74
C ASP A 169 7.00 -10.72 6.24
N SER A 170 5.76 -11.03 5.84
CA SER A 170 5.40 -11.15 4.45
C SER A 170 5.17 -9.79 3.81
N MET A 171 4.59 -8.86 4.56
CA MET A 171 4.20 -7.57 4.01
C MET A 171 5.42 -6.79 3.54
N ALA A 172 6.59 -7.04 4.15
CA ALA A 172 7.82 -6.37 3.75
C ALA A 172 8.20 -6.76 2.33
N GLN A 173 7.79 -7.95 1.88
CA GLN A 173 8.03 -8.42 0.52
C GLN A 173 6.90 -7.99 -0.41
N LYS A 174 5.68 -7.85 0.12
CA LYS A 174 4.54 -7.42 -0.67
C LYS A 174 4.78 -6.03 -1.20
N TYR A 175 5.31 -5.14 -0.35
CA TYR A 175 5.68 -3.80 -0.75
C TYR A 175 6.90 -3.71 -1.65
N ALA A 176 7.89 -4.59 -1.43
CA ALA A 176 9.13 -4.57 -2.19
C ALA A 176 8.88 -4.87 -3.67
N SER A 177 7.78 -5.56 -3.98
CA SER A 177 7.41 -5.85 -5.36
C SER A 177 6.84 -4.61 -6.05
N ILE A 178 6.32 -3.66 -5.27
CA ILE A 178 5.71 -2.44 -5.79
C ILE A 178 6.77 -1.39 -6.07
N VAL A 179 7.78 -1.29 -5.20
CA VAL A 179 8.87 -0.34 -5.36
C VAL A 179 10.03 -0.95 -6.15
N GLY A 180 10.08 -2.28 -6.24
CA GLY A 180 11.10 -2.99 -7.01
C GLY A 180 12.39 -3.25 -6.22
N VAL A 181 12.38 -3.03 -4.90
CA VAL A 181 13.56 -3.24 -4.06
C VAL A 181 13.78 -4.69 -3.65
N ASP A 182 14.97 -4.93 -3.11
CA ASP A 182 15.39 -6.18 -2.51
C ASP A 182 15.69 -6.03 -1.02
N LEU A 183 15.32 -7.03 -0.22
CA LEU A 183 15.53 -6.99 1.22
C LEU A 183 16.87 -7.62 1.60
N MET A 1 22.34 -25.60 -48.34
CA MET A 1 23.66 -25.19 -47.83
C MET A 1 23.68 -23.70 -47.51
N GLY A 2 24.64 -23.27 -46.68
CA GLY A 2 24.76 -21.87 -46.29
C GLY A 2 23.67 -21.46 -45.31
N SER A 3 23.59 -20.15 -45.02
CA SER A 3 22.63 -19.60 -44.08
C SER A 3 22.42 -18.11 -44.36
N SER A 4 21.52 -17.47 -43.61
CA SER A 4 21.21 -16.05 -43.73
C SER A 4 20.67 -15.68 -45.13
N HIS A 5 20.12 -16.67 -45.85
CA HIS A 5 19.56 -16.42 -47.17
C HIS A 5 18.24 -15.66 -47.09
N HIS A 6 17.59 -15.67 -45.92
CA HIS A 6 16.30 -15.01 -45.72
C HIS A 6 16.17 -14.52 -44.28
N HIS A 7 15.30 -13.53 -44.06
CA HIS A 7 15.08 -12.92 -42.76
C HIS A 7 13.64 -12.45 -42.61
N HIS A 8 13.19 -12.22 -41.37
CA HIS A 8 11.84 -11.76 -41.09
C HIS A 8 11.81 -10.99 -39.77
N HIS A 9 10.74 -10.21 -39.55
CA HIS A 9 10.58 -9.42 -38.34
C HIS A 9 10.41 -10.31 -37.12
N HIS A 10 10.75 -9.79 -35.94
CA HIS A 10 10.65 -10.51 -34.68
C HIS A 10 10.49 -9.51 -33.53
N GLU A 11 9.91 -9.98 -32.41
CA GLU A 11 9.63 -9.12 -31.26
C GLU A 11 9.86 -9.83 -29.95
N ASN A 12 10.08 -9.04 -28.90
CA ASN A 12 10.27 -9.54 -27.55
C ASN A 12 9.63 -8.60 -26.53
N LEU A 13 9.45 -9.08 -25.30
CA LEU A 13 8.88 -8.29 -24.22
C LEU A 13 9.86 -7.18 -23.80
N TYR A 14 9.34 -6.17 -23.09
CA TYR A 14 10.13 -5.05 -22.62
C TYR A 14 11.18 -5.37 -21.55
N PHE A 15 12.02 -4.38 -21.24
CA PHE A 15 13.10 -4.50 -20.28
C PHE A 15 12.44 -4.71 -18.91
N GLN A 16 13.24 -5.21 -17.95
CA GLN A 16 12.80 -5.44 -16.58
C GLN A 16 14.01 -5.42 -15.65
N SER A 17 13.83 -4.95 -14.42
CA SER A 17 14.92 -4.86 -13.45
C SER A 17 14.39 -4.67 -12.04
N ASN A 18 15.30 -4.78 -11.06
CA ASN A 18 15.00 -4.54 -9.66
C ASN A 18 16.23 -3.95 -8.98
N ALA A 19 16.06 -3.42 -7.77
CA ALA A 19 17.12 -2.80 -7.01
C ALA A 19 16.87 -2.93 -5.51
N GLU A 20 17.92 -2.74 -4.71
CA GLU A 20 17.82 -2.79 -3.26
C GLU A 20 17.07 -1.57 -2.74
N ILE A 21 16.66 -1.63 -1.47
CA ILE A 21 15.92 -0.55 -0.82
C ILE A 21 16.79 0.69 -0.68
N ALA A 22 16.14 1.86 -0.62
CA ALA A 22 16.80 3.14 -0.42
C ALA A 22 15.96 4.03 0.49
N ASP A 23 16.61 4.99 1.15
CA ASP A 23 15.92 5.88 2.07
C ASP A 23 15.02 6.88 1.38
N GLU A 24 13.70 6.66 1.45
CA GLU A 24 12.70 7.56 0.91
C GLU A 24 11.40 7.46 1.71
N PRO A 25 10.63 8.56 1.79
CA PRO A 25 9.35 8.61 2.47
C PRO A 25 8.26 7.89 1.66
N VAL A 26 7.06 7.81 2.21
CA VAL A 26 5.91 7.23 1.54
C VAL A 26 5.47 8.13 0.39
N LYS A 27 4.75 7.57 -0.58
CA LYS A 27 4.29 8.32 -1.74
C LYS A 27 2.78 8.20 -1.88
N ALA A 28 2.15 9.22 -2.45
CA ALA A 28 0.71 9.22 -2.64
C ALA A 28 0.30 8.11 -3.63
N SER A 29 1.28 7.57 -4.37
CA SER A 29 1.05 6.51 -5.35
C SER A 29 0.62 5.20 -4.69
N LEU A 30 0.99 5.02 -3.41
CA LEU A 30 0.60 3.85 -2.64
C LEU A 30 -0.53 4.21 -1.70
N LEU A 31 -0.45 5.39 -1.09
CA LEU A 31 -1.43 5.80 -0.10
C LEU A 31 -2.80 6.03 -0.73
N LEU A 32 -2.84 6.61 -1.94
CA LEU A 32 -4.12 6.86 -2.58
C LEU A 32 -4.74 5.53 -3.03
N HIS A 33 -3.88 4.60 -3.43
CA HIS A 33 -4.28 3.31 -3.96
C HIS A 33 -5.00 2.46 -2.90
N VAL A 34 -4.58 2.58 -1.64
CA VAL A 34 -5.19 1.83 -0.54
C VAL A 34 -6.49 2.50 -0.09
N LEU A 35 -6.55 3.84 -0.10
CA LEU A 35 -7.73 4.57 0.33
C LEU A 35 -8.94 4.31 -0.56
N VAL A 36 -8.75 3.63 -1.69
CA VAL A 36 -9.85 3.23 -2.57
C VAL A 36 -10.09 1.74 -2.39
N ALA A 37 -9.01 0.97 -2.31
CA ALA A 37 -9.09 -0.49 -2.22
C ALA A 37 -9.85 -0.96 -0.98
N HIS A 38 -9.67 -0.29 0.16
CA HIS A 38 -10.28 -0.76 1.39
C HIS A 38 -11.77 -0.44 1.43
N LYS A 39 -12.19 0.64 0.76
CA LYS A 39 -13.57 1.06 0.70
C LYS A 39 -14.40 0.14 -0.18
N LEU A 40 -13.74 -0.57 -1.11
CA LEU A 40 -14.39 -1.46 -2.05
C LEU A 40 -14.04 -2.92 -1.75
N LYS A 41 -13.29 -3.17 -0.67
CA LYS A 41 -12.86 -4.52 -0.28
C LYS A 41 -12.08 -5.20 -1.40
N LYS A 42 -11.35 -4.39 -2.16
CA LYS A 42 -10.48 -4.83 -3.25
C LYS A 42 -9.03 -4.86 -2.80
N SER A 43 -8.15 -5.36 -3.65
CA SER A 43 -6.71 -5.32 -3.44
C SER A 43 -6.06 -4.41 -4.48
N LEU A 44 -4.84 -3.95 -4.23
CA LEU A 44 -4.14 -3.10 -5.20
C LEU A 44 -3.84 -3.90 -6.46
N ASP A 45 -3.92 -5.22 -6.38
CA ASP A 45 -3.80 -6.10 -7.55
C ASP A 45 -5.09 -6.18 -8.37
N SER A 46 -6.16 -5.53 -7.90
CA SER A 46 -7.46 -5.53 -8.55
C SER A 46 -8.07 -4.13 -8.64
N ILE A 47 -7.32 -3.11 -8.20
CA ILE A 47 -7.72 -1.72 -8.35
C ILE A 47 -6.87 -1.10 -9.47
N PRO A 48 -7.39 -1.02 -10.70
CA PRO A 48 -6.70 -0.37 -11.79
C PRO A 48 -6.65 1.13 -11.55
N MET A 49 -5.45 1.72 -11.58
CA MET A 49 -5.28 3.15 -11.40
C MET A 49 -5.84 3.92 -12.59
N SER A 50 -6.10 3.23 -13.70
CA SER A 50 -6.61 3.87 -14.92
C SER A 50 -8.08 4.23 -14.79
N LYS A 51 -8.67 4.05 -13.60
CA LYS A 51 -10.08 4.33 -13.38
C LYS A 51 -10.28 5.50 -12.43
N THR A 52 -11.40 6.19 -12.62
CA THR A 52 -11.81 7.31 -11.79
C THR A 52 -12.62 6.93 -10.57
N ILE A 53 -12.61 7.77 -9.53
CA ILE A 53 -13.37 7.53 -8.31
C ILE A 53 -14.85 7.32 -8.62
N LYS A 54 -15.35 7.93 -9.71
CA LYS A 54 -16.74 7.80 -10.09
C LYS A 54 -17.01 6.53 -10.90
N ASP A 55 -15.97 5.89 -11.44
CA ASP A 55 -16.13 4.69 -12.25
C ASP A 55 -15.87 3.47 -11.36
N LEU A 56 -15.06 3.64 -10.32
CA LEU A 56 -14.69 2.56 -9.41
C LEU A 56 -15.87 2.14 -8.53
N VAL A 57 -16.68 3.13 -8.12
CA VAL A 57 -17.83 2.92 -7.26
C VAL A 57 -19.12 2.59 -8.01
N GLY A 58 -19.03 2.37 -9.34
CA GLY A 58 -20.18 2.03 -10.14
C GLY A 58 -21.10 3.22 -10.41
N GLY A 59 -20.63 4.45 -10.15
CA GLY A 59 -21.41 5.66 -10.38
C GLY A 59 -22.24 6.08 -9.18
N LYS A 60 -22.09 5.41 -8.02
CA LYS A 60 -22.80 5.78 -6.81
C LYS A 60 -22.43 7.18 -6.37
N SER A 61 -23.41 8.08 -6.25
CA SER A 61 -23.17 9.47 -5.90
C SER A 61 -22.69 9.59 -4.44
N THR A 62 -23.07 8.64 -3.58
CA THR A 62 -22.64 8.65 -2.19
C THR A 62 -21.21 8.17 -1.98
N VAL A 63 -20.89 6.97 -2.46
CA VAL A 63 -19.55 6.41 -2.31
C VAL A 63 -18.50 7.27 -3.01
N GLN A 64 -18.89 7.85 -4.15
CA GLN A 64 -18.04 8.78 -4.89
C GLN A 64 -17.70 10.00 -4.02
N ASN A 65 -18.63 10.41 -3.15
CA ASN A 65 -18.42 11.55 -2.27
C ASN A 65 -17.66 11.17 -0.99
N GLU A 66 -17.81 9.92 -0.52
CA GLU A 66 -17.09 9.47 0.67
C GLU A 66 -15.59 9.30 0.38
N ILE A 67 -15.25 8.81 -0.82
CA ILE A 67 -13.86 8.64 -1.21
C ILE A 67 -13.23 10.00 -1.52
N LEU A 68 -14.03 10.93 -2.05
CA LEU A 68 -13.56 12.26 -2.41
C LEU A 68 -13.20 13.06 -1.17
N GLY A 69 -13.97 12.91 -0.10
CA GLY A 69 -13.75 13.65 1.14
C GLY A 69 -12.62 13.05 1.97
N ASP A 70 -12.32 11.76 1.77
CA ASP A 70 -11.27 11.11 2.53
C ASP A 70 -9.85 11.51 2.18
N LEU A 71 -9.67 12.12 1.01
CA LEU A 71 -8.38 12.64 0.58
C LEU A 71 -8.11 13.98 1.27
N GLY A 72 -9.16 14.73 1.61
CA GLY A 72 -8.99 16.04 2.25
C GLY A 72 -8.53 15.90 3.69
N LYS A 73 -8.93 14.81 4.36
CA LYS A 73 -8.54 14.55 5.74
C LYS A 73 -7.13 13.95 5.81
N GLU A 74 -6.69 13.30 4.72
CA GLU A 74 -5.43 12.59 4.68
C GLU A 74 -4.30 13.43 4.08
N PHE A 75 -4.61 14.23 3.05
CA PHE A 75 -3.62 15.03 2.36
C PHE A 75 -3.69 16.51 2.75
N GLY A 76 -4.58 16.83 3.68
CA GLY A 76 -4.85 18.18 4.14
C GLY A 76 -5.72 18.95 3.16
N THR A 77 -5.77 18.51 1.90
CA THR A 77 -6.59 19.15 0.87
C THR A 77 -6.75 18.26 -0.37
N THR A 78 -7.54 18.71 -1.35
CA THR A 78 -7.72 18.03 -2.62
C THR A 78 -7.57 18.99 -3.80
N PRO A 79 -7.10 18.47 -4.93
CA PRO A 79 -6.87 19.24 -6.15
C PRO A 79 -8.19 19.51 -6.88
N GLU A 80 -8.09 20.09 -8.07
CA GLU A 80 -9.25 20.39 -8.90
C GLU A 80 -9.68 19.14 -9.67
N LYS A 81 -10.98 19.07 -9.97
CA LYS A 81 -11.59 17.98 -10.71
C LYS A 81 -11.08 16.59 -10.30
N PRO A 82 -10.98 16.30 -8.99
CA PRO A 82 -10.38 15.06 -8.51
C PRO A 82 -11.27 13.87 -8.83
N GLU A 83 -12.60 14.06 -8.82
CA GLU A 83 -13.55 12.99 -9.11
C GLU A 83 -13.68 12.75 -10.62
N GLU A 84 -12.87 13.44 -11.41
CA GLU A 84 -12.82 13.29 -12.86
C GLU A 84 -11.41 12.97 -13.33
N THR A 85 -10.51 12.64 -12.39
CA THR A 85 -9.12 12.32 -12.67
C THR A 85 -8.83 10.89 -12.22
N PRO A 86 -8.20 10.06 -13.06
CA PRO A 86 -7.89 8.66 -12.73
C PRO A 86 -6.83 8.61 -11.64
N LEU A 87 -6.84 7.55 -10.84
CA LEU A 87 -5.92 7.43 -9.72
C LEU A 87 -4.47 7.37 -10.20
N GLU A 88 -4.25 6.97 -11.46
CA GLU A 88 -2.92 6.84 -12.01
C GLU A 88 -2.30 8.22 -12.26
N GLU A 89 -3.13 9.28 -12.32
CA GLU A 89 -2.65 10.65 -12.46
C GLU A 89 -2.99 11.50 -11.24
N LEU A 90 -4.00 11.10 -10.46
CA LEU A 90 -4.41 11.85 -9.30
C LEU A 90 -3.40 11.70 -8.17
N ALA A 91 -2.79 10.51 -8.06
CA ALA A 91 -1.75 10.27 -7.08
C ALA A 91 -0.53 11.14 -7.37
N GLU A 92 -0.24 11.37 -8.65
CA GLU A 92 0.85 12.25 -9.05
C GLU A 92 0.58 13.69 -8.64
N THR A 93 -0.70 14.02 -8.39
CA THR A 93 -1.09 15.32 -7.88
C THR A 93 -1.04 15.44 -6.36
N PHE A 94 -1.24 14.32 -5.66
CA PHE A 94 -1.15 14.29 -4.20
C PHE A 94 0.24 14.28 -3.60
N GLN A 95 1.21 13.68 -4.30
CA GLN A 95 2.58 13.61 -3.83
C GLN A 95 3.25 14.99 -3.86
N ASP A 96 2.63 15.95 -4.55
CA ASP A 96 3.16 17.30 -4.68
C ASP A 96 3.04 18.01 -3.32
N THR A 97 2.17 17.50 -2.45
CA THR A 97 1.91 18.13 -1.16
C THR A 97 1.78 17.17 0.03
N PHE A 98 1.98 15.87 -0.22
CA PHE A 98 1.88 14.86 0.83
C PHE A 98 2.97 14.95 1.92
N SER A 99 2.64 14.56 3.15
CA SER A 99 3.53 14.72 4.29
C SER A 99 4.71 13.74 4.27
N GLY A 100 4.69 12.78 3.34
CA GLY A 100 5.72 11.74 3.26
C GLY A 100 5.45 10.63 4.29
N ALA A 101 4.38 10.79 5.07
CA ALA A 101 3.94 9.82 6.06
C ALA A 101 2.44 9.95 6.26
N LEU A 102 1.84 8.92 6.83
CA LEU A 102 0.40 8.76 6.92
C LEU A 102 -0.29 9.91 7.67
N GLY A 103 -1.44 10.31 7.16
CA GLY A 103 -2.30 11.31 7.77
C GLY A 103 -3.16 10.68 8.85
N LYS A 104 -4.10 11.46 9.42
CA LYS A 104 -4.93 11.00 10.52
C LYS A 104 -5.92 9.92 10.09
N GLN A 105 -6.16 9.74 8.79
CA GLN A 105 -7.07 8.70 8.32
C GLN A 105 -6.35 7.38 8.12
N SER A 106 -5.28 7.36 7.32
CA SER A 106 -4.60 6.11 7.02
C SER A 106 -3.95 5.53 8.26
N SER A 107 -3.44 6.37 9.16
CA SER A 107 -2.78 5.92 10.38
C SER A 107 -3.79 5.37 11.40
N SER A 108 -5.03 5.86 11.37
CA SER A 108 -6.05 5.43 12.30
C SER A 108 -6.70 4.13 11.84
N LEU A 109 -6.83 3.94 10.53
CA LEU A 109 -7.46 2.76 9.97
C LEU A 109 -6.59 1.51 10.17
N LEU A 110 -5.34 1.68 10.60
CA LEU A 110 -4.46 0.55 10.85
C LEU A 110 -4.90 -0.21 12.11
N SER A 111 -5.46 0.53 13.07
CA SER A 111 -5.91 -0.05 14.32
C SER A 111 -7.30 -0.69 14.17
N ARG A 112 -8.07 -0.25 13.17
CA ARG A 112 -9.41 -0.78 12.95
C ARG A 112 -9.33 -2.19 12.37
N LEU A 113 -8.25 -2.50 11.65
CA LEU A 113 -8.05 -3.82 11.06
C LEU A 113 -7.96 -4.87 12.16
N ILE A 114 -7.30 -4.50 13.25
CA ILE A 114 -7.01 -5.39 14.37
C ILE A 114 -8.29 -5.84 15.08
N SER A 115 -9.42 -5.19 14.80
CA SER A 115 -10.68 -5.52 15.45
C SER A 115 -11.81 -5.74 14.44
N SER A 116 -11.63 -5.29 13.19
CA SER A 116 -12.65 -5.43 12.16
C SER A 116 -12.73 -6.85 11.62
N LYS A 117 -11.61 -7.59 11.65
CA LYS A 117 -11.57 -8.95 11.12
C LYS A 117 -10.46 -9.81 11.71
N MET A 118 -9.38 -9.20 12.21
CA MET A 118 -8.26 -9.94 12.78
C MET A 118 -8.68 -10.64 14.07
N PRO A 119 -7.97 -11.72 14.44
CA PRO A 119 -8.16 -12.45 15.69
C PRO A 119 -7.68 -11.57 16.86
N GLY A 120 -7.62 -12.11 18.08
CA GLY A 120 -7.16 -11.38 19.25
C GLY A 120 -5.82 -11.89 19.78
N GLY A 121 -5.08 -11.04 20.51
CA GLY A 121 -3.81 -11.40 21.13
C GLY A 121 -2.62 -10.61 20.59
N PHE A 122 -2.86 -9.61 19.74
CA PHE A 122 -1.82 -8.81 19.10
C PHE A 122 -2.19 -7.34 18.87
N THR A 123 -1.19 -6.44 18.84
CA THR A 123 -1.42 -5.01 18.74
C THR A 123 -0.63 -4.28 17.67
N ILE A 124 -1.04 -3.05 17.35
CA ILE A 124 -0.37 -2.25 16.35
C ILE A 124 1.03 -1.86 16.80
N THR A 125 1.23 -1.65 18.11
CA THR A 125 2.52 -1.17 18.60
C THR A 125 3.56 -2.23 18.31
N VAL A 126 3.21 -3.50 18.48
CA VAL A 126 4.11 -4.60 18.17
C VAL A 126 4.16 -4.94 16.68
N ALA A 127 3.32 -4.27 15.89
CA ALA A 127 3.26 -4.45 14.45
C ALA A 127 4.24 -3.53 13.71
N ARG A 128 4.69 -2.45 14.35
CA ARG A 128 5.69 -1.57 13.76
C ARG A 128 6.77 -1.18 14.77
N LYS A 129 6.89 -1.95 15.86
CA LYS A 129 7.91 -1.72 16.87
C LYS A 129 9.29 -1.67 16.22
N TYR A 130 9.54 -2.56 15.26
CA TYR A 130 10.76 -2.60 14.46
C TYR A 130 10.65 -3.35 13.13
N LEU A 131 11.42 -2.92 12.13
CA LEU A 131 11.51 -3.60 10.84
C LEU A 131 12.92 -3.47 10.28
N GLN A 132 13.67 -2.48 10.76
CA GLN A 132 15.04 -2.20 10.33
C GLN A 132 16.00 -3.28 10.86
N THR A 133 15.50 -4.20 11.67
CA THR A 133 16.25 -5.32 12.21
C THR A 133 15.72 -6.69 11.82
N ARG A 134 14.73 -6.70 10.91
CA ARG A 134 14.10 -7.93 10.44
C ARG A 134 14.06 -8.00 8.92
N TRP A 135 14.11 -6.83 8.25
CA TRP A 135 14.11 -6.77 6.79
C TRP A 135 15.06 -5.69 6.24
N GLY A 136 15.78 -4.99 7.12
CA GLY A 136 16.76 -3.98 6.70
C GLY A 136 16.11 -2.69 6.22
N LEU A 137 14.80 -2.50 6.46
CA LEU A 137 14.09 -1.34 5.95
C LEU A 137 14.58 -0.05 6.59
N PRO A 138 14.76 1.03 5.82
CA PRO A 138 15.07 2.34 6.35
C PRO A 138 13.83 2.90 7.04
N SER A 139 14.03 3.82 7.99
CA SER A 139 12.94 4.33 8.82
C SER A 139 11.86 5.04 8.01
N GLY A 140 12.20 5.57 6.83
CA GLY A 140 11.25 6.31 6.02
C GLY A 140 10.31 5.40 5.23
N ARG A 141 10.69 4.14 5.02
CA ARG A 141 9.90 3.20 4.23
C ARG A 141 8.92 2.44 5.12
N GLN A 142 9.13 2.43 6.43
CA GLN A 142 8.29 1.66 7.34
C GLN A 142 6.85 2.18 7.37
N ASP A 143 6.64 3.44 7.00
CA ASP A 143 5.31 4.02 6.95
C ASP A 143 4.49 3.53 5.77
N GLY A 144 5.13 2.92 4.77
CA GLY A 144 4.46 2.42 3.60
C GLY A 144 4.01 0.97 3.77
N VAL A 145 4.76 0.18 4.52
CA VAL A 145 4.47 -1.25 4.68
C VAL A 145 3.24 -1.49 5.56
N LEU A 146 3.02 -0.64 6.56
CA LEU A 146 1.93 -0.83 7.50
C LEU A 146 0.58 -0.47 6.86
N LEU A 147 0.58 0.43 5.87
CA LEU A 147 -0.67 0.85 5.24
C LEU A 147 -1.11 -0.16 4.16
N VAL A 148 -0.20 -1.00 3.67
CA VAL A 148 -0.55 -2.02 2.69
C VAL A 148 -1.37 -3.10 3.38
N ALA A 149 -1.16 -3.31 4.69
CA ALA A 149 -1.87 -4.35 5.43
C ALA A 149 -3.36 -4.06 5.48
N LEU A 150 -3.74 -2.79 5.34
CA LEU A 150 -5.14 -2.39 5.39
C LEU A 150 -5.90 -2.87 4.15
N SER A 151 -5.18 -3.05 3.03
CA SER A 151 -5.80 -3.52 1.79
C SER A 151 -5.83 -5.04 1.75
N ASN A 152 -4.96 -5.71 2.51
CA ASN A 152 -4.88 -7.16 2.54
C ASN A 152 -6.07 -7.72 3.32
N GLU A 153 -6.25 -7.26 4.56
CA GLU A 153 -7.38 -7.59 5.43
C GLU A 153 -7.89 -9.03 5.21
N PRO A 154 -7.11 -10.05 5.61
CA PRO A 154 -7.46 -11.44 5.41
C PRO A 154 -8.70 -11.80 6.21
N ALA A 155 -9.65 -12.50 5.57
CA ALA A 155 -10.87 -12.95 6.23
C ALA A 155 -10.57 -14.13 7.14
N ALA A 156 -9.60 -14.96 6.77
CA ALA A 156 -9.14 -16.08 7.58
C ALA A 156 -7.78 -16.55 7.05
N ARG A 157 -6.73 -16.30 7.81
CA ARG A 157 -5.36 -16.68 7.46
C ARG A 157 -4.54 -17.01 8.69
N LEU A 158 -5.11 -16.75 9.89
CA LEU A 158 -4.45 -16.95 11.16
C LEU A 158 -5.48 -17.50 12.15
N GLY A 159 -5.08 -18.50 12.93
CA GLY A 159 -5.96 -19.07 13.95
C GLY A 159 -5.83 -18.35 15.28
N SER A 160 -4.84 -17.47 15.39
CA SER A 160 -4.58 -16.65 16.57
C SER A 160 -3.79 -15.42 16.16
N GLU A 161 -3.99 -14.29 16.82
CA GLU A 161 -3.33 -13.06 16.43
C GLU A 161 -1.87 -13.07 16.90
N ALA A 162 -1.50 -14.01 17.77
CA ALA A 162 -0.11 -14.16 18.17
C ALA A 162 0.74 -14.58 16.97
N ASP A 163 0.10 -15.16 15.95
CA ASP A 163 0.76 -15.53 14.71
C ASP A 163 0.73 -14.40 13.67
N ALA A 164 -0.01 -13.32 13.96
CA ALA A 164 -0.12 -12.20 13.05
C ALA A 164 1.18 -11.41 12.99
N LYS A 165 2.10 -11.66 13.94
CA LYS A 165 3.41 -11.04 13.94
C LYS A 165 4.26 -11.62 12.80
N ALA A 166 4.00 -12.87 12.42
CA ALA A 166 4.66 -13.49 11.29
C ALA A 166 4.00 -13.07 9.98
N PHE A 167 2.76 -12.56 10.05
CA PHE A 167 2.09 -12.00 8.89
C PHE A 167 2.70 -10.69 8.38
N LEU A 168 3.43 -9.99 9.27
CA LEU A 168 4.12 -8.76 8.93
C LEU A 168 5.31 -9.04 8.02
N ASP A 169 5.84 -10.26 8.09
CA ASP A 169 6.92 -10.68 7.22
C ASP A 169 6.53 -10.79 5.75
N SER A 170 5.22 -10.85 5.49
CA SER A 170 4.70 -10.88 4.14
C SER A 170 4.55 -9.47 3.61
N MET A 171 4.02 -8.58 4.46
CA MET A 171 3.71 -7.21 4.09
C MET A 171 4.94 -6.47 3.57
N ALA A 172 6.13 -6.80 4.08
CA ALA A 172 7.36 -6.17 3.62
C ALA A 172 7.61 -6.48 2.15
N GLN A 173 7.11 -7.64 1.66
CA GLN A 173 7.22 -8.02 0.26
C GLN A 173 6.05 -7.47 -0.54
N LYS A 174 4.89 -7.32 0.10
CA LYS A 174 3.71 -6.78 -0.57
C LYS A 174 3.98 -5.35 -1.01
N TYR A 175 4.67 -4.58 -0.16
CA TYR A 175 5.07 -3.23 -0.50
C TYR A 175 6.14 -3.13 -1.56
N ALA A 176 7.07 -4.10 -1.57
CA ALA A 176 8.21 -4.08 -2.47
C ALA A 176 7.77 -4.29 -3.92
N SER A 177 6.67 -5.02 -4.12
CA SER A 177 6.13 -5.27 -5.45
C SER A 177 5.45 -4.03 -6.02
N ILE A 178 5.05 -3.10 -5.14
CA ILE A 178 4.34 -1.89 -5.54
C ILE A 178 5.32 -0.79 -5.98
N VAL A 179 6.50 -0.74 -5.37
CA VAL A 179 7.49 0.30 -5.67
C VAL A 179 8.68 -0.22 -6.49
N GLY A 180 8.83 -1.54 -6.61
CA GLY A 180 9.80 -2.16 -7.51
C GLY A 180 11.12 -2.51 -6.82
N VAL A 181 11.22 -2.29 -5.51
CA VAL A 181 12.41 -2.63 -4.75
C VAL A 181 12.46 -4.12 -4.41
N ASP A 182 13.56 -4.53 -3.77
CA ASP A 182 13.77 -5.90 -3.33
C ASP A 182 14.46 -5.84 -1.98
N LEU A 183 14.12 -6.78 -1.09
CA LEU A 183 14.58 -6.79 0.28
C LEU A 183 15.96 -7.46 0.40
N MET A 1 6.51 -28.74 -13.25
CA MET A 1 7.84 -29.38 -13.28
C MET A 1 8.17 -29.98 -11.92
N GLY A 2 9.15 -30.90 -11.89
CA GLY A 2 9.60 -31.55 -10.67
C GLY A 2 10.41 -30.59 -9.80
N SER A 3 10.79 -31.05 -8.60
CA SER A 3 11.56 -30.26 -7.66
C SER A 3 13.03 -30.14 -8.07
N SER A 4 13.44 -30.87 -9.11
CA SER A 4 14.80 -30.83 -9.61
C SER A 4 15.13 -29.47 -10.23
N HIS A 5 16.40 -29.08 -10.19
CA HIS A 5 16.86 -27.82 -10.73
C HIS A 5 18.36 -27.90 -11.09
N HIS A 6 18.77 -27.15 -12.10
CA HIS A 6 20.16 -27.13 -12.55
C HIS A 6 20.45 -25.82 -13.28
N HIS A 7 21.75 -25.50 -13.44
CA HIS A 7 22.19 -24.30 -14.13
C HIS A 7 23.63 -24.48 -14.63
N HIS A 8 24.09 -23.57 -15.47
CA HIS A 8 25.44 -23.59 -16.02
C HIS A 8 26.45 -23.30 -14.91
N HIS A 9 27.70 -23.71 -15.10
CA HIS A 9 28.76 -23.50 -14.12
C HIS A 9 29.18 -22.03 -14.06
N HIS A 10 28.86 -21.25 -15.11
CA HIS A 10 29.21 -19.85 -15.25
C HIS A 10 30.71 -19.56 -15.18
N GLU A 11 31.08 -18.33 -15.49
CA GLU A 11 32.47 -17.89 -15.50
C GLU A 11 32.98 -17.67 -14.07
N ASN A 12 34.30 -17.60 -13.92
CA ASN A 12 34.93 -17.39 -12.63
C ASN A 12 34.69 -15.96 -12.13
N LEU A 13 34.85 -15.75 -10.82
CA LEU A 13 34.65 -14.45 -10.19
C LEU A 13 35.57 -14.31 -8.97
N TYR A 14 35.70 -13.09 -8.46
CA TYR A 14 36.59 -12.77 -7.35
C TYR A 14 35.96 -11.60 -6.61
N PHE A 15 35.28 -10.70 -7.34
CA PHE A 15 34.64 -9.53 -6.77
C PHE A 15 33.26 -9.74 -6.16
N GLN A 16 32.85 -8.83 -5.28
CA GLN A 16 31.57 -8.90 -4.59
C GLN A 16 30.99 -7.49 -4.42
N SER A 17 29.69 -7.41 -4.11
CA SER A 17 28.99 -6.16 -3.93
C SER A 17 27.76 -6.36 -3.04
N ASN A 18 27.26 -5.27 -2.47
CA ASN A 18 26.06 -5.28 -1.65
C ASN A 18 25.31 -3.95 -1.80
N ALA A 19 24.03 -3.97 -1.45
CA ALA A 19 23.17 -2.80 -1.55
C ALA A 19 22.04 -2.87 -0.51
N GLU A 20 21.37 -1.74 -0.27
CA GLU A 20 20.29 -1.64 0.69
C GLU A 20 19.29 -0.58 0.24
N ILE A 21 18.05 -0.68 0.72
CA ILE A 21 16.97 0.23 0.34
C ILE A 21 17.20 1.61 0.92
N ALA A 22 16.75 2.65 0.20
CA ALA A 22 16.88 4.03 0.63
C ALA A 22 15.94 4.34 1.80
N ASP A 23 16.26 5.40 2.55
CA ASP A 23 15.48 5.86 3.69
C ASP A 23 14.41 6.90 3.34
N GLU A 24 13.98 6.91 2.08
CA GLU A 24 13.05 7.91 1.56
C GLU A 24 11.66 7.72 2.15
N PRO A 25 10.86 8.81 2.22
CA PRO A 25 9.49 8.79 2.72
C PRO A 25 8.54 7.96 1.85
N VAL A 26 7.31 7.77 2.33
CA VAL A 26 6.26 7.07 1.60
C VAL A 26 5.83 7.96 0.43
N LYS A 27 5.26 7.33 -0.61
CA LYS A 27 4.74 8.06 -1.76
C LYS A 27 3.22 7.94 -1.77
N ALA A 28 2.52 8.99 -2.20
CA ALA A 28 1.07 8.99 -2.24
C ALA A 28 0.55 7.97 -3.28
N SER A 29 1.43 7.45 -4.13
CA SER A 29 1.07 6.52 -5.18
C SER A 29 0.49 5.22 -4.63
N LEU A 30 0.94 4.80 -3.43
CA LEU A 30 0.44 3.61 -2.79
C LEU A 30 -0.64 3.96 -1.78
N LEU A 31 -0.49 5.09 -1.09
CA LEU A 31 -1.43 5.50 -0.06
C LEU A 31 -2.79 5.75 -0.69
N LEU A 32 -2.81 6.50 -1.79
CA LEU A 32 -4.05 6.85 -2.47
C LEU A 32 -4.76 5.58 -2.94
N HIS A 33 -4.00 4.67 -3.56
CA HIS A 33 -4.52 3.42 -4.09
C HIS A 33 -5.22 2.58 -3.02
N VAL A 34 -4.76 2.65 -1.77
CA VAL A 34 -5.33 1.86 -0.68
C VAL A 34 -6.61 2.54 -0.16
N LEU A 35 -6.69 3.87 -0.21
CA LEU A 35 -7.86 4.58 0.32
C LEU A 35 -9.10 4.23 -0.50
N VAL A 36 -8.96 4.08 -1.82
CA VAL A 36 -10.09 3.74 -2.68
C VAL A 36 -10.40 2.25 -2.56
N ALA A 37 -9.36 1.42 -2.58
CA ALA A 37 -9.54 -0.03 -2.52
C ALA A 37 -10.29 -0.42 -1.24
N HIS A 38 -9.89 0.14 -0.10
CA HIS A 38 -10.49 -0.25 1.17
C HIS A 38 -11.91 0.27 1.32
N LYS A 39 -12.25 1.40 0.69
CA LYS A 39 -13.59 1.96 0.74
C LYS A 39 -14.55 1.14 -0.10
N LEU A 40 -14.06 0.55 -1.20
CA LEU A 40 -14.86 -0.27 -2.09
C LEU A 40 -14.70 -1.76 -1.78
N LYS A 41 -14.01 -2.08 -0.67
CA LYS A 41 -13.76 -3.45 -0.23
C LYS A 41 -13.02 -4.25 -1.29
N LYS A 42 -12.31 -3.53 -2.16
CA LYS A 42 -11.51 -4.08 -3.24
C LYS A 42 -10.06 -4.28 -2.79
N SER A 43 -9.26 -4.88 -3.66
CA SER A 43 -7.82 -5.00 -3.45
C SER A 43 -7.09 -4.22 -4.53
N LEU A 44 -5.81 -3.90 -4.32
CA LEU A 44 -5.03 -3.15 -5.30
C LEU A 44 -4.87 -3.99 -6.57
N ASP A 45 -5.09 -5.31 -6.47
CA ASP A 45 -5.12 -6.21 -7.61
C ASP A 45 -6.42 -6.17 -8.40
N SER A 46 -7.40 -5.39 -7.94
CA SER A 46 -8.70 -5.26 -8.58
C SER A 46 -9.13 -3.81 -8.73
N ILE A 47 -8.27 -2.87 -8.33
CA ILE A 47 -8.50 -1.44 -8.52
C ILE A 47 -7.59 -0.96 -9.64
N PRO A 48 -8.09 -0.87 -10.88
CA PRO A 48 -7.36 -0.32 -11.99
C PRO A 48 -7.15 1.17 -11.77
N MET A 49 -5.90 1.63 -11.83
CA MET A 49 -5.60 3.04 -11.64
C MET A 49 -6.08 3.86 -12.83
N SER A 50 -6.36 3.20 -13.96
CA SER A 50 -6.80 3.87 -15.16
C SER A 50 -8.26 4.30 -15.09
N LYS A 51 -8.88 4.19 -13.90
CA LYS A 51 -10.29 4.50 -13.72
C LYS A 51 -10.49 5.58 -12.67
N THR A 52 -11.54 6.38 -12.85
CA THR A 52 -11.94 7.44 -11.94
C THR A 52 -12.73 7.00 -10.73
N ILE A 53 -12.73 7.79 -9.65
CA ILE A 53 -13.52 7.49 -8.47
C ILE A 53 -15.00 7.30 -8.84
N LYS A 54 -15.47 8.02 -9.87
CA LYS A 54 -16.86 7.92 -10.31
C LYS A 54 -17.10 6.76 -11.27
N ASP A 55 -16.04 6.21 -11.87
CA ASP A 55 -16.17 5.13 -12.84
C ASP A 55 -16.02 3.80 -12.09
N LEU A 56 -15.26 3.79 -10.99
CA LEU A 56 -15.01 2.60 -10.20
C LEU A 56 -16.28 2.16 -9.46
N VAL A 57 -17.08 3.15 -9.05
CA VAL A 57 -18.32 2.92 -8.31
C VAL A 57 -19.56 2.81 -9.20
N GLY A 58 -19.37 2.72 -10.52
CA GLY A 58 -20.47 2.53 -11.45
C GLY A 58 -21.33 3.78 -11.63
N GLY A 59 -20.89 4.93 -11.10
CA GLY A 59 -21.59 6.18 -11.29
C GLY A 59 -22.36 6.66 -10.06
N LYS A 60 -22.28 5.95 -8.92
CA LYS A 60 -22.92 6.42 -7.70
C LYS A 60 -22.33 7.76 -7.27
N SER A 61 -23.19 8.73 -6.96
CA SER A 61 -22.76 10.07 -6.55
C SER A 61 -22.48 10.13 -5.06
N THR A 62 -23.02 9.19 -4.27
CA THR A 62 -22.83 9.17 -2.83
C THR A 62 -21.44 8.77 -2.36
N VAL A 63 -21.02 7.53 -2.63
CA VAL A 63 -19.71 7.04 -2.26
C VAL A 63 -18.62 7.85 -2.98
N GLN A 64 -18.95 8.38 -4.16
CA GLN A 64 -18.07 9.29 -4.87
C GLN A 64 -17.83 10.55 -4.02
N ASN A 65 -18.85 11.01 -3.31
CA ASN A 65 -18.76 12.17 -2.43
C ASN A 65 -18.10 11.80 -1.10
N GLU A 66 -18.18 10.54 -0.68
CA GLU A 66 -17.53 10.11 0.56
C GLU A 66 -16.02 9.99 0.35
N ILE A 67 -15.60 9.50 -0.82
CA ILE A 67 -14.18 9.38 -1.14
C ILE A 67 -13.58 10.76 -1.41
N LEU A 68 -14.40 11.68 -1.94
CA LEU A 68 -13.95 13.03 -2.24
C LEU A 68 -13.56 13.78 -0.96
N GLY A 69 -14.17 13.41 0.16
CA GLY A 69 -13.87 14.02 1.45
C GLY A 69 -12.84 13.22 2.24
N ASP A 70 -12.61 11.95 1.86
CA ASP A 70 -11.69 11.08 2.55
C ASP A 70 -10.21 11.26 2.19
N LEU A 71 -9.94 12.27 1.37
CA LEU A 71 -8.59 12.56 0.90
C LEU A 71 -8.08 13.87 1.51
N GLY A 72 -8.97 14.78 1.89
CA GLY A 72 -8.58 16.03 2.52
C GLY A 72 -8.13 15.78 3.96
N LYS A 73 -8.69 14.74 4.59
CA LYS A 73 -8.36 14.31 5.95
C LYS A 73 -7.00 13.59 6.00
N GLU A 74 -6.41 13.30 4.83
CA GLU A 74 -5.23 12.47 4.74
C GLU A 74 -4.08 13.18 4.01
N PHE A 75 -4.39 14.08 3.08
CA PHE A 75 -3.39 14.82 2.32
C PHE A 75 -3.34 16.29 2.68
N GLY A 76 -4.16 16.70 3.66
CA GLY A 76 -4.30 18.07 4.10
C GLY A 76 -5.14 18.90 3.13
N THR A 77 -5.31 18.42 1.90
CA THR A 77 -6.10 19.07 0.87
C THR A 77 -6.41 18.13 -0.29
N THR A 78 -7.15 18.62 -1.29
CA THR A 78 -7.50 17.86 -2.48
C THR A 78 -7.41 18.83 -3.65
N PRO A 79 -7.13 18.30 -4.85
CA PRO A 79 -7.03 19.09 -6.08
C PRO A 79 -8.41 19.58 -6.50
N GLU A 80 -8.47 20.23 -7.66
CA GLU A 80 -9.69 20.89 -8.13
C GLU A 80 -10.64 19.96 -8.86
N LYS A 81 -10.19 18.73 -9.12
CA LYS A 81 -10.92 17.77 -9.94
C LYS A 81 -10.63 16.30 -9.60
N PRO A 82 -10.49 15.93 -8.32
CA PRO A 82 -10.12 14.59 -7.92
C PRO A 82 -11.17 13.55 -8.33
N GLU A 83 -12.46 13.93 -8.27
CA GLU A 83 -13.53 13.02 -8.66
C GLU A 83 -13.65 12.88 -10.17
N GLU A 84 -12.77 13.55 -10.94
CA GLU A 84 -12.76 13.48 -12.39
C GLU A 84 -11.36 13.11 -12.91
N THR A 85 -10.49 12.62 -12.02
CA THR A 85 -9.13 12.24 -12.36
C THR A 85 -8.90 10.76 -12.04
N PRO A 86 -8.29 9.99 -12.95
CA PRO A 86 -8.00 8.59 -12.74
C PRO A 86 -6.95 8.45 -11.64
N LEU A 87 -7.00 7.34 -10.88
CA LEU A 87 -6.09 7.17 -9.77
C LEU A 87 -4.63 7.09 -10.22
N GLU A 88 -4.40 6.74 -11.50
CA GLU A 88 -3.05 6.59 -12.03
C GLU A 88 -2.39 7.97 -12.18
N GLU A 89 -3.20 9.04 -12.23
CA GLU A 89 -2.70 10.41 -12.30
C GLU A 89 -3.00 11.17 -11.00
N LEU A 90 -4.07 10.80 -10.30
CA LEU A 90 -4.49 11.53 -9.12
C LEU A 90 -3.54 11.30 -7.95
N ALA A 91 -3.08 10.06 -7.79
CA ALA A 91 -2.13 9.73 -6.74
C ALA A 91 -0.80 10.47 -6.95
N GLU A 92 -0.46 10.78 -8.21
CA GLU A 92 0.74 11.55 -8.51
C GLU A 92 0.52 13.03 -8.19
N THR A 93 -0.75 13.46 -8.15
CA THR A 93 -1.09 14.82 -7.72
C THR A 93 -1.04 14.99 -6.20
N PHE A 94 -1.29 13.90 -5.47
CA PHE A 94 -1.21 13.91 -4.03
C PHE A 94 0.19 13.92 -3.43
N GLN A 95 1.16 13.33 -4.15
CA GLN A 95 2.54 13.27 -3.70
C GLN A 95 3.19 14.66 -3.75
N ASP A 96 2.58 15.62 -4.44
CA ASP A 96 3.10 16.96 -4.58
C ASP A 96 2.99 17.68 -3.24
N THR A 97 2.14 17.18 -2.34
CA THR A 97 1.90 17.82 -1.05
C THR A 97 1.81 16.87 0.14
N PHE A 98 2.02 15.57 -0.10
CA PHE A 98 1.96 14.56 0.94
C PHE A 98 3.03 14.68 2.02
N SER A 99 2.70 14.28 3.26
CA SER A 99 3.59 14.46 4.40
C SER A 99 4.76 13.46 4.42
N GLY A 100 4.81 12.53 3.46
CA GLY A 100 5.86 11.50 3.42
C GLY A 100 5.59 10.40 4.44
N ALA A 101 4.52 10.54 5.22
CA ALA A 101 4.09 9.58 6.22
C ALA A 101 2.59 9.69 6.40
N LEU A 102 1.99 8.65 6.95
CA LEU A 102 0.54 8.49 7.00
C LEU A 102 -0.15 9.60 7.77
N GLY A 103 -1.27 10.09 7.22
CA GLY A 103 -2.11 11.09 7.84
C GLY A 103 -3.01 10.44 8.89
N LYS A 104 -3.86 11.24 9.53
CA LYS A 104 -4.71 10.76 10.61
C LYS A 104 -5.81 9.83 10.10
N GLN A 105 -6.09 9.80 8.79
CA GLN A 105 -7.17 9.00 8.27
C GLN A 105 -6.69 7.58 7.98
N SER A 106 -5.61 7.43 7.21
CA SER A 106 -5.14 6.10 6.84
C SER A 106 -4.44 5.42 8.01
N SER A 107 -3.81 6.19 8.90
CA SER A 107 -3.09 5.62 10.03
C SER A 107 -4.05 5.07 11.08
N SER A 108 -5.28 5.58 11.12
CA SER A 108 -6.29 5.14 12.07
C SER A 108 -6.97 3.87 11.58
N LEU A 109 -7.05 3.71 10.24
CA LEU A 109 -7.68 2.55 9.63
C LEU A 109 -6.82 1.31 9.78
N LEU A 110 -5.54 1.47 10.13
CA LEU A 110 -4.62 0.34 10.26
C LEU A 110 -4.96 -0.49 11.49
N SER A 111 -5.43 0.17 12.56
CA SER A 111 -5.71 -0.51 13.80
C SER A 111 -7.10 -1.12 13.81
N ARG A 112 -7.94 -0.81 12.79
CA ARG A 112 -9.27 -1.40 12.69
C ARG A 112 -9.15 -2.85 12.25
N LEU A 113 -8.10 -3.18 11.49
CA LEU A 113 -7.87 -4.53 11.00
C LEU A 113 -7.58 -5.47 12.16
N ILE A 114 -6.96 -4.95 13.22
CA ILE A 114 -6.62 -5.70 14.44
C ILE A 114 -7.88 -6.17 15.17
N SER A 115 -9.06 -5.65 14.80
CA SER A 115 -10.31 -6.02 15.45
C SER A 115 -11.39 -6.41 14.44
N SER A 116 -11.20 -6.06 13.16
CA SER A 116 -12.19 -6.36 12.13
C SER A 116 -12.18 -7.83 11.73
N LYS A 117 -11.00 -8.46 11.72
CA LYS A 117 -10.85 -9.86 11.32
C LYS A 117 -9.77 -10.59 12.13
N MET A 118 -8.81 -9.87 12.70
CA MET A 118 -7.65 -10.46 13.36
C MET A 118 -8.02 -11.08 14.71
N PRO A 119 -7.21 -12.05 15.16
CA PRO A 119 -7.32 -12.65 16.49
C PRO A 119 -6.87 -11.65 17.56
N GLY A 120 -6.73 -12.08 18.82
CA GLY A 120 -6.31 -11.22 19.91
C GLY A 120 -4.92 -11.57 20.44
N GLY A 121 -4.23 -10.60 21.06
CA GLY A 121 -2.93 -10.81 21.68
C GLY A 121 -1.81 -9.96 21.04
N PHE A 122 -2.14 -9.08 20.12
CA PHE A 122 -1.18 -8.26 19.39
C PHE A 122 -1.66 -6.85 19.04
N THR A 123 -0.72 -5.90 18.87
CA THR A 123 -1.05 -4.50 18.61
C THR A 123 -0.26 -3.85 17.49
N ILE A 124 -0.73 -2.69 17.03
CA ILE A 124 -0.06 -1.99 15.95
C ILE A 124 1.27 -1.40 16.42
N THR A 125 1.43 -1.13 17.71
CA THR A 125 2.64 -0.49 18.20
C THR A 125 3.79 -1.48 18.07
N VAL A 126 3.54 -2.76 18.35
CA VAL A 126 4.55 -3.79 18.22
C VAL A 126 4.78 -4.23 16.78
N ALA A 127 3.96 -3.72 15.85
CA ALA A 127 4.09 -4.02 14.44
C ALA A 127 5.19 -3.17 13.80
N ARG A 128 5.36 -1.92 14.27
CA ARG A 128 6.41 -1.05 13.75
C ARG A 128 7.73 -1.34 14.47
N LYS A 129 7.62 -1.81 15.72
CA LYS A 129 8.76 -2.14 16.58
C LYS A 129 9.52 -3.38 16.11
N TYR A 130 8.97 -4.12 15.14
CA TYR A 130 9.54 -5.37 14.67
C TYR A 130 9.70 -5.55 13.17
N LEU A 131 9.59 -4.47 12.40
CA LEU A 131 9.64 -4.55 10.94
C LEU A 131 11.00 -4.14 10.42
N GLN A 132 11.67 -3.22 11.13
CA GLN A 132 12.99 -2.75 10.75
C GLN A 132 14.10 -3.68 11.24
N THR A 133 13.77 -4.55 12.20
CA THR A 133 14.72 -5.47 12.80
C THR A 133 14.85 -6.82 12.08
N ARG A 134 14.10 -7.00 10.98
CA ARG A 134 14.09 -8.24 10.23
C ARG A 134 14.10 -8.00 8.72
N TRP A 135 13.93 -6.76 8.27
CA TRP A 135 13.93 -6.44 6.84
C TRP A 135 14.68 -5.16 6.51
N GLY A 136 15.24 -4.49 7.51
CA GLY A 136 16.09 -3.32 7.32
C GLY A 136 15.34 -2.08 6.83
N LEU A 137 14.00 -2.14 6.78
CA LEU A 137 13.21 -1.02 6.26
C LEU A 137 13.37 0.22 7.14
N PRO A 138 13.93 1.31 6.60
CA PRO A 138 14.11 2.56 7.32
C PRO A 138 12.77 3.21 7.67
N SER A 139 12.80 4.21 8.55
CA SER A 139 11.61 4.87 9.06
C SER A 139 10.78 5.55 7.98
N GLY A 140 11.35 5.81 6.80
CA GLY A 140 10.60 6.45 5.73
C GLY A 140 9.79 5.42 4.92
N ARG A 141 10.05 4.13 5.14
CA ARG A 141 9.44 3.06 4.34
C ARG A 141 8.62 2.08 5.19
N GLN A 142 8.76 2.13 6.52
CA GLN A 142 7.92 1.32 7.39
C GLN A 142 6.46 1.71 7.22
N ASP A 143 6.21 3.00 6.91
CA ASP A 143 4.87 3.50 6.69
C ASP A 143 4.21 3.02 5.39
N GLY A 144 5.00 2.47 4.47
CA GLY A 144 4.48 1.97 3.20
C GLY A 144 3.98 0.53 3.31
N VAL A 145 4.50 -0.24 4.25
CA VAL A 145 4.11 -1.64 4.39
C VAL A 145 2.77 -1.79 5.12
N LEU A 146 2.48 -0.87 6.06
CA LEU A 146 1.23 -0.93 6.80
C LEU A 146 0.05 -0.61 5.89
N LEU A 147 0.29 0.15 4.80
CA LEU A 147 -0.76 0.46 3.86
C LEU A 147 -1.16 -0.80 3.08
N VAL A 148 -0.21 -1.71 2.86
CA VAL A 148 -0.48 -2.95 2.15
C VAL A 148 -1.13 -3.96 3.09
N ALA A 149 -0.85 -3.88 4.38
CA ALA A 149 -1.43 -4.80 5.35
C ALA A 149 -2.93 -4.57 5.45
N LEU A 150 -3.36 -3.32 5.25
CA LEU A 150 -4.76 -2.96 5.34
C LEU A 150 -5.54 -3.48 4.14
N SER A 151 -4.86 -3.63 2.99
CA SER A 151 -5.51 -4.10 1.77
C SER A 151 -5.60 -5.63 1.77
N ASN A 152 -4.74 -6.32 2.53
CA ASN A 152 -4.71 -7.76 2.57
C ASN A 152 -5.88 -8.30 3.39
N GLU A 153 -6.03 -7.79 4.62
CA GLU A 153 -7.12 -8.11 5.54
C GLU A 153 -7.54 -9.59 5.47
N PRO A 154 -6.73 -10.51 6.00
CA PRO A 154 -7.06 -11.93 5.99
C PRO A 154 -8.24 -12.22 6.90
N ALA A 155 -9.21 -12.98 6.41
CA ALA A 155 -10.37 -13.37 7.20
C ALA A 155 -10.00 -14.47 8.19
N ALA A 156 -9.03 -15.31 7.81
CA ALA A 156 -8.49 -16.37 8.65
C ALA A 156 -7.17 -16.85 8.07
N ARG A 157 -6.06 -16.54 8.75
CA ARG A 157 -4.71 -16.93 8.33
C ARG A 157 -3.82 -17.18 9.53
N LEU A 158 -4.32 -16.89 10.74
CA LEU A 158 -3.58 -17.01 11.98
C LEU A 158 -4.53 -17.54 13.05
N GLY A 159 -4.05 -18.48 13.87
CA GLY A 159 -4.84 -19.04 14.95
C GLY A 159 -4.65 -18.27 16.25
N SER A 160 -3.68 -17.34 16.26
CA SER A 160 -3.39 -16.48 17.39
C SER A 160 -2.69 -15.23 16.90
N GLU A 161 -2.93 -14.08 17.56
CA GLU A 161 -2.38 -12.83 17.08
C GLU A 161 -0.91 -12.69 17.46
N ALA A 162 -0.40 -13.55 18.36
CA ALA A 162 1.02 -13.55 18.68
C ALA A 162 1.82 -13.97 17.45
N ASP A 163 1.18 -14.68 16.52
CA ASP A 163 1.77 -15.06 15.24
C ASP A 163 1.58 -13.99 14.16
N ALA A 164 0.78 -12.96 14.45
CA ALA A 164 0.53 -11.89 13.50
C ALA A 164 1.77 -11.00 13.32
N LYS A 165 2.72 -11.08 14.26
CA LYS A 165 3.99 -10.38 14.12
C LYS A 165 4.83 -11.06 13.04
N ALA A 166 4.64 -12.36 12.87
CA ALA A 166 5.31 -13.12 11.81
C ALA A 166 4.57 -12.92 10.49
N PHE A 167 3.32 -12.45 10.53
CA PHE A 167 2.58 -12.12 9.32
C PHE A 167 3.07 -10.88 8.58
N LEU A 168 3.74 -9.97 9.31
CA LEU A 168 4.32 -8.76 8.74
C LEU A 168 5.51 -9.11 7.86
N ASP A 169 6.11 -10.29 8.10
CA ASP A 169 7.21 -10.77 7.27
C ASP A 169 6.83 -11.00 5.82
N SER A 170 5.54 -11.24 5.56
CA SER A 170 5.03 -11.37 4.22
C SER A 170 4.71 -10.01 3.61
N MET A 171 4.18 -9.10 4.43
CA MET A 171 3.73 -7.79 3.95
C MET A 171 4.89 -6.97 3.39
N ALA A 172 6.11 -7.22 3.88
CA ALA A 172 7.28 -6.50 3.40
C ALA A 172 7.54 -6.86 1.94
N GLN A 173 7.18 -8.08 1.53
CA GLN A 173 7.36 -8.52 0.15
C GLN A 173 6.18 -8.08 -0.70
N LYS A 174 4.99 -7.96 -0.09
CA LYS A 174 3.81 -7.47 -0.80
C LYS A 174 4.05 -6.03 -1.22
N TYR A 175 4.68 -5.24 -0.34
CA TYR A 175 5.05 -3.88 -0.65
C TYR A 175 6.17 -3.73 -1.69
N ALA A 176 7.20 -4.57 -1.59
CA ALA A 176 8.36 -4.46 -2.46
C ALA A 176 8.01 -4.75 -3.92
N SER A 177 6.92 -5.48 -4.16
CA SER A 177 6.46 -5.79 -5.50
C SER A 177 5.82 -4.56 -6.15
N ILE A 178 5.37 -3.60 -5.32
CA ILE A 178 4.68 -2.41 -5.80
C ILE A 178 5.67 -1.29 -6.07
N VAL A 179 6.66 -1.11 -5.18
CA VAL A 179 7.67 -0.08 -5.32
C VAL A 179 8.83 -0.53 -6.20
N GLY A 180 8.99 -1.85 -6.40
CA GLY A 180 10.01 -2.40 -7.27
C GLY A 180 11.34 -2.67 -6.56
N VAL A 181 11.41 -2.43 -5.25
CA VAL A 181 12.62 -2.69 -4.47
C VAL A 181 12.84 -4.17 -4.20
N ASP A 182 13.92 -4.46 -3.48
CA ASP A 182 14.26 -5.82 -3.07
C ASP A 182 14.84 -5.73 -1.66
N LEU A 183 14.48 -6.69 -0.81
CA LEU A 183 14.82 -6.68 0.61
C LEU A 183 16.20 -7.28 0.84
N MET A 1 14.05 -42.43 -0.83
CA MET A 1 15.01 -41.36 -0.54
C MET A 1 16.27 -41.53 -1.38
N GLY A 2 17.08 -40.48 -1.46
CA GLY A 2 18.33 -40.51 -2.23
C GLY A 2 19.05 -39.16 -2.15
N SER A 3 20.22 -39.07 -2.80
CA SER A 3 21.04 -37.88 -2.82
C SER A 3 21.78 -37.74 -4.15
N SER A 4 22.28 -36.55 -4.42
CA SER A 4 23.04 -36.26 -5.63
C SER A 4 24.40 -36.96 -5.60
N HIS A 5 25.03 -37.09 -6.77
CA HIS A 5 26.35 -37.70 -6.90
C HIS A 5 27.43 -36.83 -6.28
N HIS A 6 28.58 -37.43 -5.98
CA HIS A 6 29.72 -36.73 -5.39
C HIS A 6 30.40 -35.85 -6.42
N HIS A 7 31.15 -34.84 -5.96
CA HIS A 7 31.87 -33.91 -6.81
C HIS A 7 33.05 -33.31 -6.04
N HIS A 8 34.10 -32.92 -6.76
CA HIS A 8 35.29 -32.33 -6.15
C HIS A 8 35.04 -30.87 -5.76
N HIS A 9 35.85 -30.36 -4.82
CA HIS A 9 35.74 -28.99 -4.34
C HIS A 9 36.14 -28.00 -5.43
N HIS A 10 35.63 -26.76 -5.32
CA HIS A 10 35.91 -25.70 -6.27
C HIS A 10 35.73 -24.34 -5.61
N GLU A 11 36.42 -23.34 -6.14
CA GLU A 11 36.41 -21.97 -5.62
C GLU A 11 35.10 -21.25 -5.85
N ASN A 12 34.98 -20.08 -5.20
CA ASN A 12 33.79 -19.28 -5.26
C ASN A 12 33.57 -18.69 -6.66
N LEU A 13 32.32 -18.31 -6.96
CA LEU A 13 31.98 -17.67 -8.22
C LEU A 13 32.50 -16.23 -8.25
N TYR A 14 32.58 -15.66 -9.45
CA TYR A 14 33.03 -14.29 -9.63
C TYR A 14 32.11 -13.21 -9.08
N PHE A 15 32.63 -11.99 -8.94
CA PHE A 15 31.88 -10.85 -8.46
C PHE A 15 30.69 -10.42 -9.33
N GLN A 16 29.68 -9.79 -8.71
CA GLN A 16 28.48 -9.35 -9.39
C GLN A 16 27.96 -8.06 -8.76
N SER A 17 27.10 -7.33 -9.49
CA SER A 17 26.52 -6.09 -8.99
C SER A 17 25.50 -6.36 -7.89
N ASN A 18 25.23 -5.33 -7.06
CA ASN A 18 24.29 -5.43 -5.96
C ASN A 18 23.77 -4.05 -5.56
N ALA A 19 22.69 -4.04 -4.76
CA ALA A 19 22.11 -2.82 -4.23
C ALA A 19 21.32 -3.14 -2.96
N GLU A 20 21.02 -2.09 -2.18
CA GLU A 20 20.27 -2.20 -0.94
C GLU A 20 19.31 -1.02 -0.79
N ILE A 21 18.35 -1.14 0.13
CA ILE A 21 17.38 -0.10 0.40
C ILE A 21 18.07 1.10 1.08
N ALA A 22 17.49 2.29 0.91
CA ALA A 22 18.01 3.51 1.50
C ALA A 22 16.87 4.39 2.00
N ASP A 23 17.20 5.36 2.87
CA ASP A 23 16.21 6.23 3.47
C ASP A 23 15.37 6.98 2.44
N GLU A 24 14.09 6.62 2.37
CA GLU A 24 13.16 7.21 1.41
C GLU A 24 11.73 7.19 1.97
N PRO A 25 10.99 8.29 1.87
CA PRO A 25 9.64 8.42 2.41
C PRO A 25 8.61 7.67 1.56
N VAL A 26 7.38 7.60 2.06
CA VAL A 26 6.25 7.01 1.36
C VAL A 26 5.83 7.93 0.20
N LYS A 27 5.10 7.39 -0.77
CA LYS A 27 4.59 8.15 -1.90
C LYS A 27 3.08 8.02 -1.98
N ALA A 28 2.41 9.09 -2.43
CA ALA A 28 0.96 9.11 -2.49
C ALA A 28 0.43 8.07 -3.47
N SER A 29 1.29 7.57 -4.37
CA SER A 29 0.91 6.59 -5.37
C SER A 29 0.42 5.28 -4.75
N LEU A 30 0.93 4.94 -3.57
CA LEU A 30 0.50 3.75 -2.83
C LEU A 30 -0.57 4.12 -1.83
N LEU A 31 -0.44 5.28 -1.19
CA LEU A 31 -1.36 5.68 -0.13
C LEU A 31 -2.76 5.93 -0.69
N LEU A 32 -2.85 6.67 -1.79
CA LEU A 32 -4.11 6.97 -2.45
C LEU A 32 -4.78 5.66 -2.87
N HIS A 33 -3.99 4.75 -3.44
CA HIS A 33 -4.45 3.47 -3.93
C HIS A 33 -5.12 2.64 -2.82
N VAL A 34 -4.64 2.74 -1.58
CA VAL A 34 -5.18 1.95 -0.47
C VAL A 34 -6.48 2.58 0.03
N LEU A 35 -6.59 3.92 0.02
CA LEU A 35 -7.77 4.57 0.56
C LEU A 35 -9.01 4.24 -0.26
N VAL A 36 -8.85 4.00 -1.56
CA VAL A 36 -9.95 3.60 -2.42
C VAL A 36 -10.20 2.11 -2.25
N ALA A 37 -9.13 1.33 -2.17
CA ALA A 37 -9.23 -0.12 -2.08
C ALA A 37 -9.97 -0.54 -0.82
N HIS A 38 -9.68 0.09 0.32
CA HIS A 38 -10.28 -0.29 1.58
C HIS A 38 -11.75 0.12 1.67
N LYS A 39 -12.11 1.25 1.05
CA LYS A 39 -13.48 1.74 1.06
C LYS A 39 -14.39 0.83 0.24
N LEU A 40 -13.82 0.12 -0.73
CA LEU A 40 -14.55 -0.79 -1.60
C LEU A 40 -14.23 -2.24 -1.27
N LYS A 41 -13.52 -2.47 -0.17
CA LYS A 41 -13.17 -3.79 0.33
C LYS A 41 -12.35 -4.60 -0.69
N LYS A 42 -11.67 -3.92 -1.61
CA LYS A 42 -10.87 -4.55 -2.65
C LYS A 42 -9.38 -4.54 -2.29
N SER A 43 -8.60 -5.34 -3.02
CA SER A 43 -7.15 -5.35 -2.90
C SER A 43 -6.55 -4.46 -3.98
N LEU A 44 -5.29 -4.05 -3.82
CA LEU A 44 -4.62 -3.23 -4.81
C LEU A 44 -4.50 -3.97 -6.14
N ASP A 45 -4.60 -5.30 -6.10
CA ASP A 45 -4.53 -6.15 -7.29
C ASP A 45 -5.88 -6.14 -8.01
N SER A 46 -6.91 -5.53 -7.42
CA SER A 46 -8.24 -5.48 -7.99
C SER A 46 -8.73 -4.04 -8.19
N ILE A 47 -7.85 -3.07 -7.99
CA ILE A 47 -8.14 -1.66 -8.22
C ILE A 47 -7.27 -1.16 -9.37
N PRO A 48 -7.82 -1.09 -10.59
CA PRO A 48 -7.11 -0.54 -11.73
C PRO A 48 -6.99 0.97 -11.54
N MET A 49 -5.78 1.50 -11.65
CA MET A 49 -5.57 2.92 -11.49
C MET A 49 -6.08 3.67 -12.72
N SER A 50 -6.31 2.94 -13.82
CA SER A 50 -6.71 3.53 -15.09
C SER A 50 -8.20 3.89 -15.10
N LYS A 51 -8.85 3.86 -13.93
CA LYS A 51 -10.29 4.10 -13.82
C LYS A 51 -10.59 5.22 -12.85
N THR A 52 -11.65 5.98 -13.16
CA THR A 52 -12.16 7.04 -12.31
C THR A 52 -12.93 6.55 -11.09
N ILE A 53 -12.93 7.32 -10.00
CA ILE A 53 -13.65 6.91 -8.79
C ILE A 53 -15.13 6.71 -9.11
N LYS A 54 -15.69 7.48 -10.05
CA LYS A 54 -17.08 7.36 -10.43
C LYS A 54 -17.35 6.08 -11.23
N ASP A 55 -16.30 5.44 -11.76
CA ASP A 55 -16.47 4.23 -12.56
C ASP A 55 -16.32 3.03 -11.62
N LEU A 56 -15.63 3.20 -10.48
CA LEU A 56 -15.45 2.13 -9.49
C LEU A 56 -16.71 1.94 -8.65
N VAL A 57 -17.40 3.04 -8.33
CA VAL A 57 -18.60 3.02 -7.49
C VAL A 57 -19.91 2.92 -8.28
N GLY A 58 -19.84 2.72 -9.60
CA GLY A 58 -21.04 2.54 -10.40
C GLY A 58 -21.79 3.84 -10.67
N GLY A 59 -21.13 4.98 -10.48
CA GLY A 59 -21.72 6.29 -10.73
C GLY A 59 -22.37 6.91 -9.49
N LYS A 60 -22.24 6.27 -8.33
CA LYS A 60 -22.76 6.80 -7.07
C LYS A 60 -22.12 8.14 -6.73
N SER A 61 -22.92 9.04 -6.13
CA SER A 61 -22.41 10.32 -5.66
C SER A 61 -22.07 10.24 -4.17
N THR A 62 -22.81 9.42 -3.42
CA THR A 62 -22.62 9.30 -1.97
C THR A 62 -21.31 8.68 -1.53
N VAL A 63 -21.09 7.38 -1.83
CA VAL A 63 -19.87 6.70 -1.44
C VAL A 63 -18.66 7.36 -2.12
N GLN A 64 -18.86 7.94 -3.30
CA GLN A 64 -17.78 8.68 -3.95
C GLN A 64 -17.42 9.92 -3.12
N ASN A 65 -18.41 10.55 -2.49
CA ASN A 65 -18.17 11.70 -1.62
C ASN A 65 -17.53 11.25 -0.30
N GLU A 66 -17.75 10.00 0.09
CA GLU A 66 -17.10 9.46 1.29
C GLU A 66 -15.64 9.15 1.00
N ILE A 67 -15.30 8.86 -0.27
CA ILE A 67 -13.92 8.66 -0.68
C ILE A 67 -13.21 10.01 -0.77
N LEU A 68 -13.79 10.94 -1.53
CA LEU A 68 -13.17 12.22 -1.81
C LEU A 68 -12.97 13.03 -0.53
N GLY A 69 -13.84 12.84 0.46
CA GLY A 69 -13.75 13.58 1.69
C GLY A 69 -12.63 13.08 2.59
N ASP A 70 -12.20 11.83 2.39
CA ASP A 70 -11.10 11.25 3.15
C ASP A 70 -9.70 11.68 2.69
N LEU A 71 -9.57 12.09 1.43
CA LEU A 71 -8.28 12.56 0.93
C LEU A 71 -7.97 13.93 1.51
N GLY A 72 -8.98 14.71 1.88
CA GLY A 72 -8.76 16.03 2.44
C GLY A 72 -8.22 15.93 3.87
N LYS A 73 -8.55 14.84 4.57
CA LYS A 73 -8.08 14.59 5.93
C LYS A 73 -6.71 13.92 5.93
N GLU A 74 -6.35 13.26 4.82
CA GLU A 74 -5.09 12.54 4.71
C GLU A 74 -3.99 13.41 4.11
N PHE A 75 -4.31 14.21 3.10
CA PHE A 75 -3.34 15.02 2.38
C PHE A 75 -3.44 16.51 2.70
N GLY A 76 -4.33 16.85 3.63
CA GLY A 76 -4.60 18.21 4.05
C GLY A 76 -5.50 18.94 3.05
N THR A 77 -5.59 18.43 1.80
CA THR A 77 -6.43 19.01 0.77
C THR A 77 -6.60 18.07 -0.42
N THR A 78 -7.43 18.47 -1.39
CA THR A 78 -7.67 17.72 -2.62
C THR A 78 -7.58 18.63 -3.85
N PRO A 79 -7.17 18.07 -4.99
CA PRO A 79 -6.97 18.79 -6.23
C PRO A 79 -8.31 19.10 -6.91
N GLU A 80 -8.24 19.66 -8.12
CA GLU A 80 -9.41 20.03 -8.89
C GLU A 80 -10.11 18.78 -9.44
N LYS A 81 -11.43 18.88 -9.59
CA LYS A 81 -12.31 17.87 -10.19
C LYS A 81 -11.84 16.42 -9.97
N PRO A 82 -11.58 16.02 -8.72
CA PRO A 82 -11.05 14.70 -8.41
C PRO A 82 -12.09 13.61 -8.70
N GLU A 83 -13.36 14.01 -8.82
CA GLU A 83 -14.45 13.12 -9.17
C GLU A 83 -14.31 12.58 -10.59
N GLU A 84 -13.62 13.33 -11.46
CA GLU A 84 -13.47 12.99 -12.87
C GLU A 84 -12.00 12.69 -13.23
N THR A 85 -11.20 12.33 -12.23
CA THR A 85 -9.79 12.01 -12.40
C THR A 85 -9.46 10.56 -12.08
N PRO A 86 -8.75 9.84 -12.97
CA PRO A 86 -8.37 8.46 -12.75
C PRO A 86 -7.32 8.38 -11.64
N LEU A 87 -7.30 7.26 -10.92
CA LEU A 87 -6.40 7.10 -9.78
C LEU A 87 -4.93 7.08 -10.23
N GLU A 88 -4.66 6.71 -11.48
CA GLU A 88 -3.30 6.63 -11.99
C GLU A 88 -2.71 8.03 -12.18
N GLU A 89 -3.57 9.05 -12.29
CA GLU A 89 -3.13 10.44 -12.39
C GLU A 89 -3.44 11.22 -11.11
N LEU A 90 -4.45 10.80 -10.35
CA LEU A 90 -4.86 11.54 -9.16
C LEU A 90 -3.83 11.40 -8.05
N ALA A 91 -3.31 10.18 -7.87
CA ALA A 91 -2.29 9.94 -6.86
C ALA A 91 -0.99 10.70 -7.17
N GLU A 92 -0.69 10.92 -8.46
CA GLU A 92 0.48 11.69 -8.86
C GLU A 92 0.31 13.15 -8.45
N THR A 93 -0.94 13.61 -8.30
CA THR A 93 -1.24 14.95 -7.83
C THR A 93 -1.12 15.09 -6.31
N PHE A 94 -1.32 14.00 -5.58
CA PHE A 94 -1.20 13.99 -4.14
C PHE A 94 0.23 14.03 -3.59
N GLN A 95 1.18 13.45 -4.32
CA GLN A 95 2.58 13.42 -3.91
C GLN A 95 3.21 14.80 -4.03
N ASP A 96 2.54 15.73 -4.70
CA ASP A 96 3.03 17.10 -4.90
C ASP A 96 2.98 17.83 -3.56
N THR A 97 2.21 17.31 -2.61
CA THR A 97 2.02 17.95 -1.31
C THR A 97 2.03 17.00 -0.12
N PHE A 98 2.28 15.71 -0.36
CA PHE A 98 2.30 14.71 0.69
C PHE A 98 3.52 14.85 1.63
N SER A 99 3.32 14.57 2.92
CA SER A 99 4.35 14.80 3.94
C SER A 99 5.38 13.66 4.00
N GLY A 100 5.24 12.64 3.15
CA GLY A 100 6.16 11.52 3.13
C GLY A 100 5.87 10.48 4.23
N ALA A 101 4.82 10.72 5.02
CA ALA A 101 4.38 9.83 6.07
C ALA A 101 2.87 9.92 6.23
N LEU A 102 2.27 8.88 6.82
CA LEU A 102 0.82 8.76 6.96
C LEU A 102 0.20 9.99 7.61
N GLY A 103 -0.92 10.45 7.04
CA GLY A 103 -1.72 11.51 7.60
C GLY A 103 -2.56 10.97 8.76
N LYS A 104 -3.32 11.83 9.43
CA LYS A 104 -4.11 11.43 10.59
C LYS A 104 -5.23 10.47 10.22
N GLN A 105 -5.62 10.40 8.94
CA GLN A 105 -6.71 9.54 8.53
C GLN A 105 -6.20 8.13 8.28
N SER A 106 -5.17 8.00 7.43
CA SER A 106 -4.65 6.69 7.05
C SER A 106 -3.90 6.05 8.21
N SER A 107 -3.22 6.85 9.04
CA SER A 107 -2.46 6.33 10.17
C SER A 107 -3.39 5.70 11.21
N SER A 108 -4.62 6.22 11.31
CA SER A 108 -5.61 5.67 12.22
C SER A 108 -6.28 4.45 11.61
N LEU A 109 -6.42 4.44 10.29
CA LEU A 109 -7.02 3.33 9.55
C LEU A 109 -6.17 2.07 9.63
N LEU A 110 -4.93 2.16 10.13
CA LEU A 110 -4.08 0.98 10.23
C LEU A 110 -4.52 0.12 11.40
N SER A 111 -5.05 0.76 12.45
CA SER A 111 -5.53 0.05 13.62
C SER A 111 -6.92 -0.51 13.36
N ARG A 112 -7.60 -0.02 12.31
CA ARG A 112 -8.92 -0.52 11.95
C ARG A 112 -8.83 -1.90 11.33
N LEU A 113 -7.68 -2.24 10.71
CA LEU A 113 -7.48 -3.57 10.17
C LEU A 113 -7.53 -4.58 11.33
N ILE A 114 -6.93 -4.18 12.45
CA ILE A 114 -6.82 -5.03 13.62
C ILE A 114 -8.19 -5.27 14.27
N SER A 115 -9.22 -4.52 13.85
CA SER A 115 -10.56 -4.63 14.41
C SER A 115 -11.59 -5.02 13.34
N SER A 116 -11.26 -4.85 12.06
CA SER A 116 -12.18 -5.13 10.97
C SER A 116 -12.25 -6.61 10.60
N LYS A 117 -11.22 -7.39 10.95
CA LYS A 117 -11.18 -8.80 10.55
C LYS A 117 -10.20 -9.64 11.40
N MET A 118 -9.21 -9.00 12.03
CA MET A 118 -8.18 -9.68 12.79
C MET A 118 -8.75 -10.48 13.97
N PRO A 119 -8.08 -11.58 14.34
CA PRO A 119 -8.33 -12.33 15.56
C PRO A 119 -7.87 -11.49 16.77
N GLY A 120 -7.84 -12.09 17.98
CA GLY A 120 -7.42 -11.39 19.19
C GLY A 120 -6.09 -11.92 19.74
N GLY A 121 -5.38 -11.07 20.50
CA GLY A 121 -4.13 -11.45 21.15
C GLY A 121 -2.90 -10.65 20.67
N PHE A 122 -3.11 -9.64 19.83
CA PHE A 122 -2.05 -8.84 19.24
C PHE A 122 -2.39 -7.36 19.00
N THR A 123 -1.39 -6.50 18.90
CA THR A 123 -1.60 -5.05 18.77
C THR A 123 -0.78 -4.36 17.69
N ILE A 124 -1.20 -3.13 17.33
CA ILE A 124 -0.52 -2.36 16.30
C ILE A 124 0.80 -1.80 16.83
N THR A 125 0.98 -1.71 18.14
CA THR A 125 2.22 -1.19 18.70
C THR A 125 3.30 -2.24 18.53
N VAL A 126 2.95 -3.52 18.72
CA VAL A 126 3.89 -4.60 18.52
C VAL A 126 4.10 -4.93 17.05
N ALA A 127 3.31 -4.30 16.18
CA ALA A 127 3.42 -4.47 14.73
C ALA A 127 4.47 -3.53 14.14
N ARG A 128 4.75 -2.40 14.80
CA ARG A 128 5.78 -1.46 14.37
C ARG A 128 6.95 -1.40 15.35
N LYS A 129 6.92 -2.25 16.39
CA LYS A 129 7.97 -2.31 17.40
C LYS A 129 9.34 -2.53 16.75
N TYR A 130 9.38 -3.33 15.68
CA TYR A 130 10.60 -3.58 14.94
C TYR A 130 10.46 -4.01 13.47
N LEU A 131 11.25 -3.38 12.59
CA LEU A 131 11.32 -3.71 11.17
C LEU A 131 12.70 -3.31 10.61
N GLN A 132 13.37 -2.36 11.27
CA GLN A 132 14.67 -1.86 10.82
C GLN A 132 15.79 -2.88 11.07
N THR A 133 15.45 -4.03 11.65
CA THR A 133 16.40 -5.12 11.87
C THR A 133 15.84 -6.49 11.46
N ARG A 134 14.51 -6.58 11.29
CA ARG A 134 13.87 -7.80 10.82
C ARG A 134 13.88 -7.86 9.29
N TRP A 135 13.92 -6.69 8.64
CA TRP A 135 13.99 -6.59 7.18
C TRP A 135 14.88 -5.43 6.71
N GLY A 136 15.47 -4.67 7.64
CA GLY A 136 16.36 -3.57 7.31
C GLY A 136 15.63 -2.35 6.77
N LEU A 137 14.30 -2.32 6.88
CA LEU A 137 13.48 -1.24 6.34
C LEU A 137 13.74 0.08 7.08
N PRO A 138 14.15 1.14 6.37
CA PRO A 138 14.33 2.47 6.95
C PRO A 138 13.04 2.97 7.58
N SER A 139 13.14 3.85 8.59
CA SER A 139 12.00 4.32 9.35
C SER A 139 11.00 5.07 8.47
N GLY A 140 11.48 5.72 7.40
CA GLY A 140 10.63 6.46 6.48
C GLY A 140 9.87 5.54 5.52
N ARG A 141 10.28 4.26 5.43
CA ARG A 141 9.68 3.30 4.52
C ARG A 141 8.72 2.36 5.24
N GLN A 142 8.83 2.24 6.57
CA GLN A 142 7.92 1.40 7.34
C GLN A 142 6.49 1.93 7.29
N ASP A 143 6.33 3.22 6.94
CA ASP A 143 5.02 3.84 6.83
C ASP A 143 4.20 3.36 5.62
N GLY A 144 4.84 2.63 4.69
CA GLY A 144 4.15 2.11 3.52
C GLY A 144 3.82 0.63 3.64
N VAL A 145 4.57 -0.11 4.47
CA VAL A 145 4.39 -1.56 4.58
C VAL A 145 3.17 -1.94 5.41
N LEU A 146 2.77 -1.07 6.33
CA LEU A 146 1.64 -1.31 7.22
C LEU A 146 0.38 -0.73 6.59
N LEU A 147 0.59 0.09 5.56
CA LEU A 147 -0.44 0.73 4.79
C LEU A 147 -0.91 -0.25 3.71
N VAL A 148 -0.01 -1.13 3.25
CA VAL A 148 -0.36 -2.18 2.29
C VAL A 148 -1.15 -3.26 3.04
N ALA A 149 -0.90 -3.43 4.33
CA ALA A 149 -1.54 -4.48 5.12
C ALA A 149 -3.04 -4.23 5.23
N LEU A 150 -3.44 -2.95 5.22
CA LEU A 150 -4.84 -2.59 5.35
C LEU A 150 -5.63 -3.03 4.12
N SER A 151 -4.98 -3.07 2.95
CA SER A 151 -5.64 -3.48 1.71
C SER A 151 -5.70 -5.00 1.60
N ASN A 152 -4.76 -5.71 2.24
CA ASN A 152 -4.69 -7.15 2.19
C ASN A 152 -5.84 -7.77 2.99
N GLU A 153 -5.99 -7.37 4.26
CA GLU A 153 -7.07 -7.78 5.15
C GLU A 153 -7.53 -9.22 4.89
N PRO A 154 -6.73 -10.22 5.28
CA PRO A 154 -7.06 -11.62 5.07
C PRO A 154 -8.29 -12.00 5.88
N ALA A 155 -9.26 -12.67 5.23
CA ALA A 155 -10.48 -13.09 5.88
C ALA A 155 -10.22 -14.29 6.80
N ALA A 156 -9.26 -15.15 6.43
CA ALA A 156 -8.85 -16.28 7.24
C ALA A 156 -7.49 -16.76 6.76
N ARG A 157 -6.44 -16.42 7.53
CA ARG A 157 -5.06 -16.79 7.23
C ARG A 157 -4.27 -17.00 8.52
N LEU A 158 -4.89 -16.72 9.66
CA LEU A 158 -4.28 -16.80 10.97
C LEU A 158 -5.30 -17.38 11.96
N GLY A 159 -4.90 -18.42 12.71
CA GLY A 159 -5.78 -19.03 13.69
C GLY A 159 -5.68 -18.33 15.04
N SER A 160 -4.72 -17.41 15.17
CA SER A 160 -4.52 -16.60 16.36
C SER A 160 -3.79 -15.32 15.98
N GLU A 161 -4.04 -14.22 16.69
CA GLU A 161 -3.45 -12.94 16.33
C GLU A 161 -1.99 -12.89 16.75
N ALA A 162 -1.54 -13.81 17.61
CA ALA A 162 -0.12 -13.88 17.97
C ALA A 162 0.70 -14.27 16.75
N ASP A 163 0.07 -14.90 15.75
CA ASP A 163 0.71 -15.23 14.49
C ASP A 163 0.63 -14.08 13.48
N ALA A 164 -0.15 -13.04 13.80
CA ALA A 164 -0.30 -11.90 12.92
C ALA A 164 0.98 -11.06 12.87
N LYS A 165 1.90 -11.29 13.82
CA LYS A 165 3.20 -10.65 13.80
C LYS A 165 4.06 -11.27 12.69
N ALA A 166 3.87 -12.57 12.44
CA ALA A 166 4.56 -13.27 11.36
C ALA A 166 3.93 -12.92 10.01
N PHE A 167 2.70 -12.38 10.03
CA PHE A 167 2.05 -11.91 8.81
C PHE A 167 2.66 -10.66 8.21
N LEU A 168 3.33 -9.86 9.04
CA LEU A 168 4.00 -8.64 8.61
C LEU A 168 5.26 -8.98 7.81
N ASP A 169 5.79 -10.20 8.01
CA ASP A 169 6.92 -10.67 7.23
C ASP A 169 6.60 -10.87 5.76
N SER A 170 5.32 -10.96 5.44
CA SER A 170 4.86 -11.03 4.06
C SER A 170 4.69 -9.63 3.49
N MET A 171 4.10 -8.74 4.30
CA MET A 171 3.77 -7.38 3.89
C MET A 171 5.01 -6.62 3.43
N ALA A 172 6.18 -6.90 4.02
CA ALA A 172 7.42 -6.27 3.62
C ALA A 172 7.73 -6.59 2.15
N GLN A 173 7.31 -7.77 1.67
CA GLN A 173 7.51 -8.17 0.28
C GLN A 173 6.38 -7.65 -0.60
N LYS A 174 5.20 -7.47 -0.01
CA LYS A 174 4.06 -6.93 -0.75
C LYS A 174 4.35 -5.50 -1.19
N TYR A 175 4.94 -4.72 -0.28
CA TYR A 175 5.37 -3.37 -0.58
C TYR A 175 6.54 -3.26 -1.56
N ALA A 176 7.46 -4.23 -1.48
CA ALA A 176 8.65 -4.22 -2.32
C ALA A 176 8.30 -4.42 -3.79
N SER A 177 7.21 -5.15 -4.06
CA SER A 177 6.75 -5.40 -5.43
C SER A 177 6.05 -4.17 -6.01
N ILE A 178 5.63 -3.24 -5.15
CA ILE A 178 4.90 -2.06 -5.58
C ILE A 178 5.85 -0.92 -5.94
N VAL A 179 7.00 -0.83 -5.28
CA VAL A 179 7.97 0.23 -5.52
C VAL A 179 9.22 -0.24 -6.25
N GLY A 180 9.41 -1.56 -6.39
CA GLY A 180 10.45 -2.13 -7.24
C GLY A 180 11.73 -2.47 -6.49
N VAL A 181 11.75 -2.26 -5.18
CA VAL A 181 12.91 -2.56 -4.34
C VAL A 181 12.99 -4.06 -4.04
N ASP A 182 14.01 -4.45 -3.29
CA ASP A 182 14.21 -5.82 -2.86
C ASP A 182 14.84 -5.79 -1.46
N LEU A 183 14.45 -6.74 -0.61
CA LEU A 183 14.86 -6.78 0.79
C LEU A 183 16.20 -7.49 0.95
N MET A 1 8.52 11.04 -52.06
CA MET A 1 9.01 10.82 -50.69
C MET A 1 8.27 9.66 -50.03
N GLY A 2 9.01 8.60 -49.68
CA GLY A 2 8.45 7.40 -49.05
C GLY A 2 8.28 7.57 -47.54
N SER A 3 8.82 8.65 -46.97
CA SER A 3 8.76 8.94 -45.54
C SER A 3 9.31 7.81 -44.68
N SER A 4 10.16 6.95 -45.26
CA SER A 4 10.76 5.84 -44.55
C SER A 4 11.75 6.32 -43.50
N HIS A 5 11.98 5.52 -42.46
CA HIS A 5 12.87 5.85 -41.36
C HIS A 5 13.41 4.58 -40.71
N HIS A 6 14.55 4.67 -40.02
CA HIS A 6 15.20 3.53 -39.41
C HIS A 6 14.46 3.06 -38.14
N HIS A 7 13.59 3.92 -37.59
CA HIS A 7 12.82 3.62 -36.39
C HIS A 7 13.69 3.16 -35.21
N HIS A 8 14.97 3.55 -35.20
CA HIS A 8 15.91 3.17 -34.16
C HIS A 8 15.56 3.86 -32.83
N HIS A 9 16.16 3.37 -31.75
CA HIS A 9 15.95 3.91 -30.41
C HIS A 9 17.18 3.68 -29.54
N HIS A 10 17.32 4.49 -28.49
CA HIS A 10 18.42 4.38 -27.54
C HIS A 10 17.97 4.91 -26.18
N GLU A 11 18.46 4.29 -25.11
CA GLU A 11 18.09 4.66 -23.75
C GLU A 11 19.15 4.17 -22.75
N ASN A 12 19.12 4.71 -21.54
CA ASN A 12 20.07 4.36 -20.50
C ASN A 12 19.82 2.93 -19.98
N LEU A 13 20.85 2.31 -19.44
CA LEU A 13 20.76 0.96 -18.88
C LEU A 13 19.99 0.95 -17.57
N TYR A 14 19.58 -0.24 -17.13
CA TYR A 14 18.85 -0.42 -15.88
C TYR A 14 19.63 -0.12 -14.60
N PHE A 15 18.92 -0.14 -13.46
CA PHE A 15 19.51 0.13 -12.16
C PHE A 15 20.55 -0.97 -11.91
N GLN A 16 21.55 -0.64 -11.09
CA GLN A 16 22.66 -1.54 -10.80
C GLN A 16 22.24 -2.65 -9.84
N SER A 17 22.95 -3.79 -9.90
CA SER A 17 22.69 -4.93 -9.03
C SER A 17 23.12 -4.65 -7.59
N ASN A 18 22.81 -5.62 -6.72
CA ASN A 18 23.14 -5.59 -5.31
C ASN A 18 22.60 -4.34 -4.61
N ALA A 19 21.44 -3.90 -5.08
CA ALA A 19 20.70 -2.78 -4.53
C ALA A 19 20.35 -3.00 -3.06
N GLU A 20 20.02 -1.92 -2.36
CA GLU A 20 19.67 -1.95 -0.95
C GLU A 20 18.64 -0.86 -0.63
N ILE A 21 17.90 -1.04 0.46
CA ILE A 21 16.83 -0.13 0.85
C ILE A 21 17.40 1.21 1.31
N ALA A 22 16.60 2.27 1.20
CA ALA A 22 16.96 3.61 1.62
C ALA A 22 15.79 4.27 2.35
N ASP A 23 16.06 5.35 3.09
CA ASP A 23 15.07 6.08 3.89
C ASP A 23 14.03 6.88 3.09
N GLU A 24 13.73 6.42 1.87
CA GLU A 24 12.82 7.11 0.97
C GLU A 24 11.40 7.07 1.53
N PRO A 25 10.69 8.20 1.54
CA PRO A 25 9.35 8.31 2.09
C PRO A 25 8.31 7.60 1.23
N VAL A 26 7.08 7.48 1.76
CA VAL A 26 5.96 6.88 1.06
C VAL A 26 5.50 7.78 -0.08
N LYS A 27 4.78 7.22 -1.05
CA LYS A 27 4.28 7.98 -2.17
C LYS A 27 2.75 7.90 -2.22
N ALA A 28 2.11 8.94 -2.74
CA ALA A 28 0.67 8.99 -2.88
C ALA A 28 0.19 7.90 -3.85
N SER A 29 1.10 7.31 -4.64
CA SER A 29 0.76 6.28 -5.61
C SER A 29 0.33 4.97 -4.96
N LEU A 30 0.73 4.74 -3.70
CA LEU A 30 0.31 3.57 -2.96
C LEU A 30 -0.75 3.96 -1.93
N LEU A 31 -0.60 5.15 -1.34
CA LEU A 31 -1.51 5.62 -0.32
C LEU A 31 -2.90 5.88 -0.90
N LEU A 32 -2.98 6.52 -2.07
CA LEU A 32 -4.27 6.81 -2.68
C LEU A 32 -4.96 5.52 -3.11
N HIS A 33 -4.15 4.55 -3.54
CA HIS A 33 -4.63 3.27 -4.07
C HIS A 33 -5.33 2.46 -2.97
N VAL A 34 -4.83 2.54 -1.74
CA VAL A 34 -5.37 1.75 -0.63
C VAL A 34 -6.61 2.43 -0.07
N LEU A 35 -6.67 3.76 -0.09
CA LEU A 35 -7.83 4.48 0.43
C LEU A 35 -9.08 4.16 -0.39
N VAL A 36 -8.91 3.77 -1.66
CA VAL A 36 -10.03 3.40 -2.51
C VAL A 36 -10.28 1.91 -2.36
N ALA A 37 -9.21 1.11 -2.42
CA ALA A 37 -9.31 -0.34 -2.34
C ALA A 37 -10.01 -0.78 -1.05
N HIS A 38 -9.65 -0.16 0.08
CA HIS A 38 -10.20 -0.54 1.36
C HIS A 38 -11.63 -0.04 1.55
N LYS A 39 -12.03 1.00 0.80
CA LYS A 39 -13.39 1.52 0.88
C LYS A 39 -14.36 0.59 0.17
N LEU A 40 -13.87 -0.19 -0.80
CA LEU A 40 -14.67 -1.12 -1.58
C LEU A 40 -14.30 -2.58 -1.27
N LYS A 41 -13.48 -2.77 -0.24
CA LYS A 41 -13.04 -4.07 0.24
C LYS A 41 -12.29 -4.85 -0.83
N LYS A 42 -11.72 -4.16 -1.81
CA LYS A 42 -10.96 -4.76 -2.90
C LYS A 42 -9.47 -4.76 -2.59
N SER A 43 -8.71 -5.51 -3.40
CA SER A 43 -7.25 -5.50 -3.34
C SER A 43 -6.71 -4.63 -4.47
N LEU A 44 -5.46 -4.19 -4.35
CA LEU A 44 -4.83 -3.36 -5.37
C LEU A 44 -4.70 -4.15 -6.67
N ASP A 45 -4.83 -5.48 -6.58
CA ASP A 45 -4.85 -6.35 -7.74
C ASP A 45 -6.17 -6.34 -8.52
N SER A 46 -7.17 -5.64 -7.99
CA SER A 46 -8.49 -5.53 -8.60
C SER A 46 -8.96 -4.08 -8.68
N ILE A 47 -8.06 -3.13 -8.38
CA ILE A 47 -8.35 -1.71 -8.46
C ILE A 47 -7.44 -1.10 -9.54
N PRO A 48 -7.93 -0.94 -10.77
CA PRO A 48 -7.18 -0.28 -11.83
C PRO A 48 -7.12 1.22 -11.53
N MET A 49 -5.92 1.80 -11.58
CA MET A 49 -5.75 3.22 -11.36
C MET A 49 -6.34 4.03 -12.51
N SER A 50 -6.59 3.37 -13.65
CA SER A 50 -7.10 4.03 -14.84
C SER A 50 -8.55 4.43 -14.70
N LYS A 51 -9.14 4.28 -13.50
CA LYS A 51 -10.54 4.58 -13.27
C LYS A 51 -10.71 5.72 -12.28
N THR A 52 -11.76 6.51 -12.51
CA THR A 52 -12.16 7.64 -11.67
C THR A 52 -12.90 7.23 -10.40
N ILE A 53 -12.91 8.07 -9.36
CA ILE A 53 -13.61 7.78 -8.12
C ILE A 53 -15.08 7.46 -8.41
N LYS A 54 -15.72 8.20 -9.31
CA LYS A 54 -17.10 7.97 -9.68
C LYS A 54 -17.23 6.70 -10.54
N ASP A 55 -16.12 6.30 -11.16
CA ASP A 55 -16.05 5.11 -11.99
C ASP A 55 -15.79 3.80 -11.23
N LEU A 56 -15.20 3.89 -10.04
CA LEU A 56 -14.98 2.74 -9.17
C LEU A 56 -16.33 2.25 -8.62
N VAL A 57 -17.24 3.19 -8.35
CA VAL A 57 -18.53 2.89 -7.74
C VAL A 57 -19.72 2.87 -8.71
N GLY A 58 -19.45 3.07 -10.01
CA GLY A 58 -20.50 2.98 -11.02
C GLY A 58 -21.39 4.22 -11.06
N GLY A 59 -20.96 5.34 -10.47
CA GLY A 59 -21.70 6.59 -10.49
C GLY A 59 -22.45 6.90 -9.20
N LYS A 60 -22.31 6.06 -8.16
CA LYS A 60 -22.94 6.29 -6.87
C LYS A 60 -22.42 7.61 -6.30
N SER A 61 -23.33 8.53 -5.97
CA SER A 61 -22.95 9.88 -5.55
C SER A 61 -22.38 9.91 -4.13
N THR A 62 -22.85 9.02 -3.25
CA THR A 62 -22.40 9.01 -1.86
C THR A 62 -20.95 8.58 -1.66
N VAL A 63 -20.60 7.39 -2.13
CA VAL A 63 -19.24 6.87 -2.00
C VAL A 63 -18.24 7.75 -2.73
N GLN A 64 -18.67 8.32 -3.87
CA GLN A 64 -17.88 9.26 -4.63
C GLN A 64 -17.57 10.51 -3.80
N ASN A 65 -18.46 10.89 -2.88
CA ASN A 65 -18.28 12.02 -1.99
C ASN A 65 -17.49 11.64 -0.73
N GLU A 66 -17.63 10.41 -0.25
CA GLU A 66 -16.88 9.95 0.91
C GLU A 66 -15.42 9.71 0.57
N ILE A 67 -15.13 9.18 -0.62
CA ILE A 67 -13.77 8.95 -1.06
C ILE A 67 -13.11 10.30 -1.38
N LEU A 68 -13.89 11.25 -1.91
CA LEU A 68 -13.40 12.57 -2.26
C LEU A 68 -13.02 13.37 -1.02
N GLY A 69 -13.81 13.27 0.05
CA GLY A 69 -13.56 14.01 1.27
C GLY A 69 -12.41 13.41 2.07
N ASP A 70 -12.08 12.14 1.83
CA ASP A 70 -11.00 11.49 2.56
C ASP A 70 -9.59 11.87 2.10
N LEU A 71 -9.46 12.40 0.89
CA LEU A 71 -8.19 12.88 0.38
C LEU A 71 -7.85 14.22 1.00
N GLY A 72 -8.86 15.02 1.36
CA GLY A 72 -8.62 16.33 1.93
C GLY A 72 -8.08 16.23 3.36
N LYS A 73 -8.48 15.18 4.08
CA LYS A 73 -8.02 14.94 5.44
C LYS A 73 -6.65 14.26 5.42
N GLU A 74 -6.36 13.50 4.37
CA GLU A 74 -5.14 12.72 4.28
C GLU A 74 -3.99 13.51 3.64
N PHE A 75 -4.31 14.37 2.67
CA PHE A 75 -3.30 15.13 1.94
C PHE A 75 -3.32 16.62 2.29
N GLY A 76 -4.19 16.99 3.23
CA GLY A 76 -4.39 18.37 3.64
C GLY A 76 -5.24 19.15 2.65
N THR A 77 -5.38 18.65 1.42
CA THR A 77 -6.16 19.29 0.38
C THR A 77 -6.45 18.35 -0.79
N THR A 78 -7.19 18.84 -1.80
CA THR A 78 -7.49 18.07 -3.01
C THR A 78 -7.35 19.03 -4.18
N PRO A 79 -6.97 18.50 -5.34
CA PRO A 79 -6.81 19.27 -6.56
C PRO A 79 -8.17 19.58 -7.18
N GLU A 80 -8.16 20.18 -8.38
CA GLU A 80 -9.38 20.50 -9.10
C GLU A 80 -9.90 19.26 -9.82
N LYS A 81 -11.21 19.22 -10.03
CA LYS A 81 -11.92 18.16 -10.75
C LYS A 81 -11.52 16.76 -10.23
N PRO A 82 -11.35 16.57 -8.91
CA PRO A 82 -10.79 15.34 -8.37
C PRO A 82 -11.72 14.15 -8.58
N GLU A 83 -13.03 14.38 -8.55
CA GLU A 83 -14.01 13.32 -8.74
C GLU A 83 -14.19 13.01 -10.23
N GLU A 84 -13.43 13.68 -11.10
CA GLU A 84 -13.46 13.46 -12.54
C GLU A 84 -12.07 13.10 -13.07
N THR A 85 -11.14 12.76 -12.16
CA THR A 85 -9.77 12.39 -12.49
C THR A 85 -9.45 10.97 -12.04
N PRO A 86 -8.84 10.15 -12.90
CA PRO A 86 -8.47 8.78 -12.57
C PRO A 86 -7.39 8.75 -11.50
N LEU A 87 -7.35 7.66 -10.72
CA LEU A 87 -6.39 7.51 -9.65
C LEU A 87 -4.97 7.45 -10.19
N GLU A 88 -4.80 7.06 -11.46
CA GLU A 88 -3.48 6.96 -12.07
C GLU A 88 -2.92 8.35 -12.38
N GLU A 89 -3.75 9.40 -12.29
CA GLU A 89 -3.30 10.78 -12.52
C GLU A 89 -3.48 11.62 -11.27
N LEU A 90 -4.40 11.21 -10.39
CA LEU A 90 -4.63 11.93 -9.15
C LEU A 90 -3.46 11.73 -8.20
N ALA A 91 -2.92 10.51 -8.14
CA ALA A 91 -1.79 10.23 -7.27
C ALA A 91 -0.56 11.02 -7.69
N GLU A 92 -0.43 11.30 -8.99
CA GLU A 92 0.66 12.10 -9.51
C GLU A 92 0.53 13.56 -9.05
N THR A 93 -0.70 13.97 -8.70
CA THR A 93 -0.97 15.29 -8.15
C THR A 93 -0.87 15.36 -6.63
N PHE A 94 -1.18 14.25 -5.95
CA PHE A 94 -1.10 14.18 -4.50
C PHE A 94 0.32 14.12 -3.92
N GLN A 95 1.26 13.51 -4.65
CA GLN A 95 2.64 13.37 -4.19
C GLN A 95 3.36 14.72 -4.23
N ASP A 96 2.78 15.72 -4.90
CA ASP A 96 3.37 17.05 -5.02
C ASP A 96 3.26 17.75 -3.67
N THR A 97 2.39 17.24 -2.78
CA THR A 97 2.13 17.87 -1.49
C THR A 97 2.00 16.89 -0.32
N PHE A 98 2.18 15.59 -0.57
CA PHE A 98 2.08 14.58 0.47
C PHE A 98 3.15 14.67 1.55
N SER A 99 2.82 14.29 2.79
CA SER A 99 3.72 14.44 3.92
C SER A 99 4.84 13.40 3.93
N GLY A 100 4.83 12.45 2.98
CA GLY A 100 5.83 11.40 2.92
C GLY A 100 5.56 10.31 3.96
N ALA A 101 4.50 10.50 4.75
CA ALA A 101 4.06 9.56 5.77
C ALA A 101 2.55 9.70 5.96
N LEU A 102 1.94 8.65 6.52
CA LEU A 102 0.50 8.53 6.67
C LEU A 102 -0.13 9.75 7.33
N GLY A 103 -1.30 10.15 6.81
CA GLY A 103 -2.12 11.19 7.41
C GLY A 103 -2.97 10.59 8.52
N LYS A 104 -3.78 11.42 9.17
CA LYS A 104 -4.58 10.98 10.30
C LYS A 104 -5.68 10.00 9.89
N GLN A 105 -6.07 9.98 8.61
CA GLN A 105 -7.11 9.06 8.17
C GLN A 105 -6.52 7.69 7.86
N SER A 106 -5.48 7.64 7.02
CA SER A 106 -4.93 6.36 6.61
C SER A 106 -4.23 5.66 7.77
N SER A 107 -3.59 6.42 8.67
CA SER A 107 -2.89 5.86 9.81
C SER A 107 -3.85 5.27 10.84
N SER A 108 -5.08 5.79 10.88
CA SER A 108 -6.09 5.32 11.83
C SER A 108 -6.76 4.05 11.32
N LEU A 109 -6.89 3.91 10.00
CA LEU A 109 -7.52 2.75 9.39
C LEU A 109 -6.64 1.52 9.50
N LEU A 110 -5.35 1.68 9.87
CA LEU A 110 -4.44 0.55 9.98
C LEU A 110 -4.79 -0.31 11.20
N SER A 111 -5.23 0.34 12.28
CA SER A 111 -5.57 -0.34 13.51
C SER A 111 -6.95 -1.02 13.41
N ARG A 112 -7.77 -0.61 12.44
CA ARG A 112 -9.10 -1.18 12.27
C ARG A 112 -9.01 -2.60 11.71
N LEU A 113 -7.89 -2.94 11.06
CA LEU A 113 -7.67 -4.27 10.53
C LEU A 113 -7.67 -5.28 11.67
N ILE A 114 -7.11 -4.88 12.81
CA ILE A 114 -6.92 -5.73 13.97
C ILE A 114 -8.26 -6.20 14.55
N SER A 115 -9.37 -5.56 14.14
CA SER A 115 -10.69 -5.92 14.65
C SER A 115 -11.68 -6.16 13.51
N SER A 116 -11.29 -5.87 12.26
CA SER A 116 -12.17 -6.08 11.11
C SER A 116 -12.25 -7.55 10.73
N LYS A 117 -11.11 -8.25 10.70
CA LYS A 117 -11.04 -9.67 10.35
C LYS A 117 -9.96 -10.42 11.13
N MET A 118 -9.02 -9.72 11.76
CA MET A 118 -7.93 -10.36 12.49
C MET A 118 -8.42 -11.00 13.79
N PRO A 119 -7.68 -12.00 14.29
CA PRO A 119 -7.92 -12.62 15.58
C PRO A 119 -7.52 -11.63 16.69
N GLY A 120 -7.51 -12.07 17.95
CA GLY A 120 -7.15 -11.21 19.08
C GLY A 120 -5.83 -11.60 19.71
N GLY A 121 -5.16 -10.65 20.39
CA GLY A 121 -3.93 -10.89 21.12
C GLY A 121 -2.72 -10.11 20.57
N PHE A 122 -2.93 -9.26 19.56
CA PHE A 122 -1.87 -8.50 18.91
C PHE A 122 -2.26 -7.09 18.45
N THR A 123 -1.27 -6.20 18.29
CA THR A 123 -1.52 -4.79 17.95
C THR A 123 -0.59 -4.19 16.90
N ILE A 124 -0.95 -3.01 16.40
CA ILE A 124 -0.12 -2.34 15.41
C ILE A 124 1.14 -1.76 16.05
N THR A 125 1.10 -1.46 17.35
CA THR A 125 2.27 -0.87 18.01
C THR A 125 3.40 -1.88 18.03
N VAL A 126 3.09 -3.14 18.30
CA VAL A 126 4.09 -4.20 18.29
C VAL A 126 4.47 -4.62 16.86
N ALA A 127 3.77 -4.07 15.86
CA ALA A 127 4.07 -4.32 14.47
C ALA A 127 5.08 -3.30 13.93
N ARG A 128 5.09 -2.09 14.50
CA ARG A 128 6.09 -1.08 14.14
C ARG A 128 7.40 -1.38 14.86
N LYS A 129 7.28 -1.97 16.06
CA LYS A 129 8.42 -2.27 16.92
C LYS A 129 9.30 -3.36 16.33
N TYR A 130 10.62 -3.19 16.50
CA TYR A 130 11.62 -4.15 16.01
C TYR A 130 11.63 -4.49 14.52
N LEU A 131 10.89 -3.71 13.71
CA LEU A 131 10.76 -4.00 12.29
C LEU A 131 11.96 -3.43 11.54
N GLN A 132 12.61 -2.45 12.18
CA GLN A 132 13.80 -1.80 11.68
C GLN A 132 15.04 -2.69 11.78
N THR A 133 14.88 -3.90 12.33
CA THR A 133 15.97 -4.88 12.44
C THR A 133 15.56 -6.30 12.07
N ARG A 134 14.26 -6.58 12.02
CA ARG A 134 13.74 -7.86 11.57
C ARG A 134 13.87 -7.95 10.05
N TRP A 135 13.89 -6.80 9.37
CA TRP A 135 14.04 -6.71 7.92
C TRP A 135 14.88 -5.52 7.47
N GLY A 136 15.38 -4.72 8.43
CA GLY A 136 16.24 -3.58 8.12
C GLY A 136 15.47 -2.39 7.55
N LEU A 137 14.14 -2.40 7.65
CA LEU A 137 13.31 -1.36 7.03
C LEU A 137 13.46 -0.02 7.75
N PRO A 138 13.84 1.04 7.02
CA PRO A 138 13.97 2.38 7.55
C PRO A 138 12.60 2.99 7.82
N SER A 139 12.55 4.03 8.65
CA SER A 139 11.29 4.63 9.09
C SER A 139 10.48 5.21 7.93
N GLY A 140 11.12 5.56 6.81
CA GLY A 140 10.42 6.12 5.67
C GLY A 140 9.68 5.03 4.88
N ARG A 141 10.04 3.77 5.09
CA ARG A 141 9.47 2.66 4.34
C ARG A 141 8.42 1.90 5.14
N GLN A 142 8.51 1.93 6.47
CA GLN A 142 7.55 1.22 7.32
C GLN A 142 6.13 1.74 7.12
N ASP A 143 5.99 3.03 6.78
CA ASP A 143 4.69 3.64 6.53
C ASP A 143 4.02 3.20 5.23
N GLY A 144 4.77 2.48 4.38
CA GLY A 144 4.24 1.95 3.14
C GLY A 144 3.86 0.47 3.27
N VAL A 145 4.38 -0.23 4.28
CA VAL A 145 4.09 -1.64 4.45
C VAL A 145 2.72 -1.86 5.10
N LEU A 146 2.34 -1.01 6.05
CA LEU A 146 1.04 -1.14 6.70
C LEU A 146 -0.09 -0.77 5.74
N LEU A 147 0.22 -0.01 4.68
CA LEU A 147 -0.77 0.30 3.67
C LEU A 147 -1.16 -0.97 2.93
N VAL A 148 -0.20 -1.88 2.75
CA VAL A 148 -0.47 -3.15 2.10
C VAL A 148 -1.11 -4.14 3.06
N ALA A 149 -0.84 -4.00 4.36
CA ALA A 149 -1.40 -4.88 5.36
C ALA A 149 -2.90 -4.65 5.47
N LEU A 150 -3.33 -3.39 5.27
CA LEU A 150 -4.73 -3.03 5.36
C LEU A 150 -5.49 -3.52 4.12
N SER A 151 -4.83 -3.59 2.96
CA SER A 151 -5.47 -4.03 1.74
C SER A 151 -5.50 -5.56 1.62
N ASN A 152 -4.62 -6.26 2.34
CA ASN A 152 -4.58 -7.71 2.33
C ASN A 152 -5.82 -8.26 3.03
N GLU A 153 -6.13 -7.73 4.22
CA GLU A 153 -7.31 -8.03 5.01
C GLU A 153 -7.72 -9.50 4.90
N PRO A 154 -6.91 -10.43 5.42
CA PRO A 154 -7.20 -11.85 5.32
C PRO A 154 -8.40 -12.21 6.18
N ALA A 155 -9.34 -12.97 5.59
CA ALA A 155 -10.51 -13.44 6.31
C ALA A 155 -10.13 -14.61 7.22
N ALA A 156 -9.09 -15.35 6.83
CA ALA A 156 -8.56 -16.45 7.62
C ALA A 156 -7.17 -16.82 7.11
N ARG A 157 -6.15 -16.54 7.92
CA ARG A 157 -4.76 -16.89 7.61
C ARG A 157 -3.97 -17.19 8.88
N LEU A 158 -4.59 -16.94 10.05
CA LEU A 158 -3.95 -17.08 11.34
C LEU A 158 -4.97 -17.64 12.33
N GLY A 159 -4.58 -18.61 13.15
CA GLY A 159 -5.48 -19.19 14.14
C GLY A 159 -5.43 -18.42 15.46
N SER A 160 -4.45 -17.52 15.59
CA SER A 160 -4.30 -16.65 16.75
C SER A 160 -3.50 -15.42 16.34
N GLU A 161 -3.74 -14.27 16.96
CA GLU A 161 -3.06 -13.05 16.56
C GLU A 161 -1.63 -13.02 17.09
N ALA A 162 -1.28 -13.95 17.99
CA ALA A 162 0.10 -14.08 18.43
C ALA A 162 0.99 -14.52 17.28
N ASP A 163 0.37 -15.13 16.25
CA ASP A 163 1.05 -15.52 15.02
C ASP A 163 1.02 -14.42 13.96
N ALA A 164 0.25 -13.35 14.20
CA ALA A 164 0.15 -12.25 13.25
C ALA A 164 1.45 -11.46 13.18
N LYS A 165 2.37 -11.69 14.13
CA LYS A 165 3.68 -11.10 14.10
C LYS A 165 4.47 -11.66 12.92
N ALA A 166 4.18 -12.91 12.56
CA ALA A 166 4.82 -13.57 11.42
C ALA A 166 4.16 -13.13 10.11
N PHE A 167 2.94 -12.57 10.18
CA PHE A 167 2.29 -12.01 9.00
C PHE A 167 2.96 -10.75 8.44
N LEU A 168 3.74 -10.08 9.28
CA LEU A 168 4.50 -8.90 8.88
C LEU A 168 5.73 -9.31 8.07
N ASP A 169 6.24 -10.52 8.31
CA ASP A 169 7.39 -11.04 7.58
C ASP A 169 7.13 -11.23 6.09
N SER A 170 5.87 -11.47 5.73
CA SER A 170 5.46 -11.56 4.34
C SER A 170 5.18 -10.18 3.77
N MET A 171 4.63 -9.29 4.60
CA MET A 171 4.14 -8.00 4.17
C MET A 171 5.28 -7.07 3.78
N ALA A 172 6.49 -7.31 4.31
CA ALA A 172 7.65 -6.54 3.91
C ALA A 172 7.99 -6.81 2.44
N GLN A 173 7.59 -7.99 1.92
CA GLN A 173 7.81 -8.37 0.54
C GLN A 173 6.63 -7.95 -0.35
N LYS A 174 5.42 -7.86 0.22
CA LYS A 174 4.25 -7.45 -0.54
C LYS A 174 4.43 -6.02 -1.04
N TYR A 175 5.03 -5.18 -0.20
CA TYR A 175 5.38 -3.83 -0.58
C TYR A 175 6.60 -3.69 -1.48
N ALA A 176 7.57 -4.60 -1.34
CA ALA A 176 8.81 -4.52 -2.11
C ALA A 176 8.54 -4.73 -3.60
N SER A 177 7.45 -5.42 -3.94
CA SER A 177 7.05 -5.63 -5.32
C SER A 177 6.44 -4.36 -5.92
N ILE A 178 6.03 -3.42 -5.07
CA ILE A 178 5.40 -2.18 -5.51
C ILE A 178 6.44 -1.08 -5.72
N VAL A 179 7.41 -0.99 -4.81
CA VAL A 179 8.48 0.01 -4.91
C VAL A 179 9.64 -0.51 -5.75
N GLY A 180 9.74 -1.84 -5.95
CA GLY A 180 10.76 -2.45 -6.78
C GLY A 180 12.04 -2.80 -6.02
N VAL A 181 12.06 -2.60 -4.70
CA VAL A 181 13.22 -2.92 -3.86
C VAL A 181 13.38 -4.42 -3.62
N ASP A 182 14.42 -4.76 -2.85
CA ASP A 182 14.69 -6.13 -2.45
C ASP A 182 15.27 -6.08 -1.04
N LEU A 183 14.98 -7.11 -0.23
CA LEU A 183 15.34 -7.13 1.17
C LEU A 183 16.67 -7.84 1.39
N MET A 1 22.58 -38.94 -10.33
CA MET A 1 21.34 -38.25 -9.93
C MET A 1 21.65 -36.88 -9.35
N GLY A 2 20.63 -36.01 -9.25
CA GLY A 2 20.77 -34.67 -8.69
C GLY A 2 21.43 -33.70 -9.67
N SER A 3 21.65 -34.12 -10.91
CA SER A 3 22.28 -33.28 -11.94
C SER A 3 21.35 -32.14 -12.34
N SER A 4 21.90 -31.06 -12.91
CA SER A 4 21.14 -29.90 -13.33
C SER A 4 21.86 -29.18 -14.46
N HIS A 5 21.11 -28.40 -15.26
CA HIS A 5 21.67 -27.67 -16.39
C HIS A 5 22.57 -26.52 -15.93
N HIS A 6 23.45 -26.07 -16.82
CA HIS A 6 24.39 -24.98 -16.53
C HIS A 6 23.66 -23.64 -16.41
N HIS A 7 24.35 -22.64 -15.86
CA HIS A 7 23.81 -21.31 -15.68
C HIS A 7 24.92 -20.25 -15.75
N HIS A 8 24.55 -19.02 -16.09
CA HIS A 8 25.50 -17.92 -16.22
C HIS A 8 25.99 -17.48 -14.83
N HIS A 9 27.24 -16.99 -14.77
CA HIS A 9 27.85 -16.57 -13.51
C HIS A 9 27.29 -15.22 -13.05
N HIS A 10 27.67 -14.80 -11.84
CA HIS A 10 27.21 -13.54 -11.26
C HIS A 10 28.26 -13.01 -10.27
N GLU A 11 28.12 -11.73 -9.89
CA GLU A 11 29.03 -11.08 -8.97
C GLU A 11 28.31 -9.95 -8.24
N ASN A 12 28.91 -9.45 -7.16
CA ASN A 12 28.33 -8.37 -6.37
C ASN A 12 28.36 -7.05 -7.13
N LEU A 13 27.32 -6.22 -6.95
CA LEU A 13 27.22 -4.91 -7.59
C LEU A 13 27.63 -3.80 -6.64
N TYR A 14 27.96 -4.15 -5.39
CA TYR A 14 28.33 -3.20 -4.35
C TYR A 14 29.46 -3.62 -3.43
N PHE A 15 30.02 -2.67 -2.68
CA PHE A 15 31.09 -2.93 -1.74
C PHE A 15 30.77 -3.91 -0.62
N GLN A 16 31.81 -4.55 -0.06
CA GLN A 16 31.66 -5.53 1.01
C GLN A 16 30.70 -6.67 0.64
N SER A 17 30.46 -6.86 -0.66
CA SER A 17 29.60 -7.91 -1.19
C SER A 17 28.18 -7.87 -0.62
N ASN A 18 27.72 -6.69 -0.17
CA ASN A 18 26.41 -6.51 0.43
C ASN A 18 25.85 -5.13 0.10
N ALA A 19 24.54 -4.99 0.21
CA ALA A 19 23.82 -3.74 -0.07
C ALA A 19 22.51 -3.70 0.71
N GLU A 20 21.89 -2.51 0.76
CA GLU A 20 20.63 -2.30 1.45
C GLU A 20 19.73 -1.36 0.64
N ILE A 21 18.46 -1.30 1.02
CA ILE A 21 17.47 -0.48 0.32
C ILE A 21 17.74 1.00 0.61
N ALA A 22 17.47 1.85 -0.39
CA ALA A 22 17.70 3.28 -0.26
C ALA A 22 16.66 3.92 0.66
N ASP A 23 17.11 4.87 1.48
CA ASP A 23 16.23 5.61 2.37
C ASP A 23 15.39 6.64 1.62
N GLU A 24 14.10 6.34 1.43
CA GLU A 24 13.18 7.20 0.71
C GLU A 24 11.76 7.05 1.27
N PRO A 25 11.03 8.16 1.45
CA PRO A 25 9.67 8.16 1.98
C PRO A 25 8.67 7.53 1.02
N VAL A 26 7.46 7.26 1.51
CA VAL A 26 6.39 6.68 0.71
C VAL A 26 5.78 7.72 -0.23
N LYS A 27 5.22 7.26 -1.35
CA LYS A 27 4.61 8.15 -2.34
C LYS A 27 3.09 8.10 -2.20
N ALA A 28 2.41 9.19 -2.58
CA ALA A 28 0.96 9.23 -2.55
C ALA A 28 0.38 8.25 -3.57
N SER A 29 1.20 7.76 -4.49
CA SER A 29 0.78 6.82 -5.53
C SER A 29 0.29 5.50 -4.93
N LEU A 30 0.81 5.11 -3.76
CA LEU A 30 0.36 3.91 -3.09
C LEU A 30 -0.69 4.24 -2.04
N LEU A 31 -0.56 5.39 -1.38
CA LEU A 31 -1.47 5.79 -0.31
C LEU A 31 -2.87 6.04 -0.86
N LEU A 32 -2.94 6.77 -1.98
CA LEU A 32 -4.21 7.11 -2.61
C LEU A 32 -4.90 5.84 -3.12
N HIS A 33 -4.11 4.97 -3.75
CA HIS A 33 -4.59 3.71 -4.33
C HIS A 33 -5.25 2.84 -3.27
N VAL A 34 -4.70 2.83 -2.05
CA VAL A 34 -5.24 2.00 -0.97
C VAL A 34 -6.51 2.63 -0.42
N LEU A 35 -6.59 3.96 -0.35
CA LEU A 35 -7.76 4.67 0.14
C LEU A 35 -8.98 4.50 -0.75
N VAL A 36 -8.81 3.91 -1.94
CA VAL A 36 -9.95 3.61 -2.80
C VAL A 36 -10.24 2.11 -2.75
N ALA A 37 -9.19 1.30 -2.82
CA ALA A 37 -9.32 -0.15 -2.84
C ALA A 37 -10.07 -0.67 -1.62
N HIS A 38 -9.80 -0.13 -0.43
CA HIS A 38 -10.39 -0.68 0.79
C HIS A 38 -11.86 -0.29 0.91
N LYS A 39 -12.23 0.89 0.38
CA LYS A 39 -13.58 1.41 0.45
C LYS A 39 -14.52 0.61 -0.43
N LEU A 40 -13.98 -0.04 -1.47
CA LEU A 40 -14.75 -0.85 -2.40
C LEU A 40 -14.44 -2.34 -2.25
N LYS A 41 -13.69 -2.68 -1.19
CA LYS A 41 -13.33 -4.06 -0.85
C LYS A 41 -12.54 -4.73 -1.98
N LYS A 42 -11.89 -3.93 -2.83
CA LYS A 42 -11.07 -4.40 -3.92
C LYS A 42 -9.62 -4.52 -3.49
N SER A 43 -8.77 -5.05 -4.38
CA SER A 43 -7.33 -5.10 -4.18
C SER A 43 -6.64 -4.19 -5.18
N LEU A 44 -5.38 -3.83 -4.93
CA LEU A 44 -4.63 -2.98 -5.84
C LEU A 44 -4.43 -3.70 -7.17
N ASP A 45 -4.57 -5.03 -7.15
CA ASP A 45 -4.53 -5.86 -8.35
C ASP A 45 -5.85 -5.89 -9.13
N SER A 46 -6.85 -5.14 -8.66
CA SER A 46 -8.16 -5.10 -9.28
C SER A 46 -8.72 -3.68 -9.35
N ILE A 47 -7.93 -2.70 -8.90
CA ILE A 47 -8.27 -1.29 -9.01
C ILE A 47 -7.44 -0.69 -10.12
N PRO A 48 -8.00 -0.54 -11.33
CA PRO A 48 -7.34 0.12 -12.45
C PRO A 48 -7.20 1.62 -12.15
N MET A 49 -5.99 2.16 -12.31
CA MET A 49 -5.75 3.57 -12.07
C MET A 49 -6.39 4.41 -13.17
N SER A 50 -6.74 3.79 -14.29
CA SER A 50 -7.28 4.50 -15.44
C SER A 50 -8.76 4.82 -15.25
N LYS A 51 -9.30 4.59 -14.05
CA LYS A 51 -10.71 4.82 -13.77
C LYS A 51 -10.90 5.89 -12.70
N THR A 52 -11.99 6.64 -12.83
CA THR A 52 -12.36 7.69 -11.90
C THR A 52 -13.08 7.22 -10.65
N ILE A 53 -13.02 8.00 -9.57
CA ILE A 53 -13.74 7.68 -8.35
C ILE A 53 -15.22 7.48 -8.62
N LYS A 54 -15.77 8.21 -9.60
CA LYS A 54 -17.18 8.11 -9.95
C LYS A 54 -17.46 6.95 -10.89
N ASP A 55 -16.44 6.41 -11.55
CA ASP A 55 -16.61 5.34 -12.53
C ASP A 55 -16.40 4.01 -11.81
N LEU A 56 -15.61 4.01 -10.73
CA LEU A 56 -15.30 2.80 -9.96
C LEU A 56 -16.52 2.32 -9.18
N VAL A 57 -17.30 3.26 -8.65
CA VAL A 57 -18.50 2.96 -7.87
C VAL A 57 -19.74 2.73 -8.73
N GLY A 58 -19.68 3.07 -10.01
CA GLY A 58 -20.82 2.87 -10.91
C GLY A 58 -21.70 4.11 -11.07
N GLY A 59 -21.22 5.29 -10.70
CA GLY A 59 -21.93 6.54 -10.95
C GLY A 59 -22.72 7.07 -9.74
N LYS A 60 -22.52 6.50 -8.55
CA LYS A 60 -23.18 7.00 -7.34
C LYS A 60 -22.71 8.41 -7.00
N SER A 61 -23.46 9.10 -6.13
CA SER A 61 -23.11 10.44 -5.68
C SER A 61 -22.84 10.47 -4.16
N THR A 62 -22.99 9.34 -3.48
CA THR A 62 -22.71 9.21 -2.06
C THR A 62 -21.35 8.63 -1.71
N VAL A 63 -21.13 7.35 -2.02
CA VAL A 63 -19.85 6.69 -1.78
C VAL A 63 -18.74 7.38 -2.58
N GLN A 64 -19.10 7.95 -3.73
CA GLN A 64 -18.20 8.75 -4.55
C GLN A 64 -17.73 10.00 -3.80
N ASN A 65 -18.55 10.46 -2.84
CA ASN A 65 -18.22 11.60 -2.00
C ASN A 65 -17.52 11.15 -0.72
N GLU A 66 -17.70 9.89 -0.30
CA GLU A 66 -17.02 9.35 0.87
C GLU A 66 -15.56 9.05 0.55
N ILE A 67 -15.28 8.63 -0.69
CA ILE A 67 -13.91 8.41 -1.12
C ILE A 67 -13.18 9.74 -1.23
N LEU A 68 -13.90 10.79 -1.62
CA LEU A 68 -13.33 12.13 -1.75
C LEU A 68 -12.98 12.71 -0.38
N GLY A 69 -13.73 12.32 0.66
CA GLY A 69 -13.49 12.80 2.01
C GLY A 69 -12.29 12.11 2.63
N ASP A 70 -11.96 10.90 2.17
CA ASP A 70 -10.80 10.17 2.68
C ASP A 70 -9.47 10.80 2.32
N LEU A 71 -9.44 11.51 1.19
CA LEU A 71 -8.24 12.20 0.71
C LEU A 71 -8.07 13.52 1.47
N GLY A 72 -9.17 14.16 1.86
CA GLY A 72 -9.09 15.45 2.54
C GLY A 72 -8.52 15.28 3.95
N LYS A 73 -8.87 14.19 4.62
CA LYS A 73 -8.38 13.88 5.96
C LYS A 73 -6.98 13.29 5.93
N GLU A 74 -6.55 12.72 4.79
CA GLU A 74 -5.28 12.02 4.70
C GLU A 74 -4.19 12.89 4.08
N PHE A 75 -4.55 13.82 3.18
CA PHE A 75 -3.58 14.67 2.50
C PHE A 75 -3.65 16.12 2.98
N GLY A 76 -4.54 16.39 3.95
CA GLY A 76 -4.78 17.72 4.48
C GLY A 76 -5.63 18.56 3.54
N THR A 77 -5.75 18.14 2.28
CA THR A 77 -6.55 18.83 1.27
C THR A 77 -6.79 17.97 0.04
N THR A 78 -7.53 18.49 -0.94
CA THR A 78 -7.79 17.80 -2.20
C THR A 78 -7.62 18.84 -3.31
N PRO A 79 -7.20 18.38 -4.50
CA PRO A 79 -7.01 19.22 -5.67
C PRO A 79 -8.36 19.60 -6.27
N GLU A 80 -8.33 20.26 -7.43
CA GLU A 80 -9.51 20.65 -8.17
C GLU A 80 -10.12 19.44 -8.89
N LYS A 81 -11.44 19.48 -9.07
CA LYS A 81 -12.27 18.47 -9.75
C LYS A 81 -11.78 17.01 -9.58
N PRO A 82 -11.43 16.59 -8.35
CA PRO A 82 -10.81 15.30 -8.12
C PRO A 82 -11.75 14.15 -8.46
N GLU A 83 -13.05 14.36 -8.35
CA GLU A 83 -14.04 13.33 -8.64
C GLU A 83 -14.15 13.07 -10.14
N GLU A 84 -13.55 13.93 -10.97
CA GLU A 84 -13.49 13.77 -12.41
C GLU A 84 -12.07 13.38 -12.85
N THR A 85 -11.20 13.02 -11.89
CA THR A 85 -9.81 12.69 -12.15
C THR A 85 -9.49 11.21 -11.90
N PRO A 86 -8.88 10.51 -12.87
CA PRO A 86 -8.54 9.10 -12.73
C PRO A 86 -7.42 8.95 -11.70
N LEU A 87 -7.37 7.80 -11.01
CA LEU A 87 -6.40 7.59 -9.96
C LEU A 87 -4.98 7.58 -10.51
N GLU A 88 -4.81 7.30 -11.81
CA GLU A 88 -3.49 7.26 -12.44
C GLU A 88 -2.91 8.68 -12.55
N GLU A 89 -3.75 9.72 -12.48
CA GLU A 89 -3.28 11.10 -12.48
C GLU A 89 -3.55 11.80 -11.15
N LEU A 90 -4.57 11.36 -10.41
CA LEU A 90 -4.95 12.02 -9.17
C LEU A 90 -3.94 11.74 -8.07
N ALA A 91 -3.45 10.51 -7.98
CA ALA A 91 -2.44 10.16 -6.99
C ALA A 91 -1.14 10.91 -7.26
N GLU A 92 -0.83 11.16 -8.53
CA GLU A 92 0.36 11.92 -8.89
C GLU A 92 0.21 13.38 -8.45
N THR A 93 -1.04 13.86 -8.34
CA THR A 93 -1.33 15.20 -7.83
C THR A 93 -1.20 15.31 -6.33
N PHE A 94 -1.42 14.20 -5.61
CA PHE A 94 -1.28 14.16 -4.17
C PHE A 94 0.17 14.16 -3.66
N GLN A 95 1.08 13.57 -4.43
CA GLN A 95 2.49 13.50 -4.05
C GLN A 95 3.16 14.87 -4.16
N ASP A 96 2.51 15.82 -4.83
CA ASP A 96 3.03 17.16 -5.03
C ASP A 96 3.00 17.91 -3.70
N THR A 97 2.22 17.41 -2.74
CA THR A 97 2.06 18.07 -1.45
C THR A 97 2.04 17.13 -0.25
N PHE A 98 2.17 15.82 -0.49
CA PHE A 98 2.17 14.82 0.58
C PHE A 98 3.38 14.87 1.52
N SER A 99 3.17 14.50 2.79
CA SER A 99 4.18 14.64 3.83
C SER A 99 5.30 13.60 3.76
N GLY A 100 5.13 12.55 2.92
CA GLY A 100 6.09 11.46 2.86
C GLY A 100 5.88 10.48 4.02
N ALA A 101 4.85 10.73 4.82
CA ALA A 101 4.46 9.90 5.95
C ALA A 101 2.94 9.93 6.09
N LEU A 102 2.35 8.84 6.59
CA LEU A 102 0.91 8.67 6.63
C LEU A 102 0.20 9.80 7.36
N GLY A 103 -1.00 10.12 6.90
CA GLY A 103 -1.89 11.09 7.51
C GLY A 103 -2.65 10.46 8.67
N LYS A 104 -3.49 11.24 9.35
CA LYS A 104 -4.22 10.77 10.52
C LYS A 104 -5.35 9.82 10.15
N GLN A 105 -5.74 9.74 8.88
CA GLN A 105 -6.84 8.88 8.49
C GLN A 105 -6.34 7.46 8.27
N SER A 106 -5.32 7.29 7.43
CA SER A 106 -4.81 5.97 7.09
C SER A 106 -4.07 5.33 8.27
N SER A 107 -3.44 6.15 9.12
CA SER A 107 -2.72 5.63 10.28
C SER A 107 -3.70 5.08 11.31
N SER A 108 -4.93 5.56 11.31
CA SER A 108 -5.97 5.08 12.21
C SER A 108 -6.57 3.79 11.67
N LEU A 109 -6.67 3.68 10.33
CA LEU A 109 -7.22 2.52 9.65
C LEU A 109 -6.35 1.28 9.86
N LEU A 110 -5.14 1.45 10.39
CA LEU A 110 -4.25 0.33 10.61
C LEU A 110 -4.72 -0.48 11.82
N SER A 111 -5.35 0.20 12.78
CA SER A 111 -5.91 -0.45 13.96
C SER A 111 -7.29 -1.03 13.66
N ARG A 112 -7.97 -0.51 12.63
CA ARG A 112 -9.28 -1.01 12.24
C ARG A 112 -9.14 -2.39 11.59
N LEU A 113 -7.95 -2.73 11.09
CA LEU A 113 -7.70 -4.05 10.54
C LEU A 113 -7.66 -5.08 11.67
N ILE A 114 -7.11 -4.70 12.82
CA ILE A 114 -7.06 -5.57 14.00
C ILE A 114 -8.47 -5.78 14.56
N SER A 115 -9.35 -4.80 14.36
CA SER A 115 -10.72 -4.86 14.84
C SER A 115 -11.66 -5.47 13.79
N SER A 116 -11.19 -5.60 12.54
CA SER A 116 -12.03 -6.06 11.44
C SER A 116 -12.32 -7.57 11.51
N LYS A 117 -11.26 -8.39 11.45
CA LYS A 117 -11.40 -9.85 11.42
C LYS A 117 -10.24 -10.57 12.11
N MET A 118 -9.26 -9.83 12.64
CA MET A 118 -8.09 -10.45 13.26
C MET A 118 -8.47 -11.13 14.59
N PRO A 119 -7.71 -12.16 14.98
CA PRO A 119 -7.86 -12.88 16.24
C PRO A 119 -7.41 -12.00 17.42
N GLY A 120 -7.36 -12.57 18.63
CA GLY A 120 -6.93 -11.84 19.83
C GLY A 120 -5.57 -12.32 20.36
N GLY A 121 -4.89 -11.46 21.12
CA GLY A 121 -3.61 -11.78 21.75
C GLY A 121 -2.44 -10.95 21.24
N PHE A 122 -2.70 -9.94 20.39
CA PHE A 122 -1.71 -9.09 19.77
C PHE A 122 -2.14 -7.64 19.54
N THR A 123 -1.19 -6.71 19.42
CA THR A 123 -1.50 -5.30 19.27
C THR A 123 -0.74 -4.55 18.19
N ILE A 124 -1.25 -3.38 17.81
CA ILE A 124 -0.64 -2.56 16.78
C ILE A 124 0.63 -1.88 17.31
N THR A 125 0.78 -1.76 18.63
CA THR A 125 1.96 -1.15 19.21
C THR A 125 3.14 -2.11 19.06
N VAL A 126 2.89 -3.40 19.23
CA VAL A 126 3.92 -4.41 19.03
C VAL A 126 4.16 -4.73 17.55
N ALA A 127 3.33 -4.16 16.68
CA ALA A 127 3.45 -4.34 15.24
C ALA A 127 4.40 -3.31 14.63
N ARG A 128 4.60 -2.16 15.28
CA ARG A 128 5.54 -1.15 14.84
C ARG A 128 6.60 -0.82 15.89
N LYS A 129 6.68 -1.63 16.96
CA LYS A 129 7.63 -1.40 18.04
C LYS A 129 9.06 -1.31 17.49
N TYR A 130 9.36 -2.14 16.48
CA TYR A 130 10.63 -2.16 15.78
C TYR A 130 10.31 -2.84 14.44
N LEU A 131 11.06 -2.51 13.39
CA LEU A 131 10.91 -3.16 12.09
C LEU A 131 12.19 -3.05 11.27
N GLN A 132 12.96 -1.97 11.49
CA GLN A 132 14.23 -1.76 10.79
C GLN A 132 15.27 -2.80 11.21
N THR A 133 15.04 -3.49 12.33
CA THR A 133 15.93 -4.55 12.80
C THR A 133 15.50 -5.95 12.37
N ARG A 134 14.28 -6.08 11.86
CA ARG A 134 13.72 -7.36 11.46
C ARG A 134 13.92 -7.62 9.97
N TRP A 135 14.07 -6.56 9.17
CA TRP A 135 14.25 -6.66 7.73
C TRP A 135 15.26 -5.67 7.15
N GLY A 136 15.91 -4.87 8.01
CA GLY A 136 16.92 -3.91 7.57
C GLY A 136 16.31 -2.73 6.82
N LEU A 137 14.98 -2.56 6.88
CA LEU A 137 14.29 -1.50 6.15
C LEU A 137 14.64 -0.12 6.71
N PRO A 138 14.80 0.88 5.84
CA PRO A 138 15.00 2.26 6.25
C PRO A 138 13.68 2.81 6.80
N SER A 139 13.76 3.84 7.64
CA SER A 139 12.59 4.36 8.35
C SER A 139 11.54 4.94 7.41
N GLY A 140 11.96 5.47 6.25
CA GLY A 140 11.06 6.08 5.29
C GLY A 140 10.24 5.04 4.51
N ARG A 141 10.75 3.82 4.41
CA ARG A 141 10.08 2.76 3.65
C ARG A 141 8.98 2.10 4.46
N GLN A 142 9.06 2.18 5.80
CA GLN A 142 8.10 1.53 6.68
C GLN A 142 6.69 2.09 6.48
N ASP A 143 6.57 3.32 5.97
CA ASP A 143 5.28 3.95 5.80
C ASP A 143 4.49 3.41 4.60
N GLY A 144 5.15 2.61 3.76
CA GLY A 144 4.51 1.98 2.62
C GLY A 144 4.08 0.54 2.93
N VAL A 145 4.71 -0.10 3.91
CA VAL A 145 4.39 -1.47 4.26
C VAL A 145 3.04 -1.57 4.96
N LEU A 146 2.69 -0.57 5.78
CA LEU A 146 1.42 -0.59 6.50
C LEU A 146 0.26 -0.29 5.57
N LEU A 147 0.51 0.38 4.43
CA LEU A 147 -0.52 0.64 3.46
C LEU A 147 -0.91 -0.66 2.75
N VAL A 148 0.05 -1.57 2.60
CA VAL A 148 -0.19 -2.86 1.95
C VAL A 148 -0.80 -3.85 2.95
N ALA A 149 -0.58 -3.64 4.24
CA ALA A 149 -1.20 -4.49 5.24
C ALA A 149 -2.71 -4.23 5.27
N LEU A 150 -3.08 -2.96 5.06
CA LEU A 150 -4.47 -2.54 5.08
C LEU A 150 -5.22 -3.05 3.85
N SER A 151 -4.51 -3.29 2.74
CA SER A 151 -5.14 -3.78 1.52
C SER A 151 -5.18 -5.30 1.46
N ASN A 152 -4.31 -5.98 2.22
CA ASN A 152 -4.31 -7.43 2.29
C ASN A 152 -5.42 -7.93 3.23
N GLU A 153 -5.51 -7.35 4.43
CA GLU A 153 -6.58 -7.56 5.40
C GLU A 153 -7.21 -8.96 5.30
N PRO A 154 -6.53 -10.00 5.79
CA PRO A 154 -7.04 -11.36 5.72
C PRO A 154 -8.25 -11.54 6.63
N ALA A 155 -9.27 -12.24 6.12
CA ALA A 155 -10.47 -12.55 6.90
C ALA A 155 -10.20 -13.74 7.81
N ALA A 156 -9.31 -14.65 7.39
CA ALA A 156 -8.90 -15.80 8.17
C ALA A 156 -7.62 -16.38 7.57
N ARG A 157 -6.49 -16.20 8.25
CA ARG A 157 -5.18 -16.70 7.82
C ARG A 157 -4.30 -17.05 9.01
N LEU A 158 -4.80 -16.80 10.22
CA LEU A 158 -4.09 -17.05 11.47
C LEU A 158 -5.08 -17.62 12.49
N GLY A 159 -4.67 -18.64 13.22
CA GLY A 159 -5.52 -19.24 14.23
C GLY A 159 -5.34 -18.56 15.59
N SER A 160 -4.36 -17.66 15.68
CA SER A 160 -4.08 -16.90 16.89
C SER A 160 -3.37 -15.60 16.50
N GLU A 161 -3.59 -14.53 17.26
CA GLU A 161 -3.02 -13.24 16.92
C GLU A 161 -1.56 -13.18 17.34
N ALA A 162 -1.09 -14.13 18.16
CA ALA A 162 0.31 -14.21 18.53
C ALA A 162 1.15 -14.53 17.30
N ASP A 163 0.52 -15.12 16.27
CA ASP A 163 1.16 -15.40 15.00
C ASP A 163 1.04 -14.23 14.02
N ALA A 164 0.25 -13.21 14.35
CA ALA A 164 0.07 -12.06 13.49
C ALA A 164 1.31 -11.17 13.48
N LYS A 165 2.22 -11.39 14.43
CA LYS A 165 3.50 -10.70 14.44
C LYS A 165 4.41 -11.27 13.34
N ALA A 166 4.23 -12.56 13.03
CA ALA A 166 4.96 -13.20 11.95
C ALA A 166 4.32 -12.85 10.61
N PHE A 167 3.06 -12.37 10.62
CA PHE A 167 2.40 -11.92 9.41
C PHE A 167 2.98 -10.63 8.83
N LEU A 168 3.60 -9.81 9.68
CA LEU A 168 4.24 -8.57 9.26
C LEU A 168 5.50 -8.85 8.44
N ASP A 169 6.09 -10.03 8.65
CA ASP A 169 7.25 -10.45 7.88
C ASP A 169 6.97 -10.64 6.39
N SER A 170 5.70 -10.93 6.05
CA SER A 170 5.30 -11.07 4.67
C SER A 170 5.03 -9.72 4.02
N MET A 171 4.47 -8.76 4.78
CA MET A 171 4.08 -7.47 4.24
C MET A 171 5.28 -6.71 3.70
N ALA A 172 6.47 -6.96 4.25
CA ALA A 172 7.68 -6.32 3.78
C ALA A 172 7.97 -6.72 2.33
N GLN A 173 7.50 -7.90 1.92
CA GLN A 173 7.65 -8.39 0.56
C GLN A 173 6.46 -8.01 -0.31
N LYS A 174 5.28 -7.84 0.30
CA LYS A 174 4.08 -7.42 -0.43
C LYS A 174 4.31 -6.03 -1.00
N TYR A 175 4.94 -5.16 -0.22
CA TYR A 175 5.33 -3.84 -0.69
C TYR A 175 6.52 -3.81 -1.65
N ALA A 176 7.46 -4.74 -1.49
CA ALA A 176 8.66 -4.78 -2.32
C ALA A 176 8.32 -5.04 -3.78
N SER A 177 7.18 -5.71 -4.04
CA SER A 177 6.73 -5.97 -5.39
C SER A 177 6.16 -4.72 -6.04
N ILE A 178 5.83 -3.70 -5.24
CA ILE A 178 5.23 -2.46 -5.73
C ILE A 178 6.33 -1.44 -6.07
N VAL A 179 7.33 -1.31 -5.20
CA VAL A 179 8.43 -0.38 -5.39
C VAL A 179 9.55 -1.00 -6.23
N GLY A 180 9.59 -2.34 -6.33
CA GLY A 180 10.56 -3.05 -7.15
C GLY A 180 11.86 -3.38 -6.41
N VAL A 181 11.93 -3.11 -5.11
CA VAL A 181 13.10 -3.41 -4.30
C VAL A 181 13.26 -4.90 -4.00
N ASP A 182 14.32 -5.23 -3.28
CA ASP A 182 14.59 -6.59 -2.84
C ASP A 182 15.23 -6.52 -1.46
N LEU A 183 14.88 -7.47 -0.59
CA LEU A 183 15.30 -7.47 0.81
C LEU A 183 16.60 -8.27 0.99
N MET A 1 17.32 -2.98 -40.05
CA MET A 1 17.35 -4.06 -39.03
C MET A 1 18.78 -4.41 -38.63
N GLY A 2 19.57 -4.92 -39.59
CA GLY A 2 20.95 -5.29 -39.34
C GLY A 2 21.09 -6.61 -38.61
N SER A 3 22.33 -7.04 -38.36
CA SER A 3 22.61 -8.28 -37.66
C SER A 3 23.96 -8.23 -36.94
N SER A 4 24.69 -7.12 -37.07
CA SER A 4 25.99 -6.93 -36.44
C SER A 4 25.87 -6.59 -34.95
N HIS A 5 24.66 -6.66 -34.40
CA HIS A 5 24.43 -6.34 -33.00
C HIS A 5 25.05 -7.40 -32.08
N HIS A 6 25.29 -7.01 -30.83
CA HIS A 6 25.90 -7.88 -29.83
C HIS A 6 25.50 -7.43 -28.43
N HIS A 7 25.69 -8.31 -27.44
CA HIS A 7 25.36 -8.02 -26.05
C HIS A 7 26.28 -6.92 -25.49
N HIS A 8 25.83 -6.27 -24.41
CA HIS A 8 26.57 -5.19 -23.78
C HIS A 8 26.20 -5.08 -22.29
N HIS A 9 27.02 -4.37 -21.53
CA HIS A 9 26.81 -4.17 -20.10
C HIS A 9 27.50 -2.90 -19.62
N HIS A 10 27.14 -2.44 -18.42
CA HIS A 10 27.69 -1.22 -17.84
C HIS A 10 29.17 -1.39 -17.47
N GLU A 11 29.88 -0.26 -17.39
CA GLU A 11 31.29 -0.24 -17.07
C GLU A 11 31.54 -0.21 -15.56
N ASN A 12 30.50 -0.54 -14.78
CA ASN A 12 30.58 -0.56 -13.34
C ASN A 12 31.47 -1.71 -12.87
N LEU A 13 32.07 -1.56 -11.69
CA LEU A 13 32.95 -2.56 -11.10
C LEU A 13 32.12 -3.72 -10.52
N TYR A 14 32.79 -4.83 -10.20
CA TYR A 14 32.12 -5.97 -9.60
C TYR A 14 31.44 -5.71 -8.26
N PHE A 15 30.43 -6.53 -7.96
CA PHE A 15 29.54 -6.42 -6.81
C PHE A 15 28.94 -5.04 -6.46
N GLN A 16 29.30 -4.01 -7.23
CA GLN A 16 28.79 -2.65 -7.05
C GLN A 16 27.44 -2.49 -7.77
N SER A 17 26.93 -3.57 -8.35
CA SER A 17 25.67 -3.55 -9.08
C SER A 17 24.47 -3.42 -8.15
N ASN A 18 24.70 -3.44 -6.85
CA ASN A 18 23.64 -3.43 -5.90
C ASN A 18 23.99 -2.58 -4.68
N ALA A 19 22.96 -2.18 -3.94
CA ALA A 19 23.12 -1.43 -2.70
C ALA A 19 21.89 -1.60 -1.80
N GLU A 20 22.02 -1.16 -0.55
CA GLU A 20 20.93 -1.21 0.41
C GLU A 20 19.83 -0.23 0.03
N ILE A 21 18.64 -0.39 0.63
CA ILE A 21 17.50 0.45 0.35
C ILE A 21 17.74 1.87 0.88
N ALA A 22 17.27 2.88 0.15
CA ALA A 22 17.42 4.27 0.53
C ALA A 22 16.33 4.69 1.51
N ASP A 23 16.62 5.69 2.35
CA ASP A 23 15.71 6.20 3.37
C ASP A 23 14.53 7.03 2.85
N GLU A 24 14.13 6.80 1.60
CA GLU A 24 13.05 7.52 0.96
C GLU A 24 11.73 7.32 1.70
N PRO A 25 10.87 8.35 1.75
CA PRO A 25 9.54 8.28 2.36
C PRO A 25 8.58 7.50 1.48
N VAL A 26 7.38 7.24 1.99
CA VAL A 26 6.34 6.56 1.23
C VAL A 26 5.74 7.51 0.19
N LYS A 27 5.28 6.96 -0.94
CA LYS A 27 4.70 7.76 -2.01
C LYS A 27 3.18 7.81 -1.89
N ALA A 28 2.58 8.91 -2.32
CA ALA A 28 1.13 9.03 -2.32
C ALA A 28 0.51 8.06 -3.32
N SER A 29 1.33 7.55 -4.26
CA SER A 29 0.87 6.60 -5.27
C SER A 29 0.38 5.30 -4.65
N LEU A 30 0.96 4.92 -3.50
CA LEU A 30 0.54 3.73 -2.78
C LEU A 30 -0.55 4.10 -1.78
N LEU A 31 -0.39 5.21 -1.08
CA LEU A 31 -1.31 5.60 -0.02
C LEU A 31 -2.72 5.81 -0.60
N LEU A 32 -2.81 6.58 -1.69
CA LEU A 32 -4.08 6.86 -2.35
C LEU A 32 -4.75 5.57 -2.79
N HIS A 33 -3.95 4.67 -3.39
CA HIS A 33 -4.42 3.38 -3.88
C HIS A 33 -5.03 2.54 -2.76
N VAL A 34 -4.53 2.65 -1.52
CA VAL A 34 -5.06 1.87 -0.41
C VAL A 34 -6.38 2.48 0.08
N LEU A 35 -6.52 3.81 0.04
CA LEU A 35 -7.73 4.46 0.53
C LEU A 35 -8.95 4.00 -0.26
N VAL A 36 -8.77 3.81 -1.58
CA VAL A 36 -9.86 3.35 -2.44
C VAL A 36 -10.12 1.87 -2.19
N ALA A 37 -9.05 1.09 -2.06
CA ALA A 37 -9.15 -0.35 -1.87
C ALA A 37 -9.88 -0.68 -0.57
N HIS A 38 -9.54 0.02 0.52
CA HIS A 38 -10.14 -0.28 1.82
C HIS A 38 -11.57 0.21 1.92
N LYS A 39 -11.95 1.24 1.15
CA LYS A 39 -13.30 1.75 1.15
C LYS A 39 -14.25 0.79 0.43
N LEU A 40 -13.70 -0.06 -0.45
CA LEU A 40 -14.49 -1.01 -1.23
C LEU A 40 -14.12 -2.46 -0.92
N LYS A 41 -13.37 -2.65 0.18
CA LYS A 41 -12.98 -3.96 0.69
C LYS A 41 -12.17 -4.76 -0.33
N LYS A 42 -11.54 -4.07 -1.28
CA LYS A 42 -10.71 -4.68 -2.31
C LYS A 42 -9.23 -4.61 -1.93
N SER A 43 -8.39 -5.25 -2.74
CA SER A 43 -6.94 -5.19 -2.59
C SER A 43 -6.35 -4.42 -3.75
N LEU A 44 -5.08 -4.02 -3.63
CA LEU A 44 -4.41 -3.29 -4.72
C LEU A 44 -4.33 -4.15 -5.97
N ASP A 45 -4.47 -5.46 -5.81
CA ASP A 45 -4.50 -6.41 -6.90
C ASP A 45 -5.84 -6.48 -7.64
N SER A 46 -6.85 -5.75 -7.14
CA SER A 46 -8.18 -5.73 -7.74
C SER A 46 -8.71 -4.31 -7.94
N ILE A 47 -7.86 -3.31 -7.69
CA ILE A 47 -8.19 -1.92 -7.92
C ILE A 47 -7.35 -1.40 -9.07
N PRO A 48 -7.90 -1.36 -10.30
CA PRO A 48 -7.22 -0.81 -11.44
C PRO A 48 -7.12 0.71 -11.28
N MET A 49 -5.91 1.26 -11.42
CA MET A 49 -5.69 2.69 -11.29
C MET A 49 -6.26 3.42 -12.50
N SER A 50 -6.55 2.70 -13.58
CA SER A 50 -7.04 3.30 -14.82
C SER A 50 -8.49 3.71 -14.73
N LYS A 51 -9.11 3.59 -13.54
CA LYS A 51 -10.53 3.90 -13.36
C LYS A 51 -10.72 5.13 -12.49
N THR A 52 -11.78 5.88 -12.79
CA THR A 52 -12.19 7.05 -12.02
C THR A 52 -12.93 6.72 -10.72
N ILE A 53 -12.85 7.59 -9.72
CA ILE A 53 -13.52 7.37 -8.45
C ILE A 53 -15.01 7.11 -8.66
N LYS A 54 -15.60 7.76 -9.68
CA LYS A 54 -17.01 7.58 -9.97
C LYS A 54 -17.29 6.24 -10.66
N ASP A 55 -16.26 5.56 -11.16
CA ASP A 55 -16.41 4.27 -11.81
C ASP A 55 -15.98 3.18 -10.82
N LEU A 56 -15.22 3.53 -9.77
CA LEU A 56 -14.82 2.56 -8.75
C LEU A 56 -16.03 2.09 -7.95
N VAL A 57 -16.96 3.02 -7.67
CA VAL A 57 -18.13 2.72 -6.85
C VAL A 57 -19.33 2.22 -7.64
N GLY A 58 -19.31 2.34 -8.97
CA GLY A 58 -20.42 1.92 -9.81
C GLY A 58 -21.42 3.04 -10.08
N GLY A 59 -21.05 4.29 -9.78
CA GLY A 59 -21.88 5.46 -10.11
C GLY A 59 -22.70 6.02 -8.95
N LYS A 60 -22.52 5.50 -7.73
CA LYS A 60 -23.21 6.05 -6.56
C LYS A 60 -22.75 7.48 -6.30
N SER A 61 -23.69 8.38 -5.99
CA SER A 61 -23.36 9.77 -5.70
C SER A 61 -22.82 9.93 -4.27
N THR A 62 -23.16 8.99 -3.38
CA THR A 62 -22.69 9.01 -2.00
C THR A 62 -21.25 8.53 -1.81
N VAL A 63 -20.96 7.29 -2.20
CA VAL A 63 -19.63 6.72 -2.04
C VAL A 63 -18.56 7.53 -2.77
N GLN A 64 -18.92 8.07 -3.94
CA GLN A 64 -18.06 8.96 -4.71
C GLN A 64 -17.70 10.21 -3.91
N ASN A 65 -18.64 10.69 -3.09
CA ASN A 65 -18.44 11.88 -2.26
C ASN A 65 -17.66 11.55 -0.99
N GLU A 66 -17.75 10.32 -0.48
CA GLU A 66 -16.99 9.91 0.69
C GLU A 66 -15.51 9.74 0.33
N ILE A 67 -15.23 9.18 -0.84
CA ILE A 67 -13.84 9.01 -1.30
C ILE A 67 -13.24 10.36 -1.67
N LEU A 68 -14.07 11.29 -2.12
CA LEU A 68 -13.63 12.62 -2.54
C LEU A 68 -13.11 13.43 -1.35
N GLY A 69 -13.73 13.24 -0.17
CA GLY A 69 -13.35 13.96 1.03
C GLY A 69 -12.21 13.28 1.77
N ASP A 70 -12.08 11.96 1.65
CA ASP A 70 -11.03 11.20 2.33
C ASP A 70 -9.60 11.56 1.93
N LEU A 71 -9.45 12.27 0.82
CA LEU A 71 -8.16 12.72 0.35
C LEU A 71 -7.81 14.07 0.99
N GLY A 72 -8.81 14.90 1.28
CA GLY A 72 -8.56 16.18 1.94
C GLY A 72 -8.24 15.94 3.42
N LYS A 73 -8.83 14.88 3.98
CA LYS A 73 -8.63 14.46 5.36
C LYS A 73 -7.32 13.70 5.54
N GLU A 74 -6.55 13.49 4.46
CA GLU A 74 -5.33 12.69 4.50
C GLU A 74 -4.14 13.39 3.83
N PHE A 75 -4.40 14.22 2.82
CA PHE A 75 -3.36 14.94 2.10
C PHE A 75 -3.34 16.43 2.44
N GLY A 76 -4.22 16.83 3.36
CA GLY A 76 -4.40 18.22 3.78
C GLY A 76 -5.22 19.02 2.77
N THR A 77 -5.32 18.54 1.53
CA THR A 77 -6.10 19.19 0.48
C THR A 77 -6.32 18.28 -0.73
N THR A 78 -7.09 18.75 -1.71
CA THR A 78 -7.35 18.03 -2.95
C THR A 78 -7.22 18.96 -4.15
N PRO A 79 -6.85 18.39 -5.31
CA PRO A 79 -6.69 19.11 -6.55
C PRO A 79 -8.05 19.42 -7.17
N GLU A 80 -8.05 19.96 -8.39
CA GLU A 80 -9.28 20.31 -9.08
C GLU A 80 -9.88 19.12 -9.83
N LYS A 81 -11.22 19.09 -9.83
CA LYS A 81 -12.05 18.11 -10.52
C LYS A 81 -11.59 16.66 -10.29
N PRO A 82 -11.17 16.29 -9.07
CA PRO A 82 -10.55 15.01 -8.82
C PRO A 82 -11.52 13.84 -8.99
N GLU A 83 -12.82 14.09 -8.88
CA GLU A 83 -13.83 13.05 -9.01
C GLU A 83 -13.93 12.56 -10.45
N GLU A 84 -13.35 13.31 -11.39
CA GLU A 84 -13.29 12.94 -12.80
C GLU A 84 -11.88 12.49 -13.21
N THR A 85 -11.02 12.21 -12.22
CA THR A 85 -9.64 11.82 -12.46
C THR A 85 -9.35 10.36 -12.11
N PRO A 86 -8.69 9.61 -13.00
CA PRO A 86 -8.33 8.23 -12.73
C PRO A 86 -7.26 8.18 -11.65
N LEU A 87 -7.26 7.10 -10.85
CA LEU A 87 -6.35 6.98 -9.74
C LEU A 87 -4.89 6.89 -10.21
N GLU A 88 -4.66 6.47 -11.45
CA GLU A 88 -3.33 6.32 -11.99
C GLU A 88 -2.70 7.69 -12.27
N GLU A 89 -3.52 8.76 -12.37
CA GLU A 89 -3.02 10.12 -12.56
C GLU A 89 -3.30 10.99 -11.35
N LEU A 90 -4.31 10.65 -10.55
CA LEU A 90 -4.70 11.47 -9.42
C LEU A 90 -3.69 11.34 -8.27
N ALA A 91 -3.27 10.09 -7.99
CA ALA A 91 -2.28 9.86 -6.94
C ALA A 91 -0.94 10.52 -7.26
N GLU A 92 -0.62 10.70 -8.55
CA GLU A 92 0.59 11.40 -8.96
C GLU A 92 0.49 12.88 -8.61
N THR A 93 -0.73 13.39 -8.45
CA THR A 93 -0.97 14.77 -8.01
C THR A 93 -0.84 14.95 -6.51
N PHE A 94 -1.08 13.89 -5.75
CA PHE A 94 -0.98 13.92 -4.30
C PHE A 94 0.44 13.91 -3.73
N GLN A 95 1.36 13.25 -4.42
CA GLN A 95 2.75 13.17 -3.98
C GLN A 95 3.45 14.53 -4.11
N ASP A 96 2.85 15.46 -4.86
CA ASP A 96 3.41 16.78 -5.10
C ASP A 96 3.35 17.58 -3.79
N THR A 97 2.50 17.16 -2.86
CA THR A 97 2.28 17.88 -1.61
C THR A 97 2.18 16.99 -0.37
N PHE A 98 2.33 15.67 -0.54
CA PHE A 98 2.25 14.74 0.57
C PHE A 98 3.39 14.84 1.59
N SER A 99 3.11 14.55 2.86
CA SER A 99 4.05 14.72 3.95
C SER A 99 5.16 13.66 3.97
N GLY A 100 5.04 12.61 3.17
CA GLY A 100 5.99 11.50 3.22
C GLY A 100 5.71 10.59 4.41
N ALA A 101 4.65 10.89 5.16
CA ALA A 101 4.18 10.11 6.27
C ALA A 101 2.66 10.21 6.34
N LEU A 102 2.03 9.15 6.86
CA LEU A 102 0.58 9.01 6.86
C LEU A 102 -0.13 10.16 7.57
N GLY A 103 -1.27 10.56 7.04
CA GLY A 103 -2.14 11.56 7.65
C GLY A 103 -2.97 10.92 8.77
N LYS A 104 -3.85 11.71 9.40
CA LYS A 104 -4.61 11.24 10.54
C LYS A 104 -5.64 10.17 10.15
N GLN A 105 -6.00 10.08 8.86
CA GLN A 105 -6.96 9.07 8.42
C GLN A 105 -6.29 7.74 8.20
N SER A 106 -5.30 7.67 7.28
CA SER A 106 -4.72 6.39 6.92
C SER A 106 -3.96 5.78 8.10
N SER A 107 -3.39 6.61 8.98
CA SER A 107 -2.66 6.14 10.14
C SER A 107 -3.60 5.55 11.20
N SER A 108 -4.84 6.03 11.25
CA SER A 108 -5.83 5.53 12.19
C SER A 108 -6.52 4.29 11.63
N LEU A 109 -6.65 4.23 10.31
CA LEU A 109 -7.25 3.11 9.60
C LEU A 109 -6.38 1.85 9.71
N LEU A 110 -5.15 1.96 10.24
CA LEU A 110 -4.29 0.80 10.40
C LEU A 110 -4.76 -0.04 11.58
N SER A 111 -5.40 0.61 12.56
CA SER A 111 -5.95 -0.07 13.72
C SER A 111 -7.31 -0.66 13.39
N ARG A 112 -7.98 -0.13 12.36
CA ARG A 112 -9.29 -0.63 11.96
C ARG A 112 -9.15 -1.97 11.24
N LEU A 113 -7.96 -2.29 10.74
CA LEU A 113 -7.68 -3.59 10.16
C LEU A 113 -7.77 -4.64 11.26
N ILE A 114 -7.22 -4.34 12.43
CA ILE A 114 -7.19 -5.26 13.55
C ILE A 114 -8.60 -5.50 14.08
N SER A 115 -9.50 -4.51 13.90
CA SER A 115 -10.87 -4.61 14.36
C SER A 115 -11.80 -5.13 13.26
N SER A 116 -11.35 -5.14 12.01
CA SER A 116 -12.19 -5.53 10.89
C SER A 116 -12.40 -7.04 10.79
N LYS A 117 -11.30 -7.82 10.77
CA LYS A 117 -11.36 -9.27 10.56
C LYS A 117 -10.29 -10.04 11.35
N MET A 118 -9.32 -9.35 11.95
CA MET A 118 -8.20 -10.01 12.60
C MET A 118 -8.62 -10.72 13.89
N PRO A 119 -7.90 -11.77 14.28
CA PRO A 119 -8.12 -12.52 15.51
C PRO A 119 -7.68 -11.68 16.73
N GLY A 120 -7.65 -12.29 17.92
CA GLY A 120 -7.26 -11.61 19.14
C GLY A 120 -5.93 -12.13 19.71
N GLY A 121 -5.23 -11.29 20.49
CA GLY A 121 -3.97 -11.66 21.15
C GLY A 121 -2.77 -10.84 20.67
N PHE A 122 -2.99 -9.81 19.85
CA PHE A 122 -1.95 -8.97 19.26
C PHE A 122 -2.37 -7.51 19.06
N THR A 123 -1.40 -6.61 18.91
CA THR A 123 -1.69 -5.17 18.80
C THR A 123 -0.90 -4.42 17.73
N ILE A 124 -1.38 -3.23 17.39
CA ILE A 124 -0.71 -2.40 16.39
C ILE A 124 0.59 -1.83 16.95
N THR A 125 0.69 -1.66 18.27
CA THR A 125 1.92 -1.14 18.87
C THR A 125 2.95 -2.26 18.79
N VAL A 126 2.50 -3.51 18.93
CA VAL A 126 3.34 -4.69 18.87
C VAL A 126 3.69 -4.95 17.41
N ALA A 127 2.86 -4.47 16.49
CA ALA A 127 3.03 -4.65 15.05
C ALA A 127 4.21 -3.84 14.52
N ARG A 128 4.52 -2.71 15.17
CA ARG A 128 5.67 -1.90 14.81
C ARG A 128 6.61 -1.71 16.00
N LYS A 129 6.50 -2.59 17.00
CA LYS A 129 7.43 -2.62 18.13
C LYS A 129 8.86 -2.72 17.58
N TYR A 130 9.00 -3.48 16.49
CA TYR A 130 10.22 -3.62 15.71
C TYR A 130 9.95 -4.01 14.26
N LEU A 131 10.75 -3.50 13.32
CA LEU A 131 10.56 -3.78 11.90
C LEU A 131 11.86 -3.57 11.11
N GLN A 132 12.59 -2.49 11.41
CA GLN A 132 13.81 -2.16 10.70
C GLN A 132 14.90 -3.21 10.94
N THR A 133 14.81 -3.96 12.05
CA THR A 133 15.76 -5.02 12.35
C THR A 133 15.37 -6.39 11.77
N ARG A 134 14.14 -6.49 11.25
CA ARG A 134 13.60 -7.74 10.73
C ARG A 134 13.82 -7.87 9.22
N TRP A 135 14.05 -6.74 8.53
CA TRP A 135 14.25 -6.72 7.08
C TRP A 135 15.25 -5.66 6.61
N GLY A 136 15.84 -4.90 7.53
CA GLY A 136 16.79 -3.85 7.18
C GLY A 136 16.08 -2.63 6.58
N LEU A 137 14.76 -2.60 6.63
CA LEU A 137 13.97 -1.51 6.06
C LEU A 137 14.27 -0.20 6.80
N PRO A 138 14.45 0.90 6.07
CA PRO A 138 14.68 2.21 6.63
C PRO A 138 13.39 2.80 7.21
N SER A 139 13.52 3.85 8.01
CA SER A 139 12.37 4.46 8.69
C SER A 139 11.38 5.10 7.72
N GLY A 140 11.80 5.39 6.47
CA GLY A 140 10.93 6.00 5.49
C GLY A 140 9.97 5.00 4.85
N ARG A 141 10.25 3.69 5.00
CA ARG A 141 9.42 2.63 4.45
C ARG A 141 8.51 2.00 5.50
N GLN A 142 8.65 2.37 6.77
CA GLN A 142 7.78 1.85 7.82
C GLN A 142 6.35 2.34 7.63
N ASP A 143 6.17 3.43 6.87
CA ASP A 143 4.85 3.96 6.58
C ASP A 143 4.17 3.36 5.36
N GLY A 144 4.92 2.59 4.56
CA GLY A 144 4.39 1.93 3.37
C GLY A 144 4.06 0.46 3.61
N VAL A 145 4.92 -0.25 4.36
CA VAL A 145 4.74 -1.68 4.57
C VAL A 145 3.57 -1.98 5.50
N LEU A 146 3.22 -1.02 6.36
CA LEU A 146 2.17 -1.19 7.35
C LEU A 146 0.86 -0.67 6.78
N LEU A 147 0.97 -0.05 5.60
CA LEU A 147 -0.12 0.56 4.87
C LEU A 147 -0.60 -0.42 3.81
N VAL A 148 0.29 -1.28 3.30
CA VAL A 148 -0.08 -2.34 2.37
C VAL A 148 -0.82 -3.44 3.14
N ALA A 149 -0.64 -3.49 4.46
CA ALA A 149 -1.33 -4.48 5.28
C ALA A 149 -2.82 -4.20 5.31
N LEU A 150 -3.19 -2.91 5.17
CA LEU A 150 -4.58 -2.48 5.22
C LEU A 150 -5.32 -2.89 3.95
N SER A 151 -4.62 -3.02 2.83
CA SER A 151 -5.23 -3.43 1.58
C SER A 151 -5.25 -4.94 1.43
N ASN A 152 -4.41 -5.66 2.19
CA ASN A 152 -4.40 -7.11 2.18
C ASN A 152 -5.62 -7.63 2.95
N GLU A 153 -5.84 -7.11 4.16
CA GLU A 153 -7.02 -7.34 5.00
C GLU A 153 -7.59 -8.75 4.84
N PRO A 154 -6.88 -9.78 5.30
CA PRO A 154 -7.32 -11.16 5.18
C PRO A 154 -8.54 -11.42 6.06
N ALA A 155 -9.53 -12.13 5.52
CA ALA A 155 -10.71 -12.50 6.26
C ALA A 155 -10.43 -13.70 7.17
N ALA A 156 -9.52 -14.58 6.73
CA ALA A 156 -9.08 -15.73 7.50
C ALA A 156 -7.77 -16.24 6.89
N ARG A 157 -6.66 -16.05 7.61
CA ARG A 157 -5.33 -16.48 7.16
C ARG A 157 -4.46 -16.84 8.35
N LEU A 158 -4.96 -16.63 9.57
CA LEU A 158 -4.25 -16.88 10.81
C LEU A 158 -5.22 -17.48 11.81
N GLY A 159 -4.78 -18.50 12.56
CA GLY A 159 -5.63 -19.11 13.57
C GLY A 159 -5.48 -18.43 14.92
N SER A 160 -4.53 -17.50 15.03
CA SER A 160 -4.30 -16.71 16.24
C SER A 160 -3.60 -15.41 15.86
N GLU A 161 -3.85 -14.34 16.62
CA GLU A 161 -3.27 -13.04 16.30
C GLU A 161 -1.81 -12.99 16.72
N ALA A 162 -1.37 -13.93 17.56
CA ALA A 162 0.03 -14.01 17.94
C ALA A 162 0.88 -14.37 16.72
N ASP A 163 0.24 -14.97 15.70
CA ASP A 163 0.89 -15.28 14.43
C ASP A 163 0.81 -14.12 13.43
N ALA A 164 0.03 -13.08 13.76
CA ALA A 164 -0.12 -11.93 12.89
C ALA A 164 1.15 -11.09 12.87
N LYS A 165 2.06 -11.31 13.82
CA LYS A 165 3.35 -10.66 13.83
C LYS A 165 4.23 -11.23 12.71
N ALA A 166 4.04 -12.53 12.42
CA ALA A 166 4.76 -13.19 11.34
C ALA A 166 4.12 -12.84 9.99
N PHE A 167 2.87 -12.38 10.01
CA PHE A 167 2.20 -11.92 8.81
C PHE A 167 2.78 -10.64 8.19
N LEU A 168 3.39 -9.80 9.04
CA LEU A 168 4.03 -8.57 8.60
C LEU A 168 5.31 -8.88 7.83
N ASP A 169 5.88 -10.07 8.03
CA ASP A 169 7.03 -10.50 7.26
C ASP A 169 6.73 -10.77 5.79
N SER A 170 5.45 -10.92 5.48
CA SER A 170 5.00 -11.04 4.10
C SER A 170 4.84 -9.65 3.52
N MET A 171 4.25 -8.75 4.30
CA MET A 171 3.95 -7.40 3.87
C MET A 171 5.21 -6.64 3.45
N ALA A 172 6.36 -6.97 4.04
CA ALA A 172 7.63 -6.36 3.68
C ALA A 172 7.96 -6.65 2.22
N GLN A 173 7.54 -7.82 1.71
CA GLN A 173 7.75 -8.21 0.33
C GLN A 173 6.63 -7.70 -0.56
N LYS A 174 5.44 -7.54 0.02
CA LYS A 174 4.29 -7.01 -0.72
C LYS A 174 4.56 -5.58 -1.14
N TYR A 175 5.16 -4.79 -0.25
CA TYR A 175 5.53 -3.42 -0.57
C TYR A 175 6.68 -3.28 -1.55
N ALA A 176 7.68 -4.16 -1.42
CA ALA A 176 8.90 -4.07 -2.24
C ALA A 176 8.58 -4.34 -3.71
N SER A 177 7.50 -5.06 -4.00
CA SER A 177 7.07 -5.32 -5.36
C SER A 177 6.43 -4.07 -5.98
N ILE A 178 5.96 -3.15 -5.15
CA ILE A 178 5.29 -1.94 -5.61
C ILE A 178 6.30 -0.83 -5.88
N VAL A 179 7.31 -0.70 -5.01
CA VAL A 179 8.34 0.32 -5.16
C VAL A 179 9.50 -0.18 -6.03
N GLY A 180 9.61 -1.50 -6.21
CA GLY A 180 10.63 -2.10 -7.07
C GLY A 180 11.94 -2.42 -6.33
N VAL A 181 12.01 -2.18 -5.02
CA VAL A 181 13.18 -2.47 -4.22
C VAL A 181 13.36 -3.97 -3.96
N ASP A 182 14.40 -4.30 -3.21
CA ASP A 182 14.69 -5.67 -2.81
C ASP A 182 15.26 -5.63 -1.39
N LEU A 183 14.88 -6.61 -0.56
CA LEU A 183 15.25 -6.67 0.84
C LEU A 183 16.59 -7.37 1.04
N MET A 1 3.56 -21.03 -34.35
CA MET A 1 3.63 -21.51 -32.96
C MET A 1 3.84 -20.34 -31.99
N GLY A 2 3.21 -20.41 -30.80
CA GLY A 2 3.31 -19.37 -29.81
C GLY A 2 2.51 -18.12 -30.21
N SER A 3 2.68 -17.03 -29.45
CA SER A 3 1.99 -15.78 -29.72
C SER A 3 2.49 -15.15 -31.02
N SER A 4 1.64 -14.39 -31.70
CA SER A 4 1.99 -13.71 -32.93
C SER A 4 2.92 -12.51 -32.68
N HIS A 5 3.21 -12.25 -31.40
CA HIS A 5 4.11 -11.17 -31.01
C HIS A 5 5.58 -11.63 -31.14
N HIS A 6 5.80 -12.93 -31.36
CA HIS A 6 7.13 -13.49 -31.48
C HIS A 6 7.78 -13.04 -32.80
N HIS A 7 9.12 -13.04 -32.84
CA HIS A 7 9.87 -12.65 -34.01
C HIS A 7 11.25 -13.30 -33.97
N HIS A 8 11.88 -13.51 -35.14
CA HIS A 8 13.13 -14.25 -35.22
C HIS A 8 14.32 -13.48 -34.66
N HIS A 9 14.18 -12.17 -34.40
CA HIS A 9 15.23 -11.37 -33.78
C HIS A 9 15.23 -11.50 -32.25
N HIS A 10 14.62 -12.56 -31.72
CA HIS A 10 14.58 -12.81 -30.29
C HIS A 10 15.99 -13.02 -29.72
N GLU A 11 16.11 -12.93 -28.40
CA GLU A 11 17.39 -13.11 -27.71
C GLU A 11 17.16 -13.58 -26.27
N ASN A 12 18.22 -14.07 -25.63
CA ASN A 12 18.17 -14.55 -24.26
C ASN A 12 17.98 -13.38 -23.28
N LEU A 13 17.53 -13.69 -22.06
CA LEU A 13 17.34 -12.70 -21.01
C LEU A 13 18.67 -12.22 -20.45
N TYR A 14 18.63 -11.12 -19.69
CA TYR A 14 19.81 -10.51 -19.09
C TYR A 14 19.69 -10.12 -17.61
N PHE A 15 20.81 -9.69 -17.03
CA PHE A 15 20.89 -9.26 -15.65
C PHE A 15 20.07 -7.96 -15.55
N GLN A 16 19.82 -7.51 -14.32
CA GLN A 16 19.07 -6.29 -14.06
C GLN A 16 19.60 -5.61 -12.80
N SER A 17 19.44 -4.28 -12.71
CA SER A 17 19.90 -3.51 -11.57
C SER A 17 19.18 -3.90 -10.28
N ASN A 18 19.83 -3.66 -9.14
CA ASN A 18 19.25 -3.91 -7.85
C ASN A 18 19.98 -3.07 -6.81
N ALA A 19 19.34 -2.82 -5.67
CA ALA A 19 19.96 -2.08 -4.57
C ALA A 19 19.27 -2.38 -3.24
N GLU A 20 19.99 -2.12 -2.14
CA GLU A 20 19.47 -2.30 -0.79
C GLU A 20 18.46 -1.19 -0.46
N ILE A 21 17.74 -1.37 0.65
CA ILE A 21 16.72 -0.42 1.10
C ILE A 21 17.38 0.87 1.60
N ALA A 22 16.63 1.98 1.54
CA ALA A 22 17.05 3.28 2.00
C ALA A 22 15.90 3.97 2.74
N ASP A 23 16.21 5.03 3.48
CA ASP A 23 15.25 5.79 4.28
C ASP A 23 14.25 6.63 3.47
N GLU A 24 13.95 6.18 2.25
CA GLU A 24 13.06 6.88 1.34
C GLU A 24 11.63 6.86 1.88
N PRO A 25 10.95 8.02 1.92
CA PRO A 25 9.61 8.15 2.46
C PRO A 25 8.55 7.50 1.59
N VAL A 26 7.35 7.32 2.16
CA VAL A 26 6.20 6.78 1.46
C VAL A 26 5.66 7.85 0.52
N LYS A 27 4.93 7.42 -0.52
CA LYS A 27 4.41 8.32 -1.54
C LYS A 27 2.90 8.15 -1.66
N ALA A 28 2.21 9.20 -2.13
CA ALA A 28 0.77 9.17 -2.28
C ALA A 28 0.33 8.12 -3.30
N SER A 29 1.27 7.62 -4.12
CA SER A 29 0.97 6.64 -5.16
C SER A 29 0.43 5.34 -4.57
N LEU A 30 0.90 4.96 -3.37
CA LEU A 30 0.43 3.76 -2.70
C LEU A 30 -0.67 4.11 -1.70
N LEU A 31 -0.55 5.26 -1.04
CA LEU A 31 -1.50 5.66 -0.01
C LEU A 31 -2.88 5.87 -0.62
N LEU A 32 -2.94 6.64 -1.71
CA LEU A 32 -4.20 6.93 -2.39
C LEU A 32 -4.85 5.65 -2.90
N HIS A 33 -4.04 4.79 -3.51
CA HIS A 33 -4.49 3.52 -4.06
C HIS A 33 -5.13 2.64 -2.98
N VAL A 34 -4.63 2.70 -1.74
CA VAL A 34 -5.17 1.90 -0.64
C VAL A 34 -6.41 2.60 -0.08
N LEU A 35 -6.44 3.93 -0.11
CA LEU A 35 -7.55 4.70 0.42
C LEU A 35 -8.85 4.44 -0.34
N VAL A 36 -8.75 4.02 -1.61
CA VAL A 36 -9.92 3.67 -2.39
C VAL A 36 -10.25 2.20 -2.14
N ALA A 37 -9.21 1.35 -2.10
CA ALA A 37 -9.38 -0.08 -1.96
C ALA A 37 -10.16 -0.45 -0.70
N HIS A 38 -9.91 0.21 0.43
CA HIS A 38 -10.57 -0.17 1.67
C HIS A 38 -12.03 0.27 1.71
N LYS A 39 -12.39 1.32 0.96
CA LYS A 39 -13.75 1.81 0.90
C LYS A 39 -14.64 0.84 0.12
N LEU A 40 -14.04 0.07 -0.79
CA LEU A 40 -14.74 -0.91 -1.60
C LEU A 40 -14.41 -2.34 -1.16
N LYS A 41 -13.70 -2.48 -0.04
CA LYS A 41 -13.30 -3.77 0.52
C LYS A 41 -12.46 -4.57 -0.46
N LYS A 42 -11.88 -3.90 -1.46
CA LYS A 42 -11.04 -4.50 -2.48
C LYS A 42 -9.57 -4.49 -2.09
N SER A 43 -8.76 -5.21 -2.87
CA SER A 43 -7.31 -5.18 -2.77
C SER A 43 -6.75 -4.45 -3.98
N LEU A 44 -5.50 -4.01 -3.92
CA LEU A 44 -4.88 -3.30 -5.02
C LEU A 44 -4.76 -4.21 -6.24
N ASP A 45 -4.95 -5.52 -6.05
CA ASP A 45 -5.02 -6.48 -7.14
C ASP A 45 -6.32 -6.47 -7.92
N SER A 46 -7.26 -5.61 -7.53
CA SER A 46 -8.57 -5.49 -8.18
C SER A 46 -9.02 -4.04 -8.30
N ILE A 47 -8.15 -3.09 -7.92
CA ILE A 47 -8.40 -1.67 -8.08
C ILE A 47 -7.51 -1.15 -9.21
N PRO A 48 -8.05 -0.99 -10.43
CA PRO A 48 -7.32 -0.42 -11.54
C PRO A 48 -7.17 1.09 -11.31
N MET A 49 -5.96 1.61 -11.44
CA MET A 49 -5.72 3.04 -11.28
C MET A 49 -6.29 3.80 -12.46
N SER A 50 -6.55 3.11 -13.57
CA SER A 50 -6.98 3.75 -14.81
C SER A 50 -8.45 4.14 -14.78
N LYS A 51 -9.07 4.14 -13.58
CA LYS A 51 -10.47 4.47 -13.42
C LYS A 51 -10.63 5.67 -12.52
N THR A 52 -11.71 6.45 -12.73
CA THR A 52 -12.04 7.58 -11.91
C THR A 52 -12.93 7.24 -10.73
N ILE A 53 -12.90 8.05 -9.67
CA ILE A 53 -13.68 7.82 -8.46
C ILE A 53 -15.15 7.61 -8.78
N LYS A 54 -15.66 8.26 -9.84
CA LYS A 54 -17.05 8.12 -10.24
C LYS A 54 -17.34 6.79 -10.93
N ASP A 55 -16.30 6.07 -11.35
CA ASP A 55 -16.44 4.79 -12.02
C ASP A 55 -16.01 3.68 -11.03
N LEU A 56 -15.29 4.03 -9.96
CA LEU A 56 -14.88 3.07 -8.95
C LEU A 56 -16.11 2.54 -8.21
N VAL A 57 -17.13 3.39 -8.06
CA VAL A 57 -18.35 3.05 -7.31
C VAL A 57 -19.53 2.63 -8.18
N GLY A 58 -19.45 2.84 -9.50
CA GLY A 58 -20.53 2.50 -10.41
C GLY A 58 -21.50 3.66 -10.62
N GLY A 59 -21.16 4.88 -10.19
CA GLY A 59 -21.95 6.07 -10.46
C GLY A 59 -22.80 6.56 -9.28
N LYS A 60 -22.69 5.95 -8.09
CA LYS A 60 -23.42 6.43 -6.93
C LYS A 60 -22.92 7.82 -6.54
N SER A 61 -23.84 8.73 -6.21
CA SER A 61 -23.47 10.09 -5.81
C SER A 61 -22.90 10.10 -4.40
N THR A 62 -23.40 9.22 -3.51
CA THR A 62 -22.95 9.14 -2.14
C THR A 62 -21.54 8.59 -1.94
N VAL A 63 -21.29 7.38 -2.42
CA VAL A 63 -19.98 6.74 -2.30
C VAL A 63 -18.89 7.58 -2.96
N GLN A 64 -19.21 8.20 -4.10
CA GLN A 64 -18.32 9.10 -4.79
C GLN A 64 -17.94 10.29 -3.91
N ASN A 65 -18.89 10.80 -3.14
CA ASN A 65 -18.65 11.92 -2.25
C ASN A 65 -17.86 11.53 -1.01
N GLU A 66 -17.99 10.28 -0.55
CA GLU A 66 -17.25 9.79 0.60
C GLU A 66 -15.78 9.59 0.24
N ILE A 67 -15.48 9.17 -0.99
CA ILE A 67 -14.11 8.97 -1.43
C ILE A 67 -13.42 10.31 -1.68
N LEU A 68 -14.17 11.30 -2.18
CA LEU A 68 -13.62 12.61 -2.45
C LEU A 68 -13.23 13.32 -1.16
N GLY A 69 -14.02 13.12 -0.11
CA GLY A 69 -13.76 13.77 1.16
C GLY A 69 -12.60 13.11 1.91
N ASP A 70 -12.34 11.84 1.62
CA ASP A 70 -11.24 11.12 2.27
C ASP A 70 -9.85 11.59 1.88
N LEU A 71 -9.73 12.23 0.72
CA LEU A 71 -8.47 12.76 0.26
C LEU A 71 -8.18 14.09 0.93
N GLY A 72 -9.21 14.86 1.27
CA GLY A 72 -9.02 16.17 1.89
C GLY A 72 -8.59 16.02 3.34
N LYS A 73 -9.11 14.98 4.02
CA LYS A 73 -8.78 14.67 5.40
C LYS A 73 -7.49 13.88 5.51
N GLU A 74 -6.78 13.66 4.40
CA GLU A 74 -5.59 12.83 4.38
C GLU A 74 -4.43 13.52 3.66
N PHE A 75 -4.71 14.40 2.70
CA PHE A 75 -3.69 15.12 1.97
C PHE A 75 -3.66 16.62 2.29
N GLY A 76 -4.51 17.04 3.23
CA GLY A 76 -4.67 18.42 3.62
C GLY A 76 -5.47 19.21 2.58
N THR A 77 -5.61 18.69 1.37
CA THR A 77 -6.38 19.33 0.31
C THR A 77 -6.70 18.36 -0.84
N THR A 78 -7.42 18.84 -1.85
CA THR A 78 -7.75 18.08 -3.04
C THR A 78 -7.64 19.04 -4.21
N PRO A 79 -7.36 18.52 -5.41
CA PRO A 79 -7.27 19.30 -6.63
C PRO A 79 -8.66 19.80 -7.04
N GLU A 80 -8.74 20.47 -8.20
CA GLU A 80 -9.97 21.13 -8.63
C GLU A 80 -10.88 20.21 -9.43
N LYS A 81 -10.36 19.05 -9.84
CA LYS A 81 -11.06 18.13 -10.74
C LYS A 81 -10.90 16.65 -10.33
N PRO A 82 -10.83 16.31 -9.04
CA PRO A 82 -10.51 14.96 -8.61
C PRO A 82 -11.57 13.95 -9.03
N GLU A 83 -12.84 14.36 -9.07
CA GLU A 83 -13.92 13.45 -9.37
C GLU A 83 -13.96 13.08 -10.86
N GLU A 84 -13.19 13.79 -11.70
CA GLU A 84 -13.06 13.46 -13.11
C GLU A 84 -11.63 13.05 -13.48
N THR A 85 -10.76 12.86 -12.48
CA THR A 85 -9.37 12.45 -12.70
C THR A 85 -9.12 11.04 -12.20
N PRO A 86 -8.55 10.15 -13.03
CA PRO A 86 -8.31 8.76 -12.68
C PRO A 86 -7.27 8.65 -11.56
N LEU A 87 -7.34 7.55 -10.80
CA LEU A 87 -6.44 7.35 -9.68
C LEU A 87 -4.99 7.25 -10.14
N GLU A 88 -4.76 6.84 -11.38
CA GLU A 88 -3.43 6.71 -11.94
C GLU A 88 -2.79 8.08 -12.17
N GLU A 89 -3.60 9.15 -12.14
CA GLU A 89 -3.10 10.51 -12.31
C GLU A 89 -3.37 11.34 -11.05
N LEU A 90 -4.35 10.96 -10.24
CA LEU A 90 -4.69 11.70 -9.05
C LEU A 90 -3.60 11.53 -7.99
N ALA A 91 -3.11 10.31 -7.80
CA ALA A 91 -2.07 10.07 -6.82
C ALA A 91 -0.78 10.81 -7.18
N GLU A 92 -0.53 11.04 -8.48
CA GLU A 92 0.61 11.80 -8.93
C GLU A 92 0.44 13.28 -8.56
N THR A 93 -0.81 13.73 -8.45
CA THR A 93 -1.14 15.06 -7.99
C THR A 93 -1.08 15.20 -6.47
N PHE A 94 -1.30 14.09 -5.76
CA PHE A 94 -1.24 14.07 -4.31
C PHE A 94 0.16 14.01 -3.72
N GLN A 95 1.09 13.34 -4.40
CA GLN A 95 2.47 13.23 -3.95
C GLN A 95 3.20 14.58 -4.07
N ASP A 96 2.61 15.52 -4.80
CA ASP A 96 3.18 16.84 -5.03
C ASP A 96 3.13 17.62 -3.71
N THR A 97 2.27 17.18 -2.77
CA THR A 97 2.08 17.88 -1.51
C THR A 97 2.02 16.97 -0.28
N PHE A 98 2.04 15.64 -0.50
CA PHE A 98 2.00 14.68 0.58
C PHE A 98 3.28 14.60 1.42
N SER A 99 3.16 14.39 2.73
CA SER A 99 4.29 14.27 3.63
C SER A 99 4.96 12.90 3.48
N GLY A 100 6.15 12.72 4.04
CA GLY A 100 6.83 11.43 4.05
C GLY A 100 6.24 10.50 5.09
N ALA A 101 5.05 10.84 5.60
CA ALA A 101 4.34 10.06 6.60
C ALA A 101 2.83 10.19 6.40
N LEU A 102 2.10 9.19 6.88
CA LEU A 102 0.66 9.06 6.72
C LEU A 102 -0.10 10.25 7.29
N GLY A 103 -1.27 10.54 6.71
CA GLY A 103 -2.21 11.51 7.24
C GLY A 103 -3.00 10.87 8.37
N LYS A 104 -3.93 11.64 8.97
CA LYS A 104 -4.68 11.16 10.12
C LYS A 104 -5.69 10.08 9.75
N GLN A 105 -6.14 10.03 8.49
CA GLN A 105 -7.15 9.05 8.10
C GLN A 105 -6.53 7.70 7.78
N SER A 106 -5.50 7.66 6.93
CA SER A 106 -4.94 6.38 6.51
C SER A 106 -4.18 5.74 7.66
N SER A 107 -3.62 6.54 8.57
CA SER A 107 -2.86 6.03 9.70
C SER A 107 -3.76 5.41 10.76
N SER A 108 -5.00 5.89 10.89
CA SER A 108 -5.94 5.38 11.89
C SER A 108 -6.60 4.08 11.42
N LEU A 109 -6.76 3.92 10.11
CA LEU A 109 -7.40 2.74 9.54
C LEU A 109 -6.48 1.53 9.61
N LEU A 110 -5.19 1.74 9.92
CA LEU A 110 -4.24 0.64 10.03
C LEU A 110 -4.51 -0.18 11.30
N SER A 111 -5.01 0.49 12.34
CA SER A 111 -5.28 -0.16 13.62
C SER A 111 -6.65 -0.82 13.62
N ARG A 112 -7.55 -0.42 12.70
CA ARG A 112 -8.89 -1.00 12.66
C ARG A 112 -8.82 -2.43 12.12
N LEU A 113 -7.78 -2.75 11.34
CA LEU A 113 -7.58 -4.09 10.82
C LEU A 113 -7.46 -5.09 11.97
N ILE A 114 -6.82 -4.66 13.07
CA ILE A 114 -6.54 -5.50 14.20
C ILE A 114 -7.82 -5.97 14.90
N SER A 115 -8.98 -5.37 14.57
CA SER A 115 -10.23 -5.71 15.23
C SER A 115 -11.36 -5.96 14.23
N SER A 116 -11.20 -5.54 12.97
CA SER A 116 -12.23 -5.73 11.96
C SER A 116 -12.26 -7.18 11.47
N LYS A 117 -11.15 -7.92 11.59
CA LYS A 117 -11.09 -9.30 11.13
C LYS A 117 -9.95 -10.09 11.78
N MET A 118 -8.88 -9.42 12.22
CA MET A 118 -7.74 -10.10 12.84
C MET A 118 -8.12 -10.74 14.18
N PRO A 119 -7.38 -11.76 14.61
CA PRO A 119 -7.53 -12.39 15.91
C PRO A 119 -7.04 -11.43 17.01
N GLY A 120 -6.96 -11.89 18.26
CA GLY A 120 -6.50 -11.05 19.36
C GLY A 120 -5.13 -11.48 19.88
N GLY A 121 -4.39 -10.55 20.52
CA GLY A 121 -3.11 -10.83 21.13
C GLY A 121 -1.95 -10.05 20.51
N PHE A 122 -2.23 -9.14 19.57
CA PHE A 122 -1.23 -8.35 18.86
C PHE A 122 -1.65 -6.93 18.50
N THR A 123 -0.69 -6.03 18.27
CA THR A 123 -0.97 -4.63 17.97
C THR A 123 -0.13 -4.04 16.85
N ILE A 124 -0.53 -2.86 16.36
CA ILE A 124 0.21 -2.21 15.29
C ILE A 124 1.49 -1.60 15.85
N THR A 125 1.50 -1.24 17.13
CA THR A 125 2.67 -0.63 17.74
C THR A 125 3.86 -1.57 17.74
N VAL A 126 3.60 -2.85 18.05
CA VAL A 126 4.65 -3.87 18.04
C VAL A 126 5.07 -4.27 16.64
N ALA A 127 4.36 -3.77 15.62
CA ALA A 127 4.67 -4.07 14.23
C ALA A 127 5.73 -3.12 13.70
N ARG A 128 5.76 -1.86 14.19
CA ARG A 128 6.80 -0.91 13.78
C ARG A 128 8.06 -1.13 14.61
N LYS A 129 7.89 -1.70 15.81
CA LYS A 129 8.98 -1.92 16.75
C LYS A 129 9.92 -3.06 16.36
N TYR A 130 9.61 -3.80 15.29
CA TYR A 130 10.40 -4.96 14.90
C TYR A 130 10.79 -5.13 13.43
N LEU A 131 10.35 -4.22 12.55
CA LEU A 131 10.64 -4.36 11.13
C LEU A 131 12.03 -3.83 10.84
N GLN A 132 12.51 -2.96 11.74
CA GLN A 132 13.81 -2.33 11.66
C GLN A 132 14.94 -3.30 12.02
N THR A 133 14.60 -4.56 12.31
CA THR A 133 15.58 -5.59 12.61
C THR A 133 15.21 -6.97 12.06
N ARG A 134 13.91 -7.23 11.84
CA ARG A 134 13.45 -8.48 11.25
C ARG A 134 13.67 -8.48 9.73
N TRP A 135 13.70 -7.27 9.13
CA TRP A 135 13.91 -7.10 7.70
C TRP A 135 14.80 -5.89 7.38
N GLY A 136 15.22 -5.14 8.39
CA GLY A 136 16.11 -3.99 8.20
C GLY A 136 15.37 -2.76 7.65
N LEU A 137 14.04 -2.75 7.70
CA LEU A 137 13.27 -1.67 7.11
C LEU A 137 13.46 -0.36 7.89
N PRO A 138 13.92 0.71 7.25
CA PRO A 138 14.11 2.00 7.89
C PRO A 138 12.75 2.66 8.12
N SER A 139 12.74 3.66 9.00
CA SER A 139 11.51 4.33 9.43
C SER A 139 10.74 4.96 8.27
N GLY A 140 11.45 5.35 7.21
CA GLY A 140 10.82 6.01 6.07
C GLY A 140 10.01 5.04 5.22
N ARG A 141 10.34 3.73 5.26
CA ARG A 141 9.68 2.75 4.41
C ARG A 141 8.52 2.07 5.14
N GLN A 142 8.56 2.02 6.48
CA GLN A 142 7.55 1.31 7.25
C GLN A 142 6.17 1.91 7.06
N ASP A 143 6.08 3.22 6.76
CA ASP A 143 4.80 3.86 6.54
C ASP A 143 4.07 3.40 5.27
N GLY A 144 4.80 2.73 4.37
CA GLY A 144 4.23 2.19 3.15
C GLY A 144 3.85 0.72 3.30
N VAL A 145 4.46 -0.01 4.24
CA VAL A 145 4.21 -1.44 4.38
C VAL A 145 2.88 -1.71 5.08
N LEU A 146 2.52 -0.88 6.07
CA LEU A 146 1.27 -1.09 6.80
C LEU A 146 0.07 -0.71 5.95
N LEU A 147 0.28 0.09 4.89
CA LEU A 147 -0.79 0.43 3.96
C LEU A 147 -1.16 -0.80 3.14
N VAL A 148 -0.17 -1.65 2.85
CA VAL A 148 -0.41 -2.88 2.10
C VAL A 148 -1.05 -3.93 3.01
N ALA A 149 -0.80 -3.87 4.31
CA ALA A 149 -1.35 -4.83 5.24
C ALA A 149 -2.86 -4.63 5.36
N LEU A 150 -3.31 -3.37 5.24
CA LEU A 150 -4.71 -3.04 5.34
C LEU A 150 -5.47 -3.50 4.09
N SER A 151 -4.78 -3.58 2.94
CA SER A 151 -5.41 -4.00 1.70
C SER A 151 -5.47 -5.52 1.60
N ASN A 152 -4.58 -6.22 2.33
CA ASN A 152 -4.53 -7.68 2.32
C ASN A 152 -5.68 -8.24 3.16
N GLU A 153 -5.80 -7.78 4.41
CA GLU A 153 -6.88 -8.14 5.33
C GLU A 153 -7.34 -9.59 5.17
N PRO A 154 -6.54 -10.57 5.61
CA PRO A 154 -6.87 -11.98 5.49
C PRO A 154 -8.11 -12.31 6.31
N ALA A 155 -9.05 -13.07 5.72
CA ALA A 155 -10.26 -13.48 6.41
C ALA A 155 -9.95 -14.57 7.42
N ALA A 156 -8.98 -15.42 7.11
CA ALA A 156 -8.50 -16.48 8.00
C ALA A 156 -7.15 -16.97 7.50
N ARG A 157 -6.08 -16.66 8.24
CA ARG A 157 -4.71 -17.06 7.91
C ARG A 157 -3.88 -17.29 9.18
N LEU A 158 -4.46 -16.97 10.34
CA LEU A 158 -3.80 -17.08 11.63
C LEU A 158 -4.81 -17.57 12.66
N GLY A 159 -4.42 -18.52 13.50
CA GLY A 159 -5.29 -19.01 14.56
C GLY A 159 -5.12 -18.21 15.84
N SER A 160 -4.12 -17.33 15.88
CA SER A 160 -3.85 -16.45 17.00
C SER A 160 -3.06 -15.25 16.48
N GLU A 161 -3.27 -14.07 17.08
CA GLU A 161 -2.62 -12.86 16.59
C GLU A 161 -1.17 -12.80 17.04
N ALA A 162 -0.75 -13.67 17.96
CA ALA A 162 0.65 -13.75 18.36
C ALA A 162 1.49 -14.23 17.17
N ASP A 163 0.85 -14.91 16.22
CA ASP A 163 1.49 -15.34 14.98
C ASP A 163 1.40 -14.27 13.88
N ALA A 164 0.65 -13.20 14.13
CA ALA A 164 0.48 -12.13 13.15
C ALA A 164 1.76 -11.32 13.02
N LYS A 165 2.68 -11.44 13.97
CA LYS A 165 3.99 -10.79 13.88
C LYS A 165 4.82 -11.48 12.81
N ALA A 166 4.58 -12.79 12.59
CA ALA A 166 5.23 -13.53 11.52
C ALA A 166 4.52 -13.27 10.20
N PHE A 167 3.29 -12.76 10.24
CA PHE A 167 2.59 -12.35 9.02
C PHE A 167 3.15 -11.10 8.35
N LEU A 168 3.85 -10.27 9.13
CA LEU A 168 4.51 -9.08 8.61
C LEU A 168 5.70 -9.48 7.73
N ASP A 169 6.20 -10.72 7.90
CA ASP A 169 7.27 -11.22 7.08
C ASP A 169 6.92 -11.29 5.59
N SER A 170 5.63 -11.43 5.29
CA SER A 170 5.15 -11.41 3.92
C SER A 170 4.91 -9.98 3.45
N MET A 171 4.37 -9.13 4.31
CA MET A 171 3.98 -7.78 3.93
C MET A 171 5.19 -6.95 3.49
N ALA A 172 6.38 -7.28 4.01
CA ALA A 172 7.59 -6.59 3.65
C ALA A 172 7.94 -6.84 2.19
N GLN A 173 7.50 -7.98 1.64
CA GLN A 173 7.71 -8.32 0.24
C GLN A 173 6.56 -7.81 -0.62
N LYS A 174 5.35 -7.73 -0.07
CA LYS A 174 4.19 -7.24 -0.80
C LYS A 174 4.44 -5.80 -1.23
N TYR A 175 5.03 -5.01 -0.33
CA TYR A 175 5.41 -3.64 -0.64
C TYR A 175 6.62 -3.47 -1.56
N ALA A 176 7.60 -4.37 -1.44
CA ALA A 176 8.84 -4.27 -2.21
C ALA A 176 8.56 -4.43 -3.70
N SER A 177 7.49 -5.14 -4.07
CA SER A 177 7.10 -5.32 -5.45
C SER A 177 6.49 -4.04 -6.02
N ILE A 178 6.00 -3.15 -5.16
CA ILE A 178 5.36 -1.92 -5.58
C ILE A 178 6.38 -0.80 -5.76
N VAL A 179 7.37 -0.73 -4.86
CA VAL A 179 8.43 0.28 -4.94
C VAL A 179 9.57 -0.21 -5.83
N GLY A 180 9.67 -1.53 -6.06
CA GLY A 180 10.68 -2.12 -6.93
C GLY A 180 11.97 -2.50 -6.19
N VAL A 181 12.02 -2.32 -4.87
CA VAL A 181 13.19 -2.68 -4.07
C VAL A 181 13.34 -4.18 -3.85
N ASP A 182 14.39 -4.54 -3.09
CA ASP A 182 14.68 -5.91 -2.71
C ASP A 182 15.18 -5.87 -1.27
N LEU A 183 14.79 -6.87 -0.48
CA LEU A 183 15.09 -6.91 0.94
C LEU A 183 16.47 -7.51 1.21
N MET A 1 5.53 -6.44 -27.70
CA MET A 1 6.48 -6.33 -28.83
C MET A 1 5.77 -6.36 -30.17
N GLY A 2 5.03 -7.43 -30.47
CA GLY A 2 4.34 -7.56 -31.74
C GLY A 2 5.34 -7.89 -32.85
N SER A 3 5.07 -7.41 -34.07
CA SER A 3 5.95 -7.63 -35.20
C SER A 3 7.26 -6.85 -35.06
N SER A 4 7.31 -5.88 -34.13
CA SER A 4 8.50 -5.08 -33.88
C SER A 4 9.51 -5.85 -33.04
N HIS A 5 10.77 -5.42 -33.07
CA HIS A 5 11.83 -6.07 -32.33
C HIS A 5 12.93 -5.05 -31.99
N HIS A 6 13.73 -5.36 -30.97
CA HIS A 6 14.80 -4.47 -30.51
C HIS A 6 16.01 -4.50 -31.44
N HIS A 7 16.04 -5.44 -32.39
CA HIS A 7 17.12 -5.61 -33.34
C HIS A 7 18.49 -5.77 -32.67
N HIS A 8 18.50 -6.15 -31.39
CA HIS A 8 19.73 -6.33 -30.62
C HIS A 8 19.49 -7.30 -29.46
N HIS A 9 20.53 -8.05 -29.08
CA HIS A 9 20.47 -8.99 -27.98
C HIS A 9 21.87 -9.23 -27.42
N HIS A 10 21.97 -9.65 -26.16
CA HIS A 10 23.24 -9.90 -25.50
C HIS A 10 23.07 -10.92 -24.37
N GLU A 11 24.14 -11.62 -24.02
CA GLU A 11 24.13 -12.61 -22.97
C GLU A 11 24.04 -12.01 -21.58
N ASN A 12 23.62 -12.84 -20.62
CA ASN A 12 23.53 -12.46 -19.23
C ASN A 12 23.84 -13.64 -18.31
N LEU A 13 24.24 -13.36 -17.08
CA LEU A 13 24.58 -14.37 -16.09
C LEU A 13 23.32 -15.06 -15.57
N TYR A 14 23.49 -16.24 -14.97
CA TYR A 14 22.40 -17.01 -14.37
C TYR A 14 21.78 -16.45 -13.10
N PHE A 15 22.29 -15.30 -12.63
CA PHE A 15 21.86 -14.69 -11.38
C PHE A 15 22.20 -13.21 -11.51
N GLN A 16 21.78 -12.40 -10.54
CA GLN A 16 22.02 -10.97 -10.53
C GLN A 16 22.38 -10.49 -9.13
N SER A 17 22.97 -9.29 -9.04
CA SER A 17 23.38 -8.69 -7.78
C SER A 17 22.18 -8.19 -6.97
N ASN A 18 22.41 -7.81 -5.71
CA ASN A 18 21.39 -7.32 -4.81
C ASN A 18 21.99 -6.20 -3.96
N ALA A 19 21.15 -5.32 -3.44
CA ALA A 19 21.57 -4.21 -2.61
C ALA A 19 20.45 -3.76 -1.67
N GLU A 20 20.80 -2.99 -0.64
CA GLU A 20 19.84 -2.46 0.31
C GLU A 20 19.03 -1.33 -0.31
N ILE A 21 17.83 -1.09 0.23
CA ILE A 21 16.91 -0.08 -0.28
C ILE A 21 17.37 1.32 0.14
N ALA A 22 17.15 2.31 -0.72
CA ALA A 22 17.50 3.69 -0.43
C ALA A 22 16.47 4.35 0.47
N ASP A 23 16.91 5.34 1.26
CA ASP A 23 16.04 6.08 2.15
C ASP A 23 15.02 6.91 1.37
N GLU A 24 13.76 6.48 1.40
CA GLU A 24 12.70 7.14 0.65
C GLU A 24 11.37 7.00 1.40
N PRO A 25 10.56 8.08 1.45
CA PRO A 25 9.25 8.08 2.09
C PRO A 25 8.23 7.30 1.25
N VAL A 26 7.05 7.04 1.83
CA VAL A 26 5.99 6.36 1.12
C VAL A 26 5.38 7.29 0.07
N LYS A 27 4.96 6.73 -1.06
CA LYS A 27 4.40 7.53 -2.14
C LYS A 27 2.90 7.64 -2.03
N ALA A 28 2.34 8.72 -2.56
CA ALA A 28 0.89 8.91 -2.59
C ALA A 28 0.25 7.87 -3.52
N SER A 29 1.05 7.26 -4.41
CA SER A 29 0.58 6.28 -5.36
C SER A 29 0.16 4.97 -4.69
N LEU A 30 0.54 4.76 -3.44
CA LEU A 30 0.12 3.59 -2.68
C LEU A 30 -0.94 3.98 -1.64
N LEU A 31 -0.79 5.17 -1.05
CA LEU A 31 -1.72 5.64 -0.03
C LEU A 31 -3.09 5.95 -0.64
N LEU A 32 -3.11 6.56 -1.82
CA LEU A 32 -4.38 6.86 -2.50
C LEU A 32 -5.06 5.57 -2.94
N HIS A 33 -4.24 4.59 -3.33
CA HIS A 33 -4.72 3.33 -3.89
C HIS A 33 -5.42 2.48 -2.82
N VAL A 34 -4.90 2.50 -1.59
CA VAL A 34 -5.45 1.68 -0.51
C VAL A 34 -6.70 2.32 0.07
N LEU A 35 -6.76 3.65 0.15
CA LEU A 35 -7.93 4.32 0.72
C LEU A 35 -9.16 4.12 -0.16
N VAL A 36 -8.98 3.97 -1.47
CA VAL A 36 -10.10 3.72 -2.38
C VAL A 36 -10.42 2.24 -2.34
N ALA A 37 -9.39 1.39 -2.41
CA ALA A 37 -9.58 -0.05 -2.38
C ALA A 37 -10.36 -0.49 -1.15
N HIS A 38 -10.03 0.05 0.02
CA HIS A 38 -10.68 -0.36 1.26
C HIS A 38 -12.07 0.22 1.42
N LYS A 39 -12.34 1.40 0.84
CA LYS A 39 -13.68 1.97 0.87
C LYS A 39 -14.63 1.15 0.01
N LEU A 40 -14.10 0.52 -1.03
CA LEU A 40 -14.85 -0.34 -1.93
C LEU A 40 -14.59 -1.82 -1.63
N LYS A 41 -13.91 -2.09 -0.51
CA LYS A 41 -13.54 -3.42 -0.01
C LYS A 41 -12.86 -4.31 -1.07
N LYS A 42 -12.27 -3.66 -2.07
CA LYS A 42 -11.52 -4.31 -3.14
C LYS A 42 -10.04 -4.43 -2.80
N SER A 43 -9.28 -5.12 -3.65
CA SER A 43 -7.84 -5.22 -3.52
C SER A 43 -7.15 -4.37 -4.59
N LEU A 44 -5.87 -4.07 -4.41
CA LEU A 44 -5.14 -3.28 -5.40
C LEU A 44 -5.04 -4.05 -6.71
N ASP A 45 -5.31 -5.36 -6.69
CA ASP A 45 -5.37 -6.20 -7.88
C ASP A 45 -6.68 -6.08 -8.66
N SER A 46 -7.63 -5.31 -8.14
CA SER A 46 -8.92 -5.09 -8.78
C SER A 46 -9.31 -3.61 -8.79
N ILE A 47 -8.38 -2.73 -8.38
CA ILE A 47 -8.58 -1.29 -8.44
C ILE A 47 -7.64 -0.72 -9.51
N PRO A 48 -8.15 -0.42 -10.71
CA PRO A 48 -7.37 0.19 -11.76
C PRO A 48 -7.14 1.67 -11.48
N MET A 49 -5.88 2.11 -11.49
CA MET A 49 -5.53 3.51 -11.38
C MET A 49 -5.90 4.25 -12.66
N SER A 50 -6.13 3.49 -13.75
CA SER A 50 -6.43 4.04 -15.06
C SER A 50 -7.87 4.55 -15.14
N LYS A 51 -8.54 4.66 -13.99
CA LYS A 51 -9.91 5.10 -13.90
C LYS A 51 -10.02 6.25 -12.92
N THR A 52 -11.15 6.96 -12.94
CA THR A 52 -11.47 8.05 -12.02
C THR A 52 -12.41 7.59 -10.91
N ILE A 53 -12.48 8.30 -9.77
CA ILE A 53 -13.33 7.88 -8.66
C ILE A 53 -14.77 7.64 -9.10
N LYS A 54 -15.24 8.42 -10.08
CA LYS A 54 -16.60 8.28 -10.60
C LYS A 54 -16.77 7.04 -11.47
N ASP A 55 -15.65 6.41 -11.84
CA ASP A 55 -15.66 5.21 -12.66
C ASP A 55 -15.12 4.03 -11.83
N LEU A 56 -14.47 4.29 -10.69
CA LEU A 56 -14.03 3.23 -9.79
C LEU A 56 -15.27 2.53 -9.23
N VAL A 57 -16.35 3.29 -9.02
CA VAL A 57 -17.59 2.78 -8.46
C VAL A 57 -18.63 2.41 -9.51
N GLY A 58 -18.39 2.78 -10.77
CA GLY A 58 -19.22 2.36 -11.90
C GLY A 58 -20.43 3.26 -12.17
N GLY A 59 -20.73 4.26 -11.33
CA GLY A 59 -21.84 5.16 -11.62
C GLY A 59 -22.49 5.80 -10.40
N LYS A 60 -22.11 5.39 -9.19
CA LYS A 60 -22.64 5.99 -7.96
C LYS A 60 -22.18 7.44 -7.82
N SER A 61 -22.84 8.19 -6.94
CA SER A 61 -22.51 9.59 -6.68
C SER A 61 -22.35 9.87 -5.19
N THR A 62 -22.90 9.01 -4.33
CA THR A 62 -22.77 9.16 -2.89
C THR A 62 -21.42 8.76 -2.32
N VAL A 63 -21.01 7.51 -2.53
CA VAL A 63 -19.71 7.02 -2.08
C VAL A 63 -18.59 7.75 -2.84
N GLN A 64 -18.86 8.17 -4.08
CA GLN A 64 -17.95 9.03 -4.82
C GLN A 64 -17.68 10.32 -4.02
N ASN A 65 -18.72 10.84 -3.36
CA ASN A 65 -18.62 12.04 -2.55
C ASN A 65 -18.01 11.77 -1.18
N GLU A 66 -18.13 10.54 -0.67
CA GLU A 66 -17.46 10.17 0.59
C GLU A 66 -15.97 10.00 0.35
N ILE A 67 -15.57 9.44 -0.80
CA ILE A 67 -14.17 9.28 -1.15
C ILE A 67 -13.55 10.65 -1.43
N LEU A 68 -14.34 11.58 -1.98
CA LEU A 68 -13.87 12.90 -2.31
C LEU A 68 -13.49 13.68 -1.05
N GLY A 69 -14.08 13.35 0.09
CA GLY A 69 -13.77 13.99 1.36
C GLY A 69 -12.71 13.23 2.15
N ASP A 70 -12.49 11.95 1.84
CA ASP A 70 -11.55 11.12 2.58
C ASP A 70 -10.07 11.39 2.30
N LEU A 71 -9.74 11.89 1.10
CA LEU A 71 -8.35 12.25 0.80
C LEU A 71 -8.02 13.61 1.40
N GLY A 72 -9.03 14.44 1.66
CA GLY A 72 -8.82 15.76 2.23
C GLY A 72 -8.35 15.65 3.68
N LYS A 73 -8.79 14.61 4.39
CA LYS A 73 -8.40 14.35 5.77
C LYS A 73 -7.03 13.68 5.82
N GLU A 74 -6.62 13.01 4.74
CA GLU A 74 -5.38 12.25 4.70
C GLU A 74 -4.22 13.06 4.14
N PHE A 75 -4.47 13.87 3.11
CA PHE A 75 -3.44 14.64 2.43
C PHE A 75 -3.39 16.11 2.87
N GLY A 76 -4.31 16.46 3.79
CA GLY A 76 -4.50 17.82 4.26
C GLY A 76 -5.27 18.67 3.26
N THR A 77 -5.38 18.18 2.02
CA THR A 77 -6.11 18.86 0.96
C THR A 77 -6.38 17.94 -0.22
N THR A 78 -7.09 18.44 -1.24
CA THR A 78 -7.40 17.69 -2.45
C THR A 78 -7.34 18.71 -3.59
N PRO A 79 -7.04 18.24 -4.81
CA PRO A 79 -6.98 19.10 -5.98
C PRO A 79 -8.38 19.58 -6.37
N GLU A 80 -8.46 20.29 -7.49
CA GLU A 80 -9.71 20.90 -7.93
C GLU A 80 -10.55 19.97 -8.80
N LYS A 81 -9.96 18.84 -9.21
CA LYS A 81 -10.56 17.93 -10.18
C LYS A 81 -10.37 16.45 -9.81
N PRO A 82 -10.38 16.07 -8.52
CA PRO A 82 -10.05 14.71 -8.11
C PRO A 82 -11.09 13.70 -8.60
N GLU A 83 -12.37 14.08 -8.62
CA GLU A 83 -13.40 13.17 -9.08
C GLU A 83 -13.50 13.19 -10.61
N GLU A 84 -12.56 13.87 -11.29
CA GLU A 84 -12.51 13.93 -12.74
C GLU A 84 -11.08 13.70 -13.25
N THR A 85 -10.20 13.17 -12.38
CA THR A 85 -8.81 12.88 -12.73
C THR A 85 -8.51 11.45 -12.29
N PRO A 86 -7.98 10.60 -13.16
CA PRO A 86 -7.70 9.20 -12.85
C PRO A 86 -6.59 9.07 -11.85
N LEU A 87 -6.70 7.99 -11.08
CA LEU A 87 -5.89 7.76 -9.91
C LEU A 87 -4.43 7.48 -10.27
N GLU A 88 -4.17 7.09 -11.51
CA GLU A 88 -2.82 6.88 -12.00
C GLU A 88 -2.13 8.23 -12.21
N GLU A 89 -2.89 9.32 -12.34
CA GLU A 89 -2.35 10.67 -12.43
C GLU A 89 -2.70 11.52 -11.20
N LEU A 90 -3.71 11.10 -10.43
CA LEU A 90 -4.18 11.85 -9.28
C LEU A 90 -3.19 11.71 -8.12
N ALA A 91 -2.57 10.54 -8.00
CA ALA A 91 -1.56 10.30 -6.98
C ALA A 91 -0.33 11.15 -7.26
N GLU A 92 0.00 11.36 -8.53
CA GLU A 92 1.10 12.22 -8.93
C GLU A 92 0.82 13.67 -8.53
N THR A 93 -0.46 14.02 -8.32
CA THR A 93 -0.86 15.31 -7.80
C THR A 93 -0.82 15.39 -6.27
N PHE A 94 -1.00 14.23 -5.61
CA PHE A 94 -0.93 14.15 -4.16
C PHE A 94 0.46 14.17 -3.56
N GLN A 95 1.43 13.56 -4.24
CA GLN A 95 2.80 13.48 -3.76
C GLN A 95 3.50 14.84 -3.85
N ASP A 96 2.87 15.78 -4.55
CA ASP A 96 3.41 17.14 -4.73
C ASP A 96 3.31 17.86 -3.39
N THR A 97 2.47 17.37 -2.48
CA THR A 97 2.23 18.00 -1.19
C THR A 97 2.16 17.06 0.01
N PHE A 98 2.32 15.76 -0.23
CA PHE A 98 2.22 14.77 0.83
C PHE A 98 3.36 14.80 1.85
N SER A 99 3.08 14.42 3.10
CA SER A 99 4.03 14.52 4.20
C SER A 99 5.10 13.42 4.19
N GLY A 100 4.98 12.44 3.27
CA GLY A 100 5.90 11.31 3.24
C GLY A 100 5.59 10.31 4.35
N ALA A 101 4.52 10.56 5.10
CA ALA A 101 4.03 9.66 6.14
C ALA A 101 2.53 9.83 6.28
N LEU A 102 1.88 8.79 6.80
CA LEU A 102 0.44 8.66 6.82
C LEU A 102 -0.25 9.75 7.63
N GLY A 103 -1.43 10.14 7.16
CA GLY A 103 -2.29 11.11 7.83
C GLY A 103 -3.10 10.44 8.96
N LYS A 104 -3.94 11.23 9.64
CA LYS A 104 -4.71 10.74 10.77
C LYS A 104 -5.76 9.70 10.38
N GLN A 105 -6.16 9.65 9.11
CA GLN A 105 -7.16 8.69 8.67
C GLN A 105 -6.54 7.32 8.39
N SER A 106 -5.60 7.24 7.46
CA SER A 106 -5.07 5.95 7.06
C SER A 106 -4.25 5.32 8.19
N SER A 107 -3.70 6.15 9.09
CA SER A 107 -2.93 5.66 10.24
C SER A 107 -3.86 5.08 11.31
N SER A 108 -5.09 5.56 11.37
CA SER A 108 -6.08 5.06 12.32
C SER A 108 -6.71 3.78 11.80
N LEU A 109 -6.87 3.69 10.48
CA LEU A 109 -7.44 2.54 9.81
C LEU A 109 -6.51 1.31 9.93
N LEU A 110 -5.31 1.48 10.48
CA LEU A 110 -4.39 0.38 10.67
C LEU A 110 -4.79 -0.45 11.89
N SER A 111 -5.44 0.19 12.86
CA SER A 111 -5.93 -0.50 14.05
C SER A 111 -7.27 -1.16 13.76
N ARG A 112 -7.97 -0.68 12.73
CA ARG A 112 -9.26 -1.24 12.33
C ARG A 112 -9.06 -2.60 11.67
N LEU A 113 -7.86 -2.88 11.18
CA LEU A 113 -7.50 -4.18 10.64
C LEU A 113 -7.48 -5.20 11.78
N ILE A 114 -6.93 -4.81 12.93
CA ILE A 114 -6.83 -5.71 14.07
C ILE A 114 -8.23 -6.02 14.61
N SER A 115 -9.11 -5.03 14.59
CA SER A 115 -10.46 -5.16 15.11
C SER A 115 -11.44 -5.70 14.07
N SER A 116 -10.99 -5.91 12.83
CA SER A 116 -11.87 -6.39 11.77
C SER A 116 -12.18 -7.87 11.90
N LYS A 117 -11.16 -8.74 11.80
CA LYS A 117 -11.30 -10.18 11.85
C LYS A 117 -10.11 -10.88 12.51
N MET A 118 -9.06 -10.14 12.89
CA MET A 118 -7.86 -10.74 13.47
C MET A 118 -8.13 -11.26 14.88
N PRO A 119 -7.36 -12.26 15.32
CA PRO A 119 -7.48 -12.89 16.63
C PRO A 119 -7.03 -11.92 17.73
N GLY A 120 -6.94 -12.41 18.97
CA GLY A 120 -6.51 -11.61 20.12
C GLY A 120 -5.14 -12.05 20.64
N GLY A 121 -4.44 -11.15 21.35
CA GLY A 121 -3.15 -11.43 21.96
C GLY A 121 -2.01 -10.61 21.35
N PHE A 122 -2.31 -9.68 20.45
CA PHE A 122 -1.35 -8.84 19.75
C PHE A 122 -1.81 -7.40 19.48
N THR A 123 -0.87 -6.46 19.30
CA THR A 123 -1.21 -5.06 19.10
C THR A 123 -0.45 -4.33 18.00
N ILE A 124 -0.99 -3.19 17.59
CA ILE A 124 -0.38 -2.37 16.54
C ILE A 124 0.90 -1.69 17.06
N THR A 125 1.06 -1.54 18.38
CA THR A 125 2.23 -0.90 18.93
C THR A 125 3.39 -1.86 18.80
N VAL A 126 3.16 -3.15 19.03
CA VAL A 126 4.20 -4.16 18.86
C VAL A 126 4.44 -4.53 17.40
N ALA A 127 3.59 -4.00 16.50
CA ALA A 127 3.73 -4.20 15.07
C ALA A 127 4.70 -3.20 14.45
N ARG A 128 4.87 -2.02 15.07
CA ARG A 128 5.82 -1.02 14.62
C ARG A 128 6.96 -0.80 15.60
N LYS A 129 7.02 -1.61 16.67
CA LYS A 129 8.07 -1.54 17.68
C LYS A 129 9.44 -1.71 17.03
N TYR A 130 9.51 -2.57 16.01
CA TYR A 130 10.71 -2.82 15.23
C TYR A 130 10.50 -3.33 13.81
N LEU A 131 11.26 -2.79 12.85
CA LEU A 131 11.20 -3.22 11.46
C LEU A 131 12.45 -2.78 10.68
N GLN A 132 13.18 -1.78 11.20
CA GLN A 132 14.39 -1.27 10.56
C GLN A 132 15.54 -2.26 10.61
N THR A 133 15.35 -3.39 11.31
CA THR A 133 16.36 -4.44 11.41
C THR A 133 15.84 -5.84 11.09
N ARG A 134 14.51 -5.99 11.02
CA ARG A 134 13.88 -7.25 10.65
C ARG A 134 13.87 -7.41 9.13
N TRP A 135 13.86 -6.28 8.40
CA TRP A 135 13.89 -6.27 6.95
C TRP A 135 14.73 -5.14 6.36
N GLY A 136 15.35 -4.32 7.23
CA GLY A 136 16.25 -3.26 6.79
C GLY A 136 15.53 -2.05 6.18
N LEU A 137 14.19 -2.02 6.27
CA LEU A 137 13.42 -0.93 5.69
C LEU A 137 13.68 0.38 6.44
N PRO A 138 13.99 1.47 5.71
CA PRO A 138 14.19 2.78 6.30
C PRO A 138 12.88 3.33 6.84
N SER A 139 12.94 4.24 7.81
CA SER A 139 11.76 4.71 8.53
C SER A 139 10.71 5.34 7.62
N GLY A 140 11.11 5.81 6.43
CA GLY A 140 10.16 6.42 5.50
C GLY A 140 9.42 5.36 4.68
N ARG A 141 10.00 4.17 4.52
CA ARG A 141 9.42 3.10 3.73
C ARG A 141 8.56 2.18 4.57
N GLN A 142 8.75 2.18 5.90
CA GLN A 142 7.94 1.36 6.79
C GLN A 142 6.47 1.79 6.73
N ASP A 143 6.21 3.04 6.35
CA ASP A 143 4.85 3.55 6.26
C ASP A 143 4.06 2.96 5.10
N GLY A 144 4.75 2.38 4.11
CA GLY A 144 4.09 1.78 2.95
C GLY A 144 3.68 0.34 3.24
N VAL A 145 4.33 -0.32 4.20
CA VAL A 145 4.03 -1.72 4.49
C VAL A 145 2.73 -1.86 5.28
N LEU A 146 2.40 -0.87 6.12
CA LEU A 146 1.18 -0.92 6.90
C LEU A 146 -0.04 -0.65 6.02
N LEU A 147 0.16 0.06 4.91
CA LEU A 147 -0.92 0.31 3.96
C LEU A 147 -1.27 -0.99 3.23
N VAL A 148 -0.26 -1.84 3.01
CA VAL A 148 -0.44 -3.11 2.34
C VAL A 148 -0.99 -4.17 3.30
N ALA A 149 -0.81 -3.95 4.61
CA ALA A 149 -1.41 -4.84 5.60
C ALA A 149 -2.93 -4.64 5.60
N LEU A 150 -3.37 -3.39 5.43
CA LEU A 150 -4.77 -3.06 5.42
C LEU A 150 -5.47 -3.56 4.15
N SER A 151 -4.73 -3.73 3.05
CA SER A 151 -5.29 -4.20 1.79
C SER A 151 -5.32 -5.73 1.74
N ASN A 152 -4.46 -6.39 2.52
CA ASN A 152 -4.45 -7.85 2.60
C ASN A 152 -5.58 -8.34 3.50
N GLU A 153 -5.67 -7.79 4.72
CA GLU A 153 -6.75 -8.01 5.68
C GLU A 153 -7.31 -9.44 5.62
N PRO A 154 -6.58 -10.44 6.12
CA PRO A 154 -7.03 -11.82 6.11
C PRO A 154 -8.19 -12.00 7.08
N ALA A 155 -9.22 -12.73 6.63
CA ALA A 155 -10.38 -13.05 7.46
C ALA A 155 -10.03 -14.21 8.40
N ALA A 156 -9.15 -15.11 7.96
CA ALA A 156 -8.67 -16.23 8.75
C ALA A 156 -7.40 -16.78 8.11
N ARG A 157 -6.25 -16.56 8.76
CA ARG A 157 -4.95 -17.01 8.28
C ARG A 157 -4.01 -17.31 9.44
N LEU A 158 -4.47 -17.05 10.67
CA LEU A 158 -3.71 -17.24 11.89
C LEU A 158 -4.64 -17.81 12.96
N GLY A 159 -4.15 -18.79 13.73
CA GLY A 159 -4.95 -19.38 14.79
C GLY A 159 -4.76 -18.64 16.11
N SER A 160 -3.82 -17.70 16.15
CA SER A 160 -3.54 -16.87 17.31
C SER A 160 -2.89 -15.58 16.85
N GLU A 161 -3.14 -14.48 17.56
CA GLU A 161 -2.62 -13.17 17.14
C GLU A 161 -1.14 -13.04 17.51
N ALA A 162 -0.62 -13.91 18.36
CA ALA A 162 0.80 -13.90 18.68
C ALA A 162 1.60 -14.29 17.44
N ASP A 163 0.95 -14.97 16.49
CA ASP A 163 1.55 -15.31 15.20
C ASP A 163 1.37 -14.20 14.16
N ALA A 164 0.59 -13.16 14.50
CA ALA A 164 0.34 -12.05 13.58
C ALA A 164 1.57 -11.15 13.49
N LYS A 165 2.53 -11.30 14.42
CA LYS A 165 3.79 -10.59 14.33
C LYS A 165 4.65 -11.18 13.22
N ALA A 166 4.51 -12.50 13.00
CA ALA A 166 5.19 -13.17 11.91
C ALA A 166 4.49 -12.89 10.58
N PHE A 167 3.23 -12.42 10.64
CA PHE A 167 2.50 -12.02 9.45
C PHE A 167 3.02 -10.74 8.79
N LEU A 168 3.67 -9.89 9.59
CA LEU A 168 4.26 -8.65 9.10
C LEU A 168 5.48 -8.95 8.22
N ASP A 169 6.09 -10.12 8.41
CA ASP A 169 7.22 -10.55 7.60
C ASP A 169 6.86 -10.78 6.14
N SER A 170 5.58 -11.08 5.87
CA SER A 170 5.10 -11.24 4.51
C SER A 170 4.78 -9.89 3.90
N MET A 171 4.26 -8.95 4.70
CA MET A 171 3.79 -7.68 4.18
C MET A 171 4.95 -6.86 3.59
N ALA A 172 6.17 -7.10 4.05
CA ALA A 172 7.34 -6.43 3.50
C ALA A 172 7.57 -6.84 2.05
N GLN A 173 7.14 -8.06 1.69
CA GLN A 173 7.25 -8.54 0.32
C GLN A 173 6.02 -8.16 -0.49
N LYS A 174 4.87 -8.02 0.17
CA LYS A 174 3.65 -7.55 -0.48
C LYS A 174 3.86 -6.13 -0.97
N TYR A 175 4.55 -5.32 -0.17
CA TYR A 175 4.93 -3.97 -0.55
C TYR A 175 6.01 -3.89 -1.63
N ALA A 176 7.02 -4.75 -1.55
CA ALA A 176 8.13 -4.73 -2.48
C ALA A 176 7.69 -5.12 -3.89
N SER A 177 6.57 -5.83 -4.02
CA SER A 177 6.03 -6.21 -5.30
C SER A 177 5.34 -5.03 -5.99
N ILE A 178 5.01 -3.98 -5.23
CA ILE A 178 4.30 -2.83 -5.76
C ILE A 178 5.27 -1.77 -6.27
N VAL A 179 6.42 -1.61 -5.59
CA VAL A 179 7.42 -0.62 -5.97
C VAL A 179 8.59 -1.28 -6.70
N GLY A 180 8.65 -2.61 -6.74
CA GLY A 180 9.62 -3.36 -7.53
C GLY A 180 10.98 -3.53 -6.84
N VAL A 181 11.08 -3.11 -5.57
CA VAL A 181 12.33 -3.24 -4.81
C VAL A 181 12.61 -4.68 -4.40
N ASP A 182 13.77 -4.87 -3.77
CA ASP A 182 14.22 -6.18 -3.30
C ASP A 182 14.82 -6.10 -1.89
N LEU A 183 14.47 -7.08 -1.04
CA LEU A 183 14.86 -7.06 0.37
C LEU A 183 16.19 -7.78 0.59
N MET A 1 -0.03 -46.95 -22.55
CA MET A 1 0.68 -48.07 -23.19
C MET A 1 0.68 -47.90 -24.71
N GLY A 2 1.52 -48.69 -25.40
CA GLY A 2 1.64 -48.63 -26.85
C GLY A 2 2.43 -47.40 -27.30
N SER A 3 2.50 -47.18 -28.61
CA SER A 3 3.22 -46.03 -29.18
C SER A 3 2.48 -44.72 -28.88
N SER A 4 3.23 -43.62 -28.85
CA SER A 4 2.70 -42.29 -28.56
C SER A 4 3.50 -41.22 -29.29
N HIS A 5 2.93 -40.02 -29.38
CA HIS A 5 3.58 -38.89 -30.04
C HIS A 5 4.80 -38.42 -29.24
N HIS A 6 5.69 -37.68 -29.90
CA HIS A 6 6.89 -37.15 -29.27
C HIS A 6 6.53 -36.07 -28.24
N HIS A 7 7.42 -35.87 -27.26
CA HIS A 7 7.22 -34.89 -26.21
C HIS A 7 7.35 -33.47 -26.73
N HIS A 8 6.76 -32.50 -26.02
CA HIS A 8 6.82 -31.10 -26.39
C HIS A 8 8.24 -30.55 -26.19
N HIS A 9 8.53 -29.41 -26.81
CA HIS A 9 9.84 -28.77 -26.70
C HIS A 9 10.04 -28.26 -25.27
N HIS A 10 11.29 -28.24 -24.80
CA HIS A 10 11.60 -27.84 -23.43
C HIS A 10 11.43 -26.34 -23.22
N GLU A 11 11.39 -25.91 -21.96
CA GLU A 11 11.24 -24.51 -21.59
C GLU A 11 11.80 -24.28 -20.18
N ASN A 12 12.03 -23.00 -19.84
CA ASN A 12 12.55 -22.63 -18.53
C ASN A 12 12.13 -21.21 -18.15
N LEU A 13 12.23 -20.88 -16.87
CA LEU A 13 11.90 -19.56 -16.36
C LEU A 13 12.98 -18.55 -16.71
N TYR A 14 12.63 -17.27 -16.66
CA TYR A 14 13.55 -16.18 -16.94
C TYR A 14 14.72 -16.00 -15.97
N PHE A 15 15.73 -15.23 -16.37
CA PHE A 15 16.90 -14.98 -15.54
C PHE A 15 16.63 -14.33 -14.19
N GLN A 16 17.50 -14.60 -13.21
CA GLN A 16 17.37 -14.07 -11.87
C GLN A 16 17.73 -12.58 -11.82
N SER A 17 17.25 -11.88 -10.80
CA SER A 17 17.52 -10.46 -10.61
C SER A 17 17.33 -10.09 -9.14
N ASN A 18 17.92 -8.95 -8.74
CA ASN A 18 17.81 -8.45 -7.39
C ASN A 18 17.88 -6.93 -7.38
N ALA A 19 17.61 -6.34 -6.21
CA ALA A 19 17.61 -4.89 -6.01
C ALA A 19 17.96 -4.56 -4.57
N GLU A 20 17.98 -3.27 -4.24
CA GLU A 20 18.30 -2.78 -2.90
C GLU A 20 17.26 -1.76 -2.45
N ILE A 21 17.37 -1.29 -1.21
CA ILE A 21 16.43 -0.34 -0.63
C ILE A 21 17.18 0.92 -0.15
N ALA A 22 16.45 2.04 -0.09
CA ALA A 22 16.98 3.32 0.36
C ALA A 22 15.98 4.01 1.27
N ASP A 23 16.41 5.06 1.98
CA ASP A 23 15.61 5.79 2.97
C ASP A 23 14.46 6.64 2.41
N GLU A 24 13.72 6.10 1.45
CA GLU A 24 12.60 6.78 0.81
C GLU A 24 11.38 6.85 1.73
N PRO A 25 10.68 7.99 1.74
CA PRO A 25 9.42 8.17 2.46
C PRO A 25 8.27 7.52 1.69
N VAL A 26 7.06 7.59 2.25
CA VAL A 26 5.86 7.11 1.59
C VAL A 26 5.52 8.01 0.41
N LYS A 27 4.83 7.47 -0.59
CA LYS A 27 4.42 8.23 -1.76
C LYS A 27 2.91 8.11 -1.95
N ALA A 28 2.29 9.17 -2.49
CA ALA A 28 0.84 9.20 -2.67
C ALA A 28 0.38 8.12 -3.65
N SER A 29 1.28 7.59 -4.48
CA SER A 29 0.94 6.58 -5.47
C SER A 29 0.55 5.24 -4.84
N LEU A 30 0.95 5.02 -3.57
CA LEU A 30 0.55 3.83 -2.82
C LEU A 30 -0.57 4.18 -1.86
N LEU A 31 -0.47 5.34 -1.22
CA LEU A 31 -1.42 5.76 -0.19
C LEU A 31 -2.80 6.02 -0.79
N LEU A 32 -2.87 6.66 -1.95
CA LEU A 32 -4.15 6.94 -2.59
C LEU A 32 -4.79 5.63 -3.06
N HIS A 33 -3.93 4.70 -3.49
CA HIS A 33 -4.35 3.42 -4.05
C HIS A 33 -5.05 2.56 -3.01
N VAL A 34 -4.58 2.63 -1.75
CA VAL A 34 -5.13 1.83 -0.67
C VAL A 34 -6.41 2.47 -0.13
N LEU A 35 -6.49 3.81 -0.12
CA LEU A 35 -7.67 4.51 0.39
C LEU A 35 -8.89 4.32 -0.50
N VAL A 36 -8.76 3.60 -1.62
CA VAL A 36 -9.89 3.27 -2.48
C VAL A 36 -10.11 1.76 -2.49
N ALA A 37 -9.02 1.00 -2.49
CA ALA A 37 -9.11 -0.45 -2.52
C ALA A 37 -9.88 -1.00 -1.33
N HIS A 38 -9.73 -0.41 -0.14
CA HIS A 38 -10.38 -0.96 1.05
C HIS A 38 -11.88 -0.62 1.07
N LYS A 39 -12.27 0.52 0.50
CA LYS A 39 -13.65 0.97 0.47
C LYS A 39 -14.48 0.09 -0.47
N LEU A 40 -13.83 -0.47 -1.50
CA LEU A 40 -14.48 -1.31 -2.49
C LEU A 40 -14.14 -2.78 -2.27
N LYS A 41 -13.42 -3.08 -1.19
CA LYS A 41 -13.01 -4.44 -0.84
C LYS A 41 -12.20 -5.07 -1.96
N LYS A 42 -11.52 -4.22 -2.74
CA LYS A 42 -10.65 -4.62 -3.84
C LYS A 42 -9.21 -4.75 -3.35
N SER A 43 -8.32 -5.16 -4.24
CA SER A 43 -6.90 -5.23 -3.97
C SER A 43 -6.17 -4.26 -4.88
N LEU A 44 -4.91 -3.92 -4.55
CA LEU A 44 -4.12 -3.04 -5.39
C LEU A 44 -3.85 -3.69 -6.74
N ASP A 45 -3.99 -5.01 -6.81
CA ASP A 45 -3.91 -5.78 -8.03
C ASP A 45 -5.22 -5.80 -8.84
N SER A 46 -6.23 -5.07 -8.35
CA SER A 46 -7.55 -5.04 -8.96
C SER A 46 -8.12 -3.62 -9.03
N ILE A 47 -7.36 -2.64 -8.54
CA ILE A 47 -7.73 -1.23 -8.67
C ILE A 47 -6.84 -0.62 -9.75
N PRO A 48 -7.37 -0.46 -10.98
CA PRO A 48 -6.66 0.21 -12.04
C PRO A 48 -6.57 1.71 -11.76
N MET A 49 -5.35 2.25 -11.77
CA MET A 49 -5.13 3.68 -11.58
C MET A 49 -5.59 4.45 -12.81
N SER A 50 -5.79 3.75 -13.94
CA SER A 50 -6.22 4.37 -15.19
C SER A 50 -7.71 4.68 -15.15
N LYS A 51 -8.34 4.51 -13.97
CA LYS A 51 -9.75 4.80 -13.78
C LYS A 51 -9.89 5.92 -12.77
N THR A 52 -11.12 6.40 -12.61
CA THR A 52 -11.45 7.51 -11.73
C THR A 52 -12.42 7.08 -10.64
N ILE A 53 -12.50 7.82 -9.53
CA ILE A 53 -13.41 7.45 -8.45
C ILE A 53 -14.83 7.33 -8.95
N LYS A 54 -15.17 8.07 -10.02
CA LYS A 54 -16.51 8.04 -10.59
C LYS A 54 -16.75 6.82 -11.47
N ASP A 55 -15.73 5.99 -11.71
CA ASP A 55 -15.87 4.79 -12.52
C ASP A 55 -15.51 3.58 -11.64
N LEU A 56 -14.77 3.80 -10.55
CA LEU A 56 -14.34 2.73 -9.65
C LEU A 56 -15.51 2.26 -8.77
N VAL A 57 -16.32 3.20 -8.30
CA VAL A 57 -17.46 2.91 -7.43
C VAL A 57 -18.73 2.52 -8.18
N GLY A 58 -18.64 2.35 -9.51
CA GLY A 58 -19.79 1.99 -10.31
C GLY A 58 -20.68 3.19 -10.63
N GLY A 59 -20.19 4.41 -10.36
CA GLY A 59 -20.93 5.63 -10.64
C GLY A 59 -21.87 6.04 -9.50
N LYS A 60 -21.79 5.37 -8.35
CA LYS A 60 -22.61 5.70 -7.20
C LYS A 60 -22.34 7.12 -6.73
N SER A 61 -23.38 7.95 -6.60
CA SER A 61 -23.23 9.33 -6.20
C SER A 61 -22.78 9.46 -4.75
N THR A 62 -23.09 8.45 -3.92
CA THR A 62 -22.69 8.44 -2.53
C THR A 62 -21.24 8.02 -2.29
N VAL A 63 -20.88 6.82 -2.75
CA VAL A 63 -19.53 6.30 -2.57
C VAL A 63 -18.47 7.21 -3.20
N GLN A 64 -18.81 7.80 -4.36
CA GLN A 64 -17.94 8.75 -5.02
C GLN A 64 -17.68 9.98 -4.14
N ASN A 65 -18.64 10.31 -3.27
CA ASN A 65 -18.54 11.45 -2.37
C ASN A 65 -17.87 11.07 -1.04
N GLU A 66 -18.00 9.83 -0.59
CA GLU A 66 -17.36 9.38 0.64
C GLU A 66 -15.86 9.25 0.46
N ILE A 67 -15.42 8.83 -0.73
CA ILE A 67 -14.00 8.71 -1.03
C ILE A 67 -13.38 10.08 -1.26
N LEU A 68 -14.19 11.06 -1.69
CA LEU A 68 -13.73 12.40 -1.98
C LEU A 68 -13.20 13.06 -0.71
N GLY A 69 -13.89 12.84 0.42
CA GLY A 69 -13.51 13.43 1.69
C GLY A 69 -12.29 12.74 2.29
N ASP A 70 -12.11 11.44 2.03
CA ASP A 70 -11.00 10.69 2.58
C ASP A 70 -9.62 11.14 2.12
N LEU A 71 -9.55 11.88 1.02
CA LEU A 71 -8.32 12.46 0.52
C LEU A 71 -8.03 13.77 1.24
N GLY A 72 -9.06 14.51 1.63
CA GLY A 72 -8.89 15.75 2.36
C GLY A 72 -8.51 15.46 3.81
N LYS A 73 -9.02 14.35 4.34
CA LYS A 73 -8.71 13.87 5.68
C LYS A 73 -7.32 13.22 5.74
N GLU A 74 -6.63 13.10 4.61
CA GLU A 74 -5.34 12.43 4.55
C GLU A 74 -4.23 13.31 3.97
N PHE A 75 -4.56 14.16 2.98
CA PHE A 75 -3.58 14.96 2.29
C PHE A 75 -3.61 16.43 2.72
N GLY A 76 -4.49 16.74 3.67
CA GLY A 76 -4.72 18.09 4.17
C GLY A 76 -5.55 18.91 3.19
N THR A 77 -5.68 18.43 1.95
CA THR A 77 -6.46 19.10 0.91
C THR A 77 -6.76 18.18 -0.26
N THR A 78 -7.49 18.68 -1.26
CA THR A 78 -7.83 17.92 -2.46
C THR A 78 -7.79 18.90 -3.62
N PRO A 79 -7.52 18.40 -4.83
CA PRO A 79 -7.48 19.22 -6.04
C PRO A 79 -8.87 19.71 -6.42
N GLU A 80 -8.97 20.37 -7.57
CA GLU A 80 -10.19 21.03 -8.02
C GLU A 80 -11.34 20.08 -8.33
N LYS A 81 -11.01 18.84 -8.67
CA LYS A 81 -11.99 17.79 -8.98
C LYS A 81 -11.40 16.38 -8.92
N PRO A 82 -11.00 15.91 -7.72
CA PRO A 82 -10.39 14.60 -7.55
C PRO A 82 -11.35 13.48 -7.96
N GLU A 83 -12.66 13.72 -7.83
CA GLU A 83 -13.66 12.73 -8.17
C GLU A 83 -13.78 12.53 -9.68
N GLU A 84 -13.19 13.44 -10.46
CA GLU A 84 -13.13 13.34 -11.92
C GLU A 84 -11.69 13.24 -12.43
N THR A 85 -10.73 12.94 -11.54
CA THR A 85 -9.33 12.76 -11.89
C THR A 85 -8.87 11.34 -11.61
N PRO A 86 -8.28 10.66 -12.59
CA PRO A 86 -7.84 9.27 -12.44
C PRO A 86 -6.66 9.17 -11.51
N LEU A 87 -6.59 8.03 -10.84
CA LEU A 87 -5.69 7.79 -9.74
C LEU A 87 -4.25 7.66 -10.23
N GLU A 88 -4.05 7.39 -11.53
CA GLU A 88 -2.72 7.31 -12.09
C GLU A 88 -2.13 8.72 -12.25
N GLU A 89 -2.98 9.76 -12.27
CA GLU A 89 -2.52 11.14 -12.33
C GLU A 89 -2.86 11.92 -11.05
N LEU A 90 -3.86 11.46 -10.29
CA LEU A 90 -4.32 12.12 -9.09
C LEU A 90 -3.30 11.94 -7.97
N ALA A 91 -2.65 10.78 -7.93
CA ALA A 91 -1.60 10.52 -6.96
C ALA A 91 -0.39 11.40 -7.23
N GLU A 92 -0.10 11.66 -8.51
CA GLU A 92 0.98 12.56 -8.90
C GLU A 92 0.67 13.99 -8.44
N THR A 93 -0.62 14.30 -8.25
CA THR A 93 -1.05 15.58 -7.72
C THR A 93 -0.99 15.66 -6.20
N PHE A 94 -1.14 14.51 -5.52
CA PHE A 94 -1.06 14.46 -4.07
C PHE A 94 0.33 14.45 -3.47
N GLN A 95 1.30 13.85 -4.16
CA GLN A 95 2.67 13.77 -3.67
C GLN A 95 3.35 15.14 -3.72
N ASP A 96 2.70 16.12 -4.37
CA ASP A 96 3.22 17.47 -4.50
C ASP A 96 3.16 18.15 -3.13
N THR A 97 2.33 17.62 -2.22
CA THR A 97 2.13 18.22 -0.91
C THR A 97 2.07 17.22 0.24
N PHE A 98 2.09 15.92 -0.06
CA PHE A 98 2.04 14.87 0.95
C PHE A 98 3.28 14.79 1.85
N SER A 99 3.11 14.45 3.12
CA SER A 99 4.21 14.34 4.06
C SER A 99 4.95 13.03 3.81
N GLY A 100 6.11 12.83 4.44
CA GLY A 100 6.83 11.56 4.31
C GLY A 100 6.19 10.48 5.17
N ALA A 101 5.03 10.78 5.74
CA ALA A 101 4.28 9.88 6.60
C ALA A 101 2.79 10.12 6.44
N LEU A 102 1.99 9.19 6.98
CA LEU A 102 0.56 9.15 6.80
C LEU A 102 -0.15 10.31 7.51
N GLY A 103 -1.33 10.66 6.98
CA GLY A 103 -2.24 11.61 7.60
C GLY A 103 -3.05 10.93 8.70
N LYS A 104 -3.96 11.69 9.32
CA LYS A 104 -4.76 11.17 10.43
C LYS A 104 -5.77 10.11 9.99
N GLN A 105 -6.10 10.04 8.68
CA GLN A 105 -7.07 9.09 8.19
C GLN A 105 -6.45 7.71 8.00
N SER A 106 -5.44 7.61 7.14
CA SER A 106 -4.85 6.31 6.82
C SER A 106 -4.13 5.72 8.02
N SER A 107 -3.57 6.56 8.90
CA SER A 107 -2.86 6.10 10.09
C SER A 107 -3.81 5.46 11.10
N SER A 108 -5.07 5.93 11.14
CA SER A 108 -6.07 5.38 12.05
C SER A 108 -6.66 4.10 11.47
N LEU A 109 -6.77 4.05 10.14
CA LEU A 109 -7.33 2.91 9.41
C LEU A 109 -6.45 1.67 9.55
N LEU A 110 -5.25 1.79 10.12
CA LEU A 110 -4.37 0.64 10.29
C LEU A 110 -4.82 -0.17 11.51
N SER A 111 -5.37 0.51 12.52
CA SER A 111 -5.86 -0.14 13.73
C SER A 111 -7.26 -0.71 13.49
N ARG A 112 -7.97 -0.19 12.48
CA ARG A 112 -9.29 -0.72 12.13
C ARG A 112 -9.19 -2.12 11.55
N LEU A 113 -8.02 -2.49 11.04
CA LEU A 113 -7.80 -3.84 10.53
C LEU A 113 -7.72 -4.82 11.71
N ILE A 114 -7.11 -4.39 12.81
CA ILE A 114 -7.01 -5.20 14.03
C ILE A 114 -8.39 -5.36 14.66
N SER A 115 -9.27 -4.38 14.46
CA SER A 115 -10.62 -4.40 14.98
C SER A 115 -11.61 -5.05 14.01
N SER A 116 -11.19 -5.28 12.76
CA SER A 116 -12.08 -5.79 11.72
C SER A 116 -12.40 -7.27 11.93
N LYS A 117 -11.38 -8.14 11.88
CA LYS A 117 -11.55 -9.58 11.99
C LYS A 117 -10.37 -10.28 12.67
N MET A 118 -9.35 -9.52 13.06
CA MET A 118 -8.14 -10.10 13.66
C MET A 118 -8.43 -10.68 15.04
N PRO A 119 -7.66 -11.69 15.45
CA PRO A 119 -7.74 -12.33 16.76
C PRO A 119 -7.20 -11.39 17.85
N GLY A 120 -7.06 -11.88 19.09
CA GLY A 120 -6.55 -11.09 20.20
C GLY A 120 -5.18 -11.56 20.69
N GLY A 121 -4.42 -10.68 21.34
CA GLY A 121 -3.11 -11.00 21.91
C GLY A 121 -1.95 -10.23 21.26
N PHE A 122 -2.25 -9.28 20.37
CA PHE A 122 -1.28 -8.51 19.61
C PHE A 122 -1.72 -7.07 19.30
N THR A 123 -0.77 -6.18 18.98
CA THR A 123 -1.08 -4.76 18.77
C THR A 123 -0.37 -4.11 17.59
N ILE A 124 -0.88 -2.96 17.17
CA ILE A 124 -0.27 -2.20 16.09
C ILE A 124 1.05 -1.58 16.56
N THR A 125 1.20 -1.30 17.86
CA THR A 125 2.43 -0.70 18.37
C THR A 125 3.50 -1.80 18.29
N VAL A 126 3.11 -3.05 18.55
CA VAL A 126 3.99 -4.20 18.51
C VAL A 126 4.30 -4.50 17.05
N ALA A 127 3.41 -4.11 16.13
CA ALA A 127 3.56 -4.37 14.71
C ALA A 127 4.61 -3.45 14.07
N ARG A 128 4.76 -2.24 14.60
CA ARG A 128 5.78 -1.32 14.13
C ARG A 128 7.11 -1.58 14.84
N LYS A 129 7.06 -2.27 15.97
CA LYS A 129 8.25 -2.61 16.75
C LYS A 129 9.10 -3.66 16.05
N TYR A 130 10.42 -3.44 16.02
CA TYR A 130 11.37 -4.37 15.42
C TYR A 130 11.18 -4.77 13.96
N LEU A 131 10.48 -3.94 13.18
CA LEU A 131 10.13 -4.27 11.81
C LEU A 131 11.24 -3.78 10.89
N GLN A 132 11.82 -2.64 11.23
CA GLN A 132 12.88 -2.00 10.46
C GLN A 132 14.19 -2.78 10.47
N THR A 133 14.24 -3.91 11.18
CA THR A 133 15.42 -4.76 11.23
C THR A 133 15.17 -6.23 10.88
N ARG A 134 13.90 -6.61 10.73
CA ARG A 134 13.53 -7.96 10.34
C ARG A 134 13.55 -8.11 8.81
N TRP A 135 13.47 -6.99 8.09
CA TRP A 135 13.47 -6.96 6.64
C TRP A 135 14.29 -5.81 6.04
N GLY A 136 14.98 -5.06 6.89
CA GLY A 136 15.82 -3.95 6.44
C GLY A 136 15.01 -2.74 5.98
N LEU A 137 13.69 -2.76 6.17
CA LEU A 137 12.79 -1.70 5.73
C LEU A 137 13.06 -0.41 6.52
N PRO A 138 13.52 0.66 5.85
CA PRO A 138 13.74 1.96 6.48
C PRO A 138 12.45 2.54 7.06
N SER A 139 12.60 3.49 8.00
CA SER A 139 11.49 4.11 8.70
C SER A 139 10.57 4.90 7.77
N GLY A 140 11.11 5.42 6.65
CA GLY A 140 10.31 6.18 5.70
C GLY A 140 9.40 5.24 4.88
N ARG A 141 9.79 3.98 4.78
CA ARG A 141 9.06 2.97 4.03
C ARG A 141 8.18 2.13 4.96
N GLN A 142 8.51 2.10 6.26
CA GLN A 142 7.73 1.37 7.24
C GLN A 142 6.30 1.92 7.29
N ASP A 143 6.12 3.21 7.01
CA ASP A 143 4.80 3.81 6.96
C ASP A 143 3.97 3.36 5.76
N GLY A 144 4.61 2.82 4.74
CA GLY A 144 3.93 2.35 3.54
C GLY A 144 3.59 0.87 3.62
N VAL A 145 4.47 0.06 4.25
CA VAL A 145 4.24 -1.38 4.35
C VAL A 145 3.13 -1.68 5.35
N LEU A 146 3.00 -0.85 6.38
CA LEU A 146 1.99 -1.06 7.41
C LEU A 146 0.60 -0.69 6.90
N LEU A 147 0.49 -0.09 5.71
CA LEU A 147 -0.81 0.22 5.12
C LEU A 147 -1.10 -0.68 3.92
N VAL A 148 -0.12 -1.48 3.47
CA VAL A 148 -0.37 -2.52 2.48
C VAL A 148 -1.07 -3.68 3.19
N ALA A 149 -1.00 -3.69 4.53
CA ALA A 149 -1.75 -4.66 5.31
C ALA A 149 -3.25 -4.42 5.16
N LEU A 150 -3.65 -3.15 5.00
CA LEU A 150 -5.04 -2.78 4.89
C LEU A 150 -5.65 -3.23 3.56
N SER A 151 -4.82 -3.35 2.52
CA SER A 151 -5.29 -3.80 1.20
C SER A 151 -5.35 -5.33 1.16
N ASN A 152 -4.76 -6.00 2.15
CA ASN A 152 -4.80 -7.45 2.26
C ASN A 152 -5.92 -7.90 3.19
N GLU A 153 -5.98 -7.31 4.39
CA GLU A 153 -7.03 -7.49 5.39
C GLU A 153 -7.60 -8.92 5.41
N PRO A 154 -6.86 -9.88 5.98
CA PRO A 154 -7.33 -11.26 6.06
C PRO A 154 -8.52 -11.38 7.01
N ALA A 155 -9.54 -12.13 6.59
CA ALA A 155 -10.69 -12.41 7.43
C ALA A 155 -10.33 -13.49 8.46
N ALA A 156 -9.42 -14.38 8.07
CA ALA A 156 -8.89 -15.43 8.93
C ALA A 156 -7.63 -16.00 8.29
N ARG A 157 -6.49 -15.85 8.96
CA ARG A 157 -5.20 -16.37 8.50
C ARG A 157 -4.31 -16.78 9.66
N LEU A 158 -4.58 -16.25 10.85
CA LEU A 158 -3.87 -16.61 12.07
C LEU A 158 -4.83 -17.33 13.02
N GLY A 159 -4.31 -18.27 13.81
CA GLY A 159 -5.12 -18.93 14.83
C GLY A 159 -5.01 -18.19 16.17
N SER A 160 -4.06 -17.26 16.27
CA SER A 160 -3.86 -16.40 17.42
C SER A 160 -3.15 -15.14 16.96
N GLU A 161 -3.39 -14.00 17.62
CA GLU A 161 -2.86 -12.74 17.14
C GLU A 161 -1.36 -12.62 17.38
N ALA A 162 -0.80 -13.45 18.27
CA ALA A 162 0.64 -13.47 18.50
C ALA A 162 1.36 -13.95 17.24
N ASP A 163 0.65 -14.67 16.36
CA ASP A 163 1.18 -15.10 15.07
C ASP A 163 0.98 -14.06 13.98
N ALA A 164 0.17 -13.03 14.24
CA ALA A 164 -0.05 -11.95 13.29
C ALA A 164 1.21 -11.12 13.11
N LYS A 165 2.20 -11.27 14.00
CA LYS A 165 3.51 -10.66 13.82
C LYS A 165 4.27 -11.35 12.69
N ALA A 166 4.01 -12.65 12.49
CA ALA A 166 4.60 -13.39 11.38
C ALA A 166 3.87 -13.07 10.08
N PHE A 167 2.66 -12.51 10.18
CA PHE A 167 1.94 -12.04 9.01
C PHE A 167 2.52 -10.81 8.34
N LEU A 168 3.26 -10.00 9.11
CA LEU A 168 3.93 -8.81 8.61
C LEU A 168 5.09 -9.20 7.69
N ASP A 169 5.58 -10.44 7.82
CA ASP A 169 6.63 -10.96 6.95
C ASP A 169 6.18 -11.09 5.50
N SER A 170 4.87 -11.22 5.30
CA SER A 170 4.28 -11.27 3.98
C SER A 170 4.14 -9.87 3.42
N MET A 171 3.64 -8.96 4.28
CA MET A 171 3.35 -7.58 3.89
C MET A 171 4.59 -6.87 3.39
N ALA A 172 5.78 -7.27 3.85
CA ALA A 172 7.03 -6.69 3.37
C ALA A 172 7.22 -7.02 1.89
N GLN A 173 6.71 -8.16 1.44
CA GLN A 173 6.81 -8.58 0.04
C GLN A 173 5.62 -8.05 -0.76
N LYS A 174 4.47 -7.85 -0.10
CA LYS A 174 3.29 -7.30 -0.74
C LYS A 174 3.60 -5.88 -1.19
N TYR A 175 4.36 -5.15 -0.38
CA TYR A 175 4.83 -3.81 -0.75
C TYR A 175 5.92 -3.78 -1.82
N ALA A 176 6.88 -4.70 -1.75
CA ALA A 176 8.02 -4.70 -2.65
C ALA A 176 7.60 -4.95 -4.10
N SER A 177 6.44 -5.59 -4.30
CA SER A 177 5.91 -5.83 -5.62
C SER A 177 5.35 -4.54 -6.24
N ILE A 178 5.00 -3.56 -5.39
CA ILE A 178 4.42 -2.31 -5.84
C ILE A 178 5.51 -1.32 -6.22
N VAL A 179 6.57 -1.23 -5.40
CA VAL A 179 7.68 -0.31 -5.62
C VAL A 179 8.75 -0.93 -6.53
N GLY A 180 8.79 -2.26 -6.63
CA GLY A 180 9.74 -2.98 -7.48
C GLY A 180 11.07 -3.31 -6.78
N VAL A 181 11.19 -3.04 -5.48
CA VAL A 181 12.40 -3.35 -4.71
C VAL A 181 12.54 -4.84 -4.42
N ASP A 182 13.61 -5.19 -3.70
CA ASP A 182 13.88 -6.54 -3.26
C ASP A 182 14.44 -6.45 -1.84
N LEU A 183 14.05 -7.40 -0.98
CA LEU A 183 14.41 -7.38 0.43
C LEU A 183 15.74 -8.09 0.69
N MET A 1 20.52 -29.47 -34.82
CA MET A 1 19.69 -29.48 -36.04
C MET A 1 20.44 -30.13 -37.21
N GLY A 2 21.51 -29.49 -37.69
CA GLY A 2 22.30 -30.01 -38.79
C GLY A 2 23.20 -31.17 -38.36
N SER A 3 23.28 -31.43 -37.05
CA SER A 3 24.06 -32.51 -36.49
C SER A 3 23.49 -32.89 -35.13
N SER A 4 23.89 -34.06 -34.61
CA SER A 4 23.42 -34.55 -33.32
C SER A 4 23.92 -33.65 -32.18
N HIS A 5 23.18 -33.64 -31.07
CA HIS A 5 23.52 -32.83 -29.89
C HIS A 5 22.90 -33.45 -28.64
N HIS A 6 23.54 -33.23 -27.49
CA HIS A 6 23.08 -33.74 -26.21
C HIS A 6 23.57 -32.86 -25.06
N HIS A 7 22.85 -32.88 -23.94
CA HIS A 7 23.20 -32.11 -22.75
C HIS A 7 22.62 -32.77 -21.50
N HIS A 8 23.16 -32.41 -20.34
CA HIS A 8 22.71 -32.96 -19.07
C HIS A 8 21.27 -32.54 -18.76
N HIS A 9 20.57 -33.36 -17.96
CA HIS A 9 19.19 -33.09 -17.58
C HIS A 9 19.10 -31.97 -16.55
N HIS A 10 20.25 -31.50 -16.04
CA HIS A 10 20.32 -30.43 -15.05
C HIS A 10 21.67 -29.74 -15.14
N GLU A 11 21.74 -28.49 -14.64
CA GLU A 11 22.96 -27.70 -14.66
C GLU A 11 22.89 -26.61 -13.61
N ASN A 12 24.04 -26.01 -13.27
CA ASN A 12 24.11 -24.95 -12.28
C ASN A 12 23.52 -23.65 -12.82
N LEU A 13 22.98 -22.82 -11.93
CA LEU A 13 22.35 -21.56 -12.27
C LEU A 13 22.71 -20.49 -11.23
N TYR A 14 22.49 -19.22 -11.58
CA TYR A 14 22.77 -18.09 -10.70
C TYR A 14 21.82 -16.90 -10.81
N PHE A 15 22.00 -15.92 -9.93
CA PHE A 15 21.19 -14.71 -9.88
C PHE A 15 21.42 -13.97 -11.19
N GLN A 16 20.47 -13.10 -11.57
CA GLN A 16 20.54 -12.33 -12.79
C GLN A 16 20.14 -10.87 -12.55
N SER A 17 19.91 -10.50 -11.29
CA SER A 17 19.49 -9.16 -10.91
C SER A 17 19.78 -8.91 -9.44
N ASN A 18 19.70 -7.66 -9.01
CA ASN A 18 19.88 -7.28 -7.62
C ASN A 18 19.21 -5.93 -7.37
N ALA A 19 18.96 -5.63 -6.09
CA ALA A 19 18.40 -4.34 -5.68
C ALA A 19 18.74 -4.05 -4.23
N GLU A 20 18.60 -2.78 -3.83
CA GLU A 20 18.85 -2.33 -2.47
C GLU A 20 17.94 -1.15 -2.12
N ILE A 21 17.65 -0.99 -0.83
CA ILE A 21 16.72 0.01 -0.33
C ILE A 21 17.41 1.36 -0.12
N ALA A 22 16.63 2.44 -0.14
CA ALA A 22 17.11 3.80 0.07
C ALA A 22 16.13 4.58 0.95
N ASP A 23 16.59 5.71 1.49
CA ASP A 23 15.82 6.55 2.40
C ASP A 23 14.62 7.27 1.78
N GLU A 24 14.20 6.85 0.59
CA GLU A 24 13.11 7.49 -0.14
C GLU A 24 11.78 7.31 0.63
N PRO A 25 11.00 8.39 0.82
CA PRO A 25 9.73 8.35 1.52
C PRO A 25 8.66 7.63 0.70
N VAL A 26 7.51 7.35 1.33
CA VAL A 26 6.40 6.69 0.67
C VAL A 26 5.74 7.63 -0.32
N LYS A 27 5.20 7.08 -1.41
CA LYS A 27 4.57 7.89 -2.45
C LYS A 27 3.06 7.95 -2.24
N ALA A 28 2.43 9.02 -2.72
CA ALA A 28 0.98 9.13 -2.71
C ALA A 28 0.36 8.08 -3.65
N SER A 29 1.18 7.51 -4.54
CA SER A 29 0.75 6.50 -5.50
C SER A 29 0.36 5.19 -4.84
N LEU A 30 0.87 4.93 -3.62
CA LEU A 30 0.50 3.75 -2.87
C LEU A 30 -0.53 4.10 -1.81
N LEU A 31 -0.41 5.31 -1.24
CA LEU A 31 -1.29 5.75 -0.17
C LEU A 31 -2.71 5.95 -0.70
N LEU A 32 -2.84 6.68 -1.81
CA LEU A 32 -4.15 6.95 -2.40
C LEU A 32 -4.81 5.64 -2.82
N HIS A 33 -4.00 4.70 -3.30
CA HIS A 33 -4.46 3.43 -3.83
C HIS A 33 -5.11 2.57 -2.74
N VAL A 34 -4.59 2.67 -1.51
CA VAL A 34 -5.08 1.87 -0.39
C VAL A 34 -6.35 2.49 0.18
N LEU A 35 -6.50 3.82 0.10
CA LEU A 35 -7.70 4.47 0.63
C LEU A 35 -8.93 4.06 -0.17
N VAL A 36 -8.77 3.78 -1.48
CA VAL A 36 -9.88 3.36 -2.32
C VAL A 36 -10.09 1.87 -2.13
N ALA A 37 -9.01 1.10 -2.11
CA ALA A 37 -9.06 -0.34 -1.98
C ALA A 37 -9.77 -0.77 -0.69
N HIS A 38 -9.48 -0.10 0.42
CA HIS A 38 -10.06 -0.48 1.69
C HIS A 38 -11.52 -0.01 1.82
N LYS A 39 -11.90 1.04 1.10
CA LYS A 39 -13.27 1.53 1.11
C LYS A 39 -14.18 0.58 0.33
N LEU A 40 -13.61 -0.22 -0.58
CA LEU A 40 -14.36 -1.12 -1.43
C LEU A 40 -14.00 -2.58 -1.18
N LYS A 41 -13.27 -2.84 -0.09
CA LYS A 41 -12.91 -4.17 0.37
C LYS A 41 -12.12 -4.94 -0.68
N LYS A 42 -11.40 -4.23 -1.55
CA LYS A 42 -10.58 -4.80 -2.61
C LYS A 42 -9.10 -4.72 -2.27
N SER A 43 -8.28 -5.47 -3.01
CA SER A 43 -6.83 -5.39 -2.91
C SER A 43 -6.28 -4.47 -3.99
N LEU A 44 -4.99 -4.13 -3.87
CA LEU A 44 -4.32 -3.30 -4.86
C LEU A 44 -4.18 -4.06 -6.18
N ASP A 45 -4.33 -5.38 -6.13
CA ASP A 45 -4.30 -6.24 -7.31
C ASP A 45 -5.66 -6.21 -8.00
N SER A 46 -6.70 -5.73 -7.30
CA SER A 46 -8.06 -5.66 -7.84
C SER A 46 -8.53 -4.22 -8.03
N ILE A 47 -7.63 -3.25 -7.88
CA ILE A 47 -7.94 -1.85 -8.07
C ILE A 47 -7.02 -1.27 -9.15
N PRO A 48 -7.52 -1.10 -10.38
CA PRO A 48 -6.75 -0.47 -11.45
C PRO A 48 -6.71 1.04 -11.22
N MET A 49 -5.52 1.64 -11.31
CA MET A 49 -5.37 3.07 -11.19
C MET A 49 -5.96 3.78 -12.40
N SER A 50 -6.20 3.04 -13.49
CA SER A 50 -6.68 3.62 -14.75
C SER A 50 -8.17 3.94 -14.68
N LYS A 51 -8.75 3.90 -13.47
CA LYS A 51 -10.17 4.17 -13.26
C LYS A 51 -10.35 5.37 -12.35
N THR A 52 -11.45 6.10 -12.58
CA THR A 52 -11.83 7.25 -11.79
C THR A 52 -12.72 6.91 -10.60
N ILE A 53 -12.68 7.72 -9.55
CA ILE A 53 -13.48 7.49 -8.35
C ILE A 53 -14.96 7.34 -8.69
N LYS A 54 -15.41 8.03 -9.74
CA LYS A 54 -16.79 7.96 -10.21
C LYS A 54 -17.09 6.65 -10.94
N ASP A 55 -16.09 5.80 -11.14
CA ASP A 55 -16.25 4.51 -11.79
C ASP A 55 -15.85 3.41 -10.79
N LEU A 56 -15.07 3.73 -9.76
CA LEU A 56 -14.70 2.75 -8.74
C LEU A 56 -15.92 2.34 -7.93
N VAL A 57 -16.86 3.27 -7.73
CA VAL A 57 -18.03 3.06 -6.88
C VAL A 57 -19.31 2.74 -7.64
N GLY A 58 -19.22 2.54 -8.95
CA GLY A 58 -20.39 2.22 -9.77
C GLY A 58 -21.26 3.44 -10.05
N GLY A 59 -20.77 4.65 -9.74
CA GLY A 59 -21.48 5.90 -10.01
C GLY A 59 -22.31 6.39 -8.82
N LYS A 60 -22.23 5.71 -7.67
CA LYS A 60 -22.93 6.15 -6.46
C LYS A 60 -22.44 7.52 -6.04
N SER A 61 -23.36 8.46 -5.81
CA SER A 61 -22.99 9.81 -5.42
C SER A 61 -22.45 9.84 -4.00
N THR A 62 -22.96 8.97 -3.13
CA THR A 62 -22.52 8.89 -1.74
C THR A 62 -21.12 8.32 -1.54
N VAL A 63 -20.89 7.10 -2.03
CA VAL A 63 -19.59 6.46 -1.90
C VAL A 63 -18.48 7.27 -2.56
N GLN A 64 -18.81 7.90 -3.69
CA GLN A 64 -17.89 8.80 -4.38
C GLN A 64 -17.50 9.97 -3.47
N ASN A 65 -18.46 10.50 -2.70
CA ASN A 65 -18.21 11.62 -1.80
C ASN A 65 -17.42 11.21 -0.56
N GLU A 66 -17.57 9.96 -0.10
CA GLU A 66 -16.82 9.46 1.05
C GLU A 66 -15.34 9.28 0.70
N ILE A 67 -15.03 8.94 -0.55
CA ILE A 67 -13.65 8.77 -0.98
C ILE A 67 -12.98 10.12 -1.20
N LEU A 68 -13.72 11.09 -1.73
CA LEU A 68 -13.18 12.42 -2.00
C LEU A 68 -12.85 13.17 -0.72
N GLY A 69 -13.68 13.00 0.31
CA GLY A 69 -13.49 13.71 1.57
C GLY A 69 -12.38 13.10 2.39
N ASP A 70 -12.01 11.84 2.13
CA ASP A 70 -10.95 11.17 2.86
C ASP A 70 -9.53 11.57 2.47
N LEU A 71 -9.38 12.16 1.28
CA LEU A 71 -8.10 12.67 0.82
C LEU A 71 -7.79 14.00 1.50
N GLY A 72 -8.81 14.75 1.92
CA GLY A 72 -8.61 16.03 2.57
C GLY A 72 -8.07 15.84 4.00
N LYS A 73 -8.47 14.75 4.64
CA LYS A 73 -8.02 14.40 5.99
C LYS A 73 -6.64 13.77 5.95
N GLU A 74 -6.21 13.28 4.79
CA GLU A 74 -4.96 12.54 4.66
C GLU A 74 -3.84 13.37 4.02
N PHE A 75 -4.19 14.22 3.06
CA PHE A 75 -3.21 15.02 2.32
C PHE A 75 -3.25 16.49 2.72
N GLY A 76 -4.10 16.83 3.69
CA GLY A 76 -4.33 18.17 4.18
C GLY A 76 -5.24 18.97 3.25
N THR A 77 -5.36 18.54 1.99
CA THR A 77 -6.21 19.19 1.00
C THR A 77 -6.43 18.32 -0.23
N THR A 78 -7.25 18.78 -1.17
CA THR A 78 -7.50 18.11 -2.44
C THR A 78 -7.42 19.08 -3.61
N PRO A 79 -7.03 18.59 -4.78
CA PRO A 79 -6.89 19.37 -5.99
C PRO A 79 -8.25 19.62 -6.61
N GLU A 80 -8.26 20.22 -7.82
CA GLU A 80 -9.50 20.51 -8.53
C GLU A 80 -9.96 19.33 -9.38
N LYS A 81 -11.28 19.20 -9.48
CA LYS A 81 -11.97 18.17 -10.27
C LYS A 81 -11.42 16.77 -10.01
N PRO A 82 -11.08 16.39 -8.77
CA PRO A 82 -10.47 15.10 -8.49
C PRO A 82 -11.43 13.95 -8.71
N GLU A 83 -12.73 14.23 -8.67
CA GLU A 83 -13.76 13.21 -8.79
C GLU A 83 -13.88 12.70 -10.23
N GLU A 84 -13.34 13.44 -11.20
CA GLU A 84 -13.33 13.03 -12.60
C GLU A 84 -11.89 12.74 -13.07
N THR A 85 -10.95 12.59 -12.13
CA THR A 85 -9.55 12.33 -12.42
C THR A 85 -9.16 10.91 -12.01
N PRO A 86 -8.57 10.11 -12.91
CA PRO A 86 -8.22 8.74 -12.63
C PRO A 86 -7.13 8.65 -11.57
N LEU A 87 -7.13 7.57 -10.78
CA LEU A 87 -6.21 7.43 -9.67
C LEU A 87 -4.75 7.37 -10.15
N GLU A 88 -4.53 6.96 -11.40
CA GLU A 88 -3.18 6.84 -11.96
C GLU A 88 -2.59 8.22 -12.23
N GLU A 89 -3.44 9.27 -12.32
CA GLU A 89 -2.98 10.63 -12.53
C GLU A 89 -3.28 11.51 -11.31
N LEU A 90 -4.23 11.12 -10.46
CA LEU A 90 -4.60 11.90 -9.30
C LEU A 90 -3.55 11.78 -8.20
N ALA A 91 -2.95 10.59 -8.08
CA ALA A 91 -1.89 10.36 -7.12
C ALA A 91 -0.67 11.21 -7.45
N GLU A 92 -0.43 11.44 -8.75
CA GLU A 92 0.66 12.30 -9.19
C GLU A 92 0.43 13.74 -8.74
N THR A 93 -0.83 14.12 -8.49
CA THR A 93 -1.17 15.42 -7.93
C THR A 93 -1.00 15.50 -6.42
N PHE A 94 -1.19 14.38 -5.72
CA PHE A 94 -1.03 14.33 -4.27
C PHE A 94 0.39 14.36 -3.74
N GLN A 95 1.33 13.75 -4.48
CA GLN A 95 2.72 13.70 -4.07
C GLN A 95 3.40 15.07 -4.22
N ASP A 96 2.72 16.00 -4.91
CA ASP A 96 3.24 17.34 -5.13
C ASP A 96 3.23 18.10 -3.80
N THR A 97 2.45 17.62 -2.84
CA THR A 97 2.30 18.27 -1.54
C THR A 97 2.33 17.33 -0.34
N PHE A 98 2.43 16.02 -0.58
CA PHE A 98 2.46 15.04 0.48
C PHE A 98 3.74 15.07 1.33
N SER A 99 3.62 14.81 2.63
CA SER A 99 4.75 14.98 3.56
C SER A 99 5.72 13.81 3.56
N GLY A 100 5.49 12.77 2.74
CA GLY A 100 6.37 11.60 2.72
C GLY A 100 6.09 10.66 3.89
N ALA A 101 5.04 10.95 4.68
CA ALA A 101 4.59 10.10 5.76
C ALA A 101 3.08 10.23 5.94
N LEU A 102 2.48 9.20 6.52
CA LEU A 102 1.04 9.06 6.58
C LEU A 102 0.36 10.16 7.40
N GLY A 103 -0.80 10.60 6.93
CA GLY A 103 -1.63 11.57 7.61
C GLY A 103 -2.44 10.91 8.72
N LYS A 104 -3.25 11.70 9.42
CA LYS A 104 -4.01 11.22 10.57
C LYS A 104 -5.14 10.28 10.18
N GLN A 105 -5.56 10.27 8.91
CA GLN A 105 -6.67 9.43 8.50
C GLN A 105 -6.18 8.02 8.21
N SER A 106 -5.11 7.89 7.43
CA SER A 106 -4.59 6.59 7.04
C SER A 106 -3.91 5.89 8.21
N SER A 107 -3.28 6.66 9.10
CA SER A 107 -2.59 6.09 10.26
C SER A 107 -3.58 5.52 11.27
N SER A 108 -4.83 6.00 11.25
CA SER A 108 -5.89 5.48 12.10
C SER A 108 -6.56 4.29 11.44
N LEU A 109 -6.58 4.27 10.11
CA LEU A 109 -7.15 3.19 9.33
C LEU A 109 -6.32 1.91 9.47
N LEU A 110 -5.13 1.99 10.04
CA LEU A 110 -4.27 0.82 10.19
C LEU A 110 -4.81 -0.08 11.30
N SER A 111 -5.40 0.52 12.34
CA SER A 111 -5.95 -0.24 13.44
C SER A 111 -7.32 -0.81 13.08
N ARG A 112 -7.92 -0.31 11.99
CA ARG A 112 -9.21 -0.79 11.52
C ARG A 112 -9.06 -2.17 10.90
N LEU A 113 -7.86 -2.51 10.43
CA LEU A 113 -7.58 -3.84 9.88
C LEU A 113 -7.81 -4.89 10.96
N ILE A 114 -7.37 -4.57 12.19
CA ILE A 114 -7.42 -5.52 13.30
C ILE A 114 -8.86 -5.83 13.69
N SER A 115 -9.81 -4.98 13.27
CA SER A 115 -11.23 -5.18 13.54
C SER A 115 -11.98 -5.56 12.26
N SER A 116 -11.35 -5.41 11.09
CA SER A 116 -12.00 -5.69 9.82
C SER A 116 -12.17 -7.20 9.59
N LYS A 117 -11.12 -7.99 9.85
CA LYS A 117 -11.13 -9.44 9.63
C LYS A 117 -10.22 -10.21 10.59
N MET A 118 -9.30 -9.53 11.28
CA MET A 118 -8.28 -10.19 12.09
C MET A 118 -8.87 -10.82 13.35
N PRO A 119 -8.20 -11.87 13.86
CA PRO A 119 -8.57 -12.55 15.10
C PRO A 119 -8.21 -11.67 16.31
N GLY A 120 -8.32 -12.22 17.52
CA GLY A 120 -8.01 -11.49 18.76
C GLY A 120 -6.78 -12.06 19.48
N GLY A 121 -6.13 -11.23 20.30
CA GLY A 121 -4.97 -11.61 21.10
C GLY A 121 -3.68 -10.89 20.72
N PHE A 122 -3.75 -9.91 19.81
CA PHE A 122 -2.61 -9.18 19.28
C PHE A 122 -2.91 -7.71 18.93
N THR A 123 -1.91 -6.83 18.91
CA THR A 123 -2.13 -5.39 18.75
C THR A 123 -1.33 -4.71 17.65
N ILE A 124 -1.77 -3.50 17.27
CA ILE A 124 -1.10 -2.73 16.24
C ILE A 124 0.23 -2.16 16.75
N THR A 125 0.38 -1.98 18.06
CA THR A 125 1.61 -1.42 18.60
C THR A 125 2.67 -2.49 18.41
N VAL A 126 2.31 -3.76 18.63
CA VAL A 126 3.22 -4.86 18.39
C VAL A 126 3.32 -5.28 16.91
N ALA A 127 2.52 -4.63 16.06
CA ALA A 127 2.54 -4.87 14.62
C ALA A 127 3.56 -3.99 13.90
N ARG A 128 4.04 -2.92 14.57
CA ARG A 128 5.07 -2.06 14.01
C ARG A 128 6.08 -1.62 15.07
N LYS A 129 6.14 -2.34 16.19
CA LYS A 129 7.09 -2.06 17.26
C LYS A 129 8.51 -2.02 16.71
N TYR A 130 8.80 -2.87 15.72
CA TYR A 130 10.07 -2.91 15.01
C TYR A 130 9.99 -3.35 13.55
N LEU A 131 10.69 -2.64 12.67
CA LEU A 131 10.76 -2.95 11.25
C LEU A 131 12.11 -2.54 10.68
N GLN A 132 12.76 -1.54 11.27
CA GLN A 132 14.05 -1.06 10.80
C GLN A 132 15.18 -2.03 11.15
N THR A 133 14.85 -3.14 11.84
CA THR A 133 15.81 -4.18 12.17
C THR A 133 15.30 -5.59 11.89
N ARG A 134 14.01 -5.71 11.54
CA ARG A 134 13.40 -6.99 11.20
C ARG A 134 13.61 -7.31 9.72
N TRP A 135 13.71 -6.27 8.88
CA TRP A 135 13.96 -6.41 7.45
C TRP A 135 14.91 -5.35 6.89
N GLY A 136 15.55 -4.56 7.75
CA GLY A 136 16.52 -3.55 7.33
C GLY A 136 15.87 -2.31 6.71
N LEU A 137 14.56 -2.13 6.92
CA LEU A 137 13.82 -1.05 6.27
C LEU A 137 14.21 0.33 6.81
N PRO A 138 14.45 1.31 5.93
CA PRO A 138 14.66 2.69 6.32
C PRO A 138 13.34 3.33 6.71
N SER A 139 13.40 4.49 7.37
CA SER A 139 12.21 5.17 7.87
C SER A 139 11.30 5.65 6.74
N GLY A 140 11.83 5.82 5.52
CA GLY A 140 11.03 6.29 4.40
C GLY A 140 10.18 5.17 3.80
N ARG A 141 10.67 3.93 3.84
CA ARG A 141 9.95 2.78 3.31
C ARG A 141 9.04 2.18 4.37
N GLN A 142 9.35 2.39 5.65
CA GLN A 142 8.61 1.82 6.75
C GLN A 142 7.15 2.29 6.74
N ASP A 143 6.87 3.48 6.19
CA ASP A 143 5.52 4.01 6.11
C ASP A 143 4.69 3.38 4.99
N GLY A 144 5.34 2.74 4.02
CA GLY A 144 4.64 2.12 2.90
C GLY A 144 4.17 0.71 3.21
N VAL A 145 4.80 0.03 4.17
CA VAL A 145 4.46 -1.34 4.48
C VAL A 145 3.14 -1.43 5.24
N LEU A 146 2.82 -0.43 6.07
CA LEU A 146 1.60 -0.44 6.84
C LEU A 146 0.39 -0.19 5.93
N LEU A 147 0.62 0.50 4.80
CA LEU A 147 -0.44 0.74 3.83
C LEU A 147 -0.81 -0.58 3.15
N VAL A 148 0.17 -1.44 2.93
CA VAL A 148 -0.03 -2.72 2.27
C VAL A 148 -0.61 -3.75 3.23
N ALA A 149 -0.43 -3.54 4.53
CA ALA A 149 -1.03 -4.43 5.52
C ALA A 149 -2.54 -4.25 5.53
N LEU A 150 -2.99 -3.01 5.32
CA LEU A 150 -4.40 -2.69 5.32
C LEU A 150 -5.09 -3.18 4.03
N SER A 151 -4.34 -3.25 2.91
CA SER A 151 -4.91 -3.64 1.64
C SER A 151 -4.94 -5.17 1.46
N ASN A 152 -4.14 -5.90 2.23
CA ASN A 152 -4.15 -7.35 2.17
C ASN A 152 -5.41 -7.92 2.85
N GLU A 153 -5.75 -7.38 4.03
CA GLU A 153 -6.97 -7.69 4.78
C GLU A 153 -7.40 -9.16 4.59
N PRO A 154 -6.65 -10.12 5.13
CA PRO A 154 -6.95 -11.54 4.99
C PRO A 154 -8.22 -11.88 5.75
N ALA A 155 -9.15 -12.58 5.09
CA ALA A 155 -10.38 -13.03 5.72
C ALA A 155 -10.08 -14.17 6.70
N ALA A 156 -9.05 -14.96 6.38
CA ALA A 156 -8.58 -16.04 7.24
C ALA A 156 -7.19 -16.47 6.79
N ARG A 157 -6.18 -16.26 7.64
CA ARG A 157 -4.81 -16.68 7.38
C ARG A 157 -4.11 -17.10 8.67
N LEU A 158 -4.61 -16.63 9.81
CA LEU A 158 -4.11 -17.02 11.13
C LEU A 158 -5.21 -17.76 11.88
N GLY A 159 -4.85 -18.75 12.69
CA GLY A 159 -5.81 -19.43 13.54
C GLY A 159 -5.97 -18.70 14.89
N SER A 160 -5.05 -17.78 15.18
CA SER A 160 -5.10 -16.93 16.35
C SER A 160 -4.26 -15.69 16.06
N GLU A 161 -4.58 -14.56 16.69
CA GLU A 161 -3.89 -13.31 16.37
C GLU A 161 -2.46 -13.33 16.92
N ALA A 162 -2.15 -14.27 17.83
CA ALA A 162 -0.80 -14.41 18.34
C ALA A 162 0.15 -14.86 17.22
N ASP A 163 -0.41 -15.48 16.18
CA ASP A 163 0.35 -15.89 15.00
C ASP A 163 0.46 -14.79 13.94
N ALA A 164 -0.33 -13.73 14.07
CA ALA A 164 -0.30 -12.60 13.15
C ALA A 164 1.03 -11.84 13.24
N LYS A 165 1.87 -12.19 14.22
CA LYS A 165 3.21 -11.64 14.34
C LYS A 165 4.07 -12.10 13.16
N ALA A 166 3.82 -13.31 12.66
CA ALA A 166 4.53 -13.83 11.51
C ALA A 166 3.95 -13.29 10.21
N PHE A 167 2.72 -12.75 10.26
CA PHE A 167 2.11 -12.09 9.11
C PHE A 167 2.78 -10.78 8.70
N LEU A 168 3.45 -10.14 9.66
CA LEU A 168 4.18 -8.90 9.43
C LEU A 168 5.41 -9.18 8.56
N ASP A 169 5.97 -10.38 8.69
CA ASP A 169 7.10 -10.80 7.88
C ASP A 169 6.79 -10.96 6.40
N SER A 170 5.50 -11.00 6.05
CA SER A 170 5.06 -11.09 4.67
C SER A 170 4.93 -9.70 4.08
N MET A 171 4.37 -8.77 4.87
CA MET A 171 4.09 -7.42 4.42
C MET A 171 5.34 -6.72 3.93
N ALA A 172 6.51 -7.06 4.49
CA ALA A 172 7.76 -6.46 4.05
C ALA A 172 8.05 -6.82 2.59
N GLN A 173 7.47 -7.94 2.12
CA GLN A 173 7.62 -8.40 0.75
C GLN A 173 6.42 -8.00 -0.11
N LYS A 174 5.25 -7.83 0.51
CA LYS A 174 4.06 -7.40 -0.22
C LYS A 174 4.27 -6.01 -0.80
N TYR A 175 4.93 -5.14 -0.03
CA TYR A 175 5.32 -3.82 -0.51
C TYR A 175 6.45 -3.85 -1.54
N ALA A 176 7.35 -4.83 -1.41
CA ALA A 176 8.51 -4.93 -2.27
C ALA A 176 8.11 -5.29 -3.70
N SER A 177 7.00 -6.02 -3.87
CA SER A 177 6.52 -6.42 -5.18
C SER A 177 5.83 -5.23 -5.88
N ILE A 178 5.43 -4.22 -5.11
CA ILE A 178 4.72 -3.06 -5.66
C ILE A 178 5.70 -2.02 -6.20
N VAL A 179 6.91 -1.94 -5.63
CA VAL A 179 7.90 -0.96 -6.01
C VAL A 179 9.15 -1.57 -6.67
N GLY A 180 9.29 -2.90 -6.60
CA GLY A 180 10.30 -3.62 -7.37
C GLY A 180 11.58 -3.89 -6.57
N VAL A 181 11.61 -3.48 -5.30
CA VAL A 181 12.77 -3.68 -4.43
C VAL A 181 12.80 -5.07 -3.83
N ASP A 182 13.86 -5.31 -3.05
CA ASP A 182 14.06 -6.47 -2.21
C ASP A 182 14.73 -6.13 -0.89
N LEU A 183 14.86 -7.15 -0.05
CA LEU A 183 15.27 -7.01 1.33
C LEU A 183 16.73 -7.45 1.51
N MET A 1 18.22 -42.76 -17.87
CA MET A 1 19.02 -41.61 -18.31
C MET A 1 18.69 -41.24 -19.76
N GLY A 2 18.71 -39.93 -20.07
CA GLY A 2 18.40 -39.45 -21.41
C GLY A 2 18.48 -37.93 -21.48
N SER A 3 18.23 -37.39 -22.67
CA SER A 3 18.26 -35.95 -22.91
C SER A 3 17.08 -35.26 -22.23
N SER A 4 17.21 -33.95 -21.99
CA SER A 4 16.17 -33.17 -21.33
C SER A 4 16.29 -31.69 -21.69
N HIS A 5 15.23 -30.93 -21.48
CA HIS A 5 15.18 -29.50 -21.77
C HIS A 5 16.06 -28.71 -20.80
N HIS A 6 16.45 -29.33 -19.67
CA HIS A 6 17.27 -28.69 -18.66
C HIS A 6 18.18 -29.72 -17.99
N HIS A 7 19.13 -29.25 -17.17
CA HIS A 7 20.11 -30.11 -16.51
C HIS A 7 19.42 -31.05 -15.52
N HIS A 8 20.03 -32.23 -15.30
CA HIS A 8 19.50 -33.27 -14.45
C HIS A 8 19.61 -32.93 -12.95
N HIS A 9 20.08 -31.71 -12.64
CA HIS A 9 20.23 -31.26 -11.27
C HIS A 9 20.07 -29.74 -11.20
N HIS A 10 19.72 -29.21 -10.04
CA HIS A 10 19.52 -27.78 -9.87
C HIS A 10 20.86 -27.04 -9.85
N GLU A 11 20.81 -25.73 -10.11
CA GLU A 11 21.98 -24.86 -10.18
C GLU A 11 21.59 -23.45 -9.82
N ASN A 12 22.60 -22.59 -9.64
CA ASN A 12 22.36 -21.16 -9.52
C ASN A 12 23.62 -20.38 -9.84
N LEU A 13 23.45 -19.09 -10.15
CA LEU A 13 24.56 -18.18 -10.42
C LEU A 13 25.25 -17.80 -9.11
N TYR A 14 26.43 -17.20 -9.21
CA TYR A 14 27.20 -16.75 -8.06
C TYR A 14 26.58 -15.62 -7.23
N PHE A 15 27.20 -15.34 -6.08
CA PHE A 15 26.77 -14.27 -5.18
C PHE A 15 26.98 -12.96 -5.93
N GLN A 16 26.32 -11.90 -5.46
CA GLN A 16 26.40 -10.58 -6.07
C GLN A 16 26.42 -9.49 -4.99
N SER A 17 26.84 -8.28 -5.38
CA SER A 17 26.91 -7.13 -4.47
C SER A 17 25.51 -6.74 -4.00
N ASN A 18 25.44 -6.07 -2.85
CA ASN A 18 24.19 -5.64 -2.25
C ASN A 18 24.43 -4.49 -1.28
N ALA A 19 23.33 -3.82 -0.91
CA ALA A 19 23.38 -2.72 0.05
C ALA A 19 22.02 -2.52 0.71
N GLU A 20 21.98 -1.74 1.79
CA GLU A 20 20.75 -1.42 2.48
C GLU A 20 19.86 -0.51 1.64
N ILE A 21 18.55 -0.56 1.90
CA ILE A 21 17.57 0.20 1.14
C ILE A 21 17.69 1.68 1.48
N ALA A 22 17.38 2.54 0.51
CA ALA A 22 17.43 3.99 0.69
C ALA A 22 16.31 4.46 1.59
N ASP A 23 16.54 5.57 2.31
CA ASP A 23 15.57 6.18 3.21
C ASP A 23 14.44 6.96 2.52
N GLU A 24 14.09 6.54 1.30
CA GLU A 24 13.10 7.20 0.48
C GLU A 24 11.73 7.20 1.19
N PRO A 25 11.06 8.36 1.27
CA PRO A 25 9.75 8.49 1.90
C PRO A 25 8.65 7.83 1.08
N VAL A 26 7.44 7.77 1.63
CA VAL A 26 6.29 7.19 0.95
C VAL A 26 5.85 8.11 -0.18
N LYS A 27 5.18 7.53 -1.19
CA LYS A 27 4.69 8.29 -2.33
C LYS A 27 3.18 8.18 -2.41
N ALA A 28 2.53 9.20 -2.97
CA ALA A 28 1.09 9.22 -3.09
C ALA A 28 0.60 8.12 -4.03
N SER A 29 1.50 7.58 -4.86
CA SER A 29 1.18 6.53 -5.81
C SER A 29 0.69 5.26 -5.13
N LEU A 30 1.09 5.04 -3.87
CA LEU A 30 0.65 3.89 -3.10
C LEU A 30 -0.43 4.29 -2.09
N LEU A 31 -0.28 5.47 -1.48
CA LEU A 31 -1.22 5.90 -0.45
C LEU A 31 -2.60 6.19 -1.07
N LEU A 32 -2.63 6.79 -2.25
CA LEU A 32 -3.88 7.09 -2.93
C LEU A 32 -4.59 5.79 -3.33
N HIS A 33 -3.82 4.87 -3.91
CA HIS A 33 -4.31 3.59 -4.39
C HIS A 33 -4.92 2.76 -3.25
N VAL A 34 -4.38 2.84 -2.04
CA VAL A 34 -4.84 2.04 -0.92
C VAL A 34 -6.10 2.65 -0.30
N LEU A 35 -6.21 3.98 -0.30
CA LEU A 35 -7.36 4.65 0.30
C LEU A 35 -8.63 4.33 -0.47
N VAL A 36 -8.53 4.16 -1.79
CA VAL A 36 -9.69 3.82 -2.59
C VAL A 36 -10.01 2.35 -2.39
N ALA A 37 -8.98 1.50 -2.52
CA ALA A 37 -9.12 0.06 -2.39
C ALA A 37 -9.78 -0.32 -1.07
N HIS A 38 -9.34 0.27 0.03
CA HIS A 38 -9.85 -0.08 1.35
C HIS A 38 -11.30 0.38 1.54
N LYS A 39 -11.68 1.53 0.97
CA LYS A 39 -13.03 2.04 1.06
C LYS A 39 -14.02 1.16 0.31
N LEU A 40 -13.52 0.43 -0.69
CA LEU A 40 -14.33 -0.46 -1.51
C LEU A 40 -14.05 -1.93 -1.17
N LYS A 41 -13.29 -2.15 -0.09
CA LYS A 41 -12.96 -3.47 0.42
C LYS A 41 -12.20 -4.32 -0.60
N LYS A 42 -11.60 -3.67 -1.59
CA LYS A 42 -10.81 -4.32 -2.64
C LYS A 42 -9.33 -4.25 -2.35
N SER A 43 -8.55 -5.01 -3.12
CA SER A 43 -7.08 -4.96 -3.08
C SER A 43 -6.56 -4.23 -4.31
N LEU A 44 -5.30 -3.82 -4.27
CA LEU A 44 -4.69 -3.11 -5.39
C LEU A 44 -4.63 -4.01 -6.63
N ASP A 45 -4.81 -5.32 -6.43
CA ASP A 45 -4.90 -6.30 -7.50
C ASP A 45 -6.25 -6.31 -8.23
N SER A 46 -7.18 -5.45 -7.82
CA SER A 46 -8.50 -5.36 -8.42
C SER A 46 -8.96 -3.91 -8.55
N ILE A 47 -8.08 -2.95 -8.27
CA ILE A 47 -8.36 -1.54 -8.41
C ILE A 47 -7.51 -0.98 -9.55
N PRO A 48 -8.07 -0.84 -10.76
CA PRO A 48 -7.37 -0.23 -11.87
C PRO A 48 -7.25 1.27 -11.63
N MET A 49 -6.05 1.83 -11.79
CA MET A 49 -5.84 3.25 -11.60
C MET A 49 -6.49 4.04 -12.73
N SER A 50 -6.80 3.37 -13.84
CA SER A 50 -7.32 4.03 -15.03
C SER A 50 -8.78 4.46 -14.88
N LYS A 51 -9.34 4.28 -13.68
CA LYS A 51 -10.74 4.60 -13.42
C LYS A 51 -10.88 5.74 -12.43
N THR A 52 -12.01 6.46 -12.54
CA THR A 52 -12.38 7.57 -11.67
C THR A 52 -13.03 7.15 -10.35
N ILE A 53 -13.00 8.01 -9.32
CA ILE A 53 -13.64 7.68 -8.05
C ILE A 53 -15.11 7.31 -8.26
N LYS A 54 -15.80 8.04 -9.14
CA LYS A 54 -17.20 7.77 -9.42
C LYS A 54 -17.35 6.51 -10.29
N ASP A 55 -16.30 6.17 -11.02
CA ASP A 55 -16.25 5.02 -11.89
C ASP A 55 -15.97 3.71 -11.16
N LEU A 56 -15.27 3.78 -10.01
CA LEU A 56 -15.00 2.62 -9.17
C LEU A 56 -16.31 2.11 -8.55
N VAL A 57 -17.19 3.05 -8.16
CA VAL A 57 -18.43 2.74 -7.49
C VAL A 57 -19.65 2.58 -8.40
N GLY A 58 -19.44 2.67 -9.72
CA GLY A 58 -20.52 2.47 -10.69
C GLY A 58 -21.44 3.68 -10.82
N GLY A 59 -21.00 4.85 -10.37
CA GLY A 59 -21.76 6.10 -10.49
C GLY A 59 -22.52 6.48 -9.22
N LYS A 60 -22.36 5.72 -8.12
CA LYS A 60 -22.98 6.04 -6.85
C LYS A 60 -22.50 7.41 -6.38
N SER A 61 -23.42 8.23 -5.87
CA SER A 61 -23.10 9.61 -5.50
C SER A 61 -22.61 9.74 -4.06
N THR A 62 -23.01 8.82 -3.18
CA THR A 62 -22.61 8.86 -1.78
C THR A 62 -21.16 8.51 -1.53
N VAL A 63 -20.73 7.32 -1.95
CA VAL A 63 -19.36 6.88 -1.79
C VAL A 63 -18.37 7.81 -2.48
N GLN A 64 -18.80 8.36 -3.64
CA GLN A 64 -18.03 9.32 -4.39
C GLN A 64 -17.79 10.59 -3.57
N ASN A 65 -18.76 10.95 -2.71
CA ASN A 65 -18.67 12.11 -1.84
C ASN A 65 -17.88 11.80 -0.56
N GLU A 66 -17.89 10.54 -0.11
CA GLU A 66 -17.12 10.15 1.06
C GLU A 66 -15.63 10.06 0.73
N ILE A 67 -15.29 9.53 -0.45
CA ILE A 67 -13.89 9.42 -0.88
C ILE A 67 -13.35 10.81 -1.18
N LEU A 68 -14.21 11.72 -1.65
CA LEU A 68 -13.83 13.07 -2.02
C LEU A 68 -13.31 13.84 -0.79
N GLY A 69 -13.76 13.45 0.41
CA GLY A 69 -13.34 14.10 1.65
C GLY A 69 -12.17 13.35 2.30
N ASP A 70 -11.98 12.08 1.96
CA ASP A 70 -10.91 11.28 2.54
C ASP A 70 -9.50 11.65 2.11
N LEU A 71 -9.35 12.20 0.90
CA LEU A 71 -8.04 12.64 0.44
C LEU A 71 -7.73 14.03 1.03
N GLY A 72 -8.76 14.80 1.39
CA GLY A 72 -8.54 16.13 1.94
C GLY A 72 -7.99 16.06 3.36
N LYS A 73 -8.41 15.06 4.13
CA LYS A 73 -7.93 14.85 5.49
C LYS A 73 -6.59 14.15 5.53
N GLU A 74 -6.18 13.53 4.40
CA GLU A 74 -4.95 12.74 4.37
C GLU A 74 -3.83 13.47 3.64
N PHE A 75 -4.16 14.33 2.67
CA PHE A 75 -3.18 15.07 1.90
C PHE A 75 -3.16 16.56 2.21
N GLY A 76 -3.99 16.99 3.16
CA GLY A 76 -4.17 18.37 3.55
C GLY A 76 -5.03 19.14 2.55
N THR A 77 -5.20 18.59 1.33
CA THR A 77 -6.01 19.21 0.30
C THR A 77 -6.31 18.24 -0.84
N THR A 78 -7.09 18.68 -1.83
CA THR A 78 -7.41 17.90 -3.01
C THR A 78 -7.35 18.87 -4.18
N PRO A 79 -7.01 18.36 -5.37
CA PRO A 79 -6.95 19.14 -6.59
C PRO A 79 -8.34 19.46 -7.12
N GLU A 80 -8.41 20.06 -8.30
CA GLU A 80 -9.67 20.40 -8.93
C GLU A 80 -10.29 19.17 -9.57
N LYS A 81 -11.63 19.13 -9.62
CA LYS A 81 -12.42 18.08 -10.24
C LYS A 81 -11.88 16.66 -9.97
N PRO A 82 -11.53 16.32 -8.72
CA PRO A 82 -10.90 15.04 -8.42
C PRO A 82 -11.88 13.89 -8.62
N GLU A 83 -13.17 14.12 -8.40
CA GLU A 83 -14.21 13.11 -8.61
C GLU A 83 -14.44 12.84 -10.09
N GLU A 84 -13.72 13.54 -10.96
CA GLU A 84 -13.78 13.37 -12.41
C GLU A 84 -12.40 13.05 -12.99
N THR A 85 -11.44 12.74 -12.10
CA THR A 85 -10.06 12.42 -12.50
C THR A 85 -9.70 10.98 -12.13
N PRO A 86 -9.07 10.23 -13.05
CA PRO A 86 -8.66 8.86 -12.80
C PRO A 86 -7.57 8.79 -11.74
N LEU A 87 -7.52 7.68 -11.00
CA LEU A 87 -6.57 7.50 -9.91
C LEU A 87 -5.13 7.45 -10.44
N GLU A 88 -4.95 7.07 -11.70
CA GLU A 88 -3.64 6.98 -12.32
C GLU A 88 -3.07 8.37 -12.59
N GLU A 89 -3.90 9.41 -12.50
CA GLU A 89 -3.46 10.79 -12.70
C GLU A 89 -3.62 11.60 -11.42
N LEU A 90 -4.54 11.18 -10.55
CA LEU A 90 -4.75 11.88 -9.30
C LEU A 90 -3.57 11.64 -8.36
N ALA A 91 -3.09 10.40 -8.29
CA ALA A 91 -1.96 10.07 -7.44
C ALA A 91 -0.70 10.84 -7.86
N GLU A 92 -0.57 11.16 -9.15
CA GLU A 92 0.55 11.94 -9.66
C GLU A 92 0.44 13.39 -9.19
N THR A 93 -0.79 13.83 -8.88
CA THR A 93 -1.05 15.17 -8.36
C THR A 93 -0.90 15.26 -6.83
N PHE A 94 -1.16 14.15 -6.14
CA PHE A 94 -1.06 14.10 -4.70
C PHE A 94 0.35 14.13 -4.11
N GLN A 95 1.33 13.60 -4.85
CA GLN A 95 2.72 13.58 -4.38
C GLN A 95 3.36 14.96 -4.46
N ASP A 96 2.71 15.90 -5.16
CA ASP A 96 3.22 17.26 -5.34
C ASP A 96 3.12 17.97 -3.99
N THR A 97 2.32 17.46 -3.07
CA THR A 97 2.08 18.09 -1.78
C THR A 97 2.05 17.14 -0.59
N PHE A 98 2.32 15.85 -0.81
CA PHE A 98 2.29 14.86 0.25
C PHE A 98 3.42 15.00 1.27
N SER A 99 3.16 14.62 2.52
CA SER A 99 4.12 14.82 3.61
C SER A 99 5.25 13.78 3.59
N GLY A 100 5.21 12.81 2.66
CA GLY A 100 6.20 11.74 2.61
C GLY A 100 5.92 10.67 3.67
N ALA A 101 4.88 10.88 4.48
CA ALA A 101 4.44 9.96 5.51
C ALA A 101 2.94 10.13 5.74
N LEU A 102 2.35 9.12 6.37
CA LEU A 102 0.92 8.97 6.50
C LEU A 102 0.23 10.12 7.23
N GLY A 103 -0.98 10.43 6.79
CA GLY A 103 -1.85 11.39 7.44
C GLY A 103 -2.64 10.71 8.55
N LYS A 104 -3.75 11.32 8.99
CA LYS A 104 -4.56 10.78 10.07
C LYS A 104 -5.41 9.59 9.63
N GLN A 105 -5.66 9.44 8.32
CA GLN A 105 -6.57 8.39 7.84
C GLN A 105 -5.87 7.05 7.74
N SER A 106 -4.82 6.96 6.90
CA SER A 106 -4.17 5.68 6.63
C SER A 106 -3.32 5.20 7.80
N SER A 107 -3.27 5.97 8.90
CA SER A 107 -2.54 5.59 10.10
C SER A 107 -3.49 5.11 11.20
N SER A 108 -4.76 5.55 11.16
CA SER A 108 -5.74 5.16 12.15
C SER A 108 -6.59 3.98 11.66
N LEU A 109 -6.76 3.86 10.34
CA LEU A 109 -7.52 2.76 9.76
C LEU A 109 -6.76 1.44 9.89
N LEU A 110 -5.51 1.49 10.37
CA LEU A 110 -4.68 0.31 10.54
C LEU A 110 -5.16 -0.50 11.75
N SER A 111 -5.75 0.18 12.73
CA SER A 111 -6.26 -0.47 13.93
C SER A 111 -7.57 -1.17 13.65
N ARG A 112 -8.34 -0.60 12.73
CA ARG A 112 -9.65 -1.10 12.35
C ARG A 112 -9.53 -2.44 11.63
N LEU A 113 -8.34 -2.74 11.10
CA LEU A 113 -8.09 -4.01 10.44
C LEU A 113 -8.05 -5.14 11.48
N ILE A 114 -7.51 -4.85 12.67
CA ILE A 114 -7.45 -5.80 13.76
C ILE A 114 -8.85 -6.08 14.30
N SER A 115 -9.75 -5.11 14.19
CA SER A 115 -11.12 -5.24 14.66
C SER A 115 -12.05 -5.76 13.55
N SER A 116 -11.59 -5.72 12.30
CA SER A 116 -12.41 -6.10 11.16
C SER A 116 -12.69 -7.60 11.11
N LYS A 117 -11.65 -8.43 11.22
CA LYS A 117 -11.80 -9.88 11.14
C LYS A 117 -10.64 -10.66 11.79
N MET A 118 -9.58 -9.97 12.22
CA MET A 118 -8.42 -10.65 12.80
C MET A 118 -8.78 -11.36 14.10
N PRO A 119 -8.05 -12.42 14.46
CA PRO A 119 -8.22 -13.18 15.69
C PRO A 119 -7.78 -12.35 16.90
N GLY A 120 -7.74 -12.96 18.10
CA GLY A 120 -7.33 -12.27 19.32
C GLY A 120 -5.98 -12.77 19.84
N GLY A 121 -5.28 -11.92 20.62
CA GLY A 121 -4.00 -12.25 21.23
C GLY A 121 -2.82 -11.38 20.75
N PHE A 122 -3.10 -10.36 19.93
CA PHE A 122 -2.09 -9.49 19.33
C PHE A 122 -2.53 -8.03 19.16
N THR A 123 -1.58 -7.09 19.09
CA THR A 123 -1.90 -5.67 19.01
C THR A 123 -1.16 -4.87 17.94
N ILE A 124 -1.67 -3.68 17.64
CA ILE A 124 -1.08 -2.80 16.65
C ILE A 124 0.23 -2.18 17.15
N THR A 125 0.45 -2.15 18.47
CA THR A 125 1.66 -1.54 19.01
C THR A 125 2.79 -2.54 18.75
N VAL A 126 2.52 -3.84 18.91
CA VAL A 126 3.51 -4.86 18.61
C VAL A 126 3.65 -5.16 17.13
N ALA A 127 2.79 -4.54 16.31
CA ALA A 127 2.84 -4.66 14.86
C ALA A 127 3.82 -3.66 14.25
N ARG A 128 4.08 -2.53 14.93
CA ARG A 128 5.04 -1.54 14.47
C ARG A 128 6.21 -1.36 15.45
N LYS A 129 6.28 -2.22 16.48
CA LYS A 129 7.32 -2.14 17.50
C LYS A 129 8.71 -2.15 16.88
N TYR A 130 8.91 -2.97 15.82
CA TYR A 130 10.17 -3.09 15.12
C TYR A 130 10.08 -3.49 13.64
N LEU A 131 10.92 -2.88 12.79
CA LEU A 131 11.04 -3.22 11.38
C LEU A 131 12.46 -2.95 10.89
N GLN A 132 13.16 -2.01 11.52
CA GLN A 132 14.53 -1.65 11.16
C GLN A 132 15.53 -2.74 11.59
N THR A 133 15.03 -3.80 12.22
CA THR A 133 15.85 -4.95 12.60
C THR A 133 15.20 -6.29 12.28
N ARG A 134 13.90 -6.28 11.93
CA ARG A 134 13.18 -7.48 11.53
C ARG A 134 13.42 -7.75 10.04
N TRP A 135 13.57 -6.67 9.24
CA TRP A 135 13.90 -6.77 7.83
C TRP A 135 14.88 -5.68 7.39
N GLY A 136 15.40 -4.89 8.33
CA GLY A 136 16.39 -3.85 8.04
C GLY A 136 15.78 -2.64 7.35
N LEU A 137 14.46 -2.46 7.43
CA LEU A 137 13.77 -1.39 6.73
C LEU A 137 14.12 -0.01 7.30
N PRO A 138 14.50 0.94 6.45
CA PRO A 138 14.78 2.31 6.87
C PRO A 138 13.49 3.02 7.24
N SER A 139 13.60 4.09 8.05
CA SER A 139 12.46 4.77 8.62
C SER A 139 11.50 5.34 7.57
N GLY A 140 12.02 5.73 6.41
CA GLY A 140 11.19 6.31 5.36
C GLY A 140 10.35 5.26 4.63
N ARG A 141 10.78 3.99 4.69
CA ARG A 141 10.11 2.90 3.97
C ARG A 141 9.05 2.23 4.83
N GLN A 142 9.19 2.27 6.15
CA GLN A 142 8.28 1.59 7.05
C GLN A 142 6.85 2.14 6.93
N ASP A 143 6.71 3.41 6.52
CA ASP A 143 5.40 4.02 6.39
C ASP A 143 4.62 3.52 5.17
N GLY A 144 5.29 2.86 4.23
CA GLY A 144 4.63 2.33 3.04
C GLY A 144 4.20 0.89 3.23
N VAL A 145 4.76 0.17 4.21
CA VAL A 145 4.45 -1.23 4.43
C VAL A 145 3.09 -1.41 5.09
N LEU A 146 2.69 -0.48 5.96
CA LEU A 146 1.42 -0.57 6.65
C LEU A 146 0.27 -0.29 5.69
N LEU A 147 0.54 0.41 4.58
CA LEU A 147 -0.47 0.67 3.57
C LEU A 147 -0.79 -0.60 2.81
N VAL A 148 0.21 -1.47 2.62
CA VAL A 148 0.04 -2.73 1.94
C VAL A 148 -0.54 -3.77 2.90
N ALA A 149 -0.36 -3.60 4.20
CA ALA A 149 -0.95 -4.47 5.18
C ALA A 149 -2.45 -4.22 5.26
N LEU A 150 -2.86 -2.96 5.06
CA LEU A 150 -4.25 -2.56 5.14
C LEU A 150 -5.04 -3.04 3.93
N SER A 151 -4.38 -3.19 2.78
CA SER A 151 -5.03 -3.64 1.55
C SER A 151 -5.10 -5.16 1.48
N ASN A 152 -4.27 -5.87 2.25
CA ASN A 152 -4.27 -7.33 2.26
C ASN A 152 -5.50 -7.84 3.02
N GLU A 153 -5.67 -7.38 4.27
CA GLU A 153 -6.82 -7.66 5.12
C GLU A 153 -7.39 -9.07 4.91
N PRO A 154 -6.66 -10.12 5.34
CA PRO A 154 -7.09 -11.49 5.16
C PRO A 154 -8.32 -11.79 6.01
N ALA A 155 -9.30 -12.48 5.41
CA ALA A 155 -10.50 -12.88 6.13
C ALA A 155 -10.24 -14.12 6.98
N ALA A 156 -9.31 -14.97 6.54
CA ALA A 156 -8.88 -16.15 7.28
C ALA A 156 -7.55 -16.64 6.71
N ARG A 157 -6.47 -16.43 7.47
CA ARG A 157 -5.11 -16.83 7.09
C ARG A 157 -4.30 -17.21 8.33
N LEU A 158 -4.89 -17.04 9.52
CA LEU A 158 -4.26 -17.30 10.79
C LEU A 158 -5.29 -17.90 11.74
N GLY A 159 -4.89 -18.91 12.51
CA GLY A 159 -5.78 -19.53 13.48
C GLY A 159 -5.65 -18.88 14.85
N SER A 160 -4.67 -17.99 15.01
CA SER A 160 -4.43 -17.25 16.24
C SER A 160 -3.72 -15.94 15.91
N GLU A 161 -3.98 -14.88 16.69
CA GLU A 161 -3.40 -13.58 16.41
C GLU A 161 -1.94 -13.53 16.85
N ALA A 162 -1.51 -14.49 17.69
CA ALA A 162 -0.12 -14.58 18.09
C ALA A 162 0.76 -14.89 16.88
N ASP A 163 0.16 -15.47 15.83
CA ASP A 163 0.85 -15.72 14.58
C ASP A 163 0.76 -14.54 13.60
N ALA A 164 -0.05 -13.54 13.93
CA ALA A 164 -0.21 -12.36 13.07
C ALA A 164 1.04 -11.49 13.11
N LYS A 165 1.91 -11.68 14.10
CA LYS A 165 3.19 -10.99 14.17
C LYS A 165 4.14 -11.55 13.12
N ALA A 166 4.02 -12.85 12.83
CA ALA A 166 4.81 -13.50 11.79
C ALA A 166 4.19 -13.22 10.42
N PHE A 167 2.93 -12.77 10.38
CA PHE A 167 2.30 -12.39 9.13
C PHE A 167 2.86 -11.12 8.50
N LEU A 168 3.34 -10.21 9.35
CA LEU A 168 3.93 -8.94 8.91
C LEU A 168 5.27 -9.18 8.19
N ASP A 169 5.89 -10.33 8.43
CA ASP A 169 7.12 -10.69 7.73
C ASP A 169 6.94 -10.78 6.22
N SER A 170 5.71 -10.99 5.76
CA SER A 170 5.41 -11.03 4.34
C SER A 170 5.26 -9.62 3.78
N MET A 171 4.66 -8.70 4.56
CA MET A 171 4.36 -7.36 4.07
C MET A 171 5.65 -6.60 3.71
N ALA A 172 6.78 -6.95 4.34
CA ALA A 172 8.05 -6.35 3.99
C ALA A 172 8.39 -6.62 2.52
N GLN A 173 7.88 -7.73 1.97
CA GLN A 173 8.09 -8.12 0.59
C GLN A 173 6.93 -7.69 -0.30
N LYS A 174 5.72 -7.57 0.26
CA LYS A 174 4.56 -7.15 -0.52
C LYS A 174 4.78 -5.73 -1.03
N TYR A 175 5.33 -4.87 -0.17
CA TYR A 175 5.71 -3.53 -0.57
C TYR A 175 6.92 -3.47 -1.50
N ALA A 176 7.86 -4.41 -1.33
CA ALA A 176 9.08 -4.43 -2.11
C ALA A 176 8.80 -4.68 -3.59
N SER A 177 7.68 -5.35 -3.89
CA SER A 177 7.28 -5.62 -5.27
C SER A 177 6.73 -4.35 -5.92
N ILE A 178 6.30 -3.38 -5.12
CA ILE A 178 5.70 -2.14 -5.62
C ILE A 178 6.78 -1.10 -5.91
N VAL A 179 7.79 -1.01 -5.04
CA VAL A 179 8.89 -0.06 -5.22
C VAL A 179 10.03 -0.70 -6.03
N GLY A 180 10.07 -2.02 -6.12
CA GLY A 180 11.06 -2.75 -6.90
C GLY A 180 12.32 -3.12 -6.09
N VAL A 181 12.34 -2.79 -4.80
CA VAL A 181 13.46 -3.12 -3.92
C VAL A 181 13.47 -4.58 -3.48
N ASP A 182 14.49 -4.90 -2.68
CA ASP A 182 14.65 -6.15 -1.96
C ASP A 182 15.29 -5.95 -0.59
N LEU A 183 15.32 -7.05 0.16
CA LEU A 183 15.67 -7.06 1.57
C LEU A 183 17.10 -7.54 1.76
N MET A 1 5.48 -34.67 -28.88
CA MET A 1 4.20 -33.93 -28.73
C MET A 1 3.52 -33.75 -30.08
N GLY A 2 2.22 -33.46 -30.06
CA GLY A 2 1.46 -33.26 -31.29
C GLY A 2 1.79 -31.91 -31.94
N SER A 3 1.27 -31.70 -33.16
CA SER A 3 1.49 -30.47 -33.91
C SER A 3 0.78 -29.29 -33.22
N SER A 4 1.30 -28.08 -33.43
CA SER A 4 0.75 -26.87 -32.84
C SER A 4 1.11 -25.66 -33.69
N HIS A 5 0.26 -24.62 -33.66
CA HIS A 5 0.45 -23.40 -34.43
C HIS A 5 0.02 -22.16 -33.63
N HIS A 6 -0.36 -22.35 -32.37
CA HIS A 6 -0.80 -21.27 -31.49
C HIS A 6 0.37 -20.36 -31.11
N HIS A 7 0.08 -19.12 -30.74
CA HIS A 7 1.08 -18.15 -30.34
C HIS A 7 1.64 -18.51 -28.95
N HIS A 8 2.91 -18.15 -28.70
CA HIS A 8 3.56 -18.42 -27.42
C HIS A 8 3.15 -17.39 -26.38
N HIS A 9 3.38 -17.70 -25.10
CA HIS A 9 3.05 -16.83 -23.98
C HIS A 9 4.09 -16.97 -22.88
N HIS A 10 4.20 -15.94 -22.03
CA HIS A 10 5.16 -15.91 -20.93
C HIS A 10 4.73 -14.91 -19.87
N GLU A 11 5.27 -15.07 -18.66
CA GLU A 11 5.00 -14.19 -17.54
C GLU A 11 5.68 -12.83 -17.70
N ASN A 12 5.30 -11.88 -16.84
CA ASN A 12 5.82 -10.53 -16.91
C ASN A 12 7.33 -10.50 -16.66
N LEU A 13 8.02 -9.58 -17.34
CA LEU A 13 9.46 -9.44 -17.22
C LEU A 13 9.85 -8.72 -15.93
N TYR A 14 11.11 -8.85 -15.53
CA TYR A 14 11.66 -8.19 -14.36
C TYR A 14 11.75 -6.67 -14.41
N PHE A 15 11.99 -6.03 -13.27
CA PHE A 15 12.13 -4.59 -13.19
C PHE A 15 13.24 -3.98 -14.05
N GLN A 16 13.05 -2.72 -14.47
CA GLN A 16 14.00 -2.02 -15.33
C GLN A 16 15.24 -1.57 -14.55
N SER A 17 15.23 -1.73 -13.23
CA SER A 17 16.31 -1.34 -12.35
C SER A 17 16.22 -2.08 -11.03
N ASN A 18 17.35 -2.14 -10.31
CA ASN A 18 17.41 -2.76 -9.00
C ASN A 18 18.38 -1.98 -8.11
N ALA A 19 18.03 -1.84 -6.84
CA ALA A 19 18.85 -1.12 -5.87
C ALA A 19 18.46 -1.52 -4.45
N GLU A 20 19.36 -1.28 -3.48
CA GLU A 20 19.10 -1.58 -2.08
C GLU A 20 18.17 -0.53 -1.48
N ILE A 21 17.64 -0.81 -0.29
CA ILE A 21 16.73 0.09 0.40
C ILE A 21 17.48 1.30 0.98
N ALA A 22 16.77 2.43 1.11
CA ALA A 22 17.30 3.65 1.67
C ALA A 22 16.22 4.38 2.48
N ASP A 23 16.58 5.47 3.14
CA ASP A 23 15.66 6.27 3.96
C ASP A 23 14.56 7.01 3.19
N GLU A 24 14.20 6.49 2.02
CA GLU A 24 13.23 7.09 1.12
C GLU A 24 11.82 7.05 1.73
N PRO A 25 11.07 8.15 1.64
CA PRO A 25 9.72 8.29 2.19
C PRO A 25 8.67 7.55 1.35
N VAL A 26 7.43 7.54 1.86
CA VAL A 26 6.28 6.96 1.18
C VAL A 26 5.86 7.83 0.00
N LYS A 27 5.07 7.27 -0.92
CA LYS A 27 4.52 8.02 -2.05
C LYS A 27 3.01 7.99 -2.01
N ALA A 28 2.37 9.04 -2.53
CA ALA A 28 0.91 9.10 -2.58
C ALA A 28 0.37 8.05 -3.56
N SER A 29 1.23 7.51 -4.43
CA SER A 29 0.82 6.54 -5.44
C SER A 29 0.49 5.18 -4.84
N LEU A 30 1.02 4.88 -3.66
CA LEU A 30 0.68 3.67 -2.93
C LEU A 30 -0.41 3.98 -1.91
N LEU A 31 -0.29 5.13 -1.26
CA LEU A 31 -1.19 5.51 -0.19
C LEU A 31 -2.60 5.73 -0.72
N LEU A 32 -2.74 6.48 -1.81
CA LEU A 32 -4.04 6.75 -2.39
C LEU A 32 -4.69 5.47 -2.91
N HIS A 33 -3.85 4.55 -3.41
CA HIS A 33 -4.29 3.30 -3.99
C HIS A 33 -5.00 2.42 -2.97
N VAL A 34 -4.60 2.51 -1.69
CA VAL A 34 -5.19 1.71 -0.64
C VAL A 34 -6.47 2.37 -0.12
N LEU A 35 -6.54 3.70 -0.10
CA LEU A 35 -7.70 4.41 0.44
C LEU A 35 -8.94 4.20 -0.44
N VAL A 36 -8.77 3.68 -1.65
CA VAL A 36 -9.88 3.35 -2.53
C VAL A 36 -10.15 1.85 -2.48
N ALA A 37 -9.08 1.06 -2.36
CA ALA A 37 -9.19 -0.39 -2.36
C ALA A 37 -10.00 -0.91 -1.18
N HIS A 38 -9.83 -0.33 0.02
CA HIS A 38 -10.49 -0.86 1.19
C HIS A 38 -11.96 -0.41 1.27
N LYS A 39 -12.29 0.75 0.71
CA LYS A 39 -13.65 1.24 0.69
C LYS A 39 -14.51 0.41 -0.26
N LEU A 40 -13.87 -0.22 -1.24
CA LEU A 40 -14.53 -1.09 -2.21
C LEU A 40 -14.14 -2.56 -1.99
N LYS A 41 -13.45 -2.83 -0.87
CA LYS A 41 -12.97 -4.15 -0.44
C LYS A 41 -12.19 -4.89 -1.53
N LYS A 42 -11.65 -4.11 -2.46
CA LYS A 42 -10.83 -4.56 -3.58
C LYS A 42 -9.37 -4.73 -3.15
N SER A 43 -8.56 -5.30 -4.04
CA SER A 43 -7.12 -5.38 -3.86
C SER A 43 -6.45 -4.46 -4.87
N LEU A 44 -5.21 -4.05 -4.62
CA LEU A 44 -4.48 -3.18 -5.53
C LEU A 44 -4.23 -3.91 -6.86
N ASP A 45 -4.39 -5.24 -6.86
CA ASP A 45 -4.31 -6.05 -8.06
C ASP A 45 -5.58 -6.02 -8.91
N SER A 46 -6.60 -5.26 -8.45
CA SER A 46 -7.87 -5.15 -9.13
C SER A 46 -8.39 -3.71 -9.15
N ILE A 47 -7.62 -2.77 -8.59
CA ILE A 47 -7.92 -1.35 -8.67
C ILE A 47 -7.04 -0.74 -9.75
N PRO A 48 -7.56 -0.58 -10.98
CA PRO A 48 -6.84 0.09 -12.05
C PRO A 48 -6.75 1.59 -11.75
N MET A 49 -5.54 2.13 -11.71
CA MET A 49 -5.34 3.55 -11.49
C MET A 49 -5.82 4.34 -12.70
N SER A 50 -5.97 3.68 -13.84
CA SER A 50 -6.35 4.34 -15.10
C SER A 50 -7.84 4.66 -15.12
N LYS A 51 -8.51 4.53 -13.96
CA LYS A 51 -9.95 4.74 -13.86
C LYS A 51 -10.28 5.75 -12.78
N THR A 52 -11.37 6.47 -12.99
CA THR A 52 -11.88 7.47 -12.05
C THR A 52 -12.71 6.90 -10.90
N ILE A 53 -12.73 7.60 -9.77
CA ILE A 53 -13.49 7.24 -8.59
C ILE A 53 -14.96 7.00 -8.95
N LYS A 54 -15.49 7.74 -9.92
CA LYS A 54 -16.88 7.61 -10.34
C LYS A 54 -17.10 6.42 -11.26
N ASP A 55 -16.03 5.87 -11.85
CA ASP A 55 -16.14 4.72 -12.74
C ASP A 55 -15.95 3.46 -11.87
N LEU A 56 -15.25 3.58 -10.75
CA LEU A 56 -15.04 2.49 -9.81
C LEU A 56 -16.32 2.24 -9.00
N VAL A 57 -17.01 3.31 -8.64
CA VAL A 57 -18.17 3.25 -7.76
C VAL A 57 -19.50 2.92 -8.44
N GLY A 58 -19.50 2.79 -9.78
CA GLY A 58 -20.70 2.44 -10.52
C GLY A 58 -21.63 3.64 -10.74
N GLY A 59 -21.13 4.86 -10.54
CA GLY A 59 -21.91 6.07 -10.77
C GLY A 59 -22.62 6.58 -9.52
N LYS A 60 -22.37 5.96 -8.37
CA LYS A 60 -22.91 6.43 -7.08
C LYS A 60 -22.31 7.77 -6.68
N SER A 61 -22.99 8.48 -5.78
CA SER A 61 -22.55 9.81 -5.36
C SER A 61 -22.28 9.91 -3.86
N THR A 62 -22.88 9.03 -3.05
CA THR A 62 -22.67 9.03 -1.60
C THR A 62 -21.35 8.43 -1.15
N VAL A 63 -21.10 7.18 -1.55
CA VAL A 63 -19.84 6.49 -1.26
C VAL A 63 -18.72 7.25 -1.98
N GLN A 64 -19.02 7.82 -3.14
CA GLN A 64 -18.06 8.65 -3.87
C GLN A 64 -17.64 9.85 -3.02
N ASN A 65 -18.58 10.44 -2.27
CA ASN A 65 -18.30 11.59 -1.44
C ASN A 65 -17.44 11.21 -0.22
N GLU A 66 -17.52 9.96 0.23
CA GLU A 66 -16.68 9.50 1.34
C GLU A 66 -15.25 9.29 0.87
N ILE A 67 -15.06 8.85 -0.38
CA ILE A 67 -13.74 8.64 -0.94
C ILE A 67 -13.06 9.97 -1.21
N LEU A 68 -13.82 10.95 -1.69
CA LEU A 68 -13.29 12.28 -2.03
C LEU A 68 -12.90 13.04 -0.77
N GLY A 69 -13.67 12.88 0.31
CA GLY A 69 -13.40 13.59 1.54
C GLY A 69 -12.18 13.03 2.26
N ASP A 70 -11.95 11.72 2.14
CA ASP A 70 -10.82 11.08 2.77
C ASP A 70 -9.44 11.53 2.29
N LEU A 71 -9.38 12.10 1.08
CA LEU A 71 -8.15 12.67 0.55
C LEU A 71 -7.87 14.01 1.20
N GLY A 72 -8.91 14.76 1.56
CA GLY A 72 -8.73 16.04 2.22
C GLY A 72 -8.33 15.83 3.68
N LYS A 73 -8.80 14.73 4.28
CA LYS A 73 -8.46 14.35 5.64
C LYS A 73 -7.09 13.68 5.71
N GLU A 74 -6.57 13.20 4.58
CA GLU A 74 -5.29 12.49 4.54
C GLU A 74 -4.15 13.37 4.03
N PHE A 75 -4.42 14.18 2.99
CA PHE A 75 -3.39 14.98 2.35
C PHE A 75 -3.49 16.46 2.75
N GLY A 76 -4.42 16.76 3.65
CA GLY A 76 -4.70 18.09 4.14
C GLY A 76 -5.56 18.89 3.14
N THR A 77 -5.62 18.45 1.89
CA THR A 77 -6.41 19.10 0.86
C THR A 77 -6.60 18.23 -0.38
N THR A 78 -7.41 18.70 -1.33
CA THR A 78 -7.64 18.03 -2.61
C THR A 78 -7.53 19.00 -3.78
N PRO A 79 -7.12 18.49 -4.95
CA PRO A 79 -6.92 19.26 -6.16
C PRO A 79 -8.25 19.56 -6.84
N GLU A 80 -8.19 20.14 -8.04
CA GLU A 80 -9.38 20.47 -8.81
C GLU A 80 -10.01 19.19 -9.35
N LYS A 81 -11.34 19.21 -9.52
CA LYS A 81 -12.13 18.16 -10.18
C LYS A 81 -11.62 16.74 -9.90
N PRO A 82 -11.36 16.38 -8.64
CA PRO A 82 -10.72 15.11 -8.28
C PRO A 82 -11.62 13.92 -8.60
N GLU A 83 -12.94 14.12 -8.64
CA GLU A 83 -13.88 13.05 -8.96
C GLU A 83 -13.97 12.83 -10.47
N GLU A 84 -13.20 13.58 -11.24
CA GLU A 84 -13.13 13.44 -12.69
C GLU A 84 -11.69 13.17 -13.14
N THR A 85 -10.80 12.89 -12.18
CA THR A 85 -9.39 12.62 -12.44
C THR A 85 -9.03 11.20 -12.02
N PRO A 86 -8.39 10.41 -12.90
CA PRO A 86 -8.03 9.03 -12.62
C PRO A 86 -7.01 8.96 -11.50
N LEU A 87 -7.00 7.84 -10.76
CA LEU A 87 -6.08 7.69 -9.64
C LEU A 87 -4.63 7.65 -10.10
N GLU A 88 -4.39 7.32 -11.37
CA GLU A 88 -3.03 7.26 -11.91
C GLU A 88 -2.48 8.68 -12.10
N GLU A 89 -3.35 9.70 -12.06
CA GLU A 89 -2.92 11.08 -12.22
C GLU A 89 -3.21 11.89 -10.95
N LEU A 90 -4.17 11.44 -10.14
CA LEU A 90 -4.50 12.11 -8.90
C LEU A 90 -3.36 11.94 -7.90
N ALA A 91 -2.77 10.73 -7.86
CA ALA A 91 -1.67 10.45 -6.95
C ALA A 91 -0.45 11.31 -7.29
N GLU A 92 -0.26 11.60 -8.58
CA GLU A 92 0.83 12.44 -9.04
C GLU A 92 0.61 13.87 -8.57
N THR A 93 -0.64 14.23 -8.28
CA THR A 93 -0.99 15.53 -7.72
C THR A 93 -0.93 15.57 -6.19
N PHE A 94 -1.18 14.43 -5.55
CA PHE A 94 -1.10 14.32 -4.10
C PHE A 94 0.29 14.27 -3.50
N GLN A 95 1.25 13.70 -4.23
CA GLN A 95 2.64 13.59 -3.78
C GLN A 95 3.33 14.96 -3.79
N ASP A 96 2.70 15.96 -4.43
CA ASP A 96 3.24 17.31 -4.54
C ASP A 96 3.14 18.00 -3.18
N THR A 97 2.28 17.47 -2.31
CA THR A 97 2.04 18.06 -0.99
C THR A 97 2.02 17.05 0.16
N PHE A 98 2.18 15.76 -0.16
CA PHE A 98 2.20 14.70 0.83
C PHE A 98 3.45 14.67 1.71
N SER A 99 3.31 14.30 2.99
CA SER A 99 4.43 14.22 3.91
C SER A 99 5.22 12.94 3.65
N GLY A 100 6.38 12.78 4.29
CA GLY A 100 7.15 11.55 4.16
C GLY A 100 6.55 10.41 4.99
N ALA A 101 5.36 10.66 5.54
CA ALA A 101 4.65 9.71 6.39
C ALA A 101 3.14 9.91 6.25
N LEU A 102 2.38 8.95 6.76
CA LEU A 102 0.95 8.86 6.56
C LEU A 102 0.19 9.99 7.28
N GLY A 103 -0.95 10.36 6.71
CA GLY A 103 -1.87 11.31 7.32
C GLY A 103 -2.68 10.63 8.43
N LYS A 104 -3.61 11.36 9.05
CA LYS A 104 -4.36 10.84 10.18
C LYS A 104 -5.35 9.74 9.76
N GLN A 105 -5.62 9.58 8.46
CA GLN A 105 -6.55 8.54 8.01
C GLN A 105 -5.81 7.24 7.70
N SER A 106 -4.76 7.30 6.88
CA SER A 106 -4.05 6.11 6.46
C SER A 106 -3.21 5.51 7.59
N SER A 107 -3.19 6.15 8.78
CA SER A 107 -2.51 5.60 9.93
C SER A 107 -3.49 5.13 11.00
N SER A 108 -4.74 5.65 10.98
CA SER A 108 -5.76 5.26 11.94
C SER A 108 -6.59 4.08 11.41
N LEU A 109 -6.75 4.01 10.08
CA LEU A 109 -7.49 2.94 9.45
C LEU A 109 -6.74 1.61 9.53
N LEU A 110 -5.46 1.64 9.91
CA LEU A 110 -4.64 0.44 9.96
C LEU A 110 -5.01 -0.42 11.16
N SER A 111 -5.48 0.20 12.25
CA SER A 111 -5.84 -0.52 13.45
C SER A 111 -7.24 -1.13 13.33
N ARG A 112 -7.99 -0.75 12.28
CA ARG A 112 -9.32 -1.31 12.05
C ARG A 112 -9.21 -2.73 11.52
N LEU A 113 -8.04 -3.09 10.98
CA LEU A 113 -7.79 -4.45 10.53
C LEU A 113 -7.68 -5.39 11.73
N ILE A 114 -7.10 -4.89 12.82
CA ILE A 114 -6.97 -5.65 14.06
C ILE A 114 -8.36 -5.82 14.70
N SER A 115 -9.28 -4.88 14.44
CA SER A 115 -10.62 -4.92 14.96
C SER A 115 -11.57 -5.65 14.02
N SER A 116 -11.13 -5.93 12.79
CA SER A 116 -11.97 -6.53 11.77
C SER A 116 -12.27 -8.01 12.08
N LYS A 117 -11.24 -8.85 12.10
CA LYS A 117 -11.37 -10.29 12.32
C LYS A 117 -10.16 -10.89 13.03
N MET A 118 -9.15 -10.09 13.38
CA MET A 118 -7.93 -10.59 13.98
C MET A 118 -8.17 -11.14 15.38
N PRO A 119 -7.35 -12.11 15.80
CA PRO A 119 -7.39 -12.71 17.13
C PRO A 119 -6.89 -11.70 18.19
N GLY A 120 -6.75 -12.14 19.44
CA GLY A 120 -6.27 -11.28 20.53
C GLY A 120 -4.87 -11.66 21.01
N GLY A 121 -4.17 -10.69 21.63
CA GLY A 121 -2.84 -10.90 22.21
C GLY A 121 -1.74 -10.08 21.54
N PHE A 122 -2.11 -9.20 20.59
CA PHE A 122 -1.18 -8.39 19.82
C PHE A 122 -1.70 -6.99 19.45
N THR A 123 -0.80 -6.04 19.15
CA THR A 123 -1.17 -4.68 18.84
C THR A 123 -0.50 -4.09 17.62
N ILE A 124 -1.00 -2.95 17.13
CA ILE A 124 -0.40 -2.31 15.97
C ILE A 124 0.91 -1.64 16.38
N THR A 125 1.04 -1.24 17.64
CA THR A 125 2.22 -0.56 18.11
C THR A 125 3.45 -1.45 18.06
N VAL A 126 3.27 -2.73 18.43
CA VAL A 126 4.34 -3.70 18.36
C VAL A 126 4.61 -4.18 16.93
N ALA A 127 3.81 -3.72 15.97
CA ALA A 127 4.00 -4.05 14.57
C ALA A 127 4.99 -3.09 13.91
N ARG A 128 5.02 -1.82 14.38
CA ARG A 128 5.99 -0.85 13.89
C ARG A 128 7.33 -1.03 14.60
N LYS A 129 7.27 -1.54 15.84
CA LYS A 129 8.43 -1.73 16.70
C LYS A 129 9.31 -2.91 16.31
N TYR A 130 8.81 -3.81 15.44
CA TYR A 130 9.48 -5.06 15.14
C TYR A 130 9.56 -5.52 13.70
N LEU A 131 9.26 -4.64 12.74
CA LEU A 131 9.23 -5.01 11.34
C LEU A 131 10.53 -4.59 10.64
N GLN A 132 11.18 -3.55 11.16
CA GLN A 132 12.41 -3.03 10.59
C GLN A 132 13.56 -4.03 10.70
N THR A 133 13.44 -5.01 11.61
CA THR A 133 14.46 -6.05 11.77
C THR A 133 14.25 -7.26 10.87
N ARG A 134 13.08 -7.33 10.21
CA ARG A 134 12.72 -8.46 9.37
C ARG A 134 13.18 -8.28 7.92
N TRP A 135 13.33 -7.01 7.48
CA TRP A 135 13.70 -6.71 6.10
C TRP A 135 14.59 -5.47 5.99
N GLY A 136 14.92 -4.83 7.12
CA GLY A 136 15.80 -3.68 7.12
C GLY A 136 15.10 -2.38 6.72
N LEU A 137 13.77 -2.33 6.69
CA LEU A 137 13.06 -1.13 6.26
C LEU A 137 13.33 0.01 7.25
N PRO A 138 13.89 1.14 6.79
CA PRO A 138 14.12 2.31 7.63
C PRO A 138 12.82 3.08 7.88
N SER A 139 12.87 4.06 8.78
CA SER A 139 11.69 4.78 9.23
C SER A 139 10.92 5.50 8.13
N GLY A 140 11.55 5.75 6.98
CA GLY A 140 10.87 6.39 5.87
C GLY A 140 10.04 5.39 5.06
N ARG A 141 10.26 4.10 5.27
CA ARG A 141 9.63 3.04 4.49
C ARG A 141 8.80 2.09 5.36
N GLN A 142 8.97 2.14 6.68
CA GLN A 142 8.12 1.37 7.59
C GLN A 142 6.67 1.82 7.44
N ASP A 143 6.45 3.06 7.00
CA ASP A 143 5.12 3.59 6.77
C ASP A 143 4.45 3.03 5.52
N GLY A 144 5.24 2.49 4.59
CA GLY A 144 4.71 1.95 3.35
C GLY A 144 4.19 0.53 3.52
N VAL A 145 4.88 -0.29 4.34
CA VAL A 145 4.49 -1.68 4.52
C VAL A 145 3.24 -1.82 5.40
N LEU A 146 3.09 -0.93 6.38
CA LEU A 146 1.97 -1.01 7.32
C LEU A 146 0.66 -0.59 6.64
N LEU A 147 0.71 0.21 5.58
CA LEU A 147 -0.50 0.66 4.91
C LEU A 147 -0.94 -0.34 3.84
N VAL A 148 -0.02 -1.20 3.36
CA VAL A 148 -0.38 -2.24 2.39
C VAL A 148 -1.17 -3.32 3.13
N ALA A 149 -0.92 -3.50 4.43
CA ALA A 149 -1.60 -4.53 5.20
C ALA A 149 -3.11 -4.32 5.22
N LEU A 150 -3.55 -3.06 5.12
CA LEU A 150 -4.96 -2.74 5.19
C LEU A 150 -5.69 -3.25 3.93
N SER A 151 -4.98 -3.41 2.82
CA SER A 151 -5.59 -3.90 1.59
C SER A 151 -5.64 -5.43 1.59
N ASN A 152 -4.86 -6.08 2.46
CA ASN A 152 -4.81 -7.53 2.53
C ASN A 152 -6.01 -8.04 3.32
N GLU A 153 -6.30 -7.39 4.46
CA GLU A 153 -7.47 -7.62 5.29
C GLU A 153 -7.89 -9.09 5.34
N PRO A 154 -7.14 -9.97 6.03
CA PRO A 154 -7.46 -11.38 6.13
C PRO A 154 -8.72 -11.59 6.95
N ALA A 155 -9.63 -12.43 6.45
CA ALA A 155 -10.81 -12.83 7.20
C ALA A 155 -10.41 -13.82 8.29
N ALA A 156 -9.35 -14.59 8.01
CA ALA A 156 -8.74 -15.51 8.95
C ALA A 156 -7.41 -15.97 8.39
N ARG A 157 -6.33 -15.80 9.15
CA ARG A 157 -4.99 -16.24 8.73
C ARG A 157 -4.14 -16.68 9.92
N LEU A 158 -4.48 -16.24 11.13
CA LEU A 158 -3.79 -16.63 12.35
C LEU A 158 -4.79 -17.28 13.30
N GLY A 159 -4.33 -18.25 14.07
CA GLY A 159 -5.14 -18.86 15.13
C GLY A 159 -4.87 -18.19 16.47
N SER A 160 -3.83 -17.33 16.52
CA SER A 160 -3.47 -16.56 17.70
C SER A 160 -2.75 -15.30 17.24
N GLU A 161 -3.00 -14.17 17.90
CA GLU A 161 -2.48 -12.88 17.42
C GLU A 161 -0.99 -12.75 17.70
N ALA A 162 -0.43 -13.61 18.56
CA ALA A 162 1.00 -13.62 18.80
C ALA A 162 1.74 -14.06 17.52
N ASP A 163 1.05 -14.76 16.62
CA ASP A 163 1.60 -15.16 15.34
C ASP A 163 1.36 -14.14 14.23
N ALA A 164 0.51 -13.14 14.49
CA ALA A 164 0.22 -12.09 13.51
C ALA A 164 1.44 -11.20 13.30
N LYS A 165 2.45 -11.29 14.17
CA LYS A 165 3.70 -10.59 14.00
C LYS A 165 4.51 -11.21 12.86
N ALA A 166 4.32 -12.51 12.61
CA ALA A 166 4.95 -13.19 11.50
C ALA A 166 4.19 -12.91 10.20
N PHE A 167 2.92 -12.50 10.32
CA PHE A 167 2.14 -12.09 9.16
C PHE A 167 2.63 -10.81 8.48
N LEU A 168 3.31 -9.96 9.26
CA LEU A 168 3.89 -8.72 8.76
C LEU A 168 5.07 -9.00 7.84
N ASP A 169 5.67 -10.19 7.97
CA ASP A 169 6.80 -10.55 7.14
C ASP A 169 6.42 -10.63 5.67
N SER A 170 5.17 -11.01 5.38
CA SER A 170 4.69 -11.13 4.02
C SER A 170 4.46 -9.74 3.42
N MET A 171 3.90 -8.85 4.23
CA MET A 171 3.50 -7.52 3.80
C MET A 171 4.69 -6.73 3.25
N ALA A 172 5.91 -7.02 3.72
CA ALA A 172 7.09 -6.32 3.24
C ALA A 172 7.34 -6.64 1.76
N GLN A 173 6.96 -7.85 1.33
CA GLN A 173 7.12 -8.26 -0.06
C GLN A 173 5.92 -7.80 -0.87
N LYS A 174 4.75 -7.67 -0.22
CA LYS A 174 3.57 -7.12 -0.87
C LYS A 174 3.85 -5.67 -1.23
N TYR A 175 4.52 -4.95 -0.34
CA TYR A 175 4.96 -3.59 -0.59
C TYR A 175 6.04 -3.44 -1.66
N ALA A 176 7.07 -4.28 -1.60
CA ALA A 176 8.22 -4.18 -2.48
C ALA A 176 7.83 -4.43 -3.93
N SER A 177 6.73 -5.17 -4.15
CA SER A 177 6.25 -5.44 -5.50
C SER A 177 5.60 -4.19 -6.11
N ILE A 178 5.16 -3.25 -5.26
CA ILE A 178 4.48 -2.05 -5.70
C ILE A 178 5.49 -0.92 -5.95
N VAL A 179 6.47 -0.78 -5.05
CA VAL A 179 7.49 0.26 -5.17
C VAL A 179 8.66 -0.19 -6.07
N GLY A 180 8.81 -1.51 -6.27
CA GLY A 180 9.81 -2.07 -7.17
C GLY A 180 11.16 -2.31 -6.48
N VAL A 181 11.25 -2.11 -5.18
CA VAL A 181 12.47 -2.32 -4.42
C VAL A 181 12.81 -3.79 -4.21
N ASP A 182 14.05 -4.01 -3.77
CA ASP A 182 14.56 -5.30 -3.38
C ASP A 182 14.92 -5.36 -1.90
N LEU A 183 14.68 -6.50 -1.27
CA LEU A 183 14.89 -6.67 0.16
C LEU A 183 16.12 -7.51 0.45
N MET A 1 19.78 30.43 -35.37
CA MET A 1 20.41 29.85 -34.16
C MET A 1 21.80 29.31 -34.51
N GLY A 2 22.61 29.03 -33.48
CA GLY A 2 23.95 28.49 -33.65
C GLY A 2 23.92 27.02 -34.05
N SER A 3 25.11 26.45 -34.27
CA SER A 3 25.25 25.05 -34.67
C SER A 3 24.76 24.12 -33.57
N SER A 4 24.26 22.94 -33.95
CA SER A 4 23.73 21.95 -33.02
C SER A 4 23.96 20.54 -33.56
N HIS A 5 23.91 19.54 -32.67
CA HIS A 5 24.16 18.15 -32.99
C HIS A 5 23.27 17.24 -32.16
N HIS A 6 23.15 15.98 -32.56
CA HIS A 6 22.35 14.98 -31.86
C HIS A 6 22.93 14.69 -30.48
N HIS A 7 22.09 14.14 -29.58
CA HIS A 7 22.50 13.82 -28.22
C HIS A 7 23.48 12.65 -28.19
N HIS A 8 24.28 12.57 -27.13
CA HIS A 8 25.26 11.51 -26.95
C HIS A 8 24.57 10.18 -26.69
N HIS A 9 25.19 9.07 -27.11
CA HIS A 9 24.63 7.74 -26.92
C HIS A 9 24.75 7.29 -25.47
N HIS A 10 23.98 6.26 -25.09
CA HIS A 10 23.99 5.73 -23.74
C HIS A 10 25.29 4.99 -23.44
N GLU A 11 25.62 4.87 -22.16
CA GLU A 11 26.84 4.22 -21.71
C GLU A 11 26.72 2.70 -21.83
N ASN A 12 27.87 2.02 -21.83
CA ASN A 12 27.91 0.56 -21.93
C ASN A 12 27.35 -0.07 -20.64
N LEU A 13 26.89 -1.32 -20.74
CA LEU A 13 26.35 -2.07 -19.63
C LEU A 13 27.44 -2.44 -18.62
N TYR A 14 27.01 -2.89 -17.44
CA TYR A 14 27.91 -3.27 -16.36
C TYR A 14 27.47 -4.47 -15.51
N PHE A 15 28.39 -5.01 -14.72
CA PHE A 15 28.10 -6.13 -13.84
C PHE A 15 27.05 -5.86 -12.76
N GLN A 16 26.42 -6.94 -12.26
CA GLN A 16 25.38 -6.83 -11.25
C GLN A 16 25.97 -6.37 -9.92
N SER A 17 25.13 -5.71 -9.10
CA SER A 17 25.53 -5.17 -7.81
C SER A 17 24.33 -5.16 -6.86
N ASN A 18 24.60 -4.95 -5.56
CA ASN A 18 23.60 -4.90 -4.52
C ASN A 18 23.98 -3.85 -3.48
N ALA A 19 22.98 -3.29 -2.81
CA ALA A 19 23.16 -2.28 -1.77
C ALA A 19 21.94 -2.21 -0.87
N GLU A 20 22.04 -1.46 0.22
CA GLU A 20 20.93 -1.26 1.15
C GLU A 20 19.83 -0.43 0.49
N ILE A 21 18.60 -0.58 0.99
CA ILE A 21 17.45 0.11 0.43
C ILE A 21 17.54 1.62 0.67
N ALA A 22 17.00 2.39 -0.26
CA ALA A 22 16.99 3.85 -0.15
C ALA A 22 16.05 4.30 0.96
N ASP A 23 16.42 5.38 1.64
CA ASP A 23 15.65 5.97 2.74
C ASP A 23 14.56 6.94 2.30
N GLU A 24 14.10 6.81 1.05
CA GLU A 24 13.12 7.71 0.46
C GLU A 24 11.77 7.60 1.18
N PRO A 25 10.99 8.69 1.20
CA PRO A 25 9.68 8.75 1.82
C PRO A 25 8.65 7.94 1.03
N VAL A 26 7.44 7.82 1.58
CA VAL A 26 6.35 7.10 0.96
C VAL A 26 5.84 7.93 -0.23
N LYS A 27 5.41 7.24 -1.29
CA LYS A 27 4.89 7.89 -2.48
C LYS A 27 3.37 7.86 -2.45
N ALA A 28 2.73 8.91 -2.98
CA ALA A 28 1.28 8.99 -2.99
C ALA A 28 0.68 7.93 -3.90
N SER A 29 1.49 7.34 -4.79
CA SER A 29 1.03 6.33 -5.73
C SER A 29 0.59 5.05 -5.04
N LEU A 30 0.96 4.87 -3.78
CA LEU A 30 0.51 3.72 -3.01
C LEU A 30 -0.52 4.14 -1.97
N LEU A 31 -0.35 5.32 -1.36
CA LEU A 31 -1.27 5.79 -0.34
C LEU A 31 -2.63 6.12 -0.95
N LEU A 32 -2.64 6.76 -2.12
CA LEU A 32 -3.88 7.12 -2.79
C LEU A 32 -4.63 5.85 -3.22
N HIS A 33 -3.88 4.91 -3.80
CA HIS A 33 -4.43 3.65 -4.28
C HIS A 33 -5.07 2.84 -3.15
N VAL A 34 -4.51 2.90 -1.94
CA VAL A 34 -5.03 2.12 -0.81
C VAL A 34 -6.24 2.81 -0.19
N LEU A 35 -6.29 4.14 -0.21
CA LEU A 35 -7.41 4.85 0.39
C LEU A 35 -8.71 4.58 -0.38
N VAL A 36 -8.61 4.39 -1.71
CA VAL A 36 -9.77 4.06 -2.51
C VAL A 36 -10.10 2.58 -2.33
N ALA A 37 -9.07 1.73 -2.40
CA ALA A 37 -9.26 0.30 -2.31
C ALA A 37 -9.93 -0.09 -1.00
N HIS A 38 -9.48 0.49 0.12
CA HIS A 38 -10.02 0.12 1.42
C HIS A 38 -11.45 0.65 1.61
N LYS A 39 -11.77 1.80 1.00
CA LYS A 39 -13.09 2.37 1.09
C LYS A 39 -14.12 1.51 0.36
N LEU A 40 -13.66 0.81 -0.68
CA LEU A 40 -14.51 -0.04 -1.50
C LEU A 40 -14.26 -1.51 -1.17
N LYS A 41 -13.49 -1.77 -0.11
CA LYS A 41 -13.20 -3.10 0.38
C LYS A 41 -12.53 -3.98 -0.69
N LYS A 42 -11.89 -3.34 -1.67
CA LYS A 42 -11.16 -4.00 -2.73
C LYS A 42 -9.66 -4.03 -2.45
N SER A 43 -8.90 -4.80 -3.24
CA SER A 43 -7.46 -4.82 -3.19
C SER A 43 -6.87 -3.96 -4.29
N LEU A 44 -5.56 -3.71 -4.19
CA LEU A 44 -4.86 -2.94 -5.21
C LEU A 44 -4.87 -3.71 -6.54
N ASP A 45 -5.07 -5.03 -6.45
CA ASP A 45 -5.21 -5.90 -7.60
C ASP A 45 -6.59 -5.84 -8.26
N SER A 46 -7.57 -5.23 -7.57
CA SER A 46 -8.93 -5.10 -8.07
C SER A 46 -9.31 -3.63 -8.29
N ILE A 47 -8.34 -2.73 -8.18
CA ILE A 47 -8.54 -1.31 -8.39
C ILE A 47 -7.62 -0.85 -9.52
N PRO A 48 -8.12 -0.74 -10.76
CA PRO A 48 -7.36 -0.19 -11.86
C PRO A 48 -7.21 1.31 -11.66
N MET A 49 -5.99 1.82 -11.81
CA MET A 49 -5.73 3.24 -11.64
C MET A 49 -6.34 4.03 -12.80
N SER A 50 -6.66 3.36 -13.89
CA SER A 50 -7.18 4.01 -15.09
C SER A 50 -8.63 4.41 -14.95
N LYS A 51 -9.20 4.32 -13.74
CA LYS A 51 -10.61 4.61 -13.51
C LYS A 51 -10.80 5.71 -12.47
N THR A 52 -11.89 6.46 -12.63
CA THR A 52 -12.27 7.53 -11.72
C THR A 52 -13.02 7.09 -10.47
N ILE A 53 -12.98 7.89 -9.41
CA ILE A 53 -13.70 7.58 -8.17
C ILE A 53 -15.17 7.32 -8.46
N LYS A 54 -15.73 8.01 -9.45
CA LYS A 54 -17.14 7.88 -9.81
C LYS A 54 -17.40 6.68 -10.72
N ASP A 55 -16.36 6.13 -11.36
CA ASP A 55 -16.51 5.02 -12.29
C ASP A 55 -16.24 3.71 -11.52
N LEU A 56 -15.43 3.79 -10.46
CA LEU A 56 -15.05 2.63 -9.66
C LEU A 56 -16.23 2.10 -8.86
N VAL A 57 -17.04 3.02 -8.34
CA VAL A 57 -18.24 2.68 -7.58
C VAL A 57 -19.46 2.37 -8.43
N GLY A 58 -19.33 2.48 -9.77
CA GLY A 58 -20.43 2.17 -10.67
C GLY A 58 -21.39 3.34 -10.86
N GLY A 59 -21.09 4.51 -10.30
CA GLY A 59 -21.87 5.72 -10.52
C GLY A 59 -22.58 6.26 -9.27
N LYS A 60 -22.42 5.62 -8.10
CA LYS A 60 -23.02 6.14 -6.87
C LYS A 60 -22.45 7.52 -6.53
N SER A 61 -23.34 8.48 -6.29
CA SER A 61 -22.93 9.84 -5.95
C SER A 61 -22.56 9.94 -4.48
N THR A 62 -23.08 9.04 -3.63
CA THR A 62 -22.77 9.04 -2.21
C THR A 62 -21.34 8.65 -1.86
N VAL A 63 -20.93 7.44 -2.25
CA VAL A 63 -19.58 6.97 -2.03
C VAL A 63 -18.55 7.89 -2.68
N GLN A 64 -18.90 8.41 -3.86
CA GLN A 64 -18.07 9.36 -4.58
C GLN A 64 -17.86 10.64 -3.75
N ASN A 65 -18.87 11.05 -2.98
CA ASN A 65 -18.79 12.21 -2.11
C ASN A 65 -18.05 11.89 -0.82
N GLU A 66 -18.08 10.64 -0.37
CA GLU A 66 -17.33 10.23 0.81
C GLU A 66 -15.84 10.12 0.50
N ILE A 67 -15.49 9.60 -0.68
CA ILE A 67 -14.10 9.49 -1.08
C ILE A 67 -13.52 10.87 -1.39
N LEU A 68 -14.38 11.78 -1.87
CA LEU A 68 -13.97 13.15 -2.19
C LEU A 68 -13.49 13.88 -0.94
N GLY A 69 -13.94 13.43 0.25
CA GLY A 69 -13.55 14.01 1.52
C GLY A 69 -12.53 13.14 2.25
N ASP A 70 -12.36 11.88 1.83
CA ASP A 70 -11.46 10.94 2.49
C ASP A 70 -9.99 11.02 2.06
N LEU A 71 -9.67 12.07 1.31
CA LEU A 71 -8.33 12.32 0.81
C LEU A 71 -7.77 13.62 1.39
N GLY A 72 -8.64 14.58 1.74
CA GLY A 72 -8.19 15.83 2.33
C GLY A 72 -7.75 15.64 3.77
N LYS A 73 -8.30 14.63 4.44
CA LYS A 73 -7.97 14.28 5.81
C LYS A 73 -6.62 13.57 5.89
N GLU A 74 -6.02 13.24 4.75
CA GLU A 74 -4.82 12.43 4.70
C GLU A 74 -3.73 13.04 3.81
N PHE A 75 -4.10 13.93 2.89
CA PHE A 75 -3.16 14.63 2.03
C PHE A 75 -3.00 16.11 2.36
N GLY A 76 -3.74 16.56 3.37
CA GLY A 76 -3.78 17.96 3.79
C GLY A 76 -4.67 18.79 2.85
N THR A 77 -4.91 18.29 1.63
CA THR A 77 -5.76 18.95 0.65
C THR A 77 -6.12 18.01 -0.50
N THR A 78 -6.93 18.49 -1.45
CA THR A 78 -7.34 17.74 -2.61
C THR A 78 -7.38 18.73 -3.77
N PRO A 79 -7.18 18.24 -5.01
CA PRO A 79 -7.19 19.07 -6.20
C PRO A 79 -8.61 19.57 -6.50
N GLU A 80 -8.77 20.25 -7.63
CA GLU A 80 -10.03 20.92 -7.97
C GLU A 80 -11.09 20.01 -8.56
N LYS A 81 -10.67 18.89 -9.14
CA LYS A 81 -11.54 17.93 -9.83
C LYS A 81 -11.14 16.48 -9.58
N PRO A 82 -10.89 16.06 -8.34
CA PRO A 82 -10.45 14.71 -8.03
C PRO A 82 -11.52 13.68 -8.38
N GLU A 83 -12.80 14.02 -8.21
CA GLU A 83 -13.89 13.10 -8.53
C GLU A 83 -14.11 12.96 -10.03
N GLU A 84 -13.28 13.63 -10.85
CA GLU A 84 -13.34 13.57 -12.30
C GLU A 84 -11.98 13.22 -12.89
N THR A 85 -11.03 12.79 -12.04
CA THR A 85 -9.67 12.45 -12.46
C THR A 85 -9.34 11.01 -12.06
N PRO A 86 -8.77 10.21 -12.97
CA PRO A 86 -8.44 8.82 -12.71
C PRO A 86 -7.32 8.72 -11.67
N LEU A 87 -7.29 7.62 -10.92
CA LEU A 87 -6.29 7.43 -9.87
C LEU A 87 -4.88 7.38 -10.44
N GLU A 88 -4.74 7.01 -11.71
CA GLU A 88 -3.43 6.91 -12.35
C GLU A 88 -2.85 8.31 -12.62
N GLU A 89 -3.69 9.35 -12.50
CA GLU A 89 -3.24 10.73 -12.67
C GLU A 89 -3.45 11.54 -11.39
N LEU A 90 -4.33 11.06 -10.49
CA LEU A 90 -4.59 11.75 -9.25
C LEU A 90 -3.41 11.57 -8.29
N ALA A 91 -2.86 10.35 -8.22
CA ALA A 91 -1.72 10.09 -7.36
C ALA A 91 -0.52 10.94 -7.78
N GLU A 92 -0.40 11.25 -9.07
CA GLU A 92 0.67 12.10 -9.58
C GLU A 92 0.48 13.54 -9.09
N THR A 93 -0.75 13.90 -8.74
CA THR A 93 -1.08 15.20 -8.16
C THR A 93 -0.93 15.25 -6.64
N PHE A 94 -1.14 14.12 -5.97
CA PHE A 94 -1.02 14.04 -4.53
C PHE A 94 0.39 14.06 -3.97
N GLN A 95 1.36 13.52 -4.70
CA GLN A 95 2.76 13.49 -4.25
C GLN A 95 3.40 14.88 -4.33
N ASP A 96 2.74 15.81 -5.02
CA ASP A 96 3.25 17.17 -5.18
C ASP A 96 3.15 17.90 -3.84
N THR A 97 2.33 17.37 -2.92
CA THR A 97 2.08 18.01 -1.63
C THR A 97 2.02 17.06 -0.44
N PHE A 98 2.21 15.75 -0.66
CA PHE A 98 2.16 14.77 0.40
C PHE A 98 3.30 14.88 1.41
N SER A 99 3.04 14.56 2.68
CA SER A 99 4.01 14.72 3.77
C SER A 99 5.13 13.69 3.72
N GLY A 100 5.09 12.75 2.76
CA GLY A 100 6.08 11.70 2.65
C GLY A 100 5.87 10.63 3.72
N ALA A 101 4.86 10.80 4.57
CA ALA A 101 4.50 9.87 5.61
C ALA A 101 3.01 10.01 5.91
N LEU A 102 2.45 8.99 6.53
CA LEU A 102 1.02 8.83 6.72
C LEU A 102 0.38 9.95 7.54
N GLY A 103 -0.84 10.29 7.18
CA GLY A 103 -1.68 11.21 7.94
C GLY A 103 -2.39 10.44 9.05
N LYS A 104 -3.49 11.00 9.56
CA LYS A 104 -4.25 10.39 10.64
C LYS A 104 -5.15 9.25 10.15
N GLN A 105 -5.40 9.14 8.86
CA GLN A 105 -6.34 8.15 8.35
C GLN A 105 -5.67 6.79 8.12
N SER A 106 -4.64 6.74 7.27
CA SER A 106 -4.04 5.47 6.88
C SER A 106 -3.16 4.88 7.97
N SER A 107 -3.13 5.50 9.15
CA SER A 107 -2.39 4.99 10.30
C SER A 107 -3.35 4.61 11.43
N SER A 108 -4.58 5.12 11.40
CA SER A 108 -5.60 4.78 12.39
C SER A 108 -6.54 3.71 11.87
N LEU A 109 -6.78 3.68 10.55
CA LEU A 109 -7.63 2.69 9.91
C LEU A 109 -6.95 1.32 9.87
N LEU A 110 -5.69 1.24 10.33
CA LEU A 110 -4.95 0.00 10.36
C LEU A 110 -5.49 -0.90 11.47
N SER A 111 -6.02 -0.29 12.54
CA SER A 111 -6.56 -1.04 13.67
C SER A 111 -7.87 -1.71 13.29
N ARG A 112 -8.52 -1.26 12.20
CA ARG A 112 -9.77 -1.85 11.76
C ARG A 112 -9.52 -3.23 11.18
N LEU A 113 -8.28 -3.52 10.76
CA LEU A 113 -7.91 -4.83 10.26
C LEU A 113 -7.86 -5.82 11.42
N ILE A 114 -7.32 -5.38 12.56
CA ILE A 114 -7.26 -6.17 13.77
C ILE A 114 -8.67 -6.38 14.34
N SER A 115 -9.59 -5.46 14.04
CA SER A 115 -10.97 -5.55 14.51
C SER A 115 -11.86 -6.29 13.50
N SER A 116 -11.38 -6.48 12.27
CA SER A 116 -12.18 -7.07 11.20
C SER A 116 -12.44 -8.57 11.43
N LYS A 117 -11.37 -9.37 11.41
CA LYS A 117 -11.44 -10.82 11.58
C LYS A 117 -10.21 -11.38 12.31
N MET A 118 -9.31 -10.51 12.75
CA MET A 118 -8.06 -10.88 13.38
C MET A 118 -8.32 -11.48 14.77
N PRO A 119 -7.52 -12.47 15.21
CA PRO A 119 -7.62 -13.02 16.54
C PRO A 119 -7.23 -11.99 17.61
N GLY A 120 -7.45 -12.31 18.89
CA GLY A 120 -7.18 -11.40 19.99
C GLY A 120 -5.85 -11.69 20.68
N GLY A 121 -5.35 -10.72 21.45
CA GLY A 121 -4.08 -10.83 22.18
C GLY A 121 -2.94 -10.07 21.50
N PHE A 122 -3.24 -9.33 20.43
CA PHE A 122 -2.26 -8.56 19.67
C PHE A 122 -2.80 -7.25 19.06
N THR A 123 -1.93 -6.25 18.91
CA THR A 123 -2.31 -4.93 18.44
C THR A 123 -1.44 -4.35 17.34
N ILE A 124 -1.92 -3.30 16.68
CA ILE A 124 -1.19 -2.69 15.58
C ILE A 124 0.01 -1.89 16.09
N THR A 125 0.02 -1.50 17.37
CA THR A 125 1.15 -0.75 17.90
C THR A 125 2.36 -1.68 17.90
N VAL A 126 2.15 -2.96 18.21
CA VAL A 126 3.21 -3.95 18.16
C VAL A 126 3.45 -4.51 16.77
N ALA A 127 2.63 -4.10 15.79
CA ALA A 127 2.78 -4.48 14.40
C ALA A 127 3.77 -3.57 13.67
N ARG A 128 3.93 -2.33 14.16
CA ARG A 128 4.89 -1.38 13.59
C ARG A 128 5.81 -0.79 14.66
N LYS A 129 5.91 -1.43 15.83
CA LYS A 129 6.81 -1.02 16.89
C LYS A 129 8.24 -0.88 16.35
N TYR A 130 8.65 -1.82 15.49
CA TYR A 130 9.94 -1.81 14.83
C TYR A 130 10.01 -2.61 13.52
N LEU A 131 10.91 -2.21 12.61
CA LEU A 131 11.09 -2.87 11.33
C LEU A 131 12.55 -2.76 10.86
N GLN A 132 13.31 -1.81 11.41
CA GLN A 132 14.68 -1.57 10.99
C GLN A 132 15.63 -2.66 11.49
N THR A 133 15.09 -3.69 12.16
CA THR A 133 15.86 -4.84 12.62
C THR A 133 15.25 -6.18 12.25
N ARG A 134 13.99 -6.17 11.81
CA ARG A 134 13.31 -7.39 11.36
C ARG A 134 13.61 -7.64 9.88
N TRP A 135 13.85 -6.57 9.12
CA TRP A 135 14.18 -6.64 7.70
C TRP A 135 15.18 -5.57 7.26
N GLY A 136 15.67 -4.75 8.18
CA GLY A 136 16.65 -3.71 7.86
C GLY A 136 16.02 -2.51 7.15
N LEU A 137 14.69 -2.39 7.20
CA LEU A 137 13.99 -1.35 6.46
C LEU A 137 14.30 0.05 7.00
N PRO A 138 14.65 1.00 6.13
CA PRO A 138 14.93 2.37 6.51
C PRO A 138 13.63 3.09 6.89
N SER A 139 13.75 4.17 7.67
CA SER A 139 12.62 4.85 8.28
C SER A 139 11.61 5.38 7.26
N GLY A 140 12.05 5.78 6.07
CA GLY A 140 11.16 6.33 5.06
C GLY A 140 10.33 5.25 4.38
N ARG A 141 10.76 3.99 4.46
CA ARG A 141 10.11 2.86 3.80
C ARG A 141 9.09 2.18 4.73
N GLN A 142 9.28 2.29 6.04
CA GLN A 142 8.42 1.61 7.00
C GLN A 142 6.97 2.09 6.91
N ASP A 143 6.78 3.35 6.49
CA ASP A 143 5.45 3.92 6.37
C ASP A 143 4.65 3.41 5.16
N GLY A 144 5.32 2.74 4.21
CA GLY A 144 4.66 2.23 3.02
C GLY A 144 4.20 0.78 3.18
N VAL A 145 4.75 0.06 4.16
CA VAL A 145 4.44 -1.35 4.34
C VAL A 145 3.06 -1.55 4.97
N LEU A 146 2.65 -0.63 5.85
CA LEU A 146 1.36 -0.76 6.53
C LEU A 146 0.22 -0.48 5.55
N LEU A 147 0.50 0.23 4.46
CA LEU A 147 -0.51 0.52 3.45
C LEU A 147 -0.85 -0.74 2.66
N VAL A 148 0.13 -1.65 2.52
CA VAL A 148 -0.10 -2.92 1.82
C VAL A 148 -0.77 -3.92 2.73
N ALA A 149 -0.53 -3.82 4.04
CA ALA A 149 -1.15 -4.73 5.00
C ALA A 149 -2.65 -4.45 5.08
N LEU A 150 -3.04 -3.19 4.93
CA LEU A 150 -4.43 -2.79 4.99
C LEU A 150 -5.19 -3.30 3.77
N SER A 151 -4.50 -3.47 2.64
CA SER A 151 -5.09 -4.00 1.43
C SER A 151 -5.20 -5.52 1.47
N ASN A 152 -4.29 -6.18 2.21
CA ASN A 152 -4.24 -7.63 2.27
C ASN A 152 -5.41 -8.18 3.11
N GLU A 153 -5.56 -7.65 4.34
CA GLU A 153 -6.67 -7.95 5.25
C GLU A 153 -7.18 -9.40 5.14
N PRO A 154 -6.47 -10.37 5.71
CA PRO A 154 -6.88 -11.77 5.67
C PRO A 154 -8.16 -11.97 6.48
N ALA A 155 -9.11 -12.72 5.91
CA ALA A 155 -10.32 -13.09 6.62
C ALA A 155 -9.99 -14.20 7.63
N ALA A 156 -9.00 -15.02 7.32
CA ALA A 156 -8.48 -16.04 8.20
C ALA A 156 -7.13 -16.53 7.67
N ARG A 157 -6.09 -16.44 8.49
CA ARG A 157 -4.77 -16.98 8.15
C ARG A 157 -4.04 -17.50 9.39
N LEU A 158 -4.37 -16.95 10.56
CA LEU A 158 -3.79 -17.39 11.83
C LEU A 158 -4.88 -18.03 12.68
N GLY A 159 -4.50 -19.02 13.49
CA GLY A 159 -5.44 -19.65 14.41
C GLY A 159 -5.46 -18.92 15.75
N SER A 160 -4.46 -18.05 15.98
CA SER A 160 -4.37 -17.23 17.18
C SER A 160 -3.48 -16.02 16.90
N GLU A 161 -3.64 -14.94 17.67
CA GLU A 161 -2.87 -13.73 17.47
C GLU A 161 -1.52 -13.82 18.21
N ALA A 162 -0.94 -15.02 18.20
CA ALA A 162 0.42 -15.24 18.68
C ALA A 162 1.33 -15.59 17.51
N ASP A 163 0.73 -15.93 16.36
CA ASP A 163 1.46 -16.27 15.15
C ASP A 163 1.44 -15.20 14.06
N ALA A 164 0.57 -14.19 14.20
CA ALA A 164 0.46 -13.13 13.21
C ALA A 164 1.69 -12.22 13.22
N LYS A 165 2.49 -12.30 14.28
CA LYS A 165 3.71 -11.51 14.42
C LYS A 165 4.72 -11.92 13.34
N ALA A 166 4.63 -13.17 12.87
CA ALA A 166 5.44 -13.67 11.78
C ALA A 166 4.81 -13.34 10.42
N PHE A 167 3.51 -13.02 10.40
CA PHE A 167 2.85 -12.62 9.18
C PHE A 167 3.22 -11.21 8.70
N LEU A 168 3.68 -10.37 9.63
CA LEU A 168 4.15 -9.02 9.32
C LEU A 168 5.41 -9.10 8.48
N ASP A 169 6.16 -10.20 8.62
CA ASP A 169 7.37 -10.40 7.85
C ASP A 169 7.13 -10.52 6.35
N SER A 170 5.90 -10.92 5.97
CA SER A 170 5.52 -11.06 4.58
C SER A 170 5.31 -9.68 3.96
N MET A 171 4.67 -8.79 4.73
CA MET A 171 4.27 -7.48 4.25
C MET A 171 5.48 -6.67 3.77
N ALA A 172 6.66 -6.92 4.37
CA ALA A 172 7.87 -6.25 3.96
C ALA A 172 8.24 -6.60 2.51
N GLN A 173 7.85 -7.80 2.05
CA GLN A 173 8.08 -8.26 0.70
C GLN A 173 6.94 -7.87 -0.22
N LYS A 174 5.71 -7.76 0.31
CA LYS A 174 4.56 -7.36 -0.49
C LYS A 174 4.77 -5.97 -1.04
N TYR A 175 5.32 -5.08 -0.21
CA TYR A 175 5.68 -3.74 -0.63
C TYR A 175 6.90 -3.66 -1.56
N ALA A 176 7.86 -4.58 -1.39
CA ALA A 176 9.07 -4.57 -2.20
C ALA A 176 8.76 -4.85 -3.66
N SER A 177 7.66 -5.56 -3.93
CA SER A 177 7.23 -5.82 -5.30
C SER A 177 6.66 -4.56 -5.95
N ILE A 178 6.23 -3.59 -5.14
CA ILE A 178 5.63 -2.36 -5.64
C ILE A 178 6.70 -1.31 -5.94
N VAL A 179 7.71 -1.19 -5.07
CA VAL A 179 8.80 -0.24 -5.24
C VAL A 179 9.95 -0.84 -6.07
N GLY A 180 10.01 -2.17 -6.16
CA GLY A 180 11.02 -2.86 -6.98
C GLY A 180 12.31 -3.16 -6.22
N VAL A 181 12.35 -2.88 -4.90
CA VAL A 181 13.52 -3.15 -4.07
C VAL A 181 13.70 -4.64 -3.75
N ASP A 182 14.73 -4.94 -2.97
CA ASP A 182 15.02 -6.29 -2.52
C ASP A 182 15.60 -6.19 -1.11
N LEU A 183 15.37 -7.21 -0.28
CA LEU A 183 15.74 -7.20 1.13
C LEU A 183 16.99 -8.04 1.37
N MET A 1 20.82 -35.65 -10.57
CA MET A 1 21.46 -35.67 -9.25
C MET A 1 22.75 -34.84 -9.27
N GLY A 2 23.17 -34.35 -8.09
CA GLY A 2 24.34 -33.49 -7.97
C GLY A 2 25.66 -34.26 -8.08
N SER A 3 25.60 -35.59 -8.23
CA SER A 3 26.78 -36.42 -8.35
C SER A 3 27.47 -36.21 -9.71
N SER A 4 26.83 -35.49 -10.63
CA SER A 4 27.37 -35.22 -11.95
C SER A 4 26.81 -33.90 -12.49
N HIS A 5 27.54 -33.28 -13.42
CA HIS A 5 27.16 -32.00 -14.01
C HIS A 5 27.60 -31.94 -15.47
N HIS A 6 27.02 -31.02 -16.23
CA HIS A 6 27.33 -30.84 -17.64
C HIS A 6 27.02 -29.41 -18.09
N HIS A 7 27.46 -29.06 -19.30
CA HIS A 7 27.22 -27.75 -19.87
C HIS A 7 27.23 -27.82 -21.39
N HIS A 8 26.75 -26.76 -22.04
CA HIS A 8 26.65 -26.70 -23.50
C HIS A 8 27.06 -25.32 -24.03
N HIS A 9 27.56 -24.44 -23.14
CA HIS A 9 27.94 -23.09 -23.50
C HIS A 9 29.19 -22.67 -22.73
N HIS A 10 29.90 -21.66 -23.23
CA HIS A 10 31.10 -21.14 -22.58
C HIS A 10 30.75 -20.33 -21.34
N GLU A 11 31.71 -20.19 -20.42
CA GLU A 11 31.55 -19.45 -19.19
C GLU A 11 32.86 -18.79 -18.75
N ASN A 12 32.75 -17.77 -17.90
CA ASN A 12 33.89 -17.10 -17.31
C ASN A 12 33.46 -16.41 -16.01
N LEU A 13 34.42 -16.18 -15.12
CA LEU A 13 34.16 -15.52 -13.84
C LEU A 13 33.98 -14.02 -14.01
N TYR A 14 33.44 -13.37 -12.99
CA TYR A 14 33.19 -11.93 -12.98
C TYR A 14 33.32 -11.25 -11.62
N PHE A 15 33.40 -9.91 -11.63
CA PHE A 15 33.50 -9.12 -10.41
C PHE A 15 32.30 -9.21 -9.46
N GLN A 16 32.54 -9.03 -8.16
CA GLN A 16 31.48 -9.08 -7.17
C GLN A 16 30.62 -7.82 -7.23
N SER A 17 29.38 -7.93 -6.76
CA SER A 17 28.44 -6.80 -6.74
C SER A 17 27.34 -7.04 -5.71
N ASN A 18 26.79 -5.96 -5.18
CA ASN A 18 25.67 -6.02 -4.25
C ASN A 18 24.94 -4.67 -4.19
N ALA A 19 23.73 -4.69 -3.63
CA ALA A 19 22.95 -3.47 -3.42
C ALA A 19 21.93 -3.69 -2.29
N GLU A 20 21.48 -2.58 -1.70
CA GLU A 20 20.50 -2.58 -0.64
C GLU A 20 19.61 -1.34 -0.75
N ILE A 21 18.49 -1.35 -0.03
CA ILE A 21 17.55 -0.23 -0.01
C ILE A 21 18.14 0.94 0.79
N ALA A 22 17.61 2.15 0.56
CA ALA A 22 18.07 3.36 1.23
C ALA A 22 16.89 4.16 1.76
N ASP A 23 17.17 5.10 2.67
CA ASP A 23 16.13 5.91 3.30
C ASP A 23 15.41 6.88 2.37
N GLU A 24 14.14 6.56 2.08
CA GLU A 24 13.26 7.38 1.26
C GLU A 24 11.84 7.32 1.84
N PRO A 25 11.07 8.40 1.71
CA PRO A 25 9.70 8.50 2.21
C PRO A 25 8.73 7.73 1.33
N VAL A 26 7.49 7.60 1.80
CA VAL A 26 6.40 6.97 1.06
C VAL A 26 5.96 7.91 -0.05
N LYS A 27 5.24 7.37 -1.06
CA LYS A 27 4.68 8.19 -2.13
C LYS A 27 3.15 8.11 -2.09
N ALA A 28 2.48 9.18 -2.54
CA ALA A 28 1.03 9.19 -2.61
C ALA A 28 0.53 8.15 -3.61
N SER A 29 1.43 7.59 -4.43
CA SER A 29 1.07 6.60 -5.44
C SER A 29 0.52 5.33 -4.80
N LEU A 30 0.95 5.02 -3.57
CA LEU A 30 0.48 3.84 -2.85
C LEU A 30 -0.59 4.22 -1.84
N LEU A 31 -0.46 5.38 -1.20
CA LEU A 31 -1.44 5.80 -0.20
C LEU A 31 -2.79 6.06 -0.86
N LEU A 32 -2.78 6.71 -2.03
CA LEU A 32 -4.02 7.03 -2.73
C LEU A 32 -4.73 5.76 -3.17
N HIS A 33 -3.95 4.83 -3.75
CA HIS A 33 -4.46 3.56 -4.26
C HIS A 33 -5.13 2.74 -3.16
N VAL A 34 -4.63 2.83 -1.91
CA VAL A 34 -5.18 2.05 -0.81
C VAL A 34 -6.42 2.75 -0.23
N LEU A 35 -6.47 4.08 -0.24
CA LEU A 35 -7.60 4.80 0.31
C LEU A 35 -8.86 4.51 -0.48
N VAL A 36 -8.74 4.24 -1.78
CA VAL A 36 -9.89 3.88 -2.60
C VAL A 36 -10.18 2.39 -2.45
N ALA A 37 -9.15 1.56 -2.54
CA ALA A 37 -9.31 0.11 -2.51
C ALA A 37 -10.02 -0.33 -1.23
N HIS A 38 -9.65 0.24 -0.08
CA HIS A 38 -10.22 -0.18 1.20
C HIS A 38 -11.65 0.29 1.36
N LYS A 39 -12.01 1.45 0.79
CA LYS A 39 -13.35 1.99 0.88
C LYS A 39 -14.31 1.19 -0.01
N LEU A 40 -13.78 0.53 -1.04
CA LEU A 40 -14.55 -0.27 -1.96
C LEU A 40 -14.35 -1.76 -1.69
N LYS A 41 -13.67 -2.06 -0.58
CA LYS A 41 -13.45 -3.43 -0.13
C LYS A 41 -12.73 -4.28 -1.16
N LYS A 42 -11.95 -3.63 -2.03
CA LYS A 42 -11.15 -4.28 -3.07
C LYS A 42 -9.67 -4.27 -2.72
N SER A 43 -8.88 -5.06 -3.44
CA SER A 43 -7.44 -5.04 -3.33
C SER A 43 -6.85 -4.24 -4.49
N LEU A 44 -5.59 -3.84 -4.37
CA LEU A 44 -4.93 -3.06 -5.41
C LEU A 44 -4.83 -3.89 -6.69
N ASP A 45 -4.97 -5.22 -6.58
CA ASP A 45 -5.02 -6.12 -7.71
C ASP A 45 -6.33 -6.11 -8.49
N SER A 46 -7.32 -5.35 -7.98
CA SER A 46 -8.64 -5.23 -8.60
C SER A 46 -9.06 -3.77 -8.73
N ILE A 47 -8.15 -2.83 -8.46
CA ILE A 47 -8.41 -1.40 -8.61
C ILE A 47 -7.51 -0.87 -9.73
N PRO A 48 -8.01 -0.78 -10.95
CA PRO A 48 -7.27 -0.18 -12.05
C PRO A 48 -7.17 1.32 -11.82
N MET A 49 -5.95 1.87 -11.88
CA MET A 49 -5.75 3.29 -11.66
C MET A 49 -6.35 4.09 -12.81
N SER A 50 -6.62 3.43 -13.94
CA SER A 50 -7.11 4.11 -15.13
C SER A 50 -8.59 4.47 -15.00
N LYS A 51 -9.17 4.29 -13.81
CA LYS A 51 -10.59 4.55 -13.59
C LYS A 51 -10.79 5.62 -12.51
N THR A 52 -11.90 6.35 -12.65
CA THR A 52 -12.33 7.40 -11.75
C THR A 52 -12.99 6.92 -10.46
N ILE A 53 -13.00 7.76 -9.42
CA ILE A 53 -13.68 7.42 -8.17
C ILE A 53 -15.14 7.07 -8.44
N LYS A 54 -15.81 7.83 -9.30
CA LYS A 54 -17.21 7.58 -9.61
C LYS A 54 -17.38 6.40 -10.56
N ASP A 55 -16.34 6.11 -11.35
CA ASP A 55 -16.32 5.02 -12.29
C ASP A 55 -16.11 3.65 -11.64
N LEU A 56 -15.45 3.65 -10.48
CA LEU A 56 -15.14 2.44 -9.73
C LEU A 56 -16.32 1.97 -8.91
N VAL A 57 -17.08 2.90 -8.33
CA VAL A 57 -18.24 2.58 -7.51
C VAL A 57 -19.52 2.32 -8.33
N GLY A 58 -19.48 2.57 -9.64
CA GLY A 58 -20.63 2.34 -10.50
C GLY A 58 -21.57 3.54 -10.57
N GLY A 59 -21.19 4.68 -10.00
CA GLY A 59 -21.97 5.91 -10.12
C GLY A 59 -22.63 6.38 -8.82
N LYS A 60 -22.41 5.68 -7.69
CA LYS A 60 -22.96 6.13 -6.42
C LYS A 60 -22.37 7.49 -6.04
N SER A 61 -23.25 8.47 -5.74
CA SER A 61 -22.81 9.81 -5.37
C SER A 61 -22.28 9.86 -3.94
N THR A 62 -22.82 9.01 -3.06
CA THR A 62 -22.39 8.98 -1.67
C THR A 62 -20.96 8.51 -1.45
N VAL A 63 -20.62 7.32 -1.94
CA VAL A 63 -19.27 6.79 -1.85
C VAL A 63 -18.27 7.72 -2.53
N GLN A 64 -18.68 8.28 -3.67
CA GLN A 64 -17.89 9.22 -4.44
C GLN A 64 -17.59 10.48 -3.61
N ASN A 65 -18.52 10.89 -2.74
CA ASN A 65 -18.34 12.05 -1.89
C ASN A 65 -17.50 11.72 -0.65
N GLU A 66 -17.55 10.47 -0.17
CA GLU A 66 -16.75 10.06 0.98
C GLU A 66 -15.28 9.90 0.59
N ILE A 67 -15.01 9.35 -0.61
CA ILE A 67 -13.65 9.20 -1.08
C ILE A 67 -13.06 10.56 -1.44
N LEU A 68 -13.90 11.47 -1.93
CA LEU A 68 -13.48 12.82 -2.31
C LEU A 68 -12.97 13.58 -1.07
N GLY A 69 -13.53 13.28 0.10
CA GLY A 69 -13.14 13.92 1.34
C GLY A 69 -11.91 13.26 1.95
N ASP A 70 -11.76 11.95 1.77
CA ASP A 70 -10.63 11.21 2.31
C ASP A 70 -9.26 11.65 1.78
N LEU A 71 -9.23 12.28 0.62
CA LEU A 71 -8.01 12.81 0.05
C LEU A 71 -7.68 14.16 0.68
N GLY A 72 -8.69 14.92 1.12
CA GLY A 72 -8.46 16.20 1.76
C GLY A 72 -7.95 15.98 3.19
N LYS A 73 -8.36 14.86 3.81
CA LYS A 73 -7.92 14.48 5.14
C LYS A 73 -6.51 13.88 5.14
N GLU A 74 -6.12 13.24 4.03
CA GLU A 74 -4.82 12.59 3.92
C GLU A 74 -3.77 13.41 3.17
N PHE A 75 -4.16 14.47 2.46
CA PHE A 75 -3.21 15.28 1.71
C PHE A 75 -3.35 16.76 2.02
N GLY A 76 -4.22 17.09 2.99
CA GLY A 76 -4.49 18.46 3.42
C GLY A 76 -5.35 19.23 2.41
N THR A 77 -5.43 18.73 1.16
CA THR A 77 -6.22 19.35 0.12
C THR A 77 -6.42 18.43 -1.08
N THR A 78 -7.24 18.86 -2.05
CA THR A 78 -7.50 18.13 -3.28
C THR A 78 -7.44 19.04 -4.50
N PRO A 79 -7.07 18.46 -5.65
CA PRO A 79 -6.96 19.18 -6.90
C PRO A 79 -8.33 19.44 -7.50
N GLU A 80 -8.37 19.94 -8.73
CA GLU A 80 -9.61 20.24 -9.42
C GLU A 80 -10.33 18.95 -9.80
N LYS A 81 -11.65 18.93 -9.60
CA LYS A 81 -12.53 17.83 -9.99
C LYS A 81 -11.92 16.44 -9.75
N PRO A 82 -11.55 16.09 -8.51
CA PRO A 82 -10.91 14.82 -8.24
C PRO A 82 -11.85 13.66 -8.56
N GLU A 83 -13.15 13.87 -8.29
CA GLU A 83 -14.18 12.88 -8.56
C GLU A 83 -14.41 12.67 -10.07
N GLU A 84 -13.67 13.38 -10.92
CA GLU A 84 -13.74 13.25 -12.36
C GLU A 84 -12.36 12.94 -12.95
N THR A 85 -11.40 12.58 -12.08
CA THR A 85 -10.03 12.28 -12.46
C THR A 85 -9.65 10.85 -12.10
N PRO A 86 -8.98 10.11 -13.00
CA PRO A 86 -8.55 8.75 -12.73
C PRO A 86 -7.47 8.71 -11.65
N LEU A 87 -7.39 7.60 -10.92
CA LEU A 87 -6.43 7.46 -9.84
C LEU A 87 -5.00 7.43 -10.38
N GLU A 88 -4.83 7.08 -11.66
CA GLU A 88 -3.51 7.01 -12.27
C GLU A 88 -2.97 8.40 -12.53
N GLU A 89 -3.81 9.44 -12.40
CA GLU A 89 -3.38 10.83 -12.58
C GLU A 89 -3.56 11.62 -11.30
N LEU A 90 -4.51 11.20 -10.44
CA LEU A 90 -4.76 11.89 -9.20
C LEU A 90 -3.59 11.66 -8.23
N ALA A 91 -3.14 10.42 -8.12
CA ALA A 91 -2.04 10.08 -7.21
C ALA A 91 -0.76 10.80 -7.60
N GLU A 92 -0.57 11.09 -8.90
CA GLU A 92 0.59 11.82 -9.37
C GLU A 92 0.52 13.28 -8.93
N THR A 93 -0.70 13.78 -8.71
CA THR A 93 -0.94 15.12 -8.19
C THR A 93 -0.84 15.22 -6.67
N PHE A 94 -1.12 14.11 -5.99
CA PHE A 94 -1.05 14.07 -4.54
C PHE A 94 0.34 14.00 -3.93
N GLN A 95 1.32 13.46 -4.67
CA GLN A 95 2.69 13.36 -4.19
C GLN A 95 3.38 14.73 -4.20
N ASP A 96 2.76 15.72 -4.84
CA ASP A 96 3.29 17.07 -4.93
C ASP A 96 3.17 17.73 -3.55
N THR A 97 2.34 17.16 -2.68
CA THR A 97 2.06 17.74 -1.37
C THR A 97 1.99 16.74 -0.21
N PHE A 98 2.20 15.45 -0.50
CA PHE A 98 2.19 14.43 0.54
C PHE A 98 3.34 14.54 1.54
N SER A 99 3.08 14.27 2.81
CA SER A 99 4.05 14.47 3.88
C SER A 99 5.14 13.40 3.92
N GLY A 100 5.08 12.41 3.02
CA GLY A 100 6.07 11.35 2.96
C GLY A 100 5.81 10.26 4.01
N ALA A 101 4.73 10.41 4.78
CA ALA A 101 4.33 9.46 5.81
C ALA A 101 2.80 9.45 5.94
N LEU A 102 2.27 8.36 6.50
CA LEU A 102 0.84 8.13 6.61
C LEU A 102 0.09 9.35 7.15
N GLY A 103 -1.07 9.64 6.55
CA GLY A 103 -1.96 10.68 7.01
C GLY A 103 -2.75 10.19 8.23
N LYS A 104 -3.48 11.09 8.89
CA LYS A 104 -4.20 10.77 10.11
C LYS A 104 -5.37 9.82 9.86
N GLN A 105 -5.88 9.76 8.63
CA GLN A 105 -7.01 8.90 8.34
C GLN A 105 -6.53 7.46 8.17
N SER A 106 -5.53 7.24 7.31
CA SER A 106 -5.04 5.90 7.03
C SER A 106 -4.28 5.33 8.22
N SER A 107 -3.58 6.18 8.98
CA SER A 107 -2.82 5.75 10.13
C SER A 107 -3.74 5.23 11.23
N SER A 108 -4.99 5.70 11.25
CA SER A 108 -5.98 5.24 12.21
C SER A 108 -6.62 3.94 11.73
N LEU A 109 -6.76 3.79 10.40
CA LEU A 109 -7.34 2.61 9.79
C LEU A 109 -6.45 1.39 9.98
N LEU A 110 -5.20 1.57 10.44
CA LEU A 110 -4.31 0.45 10.63
C LEU A 110 -4.73 -0.36 11.85
N SER A 111 -5.34 0.31 12.84
CA SER A 111 -5.80 -0.35 14.05
C SER A 111 -7.20 -0.91 13.83
N ARG A 112 -7.90 -0.48 12.77
CA ARG A 112 -9.22 -0.99 12.46
C ARG A 112 -9.11 -2.38 11.83
N LEU A 113 -7.99 -2.67 11.17
CA LEU A 113 -7.74 -4.00 10.62
C LEU A 113 -7.68 -5.00 11.78
N ILE A 114 -7.05 -4.59 12.87
CA ILE A 114 -6.83 -5.42 14.03
C ILE A 114 -8.13 -5.73 14.78
N SER A 115 -9.23 -5.07 14.41
CA SER A 115 -10.51 -5.27 15.08
C SER A 115 -11.64 -5.60 14.10
N SER A 116 -11.44 -5.34 12.80
CA SER A 116 -12.46 -5.58 11.79
C SER A 116 -12.52 -7.05 11.36
N LYS A 117 -11.40 -7.78 11.48
CA LYS A 117 -11.34 -9.17 11.04
C LYS A 117 -10.27 -9.99 11.77
N MET A 118 -9.29 -9.34 12.40
CA MET A 118 -8.22 -10.02 13.12
C MET A 118 -8.74 -10.86 14.27
N PRO A 119 -8.05 -11.97 14.60
CA PRO A 119 -8.29 -12.77 15.80
C PRO A 119 -7.84 -11.97 17.03
N GLY A 120 -7.83 -12.60 18.21
CA GLY A 120 -7.43 -11.93 19.45
C GLY A 120 -6.06 -12.43 19.98
N GLY A 121 -5.40 -11.60 20.79
CA GLY A 121 -4.13 -11.95 21.44
C GLY A 121 -2.95 -11.09 20.99
N PHE A 122 -3.18 -10.07 20.16
CA PHE A 122 -2.14 -9.21 19.60
C PHE A 122 -2.55 -7.75 19.39
N THR A 123 -1.57 -6.83 19.32
CA THR A 123 -1.86 -5.40 19.20
C THR A 123 -1.03 -4.64 18.17
N ILE A 124 -1.49 -3.45 17.80
CA ILE A 124 -0.80 -2.63 16.82
C ILE A 124 0.46 -2.01 17.43
N THR A 125 0.56 -1.94 18.76
CA THR A 125 1.74 -1.38 19.39
C THR A 125 2.89 -2.37 19.23
N VAL A 126 2.59 -3.66 19.36
CA VAL A 126 3.61 -4.70 19.18
C VAL A 126 3.88 -5.00 17.71
N ALA A 127 3.09 -4.41 16.82
CA ALA A 127 3.24 -4.54 15.38
C ALA A 127 4.30 -3.57 14.84
N ARG A 128 4.52 -2.44 15.54
CA ARG A 128 5.53 -1.46 15.14
C ARG A 128 6.63 -1.31 16.18
N LYS A 129 6.61 -2.13 17.25
CA LYS A 129 7.63 -2.08 18.29
C LYS A 129 9.02 -2.29 17.65
N TYR A 130 9.09 -3.20 16.67
CA TYR A 130 10.29 -3.48 15.91
C TYR A 130 10.02 -3.96 14.47
N LEU A 131 10.86 -3.54 13.52
CA LEU A 131 10.72 -3.96 12.13
C LEU A 131 12.02 -3.74 11.34
N GLN A 132 12.81 -2.73 11.72
CA GLN A 132 14.07 -2.44 11.04
C GLN A 132 15.11 -3.53 11.30
N THR A 133 14.88 -4.35 12.34
CA THR A 133 15.80 -5.40 12.74
C THR A 133 15.60 -6.75 12.06
N ARG A 134 14.66 -6.81 11.10
CA ARG A 134 14.34 -8.06 10.42
C ARG A 134 14.22 -7.87 8.90
N TRP A 135 14.09 -6.64 8.42
CA TRP A 135 13.97 -6.37 6.99
C TRP A 135 14.75 -5.14 6.52
N GLY A 136 15.50 -4.51 7.42
CA GLY A 136 16.35 -3.37 7.05
C GLY A 136 15.54 -2.12 6.70
N LEU A 137 14.22 -2.15 6.85
CA LEU A 137 13.37 -1.02 6.52
C LEU A 137 13.64 0.16 7.45
N PRO A 138 14.04 1.33 6.91
CA PRO A 138 14.18 2.55 7.69
C PRO A 138 12.79 3.12 7.97
N SER A 139 12.68 3.98 8.98
CA SER A 139 11.38 4.51 9.42
C SER A 139 10.63 5.21 8.28
N GLY A 140 11.35 5.73 7.29
CA GLY A 140 10.74 6.41 6.17
C GLY A 140 10.06 5.47 5.18
N ARG A 141 10.44 4.18 5.16
CA ARG A 141 9.89 3.22 4.23
C ARG A 141 8.94 2.24 4.90
N GLN A 142 9.00 2.11 6.23
CA GLN A 142 8.08 1.24 6.96
C GLN A 142 6.64 1.70 6.78
N ASP A 143 6.43 3.00 6.55
CA ASP A 143 5.10 3.56 6.40
C ASP A 143 4.38 3.11 5.14
N GLY A 144 5.12 2.50 4.20
CA GLY A 144 4.54 1.98 2.97
C GLY A 144 4.05 0.54 3.15
N VAL A 145 4.55 -0.16 4.17
CA VAL A 145 4.18 -1.55 4.40
C VAL A 145 2.83 -1.65 5.11
N LEU A 146 2.50 -0.67 5.95
CA LEU A 146 1.23 -0.66 6.66
C LEU A 146 0.09 -0.37 5.69
N LEU A 147 0.40 0.31 4.58
CA LEU A 147 -0.59 0.60 3.55
C LEU A 147 -0.95 -0.69 2.83
N VAL A 148 0.02 -1.61 2.69
CA VAL A 148 -0.21 -2.89 2.03
C VAL A 148 -0.85 -3.89 2.99
N ALA A 149 -0.64 -3.70 4.31
CA ALA A 149 -1.24 -4.60 5.29
C ALA A 149 -2.74 -4.32 5.38
N LEU A 150 -3.13 -3.07 5.18
CA LEU A 150 -4.53 -2.66 5.27
C LEU A 150 -5.32 -3.15 4.06
N SER A 151 -4.66 -3.29 2.91
CA SER A 151 -5.33 -3.72 1.68
C SER A 151 -5.40 -5.24 1.56
N ASN A 152 -4.52 -5.97 2.27
CA ASN A 152 -4.51 -7.41 2.24
C ASN A 152 -5.70 -7.96 3.03
N GLU A 153 -5.84 -7.54 4.29
CA GLU A 153 -6.95 -7.88 5.18
C GLU A 153 -7.45 -9.31 4.96
N PRO A 154 -6.68 -10.32 5.35
CA PRO A 154 -7.03 -11.72 5.17
C PRO A 154 -8.26 -12.07 6.00
N ALA A 155 -9.20 -12.80 5.41
CA ALA A 155 -10.41 -13.23 6.11
C ALA A 155 -10.13 -14.43 7.00
N ALA A 156 -9.17 -15.27 6.61
CA ALA A 156 -8.75 -16.43 7.38
C ALA A 156 -7.39 -16.90 6.88
N ARG A 157 -6.33 -16.54 7.63
CA ARG A 157 -4.95 -16.90 7.31
C ARG A 157 -4.14 -17.11 8.58
N LEU A 158 -4.75 -16.87 9.74
CA LEU A 158 -4.13 -16.97 11.05
C LEU A 158 -5.12 -17.62 12.01
N GLY A 159 -4.69 -18.66 12.72
CA GLY A 159 -5.57 -19.34 13.67
C GLY A 159 -5.55 -18.66 15.03
N SER A 160 -4.62 -17.72 15.23
CA SER A 160 -4.50 -16.92 16.43
C SER A 160 -3.78 -15.63 16.09
N GLU A 161 -4.01 -14.56 16.86
CA GLU A 161 -3.41 -13.27 16.56
C GLU A 161 -1.95 -13.24 16.98
N ALA A 162 -1.50 -14.21 17.78
CA ALA A 162 -0.10 -14.29 18.15
C ALA A 162 0.76 -14.57 16.91
N ASP A 163 0.15 -15.16 15.88
CA ASP A 163 0.79 -15.39 14.59
C ASP A 163 0.70 -14.20 13.65
N ALA A 164 -0.11 -13.19 14.01
CA ALA A 164 -0.29 -12.01 13.19
C ALA A 164 0.95 -11.12 13.21
N LYS A 165 1.86 -11.36 14.18
CA LYS A 165 3.13 -10.67 14.22
C LYS A 165 4.05 -11.21 13.11
N ALA A 166 3.91 -12.49 12.79
CA ALA A 166 4.66 -13.11 11.71
C ALA A 166 4.04 -12.75 10.36
N PHE A 167 2.78 -12.30 10.36
CA PHE A 167 2.12 -11.85 9.15
C PHE A 167 2.68 -10.56 8.56
N LEU A 168 3.30 -9.73 9.41
CA LEU A 168 3.90 -8.49 8.98
C LEU A 168 5.20 -8.75 8.22
N ASP A 169 5.83 -9.90 8.48
CA ASP A 169 7.01 -10.30 7.74
C ASP A 169 6.74 -10.58 6.27
N SER A 170 5.50 -10.96 5.94
CA SER A 170 5.08 -11.17 4.57
C SER A 170 4.82 -9.83 3.89
N MET A 171 4.25 -8.87 4.61
CA MET A 171 3.86 -7.60 4.03
C MET A 171 5.06 -6.80 3.54
N ALA A 172 6.25 -7.07 4.10
CA ALA A 172 7.46 -6.38 3.67
C ALA A 172 7.78 -6.75 2.23
N GLN A 173 7.44 -7.98 1.83
CA GLN A 173 7.70 -8.45 0.48
C GLN A 173 6.57 -8.02 -0.46
N LYS A 174 5.36 -7.85 0.09
CA LYS A 174 4.23 -7.37 -0.70
C LYS A 174 4.49 -5.94 -1.14
N TYR A 175 5.05 -5.12 -0.23
CA TYR A 175 5.43 -3.76 -0.56
C TYR A 175 6.59 -3.63 -1.53
N ALA A 176 7.59 -4.52 -1.39
CA ALA A 176 8.79 -4.47 -2.20
C ALA A 176 8.47 -4.70 -3.68
N SER A 177 7.38 -5.43 -3.97
CA SER A 177 6.96 -5.68 -5.34
C SER A 177 6.37 -4.41 -5.97
N ILE A 178 5.94 -3.45 -5.15
CA ILE A 178 5.30 -2.22 -5.61
C ILE A 178 6.34 -1.13 -5.84
N VAL A 179 7.33 -1.03 -4.95
CA VAL A 179 8.39 -0.01 -5.05
C VAL A 179 9.54 -0.51 -5.93
N GLY A 180 9.63 -1.82 -6.15
CA GLY A 180 10.65 -2.42 -7.03
C GLY A 180 11.94 -2.77 -6.29
N VAL A 181 11.99 -2.57 -4.97
CA VAL A 181 13.16 -2.92 -4.16
C VAL A 181 13.30 -4.43 -3.98
N ASP A 182 14.32 -4.83 -3.22
CA ASP A 182 14.61 -6.22 -2.94
C ASP A 182 15.01 -6.35 -1.48
N LEU A 183 14.87 -7.56 -0.91
CA LEU A 183 15.08 -7.82 0.50
C LEU A 183 16.09 -8.94 0.70
N MET A 1 -4.54 -18.47 -49.10
CA MET A 1 -3.30 -19.26 -49.21
C MET A 1 -2.28 -18.85 -48.14
N GLY A 2 -1.27 -19.69 -47.91
CA GLY A 2 -0.22 -19.40 -46.94
C GLY A 2 0.73 -18.32 -47.44
N SER A 3 1.66 -17.89 -46.58
CA SER A 3 2.64 -16.87 -46.92
C SER A 3 3.88 -16.99 -46.04
N SER A 4 4.98 -16.37 -46.45
CA SER A 4 6.25 -16.43 -45.72
C SER A 4 6.13 -15.70 -44.38
N HIS A 5 6.98 -16.09 -43.41
CA HIS A 5 7.02 -15.47 -42.10
C HIS A 5 7.53 -14.03 -42.20
N HIS A 6 7.26 -13.22 -41.17
CA HIS A 6 7.70 -11.85 -41.11
C HIS A 6 9.20 -11.74 -40.93
N HIS A 7 9.78 -10.58 -41.28
CA HIS A 7 11.21 -10.34 -41.16
C HIS A 7 11.63 -10.27 -39.70
N HIS A 8 12.88 -10.62 -39.40
CA HIS A 8 13.40 -10.58 -38.04
C HIS A 8 13.73 -9.14 -37.63
N HIS A 9 13.96 -8.94 -36.33
CA HIS A 9 14.29 -7.61 -35.80
C HIS A 9 15.13 -7.75 -34.53
N HIS A 10 15.87 -6.70 -34.19
CA HIS A 10 16.75 -6.68 -33.04
C HIS A 10 16.97 -5.25 -32.56
N GLU A 11 17.57 -5.09 -31.37
CA GLU A 11 17.85 -3.79 -30.78
C GLU A 11 19.03 -3.88 -29.82
N ASN A 12 19.60 -2.73 -29.47
CA ASN A 12 20.75 -2.66 -28.57
C ASN A 12 20.32 -2.96 -27.14
N LEU A 13 21.31 -3.34 -26.31
CA LEU A 13 21.08 -3.67 -24.90
C LEU A 13 22.21 -3.06 -24.05
N TYR A 14 21.98 -2.98 -22.74
CA TYR A 14 22.92 -2.36 -21.81
C TYR A 14 23.17 -3.10 -20.50
N PHE A 15 24.13 -2.60 -19.73
CA PHE A 15 24.53 -3.15 -18.44
C PHE A 15 23.37 -2.87 -17.47
N GLN A 16 23.47 -3.44 -16.26
CA GLN A 16 22.47 -3.26 -15.22
C GLN A 16 23.14 -3.26 -13.86
N SER A 17 22.41 -2.80 -12.82
CA SER A 17 22.93 -2.72 -11.47
C SER A 17 21.81 -2.72 -10.45
N ASN A 18 22.17 -2.81 -9.17
CA ASN A 18 21.23 -2.79 -8.06
C ASN A 18 21.87 -2.07 -6.88
N ALA A 19 21.05 -1.70 -5.90
CA ALA A 19 21.49 -0.99 -4.71
C ALA A 19 20.57 -1.28 -3.53
N GLU A 20 21.00 -0.86 -2.33
CA GLU A 20 20.25 -1.03 -1.10
C GLU A 20 18.99 -0.17 -1.11
N ILE A 21 18.10 -0.43 -0.15
CA ILE A 21 16.83 0.26 -0.04
C ILE A 21 17.05 1.74 0.28
N ALA A 22 16.16 2.59 -0.24
CA ALA A 22 16.26 4.03 -0.08
C ALA A 22 15.53 4.51 1.17
N ASP A 23 16.10 5.52 1.84
CA ASP A 23 15.54 6.11 3.05
C ASP A 23 14.49 7.20 2.81
N GLU A 24 14.00 7.31 1.57
CA GLU A 24 13.06 8.34 1.17
C GLU A 24 11.69 8.11 1.84
N PRO A 25 10.91 9.18 2.04
CA PRO A 25 9.56 9.12 2.58
C PRO A 25 8.61 8.32 1.68
N VAL A 26 7.40 8.06 2.17
CA VAL A 26 6.39 7.35 1.42
C VAL A 26 5.91 8.25 0.28
N LYS A 27 5.37 7.64 -0.78
CA LYS A 27 4.81 8.38 -1.90
C LYS A 27 3.29 8.23 -1.88
N ALA A 28 2.58 9.30 -2.25
CA ALA A 28 1.13 9.29 -2.28
C ALA A 28 0.61 8.26 -3.29
N SER A 29 1.47 7.77 -4.18
CA SER A 29 1.10 6.80 -5.19
C SER A 29 0.61 5.49 -4.58
N LEU A 30 1.04 5.19 -3.35
CA LEU A 30 0.60 4.00 -2.64
C LEU A 30 -0.51 4.33 -1.65
N LEU A 31 -0.41 5.49 -0.97
CA LEU A 31 -1.39 5.87 0.04
C LEU A 31 -2.74 6.09 -0.62
N LEU A 32 -2.76 6.83 -1.74
CA LEU A 32 -3.98 7.12 -2.48
C LEU A 32 -4.65 5.83 -2.91
N HIS A 33 -3.85 4.91 -3.46
CA HIS A 33 -4.33 3.64 -3.98
C HIS A 33 -5.00 2.80 -2.89
N VAL A 34 -4.54 2.91 -1.64
CA VAL A 34 -5.06 2.11 -0.54
C VAL A 34 -6.34 2.75 0.00
N LEU A 35 -6.48 4.08 -0.05
CA LEU A 35 -7.67 4.73 0.46
C LEU A 35 -8.89 4.37 -0.41
N VAL A 36 -8.69 4.18 -1.71
CA VAL A 36 -9.77 3.80 -2.61
C VAL A 36 -10.09 2.33 -2.39
N ALA A 37 -9.06 1.49 -2.36
CA ALA A 37 -9.22 0.06 -2.19
C ALA A 37 -9.96 -0.27 -0.89
N HIS A 38 -9.57 0.37 0.22
CA HIS A 38 -10.16 0.05 1.51
C HIS A 38 -11.58 0.58 1.64
N LYS A 39 -11.93 1.64 0.89
CA LYS A 39 -13.27 2.18 0.91
C LYS A 39 -14.26 1.20 0.29
N LEU A 40 -13.78 0.42 -0.67
CA LEU A 40 -14.63 -0.50 -1.43
C LEU A 40 -14.27 -1.95 -1.11
N LYS A 41 -13.42 -2.14 -0.10
CA LYS A 41 -13.02 -3.44 0.39
C LYS A 41 -12.30 -4.26 -0.67
N LYS A 42 -11.67 -3.57 -1.63
CA LYS A 42 -10.87 -4.15 -2.69
C LYS A 42 -9.41 -4.21 -2.27
N SER A 43 -8.55 -4.76 -3.14
CA SER A 43 -7.12 -4.77 -2.96
C SER A 43 -6.45 -3.96 -4.06
N LEU A 44 -5.16 -3.69 -3.89
CA LEU A 44 -4.40 -2.96 -4.90
C LEU A 44 -4.26 -3.80 -6.16
N ASP A 45 -4.47 -5.11 -6.04
CA ASP A 45 -4.42 -6.05 -7.15
C ASP A 45 -5.77 -6.03 -7.90
N SER A 46 -6.80 -5.41 -7.33
CA SER A 46 -8.12 -5.34 -7.93
C SER A 46 -8.65 -3.92 -8.06
N ILE A 47 -7.79 -2.92 -7.83
CA ILE A 47 -8.12 -1.52 -8.07
C ILE A 47 -7.28 -1.01 -9.23
N PRO A 48 -7.86 -0.96 -10.44
CA PRO A 48 -7.18 -0.39 -11.59
C PRO A 48 -7.03 1.11 -11.40
N MET A 49 -5.80 1.61 -11.50
CA MET A 49 -5.55 3.03 -11.36
C MET A 49 -6.08 3.79 -12.56
N SER A 50 -6.34 3.08 -13.68
CA SER A 50 -6.79 3.72 -14.91
C SER A 50 -8.25 4.16 -14.80
N LYS A 51 -8.87 3.97 -13.63
CA LYS A 51 -10.26 4.34 -13.41
C LYS A 51 -10.36 5.54 -12.48
N THR A 52 -11.46 6.28 -12.61
CA THR A 52 -11.74 7.48 -11.82
C THR A 52 -12.56 7.15 -10.58
N ILE A 53 -12.58 8.07 -9.60
CA ILE A 53 -13.35 7.89 -8.37
C ILE A 53 -14.82 7.58 -8.68
N LYS A 54 -15.41 8.23 -9.68
CA LYS A 54 -16.80 7.99 -10.06
C LYS A 54 -16.93 6.66 -10.79
N ASP A 55 -15.83 6.19 -11.37
CA ASP A 55 -15.76 4.96 -12.12
C ASP A 55 -15.55 3.71 -11.26
N LEU A 56 -14.92 3.87 -10.09
CA LEU A 56 -14.75 2.78 -9.13
C LEU A 56 -16.08 2.43 -8.50
N VAL A 57 -16.92 3.44 -8.24
CA VAL A 57 -18.19 3.28 -7.54
C VAL A 57 -19.40 3.05 -8.46
N GLY A 58 -19.17 2.91 -9.76
CA GLY A 58 -20.24 2.62 -10.70
C GLY A 58 -21.18 3.81 -10.91
N GLY A 59 -20.76 5.01 -10.50
CA GLY A 59 -21.54 6.23 -10.69
C GLY A 59 -22.39 6.59 -9.47
N LYS A 60 -22.25 5.88 -8.35
CA LYS A 60 -22.95 6.21 -7.12
C LYS A 60 -22.56 7.61 -6.64
N SER A 61 -23.53 8.51 -6.54
CA SER A 61 -23.26 9.89 -6.16
C SER A 61 -22.78 9.98 -4.70
N THR A 62 -23.26 9.07 -3.85
CA THR A 62 -22.86 9.05 -2.45
C THR A 62 -21.45 8.57 -2.19
N VAL A 63 -21.11 7.37 -2.68
CA VAL A 63 -19.77 6.82 -2.50
C VAL A 63 -18.72 7.70 -3.18
N GLN A 64 -19.08 8.26 -4.34
CA GLN A 64 -18.24 9.20 -5.05
C GLN A 64 -17.95 10.42 -4.19
N ASN A 65 -18.95 10.87 -3.42
CA ASN A 65 -18.83 12.03 -2.54
C ASN A 65 -18.08 11.69 -1.25
N GLU A 66 -18.17 10.45 -0.78
CA GLU A 66 -17.43 10.02 0.41
C GLU A 66 -15.94 9.89 0.13
N ILE A 67 -15.58 9.43 -1.07
CA ILE A 67 -14.17 9.28 -1.43
C ILE A 67 -13.53 10.66 -1.63
N LEU A 68 -14.30 11.63 -2.14
CA LEU A 68 -13.79 12.97 -2.36
C LEU A 68 -13.40 13.62 -1.04
N GLY A 69 -14.13 13.30 0.03
CA GLY A 69 -13.87 13.85 1.34
C GLY A 69 -12.83 13.03 2.10
N ASP A 70 -12.58 11.79 1.66
CA ASP A 70 -11.63 10.89 2.31
C ASP A 70 -10.18 11.10 1.92
N LEU A 71 -9.93 12.12 1.09
CA LEU A 71 -8.59 12.43 0.59
C LEU A 71 -8.11 13.79 1.12
N GLY A 72 -9.03 14.70 1.43
CA GLY A 72 -8.67 16.00 1.96
C GLY A 72 -8.13 15.86 3.39
N LYS A 73 -8.46 14.76 4.06
CA LYS A 73 -7.99 14.46 5.40
C LYS A 73 -6.56 13.89 5.37
N GLU A 74 -6.19 13.23 4.26
CA GLU A 74 -4.92 12.54 4.14
C GLU A 74 -3.86 13.36 3.42
N PHE A 75 -4.25 14.42 2.72
CA PHE A 75 -3.33 15.24 1.96
C PHE A 75 -3.53 16.73 2.26
N GLY A 76 -4.42 17.04 3.21
CA GLY A 76 -4.76 18.40 3.59
C GLY A 76 -5.62 19.10 2.54
N THR A 77 -5.72 18.54 1.33
CA THR A 77 -6.50 19.12 0.25
C THR A 77 -6.73 18.13 -0.88
N THR A 78 -7.45 18.57 -1.93
CA THR A 78 -7.66 17.77 -3.13
C THR A 78 -7.53 18.74 -4.30
N PRO A 79 -7.08 18.23 -5.45
CA PRO A 79 -6.89 19.03 -6.66
C PRO A 79 -8.22 19.35 -7.32
N GLU A 80 -8.16 20.00 -8.49
CA GLU A 80 -9.35 20.36 -9.25
C GLU A 80 -9.82 19.18 -10.09
N LYS A 81 -11.13 19.14 -10.35
CA LYS A 81 -11.77 18.14 -11.20
C LYS A 81 -11.39 16.70 -10.81
N PRO A 82 -11.27 16.38 -9.51
CA PRO A 82 -10.71 15.11 -9.08
C PRO A 82 -11.65 13.96 -9.42
N GLU A 83 -12.96 14.20 -9.39
CA GLU A 83 -13.96 13.18 -9.66
C GLU A 83 -14.03 12.83 -11.15
N GLU A 84 -13.19 13.46 -11.98
CA GLU A 84 -13.10 13.17 -13.40
C GLU A 84 -11.66 12.81 -13.78
N THR A 85 -10.82 12.54 -12.78
CA THR A 85 -9.42 12.20 -12.98
C THR A 85 -9.10 10.79 -12.49
N PRO A 86 -8.43 9.96 -13.31
CA PRO A 86 -8.09 8.59 -12.95
C PRO A 86 -7.08 8.57 -11.81
N LEU A 87 -7.13 7.49 -11.01
CA LEU A 87 -6.26 7.36 -9.85
C LEU A 87 -4.79 7.24 -10.28
N GLU A 88 -4.53 6.80 -11.51
CA GLU A 88 -3.18 6.65 -12.02
C GLU A 88 -2.56 8.04 -12.28
N GLU A 89 -3.39 9.10 -12.28
CA GLU A 89 -2.90 10.46 -12.48
C GLU A 89 -3.17 11.31 -11.25
N LEU A 90 -4.19 10.96 -10.46
CA LEU A 90 -4.54 11.70 -9.26
C LEU A 90 -3.47 11.50 -8.19
N ALA A 91 -3.02 10.26 -8.00
CA ALA A 91 -2.02 9.96 -6.99
C ALA A 91 -0.71 10.67 -7.27
N GLU A 92 -0.42 10.96 -8.54
CA GLU A 92 0.77 11.72 -8.92
C GLU A 92 0.61 13.19 -8.55
N THR A 93 -0.63 13.66 -8.46
CA THR A 93 -0.93 15.01 -7.99
C THR A 93 -0.92 15.14 -6.47
N PHE A 94 -1.26 14.05 -5.77
CA PHE A 94 -1.25 14.02 -4.32
C PHE A 94 0.13 14.05 -3.67
N GLN A 95 1.15 13.57 -4.39
CA GLN A 95 2.52 13.54 -3.89
C GLN A 95 3.14 14.94 -3.89
N ASP A 96 2.52 15.89 -4.60
CA ASP A 96 3.02 17.25 -4.72
C ASP A 96 2.86 17.95 -3.37
N THR A 97 2.01 17.40 -2.49
CA THR A 97 1.71 18.01 -1.20
C THR A 97 1.67 17.03 -0.03
N PHE A 98 1.98 15.75 -0.26
CA PHE A 98 1.98 14.75 0.79
C PHE A 98 3.09 14.92 1.83
N SER A 99 2.80 14.63 3.10
CA SER A 99 3.74 14.87 4.18
C SER A 99 4.83 13.81 4.27
N GLY A 100 4.78 12.79 3.42
CA GLY A 100 5.78 11.72 3.41
C GLY A 100 5.52 10.68 4.50
N ALA A 101 4.44 10.85 5.27
CA ALA A 101 4.05 9.94 6.33
C ALA A 101 2.53 9.84 6.38
N LEU A 102 2.02 8.70 6.84
CA LEU A 102 0.58 8.41 6.81
C LEU A 102 -0.26 9.55 7.37
N GLY A 103 -1.43 9.75 6.76
CA GLY A 103 -2.38 10.75 7.20
C GLY A 103 -3.16 10.23 8.41
N LYS A 104 -4.04 11.06 8.99
CA LYS A 104 -4.77 10.68 10.19
C LYS A 104 -5.76 9.55 9.93
N GLN A 105 -6.20 9.37 8.68
CA GLN A 105 -7.12 8.27 8.38
C GLN A 105 -6.34 6.97 8.19
N SER A 106 -5.41 6.93 7.24
CA SER A 106 -4.69 5.72 6.90
C SER A 106 -3.79 5.24 8.05
N SER A 107 -3.49 6.10 9.03
CA SER A 107 -2.70 5.72 10.19
C SER A 107 -3.59 5.15 11.30
N SER A 108 -4.86 5.55 11.34
CA SER A 108 -5.79 5.07 12.34
C SER A 108 -6.46 3.79 11.87
N LEU A 109 -6.66 3.67 10.55
CA LEU A 109 -7.27 2.52 9.90
C LEU A 109 -6.37 1.29 10.06
N LEU A 110 -5.15 1.46 10.54
CA LEU A 110 -4.23 0.35 10.74
C LEU A 110 -4.66 -0.49 11.93
N SER A 111 -5.32 0.13 12.91
CA SER A 111 -5.79 -0.58 14.09
C SER A 111 -7.19 -1.14 13.87
N ARG A 112 -7.91 -0.62 12.86
CA ARG A 112 -9.25 -1.10 12.53
C ARG A 112 -9.15 -2.44 11.81
N LEU A 113 -7.98 -2.73 11.22
CA LEU A 113 -7.71 -4.02 10.61
C LEU A 113 -7.76 -5.10 11.68
N ILE A 114 -7.24 -4.80 12.87
CA ILE A 114 -7.19 -5.76 13.95
C ILE A 114 -8.60 -6.03 14.47
N SER A 115 -9.45 -5.01 14.46
CA SER A 115 -10.81 -5.09 14.96
C SER A 115 -11.81 -5.56 13.90
N SER A 116 -11.38 -5.65 12.64
CA SER A 116 -12.28 -6.01 11.56
C SER A 116 -12.60 -7.51 11.55
N LYS A 117 -11.58 -8.35 11.71
CA LYS A 117 -11.76 -9.80 11.66
C LYS A 117 -10.61 -10.59 12.31
N MET A 118 -9.45 -9.96 12.51
CA MET A 118 -8.28 -10.65 13.07
C MET A 118 -8.57 -11.19 14.47
N PRO A 119 -7.86 -12.26 14.87
CA PRO A 119 -8.00 -12.92 16.16
C PRO A 119 -7.51 -12.03 17.30
N GLY A 120 -7.41 -12.58 18.52
CA GLY A 120 -6.93 -11.85 19.69
C GLY A 120 -5.58 -12.34 20.18
N GLY A 121 -4.83 -11.47 20.87
CA GLY A 121 -3.53 -11.80 21.45
C GLY A 121 -2.36 -11.00 20.84
N PHE A 122 -2.65 -10.03 19.97
CA PHE A 122 -1.69 -9.20 19.28
C PHE A 122 -2.12 -7.75 19.06
N THR A 123 -1.17 -6.81 18.94
CA THR A 123 -1.48 -5.39 18.83
C THR A 123 -0.75 -4.64 17.74
N ILE A 124 -1.19 -3.41 17.45
CA ILE A 124 -0.55 -2.62 16.41
C ILE A 124 0.84 -2.18 16.86
N THR A 125 1.03 -1.95 18.17
CA THR A 125 2.28 -1.41 18.65
C THR A 125 3.40 -2.40 18.36
N VAL A 126 3.15 -3.68 18.60
CA VAL A 126 4.10 -4.74 18.29
C VAL A 126 4.20 -5.05 16.80
N ALA A 127 3.32 -4.44 16.00
CA ALA A 127 3.28 -4.65 14.56
C ALA A 127 4.19 -3.67 13.81
N ARG A 128 4.61 -2.58 14.45
CA ARG A 128 5.56 -1.66 13.82
C ARG A 128 6.64 -1.20 14.80
N LYS A 129 6.77 -1.89 15.93
CA LYS A 129 7.78 -1.60 16.94
C LYS A 129 9.19 -1.74 16.35
N TYR A 130 9.36 -2.63 15.38
CA TYR A 130 10.62 -2.83 14.67
C TYR A 130 10.51 -3.37 13.25
N LEU A 131 11.33 -2.84 12.34
CA LEU A 131 11.41 -3.28 10.95
C LEU A 131 12.81 -3.03 10.39
N GLN A 132 13.58 -2.13 11.02
CA GLN A 132 14.91 -1.76 10.58
C GLN A 132 15.94 -2.86 10.82
N THR A 133 15.50 -4.00 11.40
CA THR A 133 16.37 -5.15 11.63
C THR A 133 15.78 -6.47 11.14
N ARG A 134 14.48 -6.46 10.79
CA ARG A 134 13.80 -7.64 10.26
C ARG A 134 13.97 -7.70 8.74
N TRP A 135 14.12 -6.52 8.10
CA TRP A 135 14.34 -6.42 6.66
C TRP A 135 15.27 -5.26 6.29
N GLY A 136 15.70 -4.47 7.28
CA GLY A 136 16.56 -3.32 7.03
C GLY A 136 15.78 -2.11 6.50
N LEU A 137 14.45 -2.13 6.64
CA LEU A 137 13.57 -1.06 6.14
C LEU A 137 13.92 0.25 6.86
N PRO A 138 14.36 1.28 6.14
CA PRO A 138 14.66 2.59 6.71
C PRO A 138 13.38 3.31 7.11
N SER A 139 13.51 4.33 7.97
CA SER A 139 12.38 5.01 8.58
C SER A 139 11.42 5.62 7.57
N GLY A 140 11.91 6.06 6.41
CA GLY A 140 11.06 6.67 5.40
C GLY A 140 10.19 5.64 4.68
N ARG A 141 10.55 4.36 4.76
CA ARG A 141 9.87 3.27 4.08
C ARG A 141 8.97 2.47 5.01
N GLN A 142 9.23 2.52 6.32
CA GLN A 142 8.43 1.77 7.28
C GLN A 142 6.96 2.21 7.25
N ASP A 143 6.71 3.45 6.86
CA ASP A 143 5.35 3.97 6.74
C ASP A 143 4.57 3.45 5.53
N GLY A 144 5.28 2.85 4.56
CA GLY A 144 4.67 2.34 3.36
C GLY A 144 4.23 0.88 3.48
N VAL A 145 4.85 0.10 4.37
CA VAL A 145 4.50 -1.30 4.51
C VAL A 145 3.15 -1.46 5.23
N LEU A 146 2.82 -0.52 6.12
CA LEU A 146 1.56 -0.58 6.86
C LEU A 146 0.38 -0.26 5.94
N LEU A 147 0.63 0.47 4.85
CA LEU A 147 -0.42 0.78 3.88
C LEU A 147 -0.80 -0.47 3.11
N VAL A 148 0.15 -1.37 2.89
CA VAL A 148 -0.11 -2.61 2.16
C VAL A 148 -0.82 -3.63 3.05
N ALA A 149 -0.58 -3.57 4.37
CA ALA A 149 -1.23 -4.47 5.31
C ALA A 149 -2.72 -4.18 5.37
N LEU A 150 -3.11 -2.91 5.17
CA LEU A 150 -4.50 -2.51 5.21
C LEU A 150 -5.24 -3.02 3.97
N SER A 151 -4.52 -3.22 2.88
CA SER A 151 -5.11 -3.74 1.65
C SER A 151 -5.28 -5.25 1.71
N ASN A 152 -4.44 -5.93 2.49
CA ASN A 152 -4.47 -7.39 2.56
C ASN A 152 -5.70 -7.87 3.33
N GLU A 153 -5.88 -7.37 4.56
CA GLU A 153 -7.02 -7.64 5.43
C GLU A 153 -7.59 -9.05 5.24
N PRO A 154 -6.83 -10.09 5.64
CA PRO A 154 -7.25 -11.48 5.47
C PRO A 154 -8.46 -11.81 6.34
N ALA A 155 -9.43 -12.51 5.76
CA ALA A 155 -10.62 -12.94 6.48
C ALA A 155 -10.33 -14.17 7.34
N ALA A 156 -9.40 -15.00 6.88
CA ALA A 156 -8.93 -16.17 7.62
C ALA A 156 -7.60 -16.63 7.03
N ARG A 157 -6.51 -16.41 7.77
CA ARG A 157 -5.17 -16.79 7.36
C ARG A 157 -4.31 -17.14 8.58
N LEU A 158 -4.88 -16.97 9.77
CA LEU A 158 -4.21 -17.20 11.04
C LEU A 158 -5.21 -17.82 12.01
N GLY A 159 -4.78 -18.83 12.78
CA GLY A 159 -5.65 -19.45 13.77
C GLY A 159 -5.50 -18.78 15.14
N SER A 160 -4.52 -17.89 15.28
CA SER A 160 -4.29 -17.13 16.49
C SER A 160 -3.55 -15.84 16.16
N GLU A 161 -3.78 -14.77 16.91
CA GLU A 161 -3.15 -13.49 16.62
C GLU A 161 -1.69 -13.50 17.06
N ALA A 162 -1.28 -14.50 17.85
CA ALA A 162 0.12 -14.65 18.23
C ALA A 162 0.95 -15.00 16.99
N ASP A 163 0.30 -15.55 15.96
CA ASP A 163 0.94 -15.84 14.69
C ASP A 163 0.86 -14.66 13.73
N ALA A 164 0.10 -13.62 14.07
CA ALA A 164 -0.06 -12.45 13.23
C ALA A 164 1.22 -11.62 13.19
N LYS A 165 2.15 -11.89 14.13
CA LYS A 165 3.46 -11.24 14.13
C LYS A 165 4.32 -11.81 13.01
N ALA A 166 4.08 -13.06 12.61
CA ALA A 166 4.76 -13.67 11.48
C ALA A 166 4.12 -13.21 10.18
N PHE A 167 2.89 -12.71 10.24
CA PHE A 167 2.22 -12.14 9.08
C PHE A 167 2.85 -10.84 8.57
N LEU A 168 3.57 -10.15 9.45
CA LEU A 168 4.27 -8.91 9.13
C LEU A 168 5.49 -9.19 8.25
N ASP A 169 6.02 -10.41 8.35
CA ASP A 169 7.14 -10.84 7.50
C ASP A 169 6.77 -10.94 6.03
N SER A 170 5.47 -11.09 5.73
CA SER A 170 5.01 -11.12 4.36
C SER A 170 4.86 -9.71 3.81
N MET A 171 4.39 -8.77 4.63
CA MET A 171 4.04 -7.44 4.17
C MET A 171 5.26 -6.68 3.65
N ALA A 172 6.45 -6.98 4.19
CA ALA A 172 7.69 -6.37 3.74
C ALA A 172 7.96 -6.74 2.28
N GLN A 173 7.49 -7.92 1.86
CA GLN A 173 7.65 -8.37 0.48
C GLN A 173 6.46 -7.91 -0.38
N LYS A 174 5.29 -7.71 0.25
CA LYS A 174 4.13 -7.22 -0.49
C LYS A 174 4.40 -5.80 -0.98
N TYR A 175 5.03 -4.99 -0.13
CA TYR A 175 5.46 -3.66 -0.52
C TYR A 175 6.59 -3.66 -1.56
N ALA A 176 7.47 -4.65 -1.47
CA ALA A 176 8.61 -4.74 -2.36
C ALA A 176 8.16 -5.04 -3.80
N SER A 177 7.05 -5.76 -3.96
CA SER A 177 6.52 -6.09 -5.28
C SER A 177 5.85 -4.88 -5.93
N ILE A 178 5.45 -3.89 -5.12
CA ILE A 178 4.75 -2.72 -5.62
C ILE A 178 5.71 -1.68 -6.19
N VAL A 179 6.94 -1.64 -5.65
CA VAL A 179 7.93 -0.64 -6.06
C VAL A 179 9.14 -1.24 -6.78
N GLY A 180 9.28 -2.57 -6.77
CA GLY A 180 10.26 -3.29 -7.57
C GLY A 180 11.56 -3.59 -6.83
N VAL A 181 11.63 -3.19 -5.56
CA VAL A 181 12.78 -3.41 -4.69
C VAL A 181 12.80 -4.83 -4.14
N ASP A 182 13.84 -5.10 -3.34
CA ASP A 182 14.00 -6.30 -2.54
C ASP A 182 14.74 -6.04 -1.24
N LEU A 183 14.84 -7.08 -0.43
CA LEU A 183 15.34 -7.03 0.92
C LEU A 183 16.75 -7.61 1.00
N MET A 1 26.86 -47.93 -18.63
CA MET A 1 27.23 -47.51 -20.00
C MET A 1 26.74 -46.09 -20.28
N GLY A 2 27.33 -45.44 -21.28
CA GLY A 2 26.96 -44.09 -21.66
C GLY A 2 27.80 -43.60 -22.84
N SER A 3 27.55 -42.36 -23.27
CA SER A 3 28.26 -41.76 -24.39
C SER A 3 28.22 -40.23 -24.28
N SER A 4 29.13 -39.55 -24.97
CA SER A 4 29.21 -38.09 -24.95
C SER A 4 28.00 -37.46 -25.65
N HIS A 5 27.71 -36.20 -25.32
CA HIS A 5 26.58 -35.47 -25.89
C HIS A 5 26.87 -33.97 -25.88
N HIS A 6 26.09 -33.20 -26.63
CA HIS A 6 26.24 -31.76 -26.74
C HIS A 6 24.91 -31.11 -27.15
N HIS A 7 24.85 -29.79 -27.10
CA HIS A 7 23.67 -29.04 -27.47
C HIS A 7 24.06 -27.64 -27.96
N HIS A 8 23.16 -27.00 -28.71
CA HIS A 8 23.39 -25.66 -29.25
C HIS A 8 23.31 -24.60 -28.14
N HIS A 9 23.98 -23.48 -28.36
CA HIS A 9 24.01 -22.35 -27.43
C HIS A 9 24.14 -21.03 -28.19
N HIS A 10 23.78 -19.93 -27.52
CA HIS A 10 23.82 -18.60 -28.12
C HIS A 10 24.23 -17.56 -27.09
N GLU A 11 24.79 -16.45 -27.56
CA GLU A 11 25.22 -15.34 -26.72
C GLU A 11 24.05 -14.53 -26.19
N ASN A 12 24.28 -13.82 -25.08
CA ASN A 12 23.31 -12.92 -24.51
C ASN A 12 24.02 -11.89 -23.64
N LEU A 13 23.37 -10.74 -23.41
CA LEU A 13 23.92 -9.66 -22.59
C LEU A 13 23.91 -10.05 -21.12
N TYR A 14 24.73 -9.35 -20.32
CA TYR A 14 24.82 -9.57 -18.89
C TYR A 14 23.59 -9.22 -18.07
N PHE A 15 23.54 -9.70 -16.82
CA PHE A 15 22.44 -9.44 -15.91
C PHE A 15 22.22 -7.98 -15.53
N GLN A 16 20.99 -7.64 -15.11
CA GLN A 16 20.65 -6.29 -14.73
C GLN A 16 21.31 -5.92 -13.40
N SER A 17 21.50 -4.62 -13.16
CA SER A 17 22.10 -4.13 -11.92
C SER A 17 21.14 -4.25 -10.75
N ASN A 18 21.68 -4.29 -9.53
CA ASN A 18 20.92 -4.39 -8.30
C ASN A 18 21.65 -3.64 -7.18
N ALA A 19 20.91 -3.27 -6.14
CA ALA A 19 21.45 -2.53 -5.00
C ALA A 19 20.58 -2.73 -3.76
N GLU A 20 21.14 -2.41 -2.60
CA GLU A 20 20.42 -2.49 -1.32
C GLU A 20 19.43 -1.34 -1.16
N ILE A 21 18.57 -1.46 -0.15
CA ILE A 21 17.55 -0.47 0.13
C ILE A 21 18.20 0.85 0.57
N ALA A 22 17.52 1.97 0.31
CA ALA A 22 18.01 3.30 0.68
C ALA A 22 16.85 4.17 1.15
N ASP A 23 17.18 5.27 1.86
CA ASP A 23 16.18 6.15 2.41
C ASP A 23 15.26 6.80 1.39
N GLU A 24 13.99 6.41 1.42
CA GLU A 24 12.95 6.94 0.54
C GLU A 24 11.61 6.91 1.27
N PRO A 25 10.84 8.03 1.25
CA PRO A 25 9.55 8.13 1.91
C PRO A 25 8.47 7.38 1.14
N VAL A 26 7.27 7.29 1.73
CA VAL A 26 6.12 6.68 1.10
C VAL A 26 5.65 7.58 -0.04
N LYS A 27 4.97 6.99 -1.03
CA LYS A 27 4.45 7.75 -2.17
C LYS A 27 2.94 7.66 -2.22
N ALA A 28 2.30 8.72 -2.71
CA ALA A 28 0.84 8.80 -2.79
C ALA A 28 0.28 7.74 -3.73
N SER A 29 1.14 7.15 -4.58
CA SER A 29 0.72 6.16 -5.57
C SER A 29 0.20 4.89 -4.91
N LEU A 30 0.77 4.51 -3.76
CA LEU A 30 0.32 3.33 -3.03
C LEU A 30 -0.71 3.72 -1.98
N LEU A 31 -0.54 4.89 -1.37
CA LEU A 31 -1.41 5.34 -0.30
C LEU A 31 -2.83 5.59 -0.82
N LEU A 32 -2.93 6.33 -1.93
CA LEU A 32 -4.24 6.63 -2.51
C LEU A 32 -4.95 5.34 -2.94
N HIS A 33 -4.18 4.38 -3.43
CA HIS A 33 -4.70 3.14 -3.97
C HIS A 33 -5.38 2.29 -2.88
N VAL A 34 -4.82 2.33 -1.67
CA VAL A 34 -5.33 1.54 -0.55
C VAL A 34 -6.55 2.21 0.07
N LEU A 35 -6.63 3.54 0.03
CA LEU A 35 -7.76 4.25 0.62
C LEU A 35 -9.04 3.91 -0.13
N VAL A 36 -8.99 3.87 -1.45
CA VAL A 36 -10.18 3.59 -2.26
C VAL A 36 -10.52 2.11 -2.17
N ALA A 37 -9.50 1.25 -2.16
CA ALA A 37 -9.71 -0.18 -2.15
C ALA A 37 -10.49 -0.60 -0.91
N HIS A 38 -10.13 -0.04 0.24
CA HIS A 38 -10.78 -0.42 1.50
C HIS A 38 -11.93 0.50 1.87
N LYS A 39 -12.11 1.63 1.17
CA LYS A 39 -13.33 2.40 1.33
C LYS A 39 -14.48 1.54 0.85
N LEU A 40 -14.21 0.78 -0.22
CA LEU A 40 -15.09 -0.24 -0.71
C LEU A 40 -14.72 -1.54 0.01
N LYS A 41 -14.43 -2.61 -0.74
CA LYS A 41 -14.12 -3.94 -0.22
C LYS A 41 -13.15 -4.64 -1.16
N LYS A 42 -12.50 -3.86 -2.03
CA LYS A 42 -11.64 -4.37 -3.08
C LYS A 42 -10.17 -4.46 -2.65
N SER A 43 -9.39 -5.18 -3.46
CA SER A 43 -7.94 -5.25 -3.29
C SER A 43 -7.26 -4.39 -4.35
N LEU A 44 -5.97 -4.12 -4.19
CA LEU A 44 -5.23 -3.32 -5.16
C LEU A 44 -5.21 -4.03 -6.53
N ASP A 45 -5.47 -5.33 -6.53
CA ASP A 45 -5.58 -6.13 -7.75
C ASP A 45 -6.92 -5.97 -8.49
N SER A 46 -7.84 -5.20 -7.92
CA SER A 46 -9.16 -4.99 -8.50
C SER A 46 -9.56 -3.51 -8.53
N ILE A 47 -8.62 -2.62 -8.20
CA ILE A 47 -8.83 -1.18 -8.27
C ILE A 47 -8.01 -0.64 -9.43
N PRO A 48 -8.63 -0.37 -10.58
CA PRO A 48 -7.97 0.25 -11.71
C PRO A 48 -7.74 1.74 -11.45
N MET A 49 -6.50 2.19 -11.57
CA MET A 49 -6.15 3.59 -11.45
C MET A 49 -6.61 4.35 -12.69
N SER A 50 -6.90 3.62 -13.77
CA SER A 50 -7.30 4.21 -15.05
C SER A 50 -8.76 4.66 -15.03
N LYS A 51 -9.36 4.70 -13.84
CA LYS A 51 -10.74 5.09 -13.65
C LYS A 51 -10.83 6.30 -12.74
N THR A 52 -11.99 6.94 -12.69
CA THR A 52 -12.26 8.09 -11.82
C THR A 52 -13.07 7.71 -10.59
N ILE A 53 -13.04 8.50 -9.51
CA ILE A 53 -13.78 8.16 -8.30
C ILE A 53 -15.26 7.93 -8.60
N LYS A 54 -15.81 8.68 -9.57
CA LYS A 54 -17.20 8.52 -9.98
C LYS A 54 -17.43 7.24 -10.78
N ASP A 55 -16.36 6.59 -11.22
CA ASP A 55 -16.42 5.37 -12.02
C ASP A 55 -15.88 4.20 -11.17
N LEU A 56 -15.24 4.49 -10.02
CA LEU A 56 -14.78 3.44 -9.11
C LEU A 56 -16.00 2.71 -8.55
N VAL A 57 -17.10 3.43 -8.37
CA VAL A 57 -18.36 2.88 -7.89
C VAL A 57 -19.31 2.65 -9.08
N GLY A 58 -18.99 3.22 -10.24
CA GLY A 58 -19.77 3.04 -11.46
C GLY A 58 -20.80 4.14 -11.70
N GLY A 59 -20.99 5.07 -10.75
CA GLY A 59 -21.88 6.19 -10.97
C GLY A 59 -22.54 6.74 -9.70
N LYS A 60 -22.43 6.04 -8.57
CA LYS A 60 -23.04 6.49 -7.32
C LYS A 60 -22.43 7.81 -6.87
N SER A 61 -23.27 8.78 -6.49
CA SER A 61 -22.80 10.09 -6.06
C SER A 61 -22.38 10.07 -4.59
N THR A 62 -22.96 9.19 -3.78
CA THR A 62 -22.70 9.13 -2.35
C THR A 62 -21.28 8.75 -1.93
N VAL A 63 -20.84 7.55 -2.26
CA VAL A 63 -19.49 7.11 -1.91
C VAL A 63 -18.45 7.93 -2.66
N GLN A 64 -18.80 8.40 -3.87
CA GLN A 64 -17.97 9.33 -4.61
C GLN A 64 -17.75 10.60 -3.78
N ASN A 65 -18.79 11.05 -3.07
CA ASN A 65 -18.72 12.22 -2.21
C ASN A 65 -18.01 11.92 -0.89
N GLU A 66 -17.99 10.66 -0.45
CA GLU A 66 -17.26 10.27 0.74
C GLU A 66 -15.76 10.10 0.45
N ILE A 67 -15.41 9.53 -0.72
CA ILE A 67 -14.02 9.39 -1.11
C ILE A 67 -13.43 10.78 -1.38
N LEU A 68 -14.26 11.71 -1.84
CA LEU A 68 -13.86 13.07 -2.14
C LEU A 68 -13.43 13.81 -0.87
N GLY A 69 -13.93 13.37 0.30
CA GLY A 69 -13.61 14.01 1.57
C GLY A 69 -12.53 13.26 2.35
N ASP A 70 -12.31 11.98 2.02
CA ASP A 70 -11.33 11.15 2.70
C ASP A 70 -9.86 11.47 2.40
N LEU A 71 -9.59 12.15 1.29
CA LEU A 71 -8.23 12.53 0.94
C LEU A 71 -7.84 13.85 1.59
N GLY A 72 -8.82 14.72 1.90
CA GLY A 72 -8.53 16.01 2.50
C GLY A 72 -8.02 15.86 3.93
N LYS A 73 -8.43 14.77 4.59
CA LYS A 73 -8.02 14.45 5.96
C LYS A 73 -6.67 13.72 5.97
N GLU A 74 -6.25 13.19 4.83
CA GLU A 74 -5.04 12.38 4.73
C GLU A 74 -3.86 13.16 4.16
N PHE A 75 -4.12 14.01 3.16
CA PHE A 75 -3.08 14.78 2.48
C PHE A 75 -3.07 16.25 2.85
N GLY A 76 -3.94 16.61 3.81
CA GLY A 76 -4.14 17.98 4.27
C GLY A 76 -4.96 18.78 3.26
N THR A 77 -5.09 18.29 2.02
CA THR A 77 -5.85 18.94 0.96
C THR A 77 -6.14 17.98 -0.19
N THR A 78 -6.84 18.46 -1.22
CA THR A 78 -7.14 17.69 -2.42
C THR A 78 -6.95 18.66 -3.58
N PRO A 79 -6.59 18.12 -4.76
CA PRO A 79 -6.36 18.90 -5.96
C PRO A 79 -7.70 19.37 -6.54
N GLU A 80 -7.63 20.00 -7.72
CA GLU A 80 -8.81 20.49 -8.42
C GLU A 80 -9.56 19.32 -9.07
N LYS A 81 -10.89 19.40 -9.03
CA LYS A 81 -11.80 18.46 -9.68
C LYS A 81 -11.36 17.00 -9.59
N PRO A 82 -11.03 16.50 -8.38
CA PRO A 82 -10.51 15.16 -8.20
C PRO A 82 -11.57 14.11 -8.53
N GLU A 83 -12.85 14.44 -8.39
CA GLU A 83 -13.94 13.54 -8.72
C GLU A 83 -14.06 13.35 -10.24
N GLU A 84 -13.34 14.18 -11.02
CA GLU A 84 -13.25 14.06 -12.47
C GLU A 84 -11.83 13.70 -12.92
N THR A 85 -10.95 13.36 -11.98
CA THR A 85 -9.56 13.02 -12.28
C THR A 85 -9.24 11.58 -11.91
N PRO A 86 -8.72 10.78 -12.85
CA PRO A 86 -8.41 9.38 -12.62
C PRO A 86 -7.24 9.21 -11.67
N LEU A 87 -7.29 8.10 -10.94
CA LEU A 87 -6.41 7.82 -9.83
C LEU A 87 -4.98 7.56 -10.30
N GLU A 88 -4.81 7.19 -11.57
CA GLU A 88 -3.48 6.98 -12.14
C GLU A 88 -2.77 8.33 -12.36
N GLU A 89 -3.55 9.43 -12.44
CA GLU A 89 -2.99 10.78 -12.52
C GLU A 89 -3.20 11.56 -11.23
N LEU A 90 -4.18 11.15 -10.42
CA LEU A 90 -4.54 11.84 -9.19
C LEU A 90 -3.47 11.65 -8.12
N ALA A 91 -2.88 10.45 -8.08
CA ALA A 91 -1.80 10.15 -7.14
C ALA A 91 -0.55 10.93 -7.49
N GLU A 92 -0.31 11.15 -8.79
CA GLU A 92 0.82 11.95 -9.25
C GLU A 92 0.66 13.40 -8.80
N THR A 93 -0.57 13.81 -8.49
CA THR A 93 -0.85 15.12 -7.93
C THR A 93 -0.71 15.20 -6.42
N PHE A 94 -0.97 14.09 -5.73
CA PHE A 94 -0.81 14.01 -4.29
C PHE A 94 0.62 13.99 -3.76
N GLN A 95 1.54 13.37 -4.51
CA GLN A 95 2.93 13.26 -4.10
C GLN A 95 3.64 14.60 -4.20
N ASP A 96 3.01 15.60 -4.84
CA ASP A 96 3.58 16.93 -5.00
C ASP A 96 3.55 17.64 -3.65
N THR A 97 2.73 17.14 -2.71
CA THR A 97 2.54 17.78 -1.42
C THR A 97 2.47 16.83 -0.23
N PHE A 98 2.63 15.53 -0.46
CA PHE A 98 2.55 14.53 0.59
C PHE A 98 3.71 14.59 1.59
N SER A 99 3.44 14.30 2.86
CA SER A 99 4.44 14.44 3.93
C SER A 99 5.43 13.26 3.96
N GLY A 100 5.27 12.28 3.08
CA GLY A 100 6.17 11.13 3.01
C GLY A 100 5.82 10.06 4.05
N ALA A 101 4.77 10.28 4.84
CA ALA A 101 4.30 9.36 5.86
C ALA A 101 2.80 9.52 6.04
N LEU A 102 2.15 8.47 6.54
CA LEU A 102 0.71 8.37 6.59
C LEU A 102 0.07 9.46 7.45
N GLY A 103 -1.06 9.97 6.98
CA GLY A 103 -1.87 10.95 7.69
C GLY A 103 -2.74 10.26 8.74
N LYS A 104 -3.56 11.04 9.44
CA LYS A 104 -4.39 10.53 10.52
C LYS A 104 -5.56 9.70 10.00
N GLN A 105 -5.89 9.80 8.70
CA GLN A 105 -7.04 9.08 8.17
C GLN A 105 -6.61 7.67 7.77
N SER A 106 -5.48 7.54 7.06
CA SER A 106 -4.98 6.25 6.62
C SER A 106 -4.43 5.45 7.79
N SER A 107 -3.77 6.13 8.74
CA SER A 107 -3.18 5.46 9.90
C SER A 107 -4.25 4.87 10.80
N SER A 108 -5.48 5.42 10.75
CA SER A 108 -6.59 4.94 11.55
C SER A 108 -7.28 3.75 10.86
N LEU A 109 -7.17 3.68 9.54
CA LEU A 109 -7.78 2.61 8.76
C LEU A 109 -6.96 1.31 8.87
N LEU A 110 -5.76 1.39 9.44
CA LEU A 110 -4.90 0.22 9.58
C LEU A 110 -5.40 -0.69 10.70
N SER A 111 -5.98 -0.08 11.74
CA SER A 111 -6.43 -0.84 12.91
C SER A 111 -7.75 -1.54 12.62
N ARG A 112 -8.42 -1.20 11.50
CA ARG A 112 -9.70 -1.81 11.16
C ARG A 112 -9.48 -3.25 10.71
N LEU A 113 -8.24 -3.59 10.32
CA LEU A 113 -7.89 -4.96 9.95
C LEU A 113 -8.02 -5.85 11.19
N ILE A 114 -7.61 -5.33 12.34
CA ILE A 114 -7.57 -6.12 13.56
C ILE A 114 -8.99 -6.40 14.05
N SER A 115 -9.91 -5.46 13.86
CA SER A 115 -11.28 -5.61 14.29
C SER A 115 -12.16 -6.28 13.25
N SER A 116 -11.70 -6.31 11.99
CA SER A 116 -12.47 -6.87 10.88
C SER A 116 -12.61 -8.39 10.98
N LYS A 117 -11.49 -9.11 11.21
CA LYS A 117 -11.51 -10.57 11.23
C LYS A 117 -10.33 -11.20 11.98
N MET A 118 -9.30 -10.43 12.30
CA MET A 118 -8.11 -10.96 12.98
C MET A 118 -8.47 -11.57 14.34
N PRO A 119 -7.66 -12.52 14.82
CA PRO A 119 -7.80 -13.16 16.11
C PRO A 119 -7.46 -12.19 17.24
N GLY A 120 -7.40 -12.68 18.48
CA GLY A 120 -7.08 -11.85 19.65
C GLY A 120 -5.72 -12.18 20.26
N GLY A 121 -5.13 -11.24 21.00
CA GLY A 121 -3.86 -11.41 21.69
C GLY A 121 -2.72 -10.54 21.15
N PHE A 122 -3.03 -9.65 20.20
CA PHE A 122 -2.06 -8.77 19.54
C PHE A 122 -2.59 -7.38 19.18
N THR A 123 -1.71 -6.40 18.99
CA THR A 123 -2.12 -5.03 18.71
C THR A 123 -1.36 -4.32 17.60
N ILE A 124 -1.92 -3.20 17.12
CA ILE A 124 -1.30 -2.43 16.05
C ILE A 124 -0.10 -1.65 16.60
N THR A 125 -0.07 -1.39 17.91
CA THR A 125 1.04 -0.66 18.50
C THR A 125 2.29 -1.53 18.47
N VAL A 126 2.14 -2.82 18.77
CA VAL A 126 3.25 -3.75 18.72
C VAL A 126 3.62 -4.17 17.29
N ALA A 127 2.84 -3.71 16.31
CA ALA A 127 3.08 -3.97 14.90
C ALA A 127 4.01 -2.92 14.29
N ARG A 128 4.04 -1.71 14.88
CA ARG A 128 4.94 -0.64 14.43
C ARG A 128 6.02 -0.32 15.46
N LYS A 129 6.06 -1.04 16.59
CA LYS A 129 7.06 -0.81 17.63
C LYS A 129 8.47 -0.94 17.06
N TYR A 130 8.67 -1.93 16.18
CA TYR A 130 9.94 -2.18 15.50
C TYR A 130 9.80 -2.88 14.15
N LEU A 131 10.69 -2.57 13.20
CA LEU A 131 10.70 -3.24 11.91
C LEU A 131 12.05 -3.12 11.21
N GLN A 132 12.82 -2.07 11.54
CA GLN A 132 14.15 -1.88 10.97
C GLN A 132 15.14 -2.93 11.50
N THR A 133 14.79 -3.58 12.61
CA THR A 133 15.65 -4.57 13.25
C THR A 133 15.48 -6.00 12.72
N ARG A 134 14.63 -6.18 11.71
CA ARG A 134 14.38 -7.49 11.13
C ARG A 134 14.38 -7.47 9.60
N TRP A 135 14.27 -6.29 8.99
CA TRP A 135 14.28 -6.17 7.53
C TRP A 135 15.09 -4.98 7.01
N GLY A 136 15.72 -4.21 7.90
CA GLY A 136 16.58 -3.10 7.51
C GLY A 136 15.82 -1.92 6.91
N LEU A 137 14.49 -1.94 6.95
CA LEU A 137 13.69 -0.88 6.35
C LEU A 137 13.86 0.44 7.11
N PRO A 138 14.19 1.54 6.41
CA PRO A 138 14.30 2.86 7.01
C PRO A 138 12.91 3.38 7.38
N SER A 139 12.85 4.37 8.26
CA SER A 139 11.59 4.89 8.79
C SER A 139 10.67 5.42 7.69
N GLY A 140 11.24 5.90 6.58
CA GLY A 140 10.46 6.41 5.47
C GLY A 140 9.79 5.30 4.66
N ARG A 141 10.23 4.05 4.84
CA ARG A 141 9.71 2.91 4.10
C ARG A 141 8.85 2.00 4.96
N GLN A 142 8.99 2.07 6.29
CA GLN A 142 8.17 1.28 7.20
C GLN A 142 6.70 1.64 7.03
N ASP A 143 6.42 2.89 6.67
CA ASP A 143 5.06 3.36 6.46
C ASP A 143 4.38 2.84 5.18
N GLY A 144 5.18 2.31 4.24
CA GLY A 144 4.65 1.78 2.99
C GLY A 144 4.21 0.32 3.14
N VAL A 145 4.72 -0.39 4.15
CA VAL A 145 4.38 -1.79 4.36
C VAL A 145 3.04 -1.96 5.04
N LEU A 146 2.67 -1.02 5.92
CA LEU A 146 1.39 -1.09 6.64
C LEU A 146 0.24 -0.82 5.69
N LEU A 147 0.48 -0.09 4.60
CA LEU A 147 -0.53 0.16 3.59
C LEU A 147 -0.86 -1.14 2.86
N VAL A 148 0.13 -2.02 2.72
CA VAL A 148 -0.04 -3.30 2.05
C VAL A 148 -0.62 -4.35 3.01
N ALA A 149 -0.47 -4.14 4.32
CA ALA A 149 -1.02 -5.05 5.29
C ALA A 149 -2.54 -4.94 5.32
N LEU A 150 -3.06 -3.73 5.10
CA LEU A 150 -4.48 -3.48 5.13
C LEU A 150 -5.15 -4.00 3.86
N SER A 151 -4.42 -4.04 2.74
CA SER A 151 -4.99 -4.49 1.48
C SER A 151 -5.00 -6.02 1.38
N ASN A 152 -4.17 -6.70 2.20
CA ASN A 152 -4.10 -8.15 2.21
C ASN A 152 -5.33 -8.72 2.94
N GLU A 153 -5.57 -8.24 4.16
CA GLU A 153 -6.73 -8.60 4.99
C GLU A 153 -7.14 -10.07 4.83
N PRO A 154 -6.35 -11.01 5.39
CA PRO A 154 -6.65 -12.42 5.29
C PRO A 154 -7.91 -12.77 6.09
N ALA A 155 -8.75 -13.64 5.54
CA ALA A 155 -9.96 -14.10 6.22
C ALA A 155 -9.62 -15.18 7.23
N ALA A 156 -8.58 -15.97 6.94
CA ALA A 156 -8.07 -17.00 7.84
C ALA A 156 -6.68 -17.43 7.36
N ARG A 157 -5.65 -17.06 8.12
CA ARG A 157 -4.27 -17.38 7.81
C ARG A 157 -3.44 -17.56 9.09
N LEU A 158 -4.07 -17.30 10.24
CA LEU A 158 -3.44 -17.39 11.55
C LEU A 158 -4.43 -18.00 12.54
N GLY A 159 -3.96 -18.91 13.40
CA GLY A 159 -4.81 -19.53 14.39
C GLY A 159 -4.76 -18.77 15.72
N SER A 160 -3.86 -17.78 15.82
CA SER A 160 -3.71 -16.93 16.99
C SER A 160 -3.09 -15.61 16.57
N GLU A 161 -3.43 -14.53 17.28
CA GLU A 161 -2.94 -13.20 16.89
C GLU A 161 -1.50 -13.01 17.33
N ALA A 162 -0.99 -13.89 18.20
CA ALA A 162 0.41 -13.84 18.58
C ALA A 162 1.29 -14.17 17.38
N ASP A 163 0.72 -14.88 16.40
CA ASP A 163 1.39 -15.20 15.14
C ASP A 163 1.22 -14.10 14.10
N ALA A 164 0.37 -13.10 14.38
CA ALA A 164 0.14 -12.00 13.46
C ALA A 164 1.35 -11.07 13.43
N LYS A 165 2.26 -11.20 14.39
CA LYS A 165 3.52 -10.48 14.37
C LYS A 165 4.43 -11.04 13.28
N ALA A 166 4.33 -12.35 13.04
CA ALA A 166 5.09 -13.02 11.99
C ALA A 166 4.45 -12.77 10.63
N PHE A 167 3.18 -12.33 10.61
CA PHE A 167 2.51 -11.95 9.38
C PHE A 167 3.05 -10.68 8.71
N LEU A 168 3.62 -9.78 9.53
CA LEU A 168 4.21 -8.53 9.04
C LEU A 168 5.49 -8.83 8.27
N ASP A 169 6.13 -9.96 8.56
CA ASP A 169 7.33 -10.38 7.85
C ASP A 169 7.07 -10.72 6.39
N SER A 170 5.83 -11.04 6.04
CA SER A 170 5.43 -11.33 4.67
C SER A 170 5.16 -10.03 3.95
N MET A 171 4.48 -9.09 4.62
CA MET A 171 4.07 -7.84 4.04
C MET A 171 5.26 -7.02 3.56
N ALA A 172 6.44 -7.22 4.15
CA ALA A 172 7.64 -6.52 3.72
C ALA A 172 8.01 -6.95 2.29
N GLN A 173 7.71 -8.19 1.92
CA GLN A 173 7.97 -8.69 0.58
C GLN A 173 6.82 -8.32 -0.36
N LYS A 174 5.61 -8.17 0.18
CA LYS A 174 4.46 -7.75 -0.62
C LYS A 174 4.69 -6.32 -1.10
N TYR A 175 5.29 -5.49 -0.25
CA TYR A 175 5.67 -4.14 -0.62
C TYR A 175 6.83 -4.05 -1.60
N ALA A 176 7.79 -4.98 -1.49
CA ALA A 176 8.98 -4.95 -2.32
C ALA A 176 8.64 -5.22 -3.79
N SER A 177 7.56 -5.95 -4.03
CA SER A 177 7.11 -6.25 -5.38
C SER A 177 6.42 -5.04 -6.01
N ILE A 178 5.94 -4.10 -5.19
CA ILE A 178 5.23 -2.93 -5.68
C ILE A 178 6.19 -1.81 -6.10
N VAL A 179 7.36 -1.73 -5.47
CA VAL A 179 8.35 -0.69 -5.75
C VAL A 179 9.60 -1.22 -6.44
N GLY A 180 9.78 -2.54 -6.49
CA GLY A 180 10.83 -3.18 -7.27
C GLY A 180 12.12 -3.43 -6.48
N VAL A 181 12.12 -3.12 -5.19
CA VAL A 181 13.28 -3.34 -4.33
C VAL A 181 13.42 -4.82 -3.96
N ASP A 182 14.45 -5.12 -3.17
CA ASP A 182 14.70 -6.47 -2.67
C ASP A 182 15.30 -6.32 -1.28
N LEU A 183 14.92 -7.22 -0.36
CA LEU A 183 15.30 -7.15 1.04
C LEU A 183 16.63 -7.85 1.28
N MET A 1 -12.43 -22.45 -41.55
CA MET A 1 -11.25 -22.67 -40.70
C MET A 1 -10.59 -21.33 -40.35
N GLY A 2 -10.07 -21.21 -39.12
CA GLY A 2 -9.42 -19.99 -38.65
C GLY A 2 -8.92 -20.14 -37.22
N SER A 3 -8.30 -19.09 -36.70
CA SER A 3 -7.75 -19.08 -35.35
C SER A 3 -7.65 -17.65 -34.82
N SER A 4 -7.47 -17.50 -33.50
CA SER A 4 -7.32 -16.22 -32.86
C SER A 4 -5.97 -15.59 -33.20
N HIS A 5 -5.84 -14.28 -32.96
CA HIS A 5 -4.60 -13.55 -33.21
C HIS A 5 -3.53 -13.95 -32.21
N HIS A 6 -2.26 -13.72 -32.57
CA HIS A 6 -1.13 -14.05 -31.74
C HIS A 6 0.07 -13.17 -32.08
N HIS A 7 1.10 -13.18 -31.24
CA HIS A 7 2.31 -12.39 -31.43
C HIS A 7 3.50 -13.07 -30.74
N HIS A 8 4.72 -12.64 -31.09
CA HIS A 8 5.94 -13.18 -30.50
C HIS A 8 6.02 -12.86 -29.01
N HIS A 9 6.78 -13.66 -28.27
CA HIS A 9 6.97 -13.47 -26.83
C HIS A 9 7.80 -12.22 -26.54
N HIS A 10 7.69 -11.71 -25.32
CA HIS A 10 8.44 -10.53 -24.89
C HIS A 10 9.92 -10.85 -24.80
N GLU A 11 10.76 -9.81 -24.78
CA GLU A 11 12.20 -9.94 -24.71
C GLU A 11 12.83 -8.80 -23.92
N ASN A 12 12.06 -8.25 -22.98
CA ASN A 12 12.53 -7.17 -22.12
C ASN A 12 13.68 -7.61 -21.22
N LEU A 13 14.50 -6.66 -20.78
CA LEU A 13 15.61 -6.93 -19.88
C LEU A 13 15.14 -7.07 -18.44
N TYR A 14 15.98 -7.65 -17.58
CA TYR A 14 15.68 -7.88 -16.19
C TYR A 14 16.81 -7.57 -15.20
N PHE A 15 16.47 -7.47 -13.92
CA PHE A 15 17.43 -7.19 -12.87
C PHE A 15 18.56 -8.19 -12.70
N GLN A 16 19.71 -7.72 -12.18
CA GLN A 16 20.88 -8.56 -11.97
C GLN A 16 21.70 -8.07 -10.77
N SER A 17 21.16 -7.14 -9.98
CA SER A 17 21.83 -6.58 -8.82
C SER A 17 20.80 -6.00 -7.86
N ASN A 18 21.18 -5.86 -6.58
CA ASN A 18 20.35 -5.27 -5.56
C ASN A 18 21.22 -4.58 -4.50
N ALA A 19 20.62 -3.71 -3.71
CA ALA A 19 21.30 -2.95 -2.67
C ALA A 19 20.33 -2.57 -1.55
N GLU A 20 20.88 -2.01 -0.46
CA GLU A 20 20.09 -1.58 0.67
C GLU A 20 19.14 -0.44 0.30
N ILE A 21 18.01 -0.35 1.01
CA ILE A 21 16.97 0.63 0.73
C ILE A 21 17.48 2.04 1.06
N ALA A 22 17.03 3.02 0.27
CA ALA A 22 17.53 4.38 0.35
C ALA A 22 16.84 5.23 1.43
N ASP A 23 16.20 4.59 2.40
CA ASP A 23 15.54 5.26 3.51
C ASP A 23 14.53 6.35 3.12
N GLU A 24 14.03 6.27 1.89
CA GLU A 24 13.13 7.27 1.33
C GLU A 24 11.74 7.16 1.96
N PRO A 25 11.01 8.27 2.04
CA PRO A 25 9.67 8.32 2.61
C PRO A 25 8.64 7.69 1.68
N VAL A 26 7.42 7.52 2.20
CA VAL A 26 6.29 6.98 1.45
C VAL A 26 5.79 8.04 0.48
N LYS A 27 5.20 7.60 -0.62
CA LYS A 27 4.69 8.49 -1.67
C LYS A 27 3.17 8.36 -1.74
N ALA A 28 2.50 9.41 -2.21
CA ALA A 28 1.05 9.40 -2.33
C ALA A 28 0.60 8.40 -3.40
N SER A 29 1.54 7.93 -4.24
CA SER A 29 1.25 6.97 -5.30
C SER A 29 0.72 5.66 -4.73
N LEU A 30 1.04 5.36 -3.48
CA LEU A 30 0.57 4.15 -2.81
C LEU A 30 -0.54 4.47 -1.81
N LEU A 31 -0.42 5.60 -1.11
CA LEU A 31 -1.40 5.98 -0.10
C LEU A 31 -2.75 6.25 -0.74
N LEU A 32 -2.77 6.88 -1.91
CA LEU A 32 -4.04 7.17 -2.60
C LEU A 32 -4.69 5.86 -3.02
N HIS A 33 -3.90 4.96 -3.60
CA HIS A 33 -4.35 3.67 -4.08
C HIS A 33 -5.03 2.86 -2.96
N VAL A 34 -4.56 3.02 -1.72
CA VAL A 34 -5.09 2.29 -0.58
C VAL A 34 -6.36 2.96 -0.07
N LEU A 35 -6.45 4.30 -0.16
CA LEU A 35 -7.63 5.04 0.31
C LEU A 35 -8.85 4.76 -0.55
N VAL A 36 -8.67 4.11 -1.70
CA VAL A 36 -9.78 3.69 -2.54
C VAL A 36 -10.05 2.21 -2.28
N ALA A 37 -8.99 1.42 -2.18
CA ALA A 37 -9.08 -0.01 -2.02
C ALA A 37 -9.83 -0.41 -0.76
N HIS A 38 -9.62 0.29 0.37
CA HIS A 38 -10.24 -0.11 1.62
C HIS A 38 -11.73 0.25 1.65
N LYS A 39 -12.13 1.28 0.90
CA LYS A 39 -13.51 1.70 0.83
C LYS A 39 -14.34 0.68 0.07
N LEU A 40 -13.70 -0.03 -0.87
CA LEU A 40 -14.35 -1.07 -1.67
C LEU A 40 -13.96 -2.46 -1.18
N LYS A 41 -13.22 -2.54 -0.06
CA LYS A 41 -12.74 -3.78 0.53
C LYS A 41 -11.95 -4.61 -0.47
N LYS A 42 -11.39 -3.94 -1.49
CA LYS A 42 -10.58 -4.57 -2.53
C LYS A 42 -9.10 -4.51 -2.19
N SER A 43 -8.31 -5.33 -2.90
CA SER A 43 -6.86 -5.30 -2.79
C SER A 43 -6.29 -4.42 -3.89
N LEU A 44 -5.04 -3.96 -3.73
CA LEU A 44 -4.39 -3.14 -4.74
C LEU A 44 -4.24 -3.91 -6.06
N ASP A 45 -4.29 -5.24 -5.98
CA ASP A 45 -4.27 -6.11 -7.14
C ASP A 45 -5.59 -6.18 -7.90
N SER A 46 -6.62 -5.51 -7.39
CA SER A 46 -7.95 -5.48 -8.00
C SER A 46 -8.47 -4.06 -8.16
N ILE A 47 -7.62 -3.06 -7.94
CA ILE A 47 -7.96 -1.66 -8.14
C ILE A 47 -7.13 -1.11 -9.30
N PRO A 48 -7.70 -0.99 -10.50
CA PRO A 48 -7.02 -0.41 -11.63
C PRO A 48 -6.90 1.09 -11.42
N MET A 49 -5.67 1.63 -11.53
CA MET A 49 -5.45 3.04 -11.36
C MET A 49 -6.00 3.81 -12.55
N SER A 50 -6.26 3.12 -13.66
CA SER A 50 -6.69 3.76 -14.90
C SER A 50 -8.15 4.18 -14.84
N LYS A 51 -8.81 4.00 -13.70
CA LYS A 51 -10.23 4.33 -13.55
C LYS A 51 -10.42 5.54 -12.65
N THR A 52 -11.48 6.30 -12.94
CA THR A 52 -11.88 7.44 -12.13
C THR A 52 -12.75 7.06 -10.94
N ILE A 53 -12.75 7.89 -9.89
CA ILE A 53 -13.53 7.62 -8.68
C ILE A 53 -15.00 7.36 -9.01
N LYS A 54 -15.52 8.01 -10.05
CA LYS A 54 -16.90 7.85 -10.47
C LYS A 54 -17.13 6.52 -11.19
N ASP A 55 -16.06 5.84 -11.60
CA ASP A 55 -16.14 4.54 -12.27
C ASP A 55 -15.70 3.46 -11.27
N LEU A 56 -15.04 3.83 -10.18
CA LEU A 56 -14.64 2.88 -9.14
C LEU A 56 -15.88 2.34 -8.43
N VAL A 57 -16.95 3.13 -8.39
CA VAL A 57 -18.18 2.78 -7.67
C VAL A 57 -19.36 2.43 -8.57
N GLY A 58 -19.25 2.69 -9.88
CA GLY A 58 -20.32 2.40 -10.83
C GLY A 58 -21.30 3.57 -11.00
N GLY A 59 -20.96 4.75 -10.49
CA GLY A 59 -21.75 5.96 -10.73
C GLY A 59 -22.59 6.42 -9.53
N LYS A 60 -22.48 5.77 -8.37
CA LYS A 60 -23.21 6.20 -7.17
C LYS A 60 -22.68 7.56 -6.72
N SER A 61 -23.58 8.47 -6.37
CA SER A 61 -23.17 9.80 -5.91
C SER A 61 -22.62 9.75 -4.49
N THR A 62 -23.15 8.84 -3.65
CA THR A 62 -22.72 8.71 -2.27
C THR A 62 -21.32 8.12 -2.09
N VAL A 63 -21.10 6.92 -2.63
CA VAL A 63 -19.79 6.27 -2.52
C VAL A 63 -18.69 7.11 -3.14
N GLN A 64 -19.01 7.80 -4.25
CA GLN A 64 -18.10 8.73 -4.89
C GLN A 64 -17.75 9.87 -3.95
N ASN A 65 -18.73 10.38 -3.19
CA ASN A 65 -18.53 11.47 -2.26
C ASN A 65 -17.75 11.04 -1.03
N GLU A 66 -17.86 9.76 -0.62
CA GLU A 66 -17.09 9.25 0.51
C GLU A 66 -15.63 9.06 0.13
N ILE A 67 -15.35 8.68 -1.12
CA ILE A 67 -13.97 8.51 -1.56
C ILE A 67 -13.31 9.86 -1.74
N LEU A 68 -14.05 10.86 -2.22
CA LEU A 68 -13.51 12.20 -2.42
C LEU A 68 -13.16 12.86 -1.09
N GLY A 69 -13.94 12.57 -0.05
CA GLY A 69 -13.73 13.18 1.25
C GLY A 69 -12.56 12.53 1.98
N ASP A 70 -12.24 11.27 1.66
CA ASP A 70 -11.14 10.56 2.30
C ASP A 70 -9.75 11.08 1.91
N LEU A 71 -9.66 11.78 0.79
CA LEU A 71 -8.42 12.39 0.34
C LEU A 71 -8.19 13.71 1.05
N GLY A 72 -9.27 14.46 1.34
CA GLY A 72 -9.14 15.77 1.96
C GLY A 72 -8.71 15.65 3.43
N LYS A 73 -9.18 14.60 4.11
CA LYS A 73 -8.86 14.33 5.50
C LYS A 73 -7.49 13.69 5.67
N GLU A 74 -6.77 13.43 4.58
CA GLU A 74 -5.54 12.67 4.62
C GLU A 74 -4.41 13.37 3.84
N PHE A 75 -4.76 14.21 2.87
CA PHE A 75 -3.78 14.95 2.08
C PHE A 75 -3.76 16.45 2.40
N GLY A 76 -4.61 16.86 3.35
CA GLY A 76 -4.78 18.24 3.75
C GLY A 76 -5.61 19.01 2.72
N THR A 77 -5.75 18.47 1.50
CA THR A 77 -6.54 19.09 0.45
C THR A 77 -6.81 18.13 -0.70
N THR A 78 -7.55 18.59 -1.72
CA THR A 78 -7.86 17.82 -2.91
C THR A 78 -7.76 18.80 -4.07
N PRO A 79 -7.44 18.30 -5.27
CA PRO A 79 -7.31 19.11 -6.47
C PRO A 79 -8.68 19.64 -6.91
N GLU A 80 -8.72 20.30 -8.08
CA GLU A 80 -9.91 21.02 -8.54
C GLU A 80 -10.95 20.13 -9.21
N LYS A 81 -10.51 18.99 -9.73
CA LYS A 81 -11.35 18.04 -10.47
C LYS A 81 -11.00 16.59 -10.18
N PRO A 82 -10.85 16.18 -8.91
CA PRO A 82 -10.45 14.83 -8.56
C PRO A 82 -11.46 13.80 -9.03
N GLU A 83 -12.75 14.16 -9.03
CA GLU A 83 -13.82 13.22 -9.36
C GLU A 83 -13.86 12.89 -10.85
N GLU A 84 -13.12 13.66 -11.67
CA GLU A 84 -12.98 13.37 -13.09
C GLU A 84 -11.54 12.99 -13.47
N THR A 85 -10.69 12.72 -12.48
CA THR A 85 -9.29 12.36 -12.70
C THR A 85 -9.00 10.94 -12.24
N PRO A 86 -8.37 10.11 -13.09
CA PRO A 86 -8.08 8.73 -12.77
C PRO A 86 -7.07 8.62 -11.64
N LEU A 87 -7.12 7.52 -10.89
CA LEU A 87 -6.25 7.32 -9.74
C LEU A 87 -4.78 7.24 -10.18
N GLU A 88 -4.53 6.85 -11.44
CA GLU A 88 -3.17 6.73 -11.96
C GLU A 88 -2.55 8.10 -12.18
N GLU A 89 -3.37 9.17 -12.15
CA GLU A 89 -2.88 10.53 -12.29
C GLU A 89 -3.15 11.33 -11.02
N LEU A 90 -4.18 10.96 -10.26
CA LEU A 90 -4.52 11.64 -9.03
C LEU A 90 -3.46 11.39 -7.97
N ALA A 91 -2.99 10.13 -7.86
CA ALA A 91 -1.97 9.80 -6.87
C ALA A 91 -0.68 10.55 -7.14
N GLU A 92 -0.40 10.89 -8.40
CA GLU A 92 0.76 11.68 -8.77
C GLU A 92 0.53 13.16 -8.42
N THR A 93 -0.75 13.57 -8.36
CA THR A 93 -1.11 14.93 -7.95
C THR A 93 -1.07 15.10 -6.43
N PHE A 94 -1.32 14.01 -5.70
CA PHE A 94 -1.29 14.05 -4.24
C PHE A 94 0.08 14.12 -3.60
N GLN A 95 1.11 13.58 -4.28
CA GLN A 95 2.47 13.61 -3.77
C GLN A 95 3.06 15.02 -3.85
N ASP A 96 2.41 15.92 -4.61
CA ASP A 96 2.86 17.29 -4.80
C ASP A 96 2.76 18.03 -3.46
N THR A 97 1.95 17.52 -2.54
CA THR A 97 1.70 18.15 -1.26
C THR A 97 1.72 17.20 -0.06
N PHE A 98 1.83 15.89 -0.32
CA PHE A 98 1.86 14.89 0.73
C PHE A 98 3.18 14.85 1.52
N SER A 99 3.09 14.63 2.83
CA SER A 99 4.28 14.54 3.68
C SER A 99 4.92 13.16 3.51
N GLY A 100 6.14 12.98 4.03
CA GLY A 100 6.81 11.68 4.01
C GLY A 100 6.23 10.75 5.08
N ALA A 101 5.05 11.09 5.61
CA ALA A 101 4.38 10.31 6.62
C ALA A 101 2.87 10.42 6.49
N LEU A 102 2.18 9.43 7.06
CA LEU A 102 0.73 9.27 6.97
C LEU A 102 -0.04 10.46 7.55
N GLY A 103 -1.28 10.61 7.10
CA GLY A 103 -2.22 11.55 7.68
C GLY A 103 -2.96 10.89 8.84
N LYS A 104 -4.00 11.52 9.36
CA LYS A 104 -4.73 10.99 10.51
C LYS A 104 -5.70 9.87 10.13
N GLN A 105 -6.03 9.72 8.85
CA GLN A 105 -6.97 8.69 8.42
C GLN A 105 -6.30 7.34 8.25
N SER A 106 -5.35 7.22 7.32
CA SER A 106 -4.77 5.92 7.00
C SER A 106 -3.96 5.37 8.17
N SER A 107 -3.44 6.25 9.03
CA SER A 107 -2.66 5.84 10.19
C SER A 107 -3.55 5.28 11.31
N SER A 108 -4.80 5.75 11.39
CA SER A 108 -5.73 5.30 12.42
C SER A 108 -6.37 3.98 12.02
N LEU A 109 -6.61 3.78 10.73
CA LEU A 109 -7.25 2.57 10.22
C LEU A 109 -6.33 1.36 10.38
N LEU A 110 -5.06 1.58 10.71
CA LEU A 110 -4.12 0.48 10.87
C LEU A 110 -4.43 -0.31 12.14
N SER A 111 -4.94 0.40 13.16
CA SER A 111 -5.26 -0.22 14.44
C SER A 111 -6.65 -0.85 14.39
N ARG A 112 -7.51 -0.42 13.48
CA ARG A 112 -8.86 -0.95 13.36
C ARG A 112 -8.83 -2.36 12.77
N LEU A 113 -7.81 -2.66 11.97
CA LEU A 113 -7.68 -3.97 11.34
C LEU A 113 -7.53 -5.04 12.41
N ILE A 114 -6.82 -4.70 13.49
CA ILE A 114 -6.48 -5.61 14.57
C ILE A 114 -7.72 -6.11 15.32
N SER A 115 -8.89 -5.49 15.08
CA SER A 115 -10.12 -5.89 15.75
C SER A 115 -11.28 -6.03 14.77
N SER A 116 -11.17 -5.43 13.59
CA SER A 116 -12.21 -5.47 12.58
C SER A 116 -12.23 -6.81 11.84
N LYS A 117 -11.11 -7.54 11.84
CA LYS A 117 -11.01 -8.79 11.10
C LYS A 117 -9.95 -9.75 11.65
N MET A 118 -8.90 -9.22 12.28
CA MET A 118 -7.85 -10.03 12.89
C MET A 118 -8.32 -10.68 14.19
N PRO A 119 -7.67 -11.76 14.62
CA PRO A 119 -7.90 -12.41 15.90
C PRO A 119 -7.37 -11.52 17.03
N GLY A 120 -7.35 -12.02 18.27
CA GLY A 120 -6.85 -11.26 19.41
C GLY A 120 -5.51 -11.79 19.93
N GLY A 121 -4.73 -10.94 20.62
CA GLY A 121 -3.46 -11.34 21.23
C GLY A 121 -2.25 -10.58 20.67
N PHE A 122 -2.47 -9.59 19.80
CA PHE A 122 -1.43 -8.82 19.13
C PHE A 122 -1.78 -7.37 18.83
N THR A 123 -0.79 -6.50 18.67
CA THR A 123 -1.02 -5.07 18.46
C THR A 123 -0.18 -4.41 17.38
N ILE A 124 -0.60 -3.22 16.95
CA ILE A 124 0.15 -2.47 15.95
C ILE A 124 1.51 -2.07 16.50
N THR A 125 1.61 -1.80 17.81
CA THR A 125 2.83 -1.28 18.39
C THR A 125 3.93 -2.32 18.17
N VAL A 126 3.64 -3.60 18.43
CA VAL A 126 4.60 -4.66 18.23
C VAL A 126 4.78 -5.03 16.76
N ALA A 127 3.96 -4.44 15.88
CA ALA A 127 3.99 -4.72 14.45
C ALA A 127 4.96 -3.83 13.70
N ARG A 128 5.33 -2.66 14.25
CA ARG A 128 6.31 -1.79 13.60
C ARG A 128 7.51 -1.49 14.50
N LYS A 129 7.54 -2.06 15.71
CA LYS A 129 8.68 -1.94 16.61
C LYS A 129 9.89 -2.77 16.16
N TYR A 130 9.71 -3.63 15.15
CA TYR A 130 10.76 -4.56 14.73
C TYR A 130 10.98 -4.73 13.22
N LEU A 131 10.44 -3.84 12.39
CA LEU A 131 10.53 -3.99 10.94
C LEU A 131 11.90 -3.53 10.48
N GLN A 132 12.54 -2.71 11.31
CA GLN A 132 13.85 -2.16 11.06
C GLN A 132 14.95 -3.20 11.25
N THR A 133 14.58 -4.44 11.61
CA THR A 133 15.53 -5.53 11.77
C THR A 133 15.01 -6.89 11.31
N ARG A 134 13.68 -7.05 11.21
CA ARG A 134 13.08 -8.28 10.71
C ARG A 134 13.24 -8.36 9.18
N TRP A 135 13.28 -7.19 8.53
CA TRP A 135 13.50 -7.07 7.09
C TRP A 135 14.37 -5.87 6.74
N GLY A 136 14.88 -5.15 7.75
CA GLY A 136 15.77 -4.02 7.53
C GLY A 136 15.03 -2.78 6.99
N LEU A 137 13.71 -2.76 7.07
CA LEU A 137 12.91 -1.66 6.52
C LEU A 137 13.19 -0.37 7.27
N PRO A 138 13.66 0.68 6.58
CA PRO A 138 13.96 1.96 7.18
C PRO A 138 12.68 2.69 7.57
N SER A 139 12.81 3.75 8.36
CA SER A 139 11.66 4.47 8.91
C SER A 139 10.76 5.05 7.82
N GLY A 140 11.33 5.39 6.66
CA GLY A 140 10.53 5.94 5.57
C GLY A 140 9.74 4.86 4.83
N ARG A 141 10.14 3.59 4.97
CA ARG A 141 9.48 2.48 4.30
C ARG A 141 8.32 1.95 5.14
N GLN A 142 8.46 2.00 6.47
CA GLN A 142 7.44 1.46 7.37
C GLN A 142 6.12 2.23 7.23
N ASP A 143 6.17 3.48 6.75
CA ASP A 143 4.97 4.27 6.57
C ASP A 143 4.17 3.88 5.33
N GLY A 144 4.76 3.08 4.45
CA GLY A 144 4.10 2.62 3.23
C GLY A 144 3.71 1.14 3.31
N VAL A 145 4.44 0.34 4.09
CA VAL A 145 4.18 -1.10 4.18
C VAL A 145 2.88 -1.35 4.96
N LEU A 146 2.60 -0.51 5.96
CA LEU A 146 1.40 -0.64 6.77
C LEU A 146 0.15 -0.30 5.95
N LEU A 147 0.31 0.47 4.87
CA LEU A 147 -0.81 0.83 4.01
C LEU A 147 -1.23 -0.36 3.18
N VAL A 148 -0.28 -1.25 2.84
CA VAL A 148 -0.57 -2.44 2.07
C VAL A 148 -1.26 -3.49 2.93
N ALA A 149 -0.96 -3.51 4.23
CA ALA A 149 -1.59 -4.45 5.15
C ALA A 149 -3.07 -4.14 5.31
N LEU A 150 -3.42 -2.86 5.26
CA LEU A 150 -4.79 -2.41 5.40
C LEU A 150 -5.60 -2.77 4.16
N SER A 151 -4.93 -2.85 3.00
CA SER A 151 -5.59 -3.20 1.75
C SER A 151 -5.72 -4.71 1.58
N ASN A 152 -4.78 -5.48 2.13
CA ASN A 152 -4.76 -6.91 2.00
C ASN A 152 -5.93 -7.55 2.76
N GLU A 153 -6.13 -7.13 4.02
CA GLU A 153 -7.21 -7.55 4.88
C GLU A 153 -7.65 -9.01 4.64
N PRO A 154 -6.94 -9.99 5.19
CA PRO A 154 -7.25 -11.40 5.01
C PRO A 154 -8.64 -11.71 5.54
N ALA A 155 -9.43 -12.48 4.78
CA ALA A 155 -10.79 -12.84 5.18
C ALA A 155 -10.75 -13.80 6.37
N ALA A 156 -9.76 -14.69 6.39
CA ALA A 156 -9.50 -15.57 7.53
C ALA A 156 -8.09 -16.12 7.39
N ARG A 157 -7.21 -15.69 8.30
CA ARG A 157 -5.83 -16.15 8.38
C ARG A 157 -5.44 -16.21 9.85
N LEU A 158 -4.31 -16.86 10.15
CA LEU A 158 -3.89 -17.13 11.52
C LEU A 158 -5.01 -17.91 12.20
N GLY A 159 -5.21 -17.62 13.49
CA GLY A 159 -6.24 -18.25 14.30
C GLY A 159 -6.10 -17.74 15.73
N SER A 160 -4.88 -17.33 16.07
CA SER A 160 -4.54 -16.59 17.28
C SER A 160 -3.60 -15.49 16.81
N GLU A 161 -3.78 -14.26 17.30
CA GLU A 161 -3.07 -13.12 16.74
C GLU A 161 -1.58 -13.13 17.12
N ALA A 162 -1.18 -14.00 18.06
CA ALA A 162 0.22 -14.13 18.41
C ALA A 162 1.01 -14.66 17.21
N ASP A 163 0.33 -15.29 16.25
CA ASP A 163 0.94 -15.77 15.02
C ASP A 163 0.90 -14.75 13.89
N ALA A 164 0.12 -13.67 14.04
CA ALA A 164 0.00 -12.64 13.03
C ALA A 164 1.30 -11.85 12.88
N LYS A 165 2.24 -12.01 13.81
CA LYS A 165 3.55 -11.39 13.71
C LYS A 165 4.33 -12.03 12.55
N ALA A 166 4.02 -13.28 12.22
CA ALA A 166 4.61 -13.97 11.09
C ALA A 166 3.92 -13.54 9.78
N PHE A 167 2.74 -12.94 9.88
CA PHE A 167 2.05 -12.39 8.71
C PHE A 167 2.66 -11.11 8.15
N LEU A 168 3.41 -10.39 8.99
CA LEU A 168 4.11 -9.19 8.59
C LEU A 168 5.30 -9.54 7.69
N ASP A 169 5.77 -10.78 7.75
CA ASP A 169 6.85 -11.23 6.89
C ASP A 169 6.51 -11.22 5.40
N SER A 170 5.21 -11.26 5.08
CA SER A 170 4.75 -11.15 3.72
C SER A 170 4.61 -9.70 3.30
N MET A 171 4.11 -8.84 4.19
CA MET A 171 3.80 -7.46 3.87
C MET A 171 5.04 -6.69 3.46
N ALA A 172 6.21 -7.09 3.98
CA ALA A 172 7.47 -6.44 3.64
C ALA A 172 7.82 -6.67 2.17
N GLN A 173 7.26 -7.73 1.57
CA GLN A 173 7.48 -8.06 0.17
C GLN A 173 6.37 -7.51 -0.71
N LYS A 174 5.18 -7.31 -0.14
CA LYS A 174 4.05 -6.78 -0.91
C LYS A 174 4.35 -5.35 -1.33
N TYR A 175 4.94 -4.55 -0.44
CA TYR A 175 5.36 -3.21 -0.78
C TYR A 175 6.54 -3.20 -1.75
N ALA A 176 7.43 -4.18 -1.61
CA ALA A 176 8.63 -4.27 -2.42
C ALA A 176 8.28 -4.62 -3.88
N SER A 177 7.16 -5.32 -4.09
CA SER A 177 6.71 -5.68 -5.43
C SER A 177 6.03 -4.49 -6.12
N ILE A 178 5.63 -3.48 -5.34
CA ILE A 178 4.94 -2.31 -5.87
C ILE A 178 5.94 -1.26 -6.37
N VAL A 179 7.15 -1.23 -5.78
CA VAL A 179 8.18 -0.26 -6.12
C VAL A 179 9.45 -0.87 -6.70
N GLY A 180 9.57 -2.20 -6.67
CA GLY A 180 10.63 -2.93 -7.36
C GLY A 180 11.89 -3.15 -6.52
N VAL A 181 11.85 -2.77 -5.25
CA VAL A 181 12.98 -2.93 -4.34
C VAL A 181 13.04 -4.34 -3.76
N ASP A 182 14.06 -4.57 -2.92
CA ASP A 182 14.22 -5.76 -2.11
C ASP A 182 14.88 -5.51 -0.77
N LEU A 183 14.92 -6.59 0.02
CA LEU A 183 15.30 -6.58 1.41
C LEU A 183 16.72 -7.11 1.60
#